data_2HRQ
#
_entry.id   2HRQ
#
_cell.length_a   55.463
_cell.length_b   181.193
_cell.length_c   203.051
_cell.angle_alpha   90.00
_cell.angle_beta   89.99
_cell.angle_gamma   90.00
#
_symmetry.space_group_name_H-M   'P 1 21 1'
#
loop_
_entity.id
_entity.type
_entity.pdbx_description
1 polymer 'Liver carboxylesterase 1'
2 branched beta-D-fructofuranose-(2-1)-alpha-D-glucopyranose
3 non-polymer '(1R)-1,2,2-TRIMETHYLPROPYL (R)-METHYLPHOSPHINATE'
4 non-polymer 2-acetamido-2-deoxy-beta-D-glucopyranose
5 non-polymer 'N-acetyl-alpha-neuraminic acid'
6 non-polymer 'SULFATE ION'
7 water water
#
_entity_poly.entity_id   1
_entity_poly.type   'polypeptide(L)'
_entity_poly.pdbx_seq_one_letter_code
;SSPPVVDTVHGKVLGKFVSLEGFAQPVAIFLGIPFAKPPLGPLRFTPPQPAEPWSFVKNATSYPPMCTQDPKAGQLLSEL
FTNRKENIPLKLSEDCLYLNIYTPADLTKKNRLPVMVWIHGGGLMVGAASTYDGLALAAHENVVVVTIQYRLGIWGFFST
GDEHSRGNWGHLDQVAALRWVQDNIASFGGNPGSVTIFGESAGGESVSVLVLSPLAKNLFHRAISESGVALTSVLVKKGD
VKPLAEQIAITAGCKTTTSAVMVHCLRQKTEEELLETTLKMKFLSLDLQGDPRESQPLLGTVIDGMLLLKTPEELQAERN
FHTVPYMVGINKQEFGWLIPMLMSYPLSEGQLDQKTAMSLLWKSYPLVCIAKELIPEATEKYLGGTDDTVKKKDLFLDLI
ADVMFGVPSVIVARNHRDAGAPTYMYEFQYRPSFSSDMKPKTVIGDHGDELFSVFGAPFLKEGASEEEIRLSKMVMKFWA
NFARNGNPNGEGLPHWPEYNQKEGYLQIGANTQAAQKLKDKEVAFWTNLFAK
;
_entity_poly.pdbx_strand_id   A,B,C,D,E,F
#
loop_
_chem_comp.id
_chem_comp.type
_chem_comp.name
_chem_comp.formula
FRU D-saccharide, beta linking beta-D-fructofuranose 'C6 H12 O6'
GD7 non-polymer '(1R)-1,2,2-TRIMETHYLPROPYL (R)-METHYLPHOSPHINATE' 'C7 H17 O2 P'
GLC D-saccharide, alpha linking alpha-D-glucopyranose 'C6 H12 O6'
NAG D-saccharide, beta linking 2-acetamido-2-deoxy-beta-D-glucopyranose 'C8 H15 N O6'
SIA D-saccharide, alpha linking 'N-acetyl-alpha-neuraminic acid' 'C11 H19 N O9'
SO4 non-polymer 'SULFATE ION' 'O4 S -2'
#
# COMPACT_ATOMS: atom_id res chain seq x y z
N SER A 1 -4.42 8.46 37.26
CA SER A 1 -4.09 7.65 36.04
C SER A 1 -3.92 8.50 34.79
N SER A 2 -4.37 9.74 34.89
CA SER A 2 -4.23 10.71 33.81
C SER A 2 -3.21 11.82 34.20
N PRO A 3 -2.18 12.04 33.37
CA PRO A 3 -1.18 13.07 33.72
C PRO A 3 -1.82 14.37 34.21
N PRO A 4 -1.13 15.07 35.13
CA PRO A 4 -1.65 16.32 35.67
C PRO A 4 -1.37 17.55 34.79
N VAL A 5 -2.41 18.34 34.53
CA VAL A 5 -2.28 19.54 33.71
C VAL A 5 -2.55 20.80 34.53
N VAL A 6 -1.52 21.64 34.64
CA VAL A 6 -1.60 22.86 35.41
C VAL A 6 -1.59 24.11 34.53
N ASP A 7 -2.48 25.05 34.83
CA ASP A 7 -2.51 26.29 34.06
C ASP A 7 -1.69 27.35 34.75
N THR A 8 -0.70 27.91 34.06
CA THR A 8 0.12 28.96 34.64
C THR A 8 -0.13 30.26 33.91
N VAL A 9 0.44 31.35 34.40
CA VAL A 9 0.26 32.65 33.77
C VAL A 9 0.64 32.61 32.28
N HIS A 10 1.74 31.94 31.97
CA HIS A 10 2.23 31.83 30.59
C HIS A 10 1.64 30.70 29.75
N GLY A 11 0.90 29.80 30.38
CA GLY A 11 0.32 28.72 29.61
C GLY A 11 0.13 27.43 30.37
N LYS A 12 -0.47 26.44 29.72
CA LYS A 12 -0.73 25.15 30.33
C LYS A 12 0.52 24.29 30.28
N VAL A 13 0.71 23.51 31.34
CA VAL A 13 1.86 22.63 31.44
C VAL A 13 1.43 21.23 31.87
N LEU A 14 2.10 20.22 31.30
CA LEU A 14 1.80 18.82 31.56
C LEU A 14 2.99 18.11 32.23
N GLY A 15 2.75 17.56 33.40
CA GLY A 15 3.78 16.85 34.12
C GLY A 15 3.44 15.38 34.14
N LYS A 16 3.98 14.65 35.12
CA LYS A 16 3.71 13.22 35.26
C LYS A 16 3.63 12.83 36.73
N PHE A 17 3.04 11.68 37.01
CA PHE A 17 2.91 11.20 38.36
C PHE A 17 4.00 10.23 38.76
N VAL A 18 4.42 10.28 40.01
CA VAL A 18 5.43 9.35 40.50
C VAL A 18 5.10 9.03 41.95
N SER A 19 4.92 7.75 42.24
CA SER A 19 4.60 7.32 43.60
C SER A 19 5.86 6.99 44.39
N LEU A 20 5.77 7.09 45.70
CA LEU A 20 6.89 6.77 46.56
C LEU A 20 6.36 5.80 47.61
N GLU A 21 7.12 4.76 47.89
CA GLU A 21 6.76 3.74 48.87
C GLU A 21 6.42 4.37 50.21
N GLY A 22 5.16 4.26 50.63
CA GLY A 22 4.77 4.82 51.90
C GLY A 22 3.73 5.92 51.79
N PHE A 23 3.46 6.38 50.58
CA PHE A 23 2.48 7.44 50.39
C PHE A 23 1.47 7.09 49.31
N ALA A 24 0.21 7.34 49.60
CA ALA A 24 -0.87 7.03 48.68
C ALA A 24 -0.96 8.01 47.52
N GLN A 25 -0.80 9.29 47.82
CA GLN A 25 -0.88 10.32 46.80
C GLN A 25 0.35 10.43 45.93
N PRO A 26 0.20 10.17 44.63
CA PRO A 26 1.37 10.27 43.76
C PRO A 26 1.88 11.71 43.79
N VAL A 27 3.15 11.91 43.53
CA VAL A 27 3.70 13.25 43.49
C VAL A 27 3.63 13.69 42.03
N ALA A 28 3.25 14.94 41.80
CA ALA A 28 3.19 15.46 40.43
C ALA A 28 4.54 16.12 40.18
N ILE A 29 5.21 15.67 39.14
CA ILE A 29 6.52 16.19 38.79
C ILE A 29 6.49 16.85 37.43
N PHE A 30 6.96 18.09 37.37
CA PHE A 30 6.99 18.86 36.11
C PHE A 30 8.45 19.22 35.88
N LEU A 31 8.99 18.79 34.75
CA LEU A 31 10.38 19.07 34.42
C LEU A 31 10.58 20.04 33.28
N GLY A 32 11.55 20.91 33.45
CA GLY A 32 11.86 21.89 32.43
C GLY A 32 10.79 22.93 32.14
N ILE A 33 10.34 23.65 33.17
CA ILE A 33 9.36 24.71 32.95
C ILE A 33 10.19 25.98 32.75
N PRO A 34 9.96 26.72 31.65
CA PRO A 34 10.73 27.94 31.41
C PRO A 34 10.25 29.09 32.28
N PHE A 35 11.19 29.78 32.95
CA PHE A 35 10.84 30.90 33.81
C PHE A 35 11.39 32.22 33.29
N ALA A 36 12.06 32.15 32.14
CA ALA A 36 12.65 33.33 31.51
C ALA A 36 12.76 33.06 30.02
N LYS A 37 13.06 34.12 29.27
CA LYS A 37 13.22 33.99 27.82
C LYS A 37 14.62 33.44 27.61
N PRO A 38 14.80 32.47 26.69
CA PRO A 38 16.14 31.93 26.46
C PRO A 38 17.14 33.06 26.22
N PRO A 39 18.14 33.21 27.10
CA PRO A 39 19.15 34.26 26.99
C PRO A 39 20.16 34.08 25.86
N LEU A 40 19.65 34.00 24.63
CA LEU A 40 20.47 33.81 23.45
C LEU A 40 20.81 35.10 22.70
N GLY A 41 21.86 35.04 21.89
CA GLY A 41 22.30 36.18 21.10
C GLY A 41 22.44 37.50 21.86
N PRO A 42 21.68 38.53 21.44
CA PRO A 42 21.75 39.84 22.10
C PRO A 42 21.39 39.83 23.59
N LEU A 43 20.69 38.78 24.03
CA LEU A 43 20.29 38.65 25.44
C LEU A 43 21.41 38.11 26.34
N ARG A 44 22.50 37.68 25.72
CA ARG A 44 23.61 37.20 26.50
C ARG A 44 24.15 38.42 27.27
N PHE A 45 24.51 38.22 28.54
CA PHE A 45 25.05 39.30 29.36
C PHE A 45 24.06 40.42 29.67
N THR A 46 22.78 40.07 29.80
CA THR A 46 21.73 41.03 30.13
C THR A 46 20.79 40.38 31.14
N PRO A 47 20.05 41.19 31.90
CA PRO A 47 19.12 40.64 32.90
C PRO A 47 18.17 39.65 32.23
N PRO A 48 17.56 38.74 33.01
CA PRO A 48 16.64 37.80 32.35
C PRO A 48 15.28 38.45 32.01
N GLN A 49 14.81 38.19 30.80
CA GLN A 49 13.53 38.70 30.35
C GLN A 49 12.44 37.67 30.54
N PRO A 50 11.19 38.12 30.68
CA PRO A 50 10.04 37.23 30.87
C PRO A 50 9.87 36.28 29.70
N ALA A 51 9.45 35.06 29.98
CA ALA A 51 9.26 34.06 28.95
C ALA A 51 8.01 34.36 28.12
N GLU A 52 8.06 34.03 26.82
CA GLU A 52 6.92 34.24 25.93
C GLU A 52 5.81 33.25 26.31
N PRO A 53 4.55 33.71 26.34
CA PRO A 53 3.48 32.76 26.69
C PRO A 53 3.27 31.81 25.51
N TRP A 54 2.76 30.62 25.78
CA TRP A 54 2.53 29.64 24.74
C TRP A 54 1.08 29.19 24.68
N SER A 55 0.71 28.58 23.57
CA SER A 55 -0.63 28.08 23.35
C SER A 55 -0.63 26.60 23.58
N PHE A 56 -1.81 26.02 23.78
CA PHE A 56 -1.91 24.58 23.98
C PHE A 56 -1.15 24.11 25.21
N VAL A 57 -0.84 22.82 25.26
CA VAL A 57 -0.15 22.29 26.42
C VAL A 57 1.34 22.04 26.21
N LYS A 58 2.16 22.64 27.07
CA LYS A 58 3.60 22.42 26.98
C LYS A 58 3.94 21.16 27.78
N ASN A 59 4.71 20.27 27.18
CA ASN A 59 5.11 19.03 27.81
C ASN A 59 6.33 19.21 28.71
N ALA A 60 6.13 19.22 30.03
CA ALA A 60 7.23 19.38 30.96
C ALA A 60 7.55 18.00 31.55
N THR A 61 7.95 17.08 30.67
CA THR A 61 8.24 15.72 31.10
C THR A 61 9.65 15.19 30.89
N SER A 62 10.55 16.02 30.41
CA SER A 62 11.93 15.58 30.20
C SER A 62 12.85 16.58 30.85
N TYR A 63 13.97 16.11 31.38
CA TYR A 63 14.92 16.99 32.04
C TYR A 63 15.46 18.03 31.08
N PRO A 64 15.56 19.29 31.55
CA PRO A 64 16.08 20.38 30.72
C PRO A 64 17.59 20.29 30.63
N PRO A 65 18.19 21.07 29.72
CA PRO A 65 19.65 21.05 29.57
C PRO A 65 20.23 21.77 30.77
N MET A 66 21.53 21.61 30.98
CA MET A 66 22.19 22.32 32.07
C MET A 66 22.99 23.44 31.41
N CYS A 67 23.11 24.60 32.06
CA CYS A 67 23.83 25.73 31.47
C CYS A 67 25.25 25.35 31.07
N THR A 68 25.68 25.89 29.94
CA THR A 68 27.01 25.61 29.44
C THR A 68 28.04 25.64 30.55
N GLN A 69 28.82 24.57 30.63
CA GLN A 69 29.84 24.42 31.65
C GLN A 69 30.75 23.27 31.21
N ASP A 70 31.82 23.09 31.97
CA ASP A 70 32.76 22.02 31.75
C ASP A 70 31.91 20.74 31.82
N PRO A 71 31.69 20.06 30.68
CA PRO A 71 30.88 18.85 30.71
C PRO A 71 31.43 17.75 31.62
N LYS A 72 32.76 17.64 31.68
CA LYS A 72 33.38 16.64 32.52
C LYS A 72 33.23 16.96 34.00
N ALA A 73 33.64 18.15 34.42
CA ALA A 73 33.52 18.54 35.82
C ALA A 73 32.06 18.54 36.27
N GLY A 74 31.17 18.93 35.36
CA GLY A 74 29.75 18.98 35.67
C GLY A 74 29.13 17.61 35.89
N GLN A 75 29.57 16.63 35.13
CA GLN A 75 29.01 15.31 35.31
C GLN A 75 29.53 14.70 36.60
N LEU A 76 30.80 14.95 36.88
CA LEU A 76 31.43 14.43 38.08
C LEU A 76 30.74 14.97 39.34
N LEU A 77 30.62 16.29 39.43
CA LEU A 77 29.98 16.89 40.59
C LEU A 77 28.52 16.44 40.69
N SER A 78 27.87 16.23 39.56
CA SER A 78 26.48 15.79 39.59
C SER A 78 26.35 14.38 40.14
N GLU A 79 27.33 13.54 39.83
CA GLU A 79 27.32 12.15 40.30
C GLU A 79 27.64 12.04 41.79
N LEU A 80 28.44 12.96 42.32
CA LEU A 80 28.81 12.94 43.72
C LEU A 80 27.75 13.63 44.59
N PHE A 81 26.83 14.35 43.95
CA PHE A 81 25.80 15.08 44.68
C PHE A 81 24.40 14.56 44.48
N THR A 82 24.15 13.92 43.35
CA THR A 82 22.81 13.41 43.08
C THR A 82 22.32 12.50 44.20
N ASN A 83 21.05 12.62 44.54
CA ASN A 83 20.46 11.82 45.59
C ASN A 83 19.65 10.67 45.02
N ARG A 84 19.59 10.56 43.70
CA ARG A 84 18.82 9.48 43.08
C ARG A 84 19.71 8.26 42.87
N LYS A 85 19.11 7.12 42.58
CA LYS A 85 19.88 5.89 42.37
C LYS A 85 20.98 6.02 41.34
N GLU A 86 20.61 6.43 40.13
CA GLU A 86 21.57 6.58 39.05
C GLU A 86 21.65 8.02 38.59
N ASN A 87 22.84 8.56 38.42
CA ASN A 87 22.95 9.94 37.97
C ASN A 87 22.39 10.04 36.55
N ILE A 88 21.65 11.11 36.31
CA ILE A 88 21.03 11.37 35.03
C ILE A 88 21.94 12.25 34.18
N PRO A 89 22.36 11.74 33.01
CA PRO A 89 23.23 12.52 32.11
C PRO A 89 22.48 13.70 31.49
N LEU A 90 23.14 14.84 31.41
CA LEU A 90 22.50 16.02 30.86
C LEU A 90 23.21 16.59 29.65
N LYS A 91 22.45 17.34 28.86
CA LYS A 91 22.94 18.00 27.68
C LYS A 91 23.38 19.42 28.08
N LEU A 92 24.22 20.06 27.29
CA LEU A 92 24.66 21.42 27.59
C LEU A 92 23.95 22.39 26.68
N SER A 93 23.60 23.57 27.19
CA SER A 93 22.95 24.58 26.36
C SER A 93 22.83 25.94 27.02
N GLU A 94 22.81 26.98 26.20
CA GLU A 94 22.67 28.34 26.70
C GLU A 94 21.22 28.52 27.09
N ASP A 95 20.35 27.79 26.41
CA ASP A 95 18.93 27.80 26.70
C ASP A 95 18.82 26.91 27.92
N CYS A 96 18.98 27.48 29.12
CA CYS A 96 18.94 26.69 30.34
C CYS A 96 18.13 27.26 31.51
N LEU A 97 17.48 28.40 31.31
CA LEU A 97 16.71 28.98 32.39
C LEU A 97 15.41 28.22 32.59
N TYR A 98 15.49 27.13 33.35
CA TYR A 98 14.34 26.31 33.64
C TYR A 98 14.30 25.93 35.11
N LEU A 99 13.19 25.36 35.53
CA LEU A 99 13.04 24.92 36.89
C LEU A 99 12.20 23.66 36.90
N ASN A 100 12.43 22.81 37.88
CA ASN A 100 11.68 21.58 38.03
C ASN A 100 10.81 21.71 39.28
N ILE A 101 9.60 21.21 39.21
CA ILE A 101 8.68 21.28 40.33
C ILE A 101 8.22 19.90 40.77
N TYR A 102 8.27 19.66 42.07
CA TYR A 102 7.81 18.39 42.64
C TYR A 102 6.77 18.72 43.68
N THR A 103 5.49 18.55 43.36
CA THR A 103 4.45 18.83 44.34
C THR A 103 3.73 17.58 44.83
N PRO A 104 3.66 17.41 46.15
CA PRO A 104 3.01 16.25 46.78
C PRO A 104 1.50 16.42 46.89
N ALA A 105 1.02 17.62 46.63
CA ALA A 105 -0.42 17.90 46.74
C ALA A 105 -1.25 17.21 45.66
N ASP A 106 -2.55 17.13 45.93
CA ASP A 106 -3.49 16.55 44.98
C ASP A 106 -4.01 17.75 44.22
N LEU A 107 -3.65 17.82 42.93
CA LEU A 107 -4.02 18.96 42.10
C LEU A 107 -5.49 19.05 41.71
N THR A 108 -6.30 18.16 42.27
CA THR A 108 -7.73 18.19 42.03
C THR A 108 -8.36 18.95 43.18
N LYS A 109 -7.51 19.39 44.11
CA LYS A 109 -7.94 20.15 45.27
C LYS A 109 -7.25 21.52 45.29
N LYS A 110 -7.48 22.28 46.36
CA LYS A 110 -6.89 23.60 46.49
C LYS A 110 -5.88 23.63 47.63
N ASN A 111 -4.67 23.15 47.36
CA ASN A 111 -3.66 23.13 48.40
C ASN A 111 -2.82 24.38 48.42
N ARG A 112 -2.32 24.70 49.61
CA ARG A 112 -1.49 25.88 49.80
C ARG A 112 -0.33 25.45 50.71
N LEU A 113 0.54 24.58 50.19
CA LEU A 113 1.67 24.07 50.95
C LEU A 113 2.91 24.96 50.93
N PRO A 114 3.79 24.81 51.94
CA PRO A 114 5.01 25.63 51.95
C PRO A 114 5.89 25.25 50.76
N VAL A 115 6.58 26.22 50.19
CA VAL A 115 7.42 25.98 49.03
C VAL A 115 8.90 26.13 49.36
N MET A 116 9.71 25.21 48.86
CA MET A 116 11.13 25.27 49.09
C MET A 116 11.87 25.30 47.76
N VAL A 117 12.50 26.44 47.49
CA VAL A 117 13.25 26.64 46.25
C VAL A 117 14.73 26.38 46.45
N TRP A 118 15.21 25.34 45.77
CA TRP A 118 16.59 24.91 45.86
C TRP A 118 17.50 25.55 44.84
N ILE A 119 18.66 26.00 45.31
CA ILE A 119 19.66 26.60 44.45
C ILE A 119 20.94 25.77 44.54
N HIS A 120 21.17 24.93 43.53
CA HIS A 120 22.35 24.06 43.53
C HIS A 120 23.67 24.81 43.63
N GLY A 121 24.74 24.07 43.89
CA GLY A 121 26.05 24.68 44.01
C GLY A 121 26.94 24.25 42.84
N GLY A 122 28.22 24.58 42.94
CA GLY A 122 29.15 24.22 41.88
C GLY A 122 30.01 25.42 41.54
N GLY A 123 30.39 26.17 42.57
CA GLY A 123 31.23 27.33 42.38
C GLY A 123 30.79 28.30 41.32
N LEU A 124 29.48 28.44 41.14
CA LEU A 124 28.94 29.35 40.13
C LEU A 124 29.50 29.05 38.74
N MET A 125 30.18 27.92 38.59
CA MET A 125 30.77 27.53 37.32
C MET A 125 30.06 26.33 36.69
N VAL A 126 29.76 25.33 37.51
CA VAL A 126 29.08 24.12 37.05
C VAL A 126 27.85 23.85 37.92
N GLY A 127 27.14 22.78 37.61
CA GLY A 127 25.96 22.46 38.39
C GLY A 127 24.68 22.41 37.57
N ALA A 128 23.65 21.81 38.13
CA ALA A 128 22.35 21.71 37.46
C ALA A 128 21.25 21.39 38.46
N ALA A 129 20.01 21.65 38.08
CA ALA A 129 18.88 21.39 38.96
C ALA A 129 18.48 19.93 38.96
N SER A 130 18.50 19.31 37.78
CA SER A 130 18.11 17.92 37.60
C SER A 130 18.88 16.96 38.47
N THR A 131 20.01 17.42 38.97
CA THR A 131 20.84 16.61 39.85
C THR A 131 20.03 16.22 41.08
N TYR A 132 19.21 17.15 41.56
CA TYR A 132 18.41 16.94 42.75
C TYR A 132 16.96 16.55 42.49
N ASP A 133 16.58 15.38 43.01
CA ASP A 133 15.23 14.86 42.88
C ASP A 133 14.48 15.21 44.16
N GLY A 134 13.43 16.01 44.03
CA GLY A 134 12.66 16.42 45.21
C GLY A 134 11.57 15.46 45.65
N LEU A 135 11.38 14.38 44.92
CA LEU A 135 10.36 13.39 45.22
C LEU A 135 10.17 13.07 46.71
N ALA A 136 11.24 12.61 47.34
CA ALA A 136 11.22 12.21 48.75
C ALA A 136 10.95 13.33 49.74
N LEU A 137 11.64 14.46 49.59
CA LEU A 137 11.43 15.57 50.51
C LEU A 137 10.01 16.10 50.39
N ALA A 138 9.50 16.16 49.16
CA ALA A 138 8.14 16.64 48.91
C ALA A 138 7.10 15.74 49.55
N ALA A 139 7.22 14.43 49.36
CA ALA A 139 6.27 13.47 49.92
C ALA A 139 6.37 13.34 51.43
N HIS A 140 7.60 13.22 51.92
CA HIS A 140 7.87 13.07 53.34
C HIS A 140 7.51 14.27 54.19
N GLU A 141 7.50 15.46 53.63
CA GLU A 141 7.19 16.65 54.42
C GLU A 141 6.02 17.48 53.94
N ASN A 142 5.32 16.98 52.93
CA ASN A 142 4.18 17.67 52.37
C ASN A 142 4.54 19.12 52.00
N VAL A 143 5.63 19.29 51.26
CA VAL A 143 6.07 20.61 50.81
C VAL A 143 6.32 20.57 49.29
N VAL A 144 6.26 21.72 48.64
CA VAL A 144 6.50 21.79 47.20
C VAL A 144 7.98 22.09 47.04
N VAL A 145 8.70 21.24 46.32
CA VAL A 145 10.12 21.49 46.12
C VAL A 145 10.34 21.97 44.69
N VAL A 146 11.05 23.07 44.57
CA VAL A 146 11.35 23.67 43.28
C VAL A 146 12.86 23.84 43.12
N THR A 147 13.43 23.15 42.14
CA THR A 147 14.86 23.23 41.87
C THR A 147 15.03 24.15 40.66
N ILE A 148 15.88 25.16 40.79
CA ILE A 148 16.08 26.11 39.71
C ILE A 148 17.47 26.11 39.09
N GLN A 149 17.56 26.61 37.86
CA GLN A 149 18.84 26.72 37.19
C GLN A 149 19.11 28.18 36.93
N TYR A 150 20.38 28.52 36.76
CA TYR A 150 20.78 29.88 36.48
C TYR A 150 22.08 29.89 35.68
N ARG A 151 22.24 30.89 34.82
CA ARG A 151 23.42 31.00 33.99
C ARG A 151 24.71 30.86 34.78
N LEU A 152 25.65 30.09 34.25
CA LEU A 152 26.93 29.86 34.92
C LEU A 152 28.13 30.43 34.20
N GLY A 153 29.25 30.49 34.93
CA GLY A 153 30.52 30.96 34.40
C GLY A 153 30.51 32.28 33.67
N ILE A 154 31.09 32.27 32.47
CA ILE A 154 31.15 33.46 31.64
C ILE A 154 29.74 34.00 31.41
N TRP A 155 28.85 33.14 30.96
CA TRP A 155 27.47 33.51 30.68
C TRP A 155 26.78 34.15 31.88
N GLY A 156 27.00 33.57 33.05
CA GLY A 156 26.33 34.08 34.22
C GLY A 156 27.03 35.14 35.03
N PHE A 157 28.34 35.31 34.84
CA PHE A 157 29.05 36.27 35.67
C PHE A 157 30.08 37.18 35.03
N PHE A 158 30.18 37.15 33.71
CA PHE A 158 31.12 38.02 33.02
C PHE A 158 30.78 39.46 33.41
N SER A 159 31.77 40.20 33.90
CA SER A 159 31.56 41.57 34.31
C SER A 159 32.71 42.49 33.90
N THR A 160 32.37 43.58 33.22
CA THR A 160 33.39 44.54 32.79
C THR A 160 33.60 45.56 33.89
N GLY A 161 32.80 45.44 34.94
CA GLY A 161 32.92 46.37 36.05
C GLY A 161 32.15 47.67 35.85
N ASP A 162 31.48 47.83 34.71
CA ASP A 162 30.72 49.05 34.43
C ASP A 162 29.38 48.76 33.78
N GLU A 163 28.69 49.80 33.32
CA GLU A 163 27.36 49.63 32.75
C GLU A 163 27.21 48.73 31.54
N HIS A 164 28.24 48.63 30.71
CA HIS A 164 28.15 47.81 29.53
C HIS A 164 27.99 46.33 29.85
N SER A 165 28.42 45.92 31.03
CA SER A 165 28.27 44.54 31.51
C SER A 165 28.49 44.50 33.02
N ARG A 166 27.47 44.89 33.77
CA ARG A 166 27.54 44.90 35.22
C ARG A 166 27.86 43.54 35.81
N GLY A 167 27.20 42.51 35.31
CA GLY A 167 27.45 41.16 35.82
C GLY A 167 26.35 40.64 36.74
N ASN A 168 26.62 39.51 37.37
CA ASN A 168 25.66 38.88 38.28
C ASN A 168 24.43 38.35 37.55
N TRP A 169 24.55 38.14 36.25
CA TRP A 169 23.43 37.64 35.45
C TRP A 169 22.80 36.40 36.09
N GLY A 170 23.64 35.53 36.64
CA GLY A 170 23.14 34.32 37.28
C GLY A 170 22.31 34.63 38.51
N HIS A 171 22.68 35.66 39.27
CA HIS A 171 21.92 36.01 40.45
C HIS A 171 20.58 36.60 40.02
N LEU A 172 20.59 37.38 38.95
CA LEU A 172 19.37 38.00 38.44
C LEU A 172 18.46 36.89 37.95
N ASP A 173 19.06 35.79 37.51
CA ASP A 173 18.26 34.67 37.05
C ASP A 173 17.54 34.05 38.26
N GLN A 174 18.25 33.96 39.38
CA GLN A 174 17.68 33.38 40.58
C GLN A 174 16.51 34.23 41.02
N VAL A 175 16.67 35.54 40.95
CA VAL A 175 15.59 36.43 41.33
C VAL A 175 14.40 36.23 40.39
N ALA A 176 14.68 36.14 39.09
CA ALA A 176 13.61 35.95 38.13
C ALA A 176 12.83 34.67 38.43
N ALA A 177 13.54 33.63 38.85
CA ALA A 177 12.89 32.36 39.16
C ALA A 177 11.97 32.51 40.36
N LEU A 178 12.44 33.22 41.38
CA LEU A 178 11.65 33.45 42.58
C LEU A 178 10.40 34.23 42.23
N ARG A 179 10.55 35.18 41.31
CA ARG A 179 9.41 35.99 40.88
C ARG A 179 8.42 35.09 40.17
N TRP A 180 8.94 34.10 39.45
CA TRP A 180 8.07 33.19 38.75
C TRP A 180 7.28 32.40 39.78
N VAL A 181 7.97 31.91 40.80
CA VAL A 181 7.33 31.15 41.86
C VAL A 181 6.17 31.94 42.47
N GLN A 182 6.41 33.21 42.74
CA GLN A 182 5.39 34.07 43.33
C GLN A 182 4.10 34.17 42.50
N ASP A 183 4.23 34.22 41.18
CA ASP A 183 3.06 34.34 40.32
C ASP A 183 2.40 33.02 39.90
N ASN A 184 3.15 31.92 39.97
CA ASN A 184 2.62 30.65 39.51
C ASN A 184 2.50 29.49 40.50
N ILE A 185 3.33 29.50 41.53
CA ILE A 185 3.33 28.39 42.46
C ILE A 185 1.98 27.96 43.02
N ALA A 186 1.00 28.85 43.05
CA ALA A 186 -0.31 28.48 43.59
C ALA A 186 -1.01 27.42 42.72
N SER A 187 -0.71 27.39 41.43
CA SER A 187 -1.31 26.41 40.54
C SER A 187 -0.75 25.01 40.80
N PHE A 188 0.40 24.95 41.46
CA PHE A 188 1.03 23.67 41.77
C PHE A 188 0.76 23.24 43.19
N GLY A 189 -0.16 23.94 43.85
CA GLY A 189 -0.52 23.61 45.21
C GLY A 189 0.37 24.26 46.26
N GLY A 190 1.15 25.25 45.85
CA GLY A 190 2.04 25.90 46.79
C GLY A 190 1.50 27.20 47.31
N ASN A 191 2.06 27.67 48.42
CA ASN A 191 1.65 28.92 49.02
C ASN A 191 2.67 30.02 48.71
N PRO A 192 2.34 30.93 47.78
CA PRO A 192 3.26 32.00 47.42
C PRO A 192 3.68 32.86 48.60
N GLY A 193 2.90 32.79 49.68
CA GLY A 193 3.20 33.55 50.87
C GLY A 193 4.16 32.88 51.84
N SER A 194 4.62 31.67 51.48
CA SER A 194 5.55 30.93 52.33
C SER A 194 6.62 30.21 51.49
N VAL A 195 7.56 30.98 50.96
CA VAL A 195 8.64 30.44 50.13
C VAL A 195 9.98 30.43 50.88
N THR A 196 10.65 29.28 50.88
CA THR A 196 11.93 29.19 51.54
C THR A 196 13.00 28.91 50.48
N ILE A 197 14.04 29.73 50.46
CA ILE A 197 15.13 29.52 49.51
C ILE A 197 16.27 28.91 50.29
N PHE A 198 16.82 27.81 49.77
CA PHE A 198 17.94 27.15 50.41
C PHE A 198 18.86 26.64 49.33
N GLY A 199 20.13 26.46 49.68
CA GLY A 199 21.10 25.97 48.72
C GLY A 199 22.41 25.73 49.45
N GLU A 200 23.31 24.96 48.84
CA GLU A 200 24.58 24.71 49.49
C GLU A 200 25.76 25.05 48.60
N SER A 201 26.82 25.56 49.23
CA SER A 201 28.07 25.98 48.57
C SER A 201 27.80 27.28 47.81
N ALA A 202 27.97 27.27 46.48
CA ALA A 202 27.70 28.47 45.69
C ALA A 202 26.20 28.75 45.83
N GLY A 203 25.44 27.69 46.13
CA GLY A 203 24.01 27.82 46.31
C GLY A 203 23.78 28.51 47.63
N GLY A 204 24.63 28.19 48.59
CA GLY A 204 24.53 28.80 49.91
C GLY A 204 24.95 30.24 49.82
N GLU A 205 25.90 30.54 48.95
CA GLU A 205 26.37 31.91 48.76
C GLU A 205 25.27 32.71 48.05
N SER A 206 24.61 32.05 47.09
CA SER A 206 23.53 32.72 46.36
C SER A 206 22.46 33.13 47.38
N VAL A 207 22.00 32.18 48.18
CA VAL A 207 20.99 32.45 49.21
C VAL A 207 21.44 33.61 50.08
N SER A 208 22.68 33.53 50.55
CA SER A 208 23.25 34.56 51.41
C SER A 208 23.19 35.92 50.73
N VAL A 209 23.54 35.96 49.45
CA VAL A 209 23.53 37.19 48.68
C VAL A 209 22.11 37.71 48.49
N LEU A 210 21.16 36.81 48.23
CA LEU A 210 19.77 37.22 48.04
C LEU A 210 19.19 37.84 49.31
N VAL A 211 19.65 37.36 50.46
CA VAL A 211 19.19 37.88 51.73
C VAL A 211 19.62 39.33 51.88
N LEU A 212 20.74 39.69 51.27
CA LEU A 212 21.26 41.06 51.34
C LEU A 212 20.87 41.93 50.15
N SER A 213 20.10 41.38 49.21
CA SER A 213 19.71 42.14 48.02
C SER A 213 18.35 42.77 48.06
N PRO A 214 18.28 44.08 47.78
CA PRO A 214 16.99 44.78 47.78
C PRO A 214 16.13 44.28 46.62
N LEU A 215 16.78 43.62 45.65
CA LEU A 215 16.10 43.08 44.49
C LEU A 215 15.24 41.87 44.81
N ALA A 216 15.57 41.16 45.87
CA ALA A 216 14.80 39.98 46.22
C ALA A 216 13.90 40.15 47.42
N LYS A 217 13.95 41.33 48.05
CA LYS A 217 13.10 41.52 49.22
C LYS A 217 11.64 41.30 48.85
N ASN A 218 11.01 40.37 49.56
CA ASN A 218 9.61 40.01 49.34
C ASN A 218 9.35 38.90 48.33
N LEU A 219 10.38 38.12 48.03
CA LEU A 219 10.19 37.01 47.12
C LEU A 219 10.39 35.70 47.88
N PHE A 220 10.84 35.81 49.12
CA PHE A 220 11.05 34.65 49.97
C PHE A 220 10.81 35.06 51.42
N HIS A 221 10.50 34.08 52.25
CA HIS A 221 10.19 34.36 53.65
C HIS A 221 11.08 33.66 54.66
N ARG A 222 11.99 32.82 54.17
CA ARG A 222 12.91 32.10 55.04
C ARG A 222 14.07 31.68 54.18
N ALA A 223 15.27 31.64 54.76
CA ALA A 223 16.44 31.27 53.99
C ALA A 223 17.31 30.26 54.73
N ILE A 224 18.04 29.44 53.96
CA ILE A 224 18.94 28.44 54.53
C ILE A 224 20.21 28.36 53.69
N SER A 225 21.35 28.65 54.30
CA SER A 225 22.63 28.53 53.62
C SER A 225 23.35 27.33 54.22
N GLU A 226 23.72 26.37 53.36
CA GLU A 226 24.43 25.17 53.80
C GLU A 226 25.86 25.21 53.24
N SER A 227 26.85 25.41 54.10
CA SER A 227 28.25 25.45 53.66
C SER A 227 28.51 26.52 52.60
N GLY A 228 28.29 27.79 52.96
CA GLY A 228 28.52 28.86 52.01
C GLY A 228 27.74 30.13 52.31
N VAL A 229 28.43 31.26 52.32
CA VAL A 229 27.80 32.53 52.58
C VAL A 229 28.50 33.68 51.85
N ALA A 230 27.91 34.87 51.93
CA ALA A 230 28.44 36.06 51.27
C ALA A 230 29.88 36.39 51.64
N LEU A 231 30.36 35.88 52.76
CA LEU A 231 31.73 36.14 53.17
C LEU A 231 32.69 35.06 52.70
N THR A 232 32.17 34.08 51.97
CA THR A 232 33.01 33.02 51.40
C THR A 232 33.69 33.73 50.23
N SER A 233 34.65 34.59 50.60
CA SER A 233 35.42 35.43 49.69
C SER A 233 35.78 34.90 48.31
N VAL A 234 36.02 33.60 48.19
CA VAL A 234 36.39 33.05 46.89
C VAL A 234 35.31 33.31 45.82
N LEU A 235 34.05 33.41 46.25
CA LEU A 235 32.94 33.62 45.34
C LEU A 235 32.55 35.08 45.14
N VAL A 236 33.09 35.97 45.96
CA VAL A 236 32.76 37.38 45.82
C VAL A 236 33.99 38.15 45.35
N LYS A 237 33.85 38.83 44.21
CA LYS A 237 34.94 39.60 43.64
C LYS A 237 34.99 41.00 44.21
N LYS A 238 36.06 41.30 44.93
CA LYS A 238 36.24 42.63 45.48
C LYS A 238 37.43 43.30 44.79
N GLY A 239 37.20 44.49 44.27
CA GLY A 239 38.26 45.22 43.59
C GLY A 239 37.91 45.51 42.15
N ASP A 240 38.94 45.72 41.34
CA ASP A 240 38.78 46.03 39.92
C ASP A 240 38.65 44.72 39.13
N VAL A 241 37.46 44.47 38.59
CA VAL A 241 37.23 43.25 37.83
C VAL A 241 37.56 43.42 36.35
N LYS A 242 37.89 44.66 35.97
CA LYS A 242 38.21 44.99 34.59
C LYS A 242 39.30 44.08 34.01
N PRO A 243 40.38 43.84 34.77
CA PRO A 243 41.49 43.00 34.31
C PRO A 243 41.09 41.56 33.98
N LEU A 244 40.17 40.99 34.76
CA LEU A 244 39.73 39.62 34.50
C LEU A 244 38.91 39.63 33.21
N ALA A 245 38.02 40.60 33.09
CA ALA A 245 37.19 40.73 31.90
C ALA A 245 38.07 40.77 30.67
N GLU A 246 39.19 41.47 30.78
CA GLU A 246 40.13 41.60 29.67
C GLU A 246 40.87 40.30 29.40
N GLN A 247 41.23 39.58 30.46
CA GLN A 247 41.93 38.31 30.27
C GLN A 247 40.98 37.34 29.58
N ILE A 248 39.68 37.46 29.86
CA ILE A 248 38.71 36.56 29.24
C ILE A 248 38.51 36.94 27.78
N ALA A 249 38.34 38.24 27.53
CA ALA A 249 38.15 38.75 26.17
C ALA A 249 39.29 38.29 25.27
N ILE A 250 40.52 38.51 25.73
CA ILE A 250 41.69 38.10 24.95
C ILE A 250 41.74 36.60 24.71
N THR A 251 41.42 35.80 25.71
CA THR A 251 41.44 34.35 25.54
C THR A 251 40.39 33.89 24.53
N ALA A 252 39.35 34.70 24.34
CA ALA A 252 38.29 34.37 23.40
C ALA A 252 38.56 34.88 21.98
N GLY A 253 39.61 35.69 21.83
CA GLY A 253 39.94 36.24 20.52
C GLY A 253 39.24 37.55 20.23
N CYS A 254 39.07 38.36 21.27
CA CYS A 254 38.39 39.65 21.17
C CYS A 254 39.31 40.84 21.34
N LYS A 255 38.88 42.00 20.87
CA LYS A 255 39.66 43.22 21.03
C LYS A 255 39.33 43.67 22.44
N THR A 256 40.10 44.60 22.99
CA THR A 256 39.83 45.08 24.34
C THR A 256 39.88 46.60 24.37
N THR A 257 39.60 47.22 23.23
CA THR A 257 39.61 48.67 23.09
C THR A 257 38.81 49.35 24.18
N THR A 258 37.64 48.82 24.47
CA THR A 258 36.75 49.35 25.51
C THR A 258 35.85 48.24 26.03
N SER A 259 35.07 48.56 27.06
CA SER A 259 34.15 47.58 27.63
C SER A 259 33.08 47.19 26.62
N ALA A 260 32.38 48.20 26.08
CA ALA A 260 31.32 47.96 25.12
C ALA A 260 31.82 47.04 23.99
N VAL A 261 33.04 47.29 23.53
CA VAL A 261 33.64 46.50 22.48
C VAL A 261 33.88 45.08 22.94
N MET A 262 34.37 44.91 24.16
CA MET A 262 34.58 43.57 24.67
C MET A 262 33.26 42.79 24.67
N VAL A 263 32.24 43.39 25.31
CA VAL A 263 30.92 42.78 25.40
C VAL A 263 30.34 42.49 24.03
N HIS A 264 30.47 43.42 23.10
CA HIS A 264 29.94 43.24 21.77
C HIS A 264 30.59 42.05 21.07
N CYS A 265 31.90 41.92 21.27
CA CYS A 265 32.63 40.83 20.66
C CYS A 265 32.28 39.48 21.28
N LEU A 266 32.21 39.42 22.60
CA LEU A 266 31.86 38.19 23.30
C LEU A 266 30.43 37.75 22.98
N ARG A 267 29.56 38.72 22.73
CA ARG A 267 28.17 38.41 22.40
C ARG A 267 28.07 37.72 21.06
N GLN A 268 29.12 37.86 20.24
CA GLN A 268 29.11 37.25 18.94
C GLN A 268 29.87 35.92 18.86
N LYS A 269 30.45 35.50 19.97
CA LYS A 269 31.14 34.23 20.00
C LYS A 269 30.07 33.16 20.10
N THR A 270 30.36 31.95 19.63
CA THR A 270 29.39 30.87 19.70
C THR A 270 29.55 30.20 21.06
N GLU A 271 28.56 29.41 21.45
CA GLU A 271 28.59 28.71 22.73
C GLU A 271 29.80 27.80 22.82
N GLU A 272 30.11 27.10 21.73
CA GLU A 272 31.26 26.21 21.73
C GLU A 272 32.52 27.05 21.91
N GLU A 273 32.53 28.23 21.28
CA GLU A 273 33.69 29.11 21.39
C GLU A 273 33.87 29.60 22.81
N LEU A 274 32.77 30.00 23.46
CA LEU A 274 32.86 30.48 24.82
C LEU A 274 33.15 29.30 25.74
N LEU A 275 32.74 28.11 25.34
CA LEU A 275 33.00 26.94 26.14
C LEU A 275 34.49 26.64 26.10
N GLU A 276 35.11 26.71 24.92
CA GLU A 276 36.56 26.46 24.82
C GLU A 276 37.29 27.49 25.65
N THR A 277 36.81 28.72 25.59
CA THR A 277 37.44 29.80 26.36
C THR A 277 37.41 29.44 27.84
N THR A 278 36.28 28.89 28.28
CA THR A 278 36.10 28.50 29.68
C THR A 278 37.16 27.47 30.08
N LEU A 279 37.30 26.42 29.29
CA LEU A 279 38.29 25.39 29.56
C LEU A 279 39.72 25.93 29.62
N LYS A 280 40.10 26.80 28.68
CA LYS A 280 41.46 27.34 28.67
C LYS A 280 41.77 28.15 29.93
N MET A 281 40.76 28.82 30.47
CA MET A 281 40.96 29.65 31.65
C MET A 281 41.29 28.83 32.90
N LYS A 282 41.04 27.52 32.81
CA LYS A 282 41.29 26.59 33.92
C LYS A 282 40.74 27.04 35.26
N PHE A 283 39.43 27.29 35.30
CA PHE A 283 38.76 27.71 36.52
C PHE A 283 38.60 26.48 37.42
N LEU A 284 38.27 26.71 38.69
CA LEU A 284 38.08 25.64 39.66
C LEU A 284 39.24 24.66 39.71
N SER A 285 40.45 25.20 39.69
CA SER A 285 41.66 24.39 39.73
C SER A 285 42.79 25.23 40.31
N LEU A 286 43.65 24.59 41.11
CA LEU A 286 44.76 25.29 41.75
C LEU A 286 46.03 25.27 40.90
N ASP A 287 46.53 26.45 40.57
CA ASP A 287 47.75 26.59 39.77
C ASP A 287 48.96 26.52 40.69
N LEU A 288 49.81 25.53 40.45
CA LEU A 288 50.99 25.32 41.26
C LEU A 288 52.12 26.34 41.13
N GLN A 289 52.39 26.82 39.92
CA GLN A 289 53.47 27.79 39.73
C GLN A 289 53.03 29.24 39.54
N GLY A 290 54.01 30.13 39.53
CA GLY A 290 53.72 31.54 39.33
C GLY A 290 53.19 32.25 40.57
N ASP A 291 52.66 33.45 40.35
CA ASP A 291 52.12 34.25 41.45
C ASP A 291 50.67 33.88 41.74
N PRO A 292 50.41 33.39 42.95
CA PRO A 292 49.08 32.98 43.44
C PRO A 292 48.05 34.11 43.44
N ARG A 293 48.51 35.32 43.74
CA ARG A 293 47.64 36.49 43.78
C ARG A 293 47.00 36.82 42.43
N GLU A 294 47.55 36.25 41.37
CA GLU A 294 47.04 36.52 40.02
C GLU A 294 46.14 35.42 39.46
N SER A 295 46.23 34.22 40.03
CA SER A 295 45.42 33.11 39.55
C SER A 295 43.94 33.33 39.89
N GLN A 296 43.10 33.26 38.86
CA GLN A 296 41.66 33.46 39.02
C GLN A 296 40.92 32.12 39.01
N PRO A 297 40.46 31.67 40.19
CA PRO A 297 39.74 30.39 40.34
C PRO A 297 38.39 30.32 39.63
N LEU A 298 37.69 31.45 39.56
CA LEU A 298 36.38 31.49 38.89
C LEU A 298 35.83 32.91 38.75
N LEU A 299 34.72 33.02 38.04
CA LEU A 299 34.04 34.29 37.85
C LEU A 299 32.92 34.26 38.86
N GLY A 300 32.87 35.23 39.76
CA GLY A 300 31.80 35.19 40.74
C GLY A 300 30.95 36.41 40.87
N THR A 301 30.34 36.54 42.05
CA THR A 301 29.49 37.66 42.38
C THR A 301 30.32 38.94 42.44
N VAL A 302 29.75 40.06 42.03
CA VAL A 302 30.45 41.34 42.09
C VAL A 302 29.51 42.38 42.67
N ILE A 303 30.06 43.56 42.98
CA ILE A 303 29.27 44.67 43.50
C ILE A 303 28.92 45.46 42.25
N ASP A 304 27.70 45.26 41.76
CA ASP A 304 27.24 45.90 40.54
C ASP A 304 26.38 47.15 40.66
N GLY A 305 25.79 47.37 41.83
CA GLY A 305 24.95 48.55 41.99
C GLY A 305 23.48 48.25 41.79
N MET A 306 23.15 47.07 41.27
CA MET A 306 21.76 46.67 41.06
C MET A 306 21.38 45.62 42.11
N LEU A 307 22.02 44.45 42.03
CA LEU A 307 21.76 43.36 42.98
C LEU A 307 22.42 43.65 44.33
N LEU A 308 23.66 44.13 44.29
CA LEU A 308 24.41 44.47 45.49
C LEU A 308 24.92 45.89 45.37
N LEU A 309 24.55 46.73 46.33
CA LEU A 309 24.94 48.14 46.32
C LEU A 309 26.29 48.35 46.98
N LYS A 310 26.66 47.43 47.86
CA LYS A 310 27.94 47.53 48.56
C LYS A 310 28.43 46.11 48.81
N THR A 311 29.59 46.00 49.45
CA THR A 311 30.16 44.69 49.75
C THR A 311 29.31 44.06 50.84
N PRO A 312 29.25 42.71 50.86
CA PRO A 312 28.47 42.00 51.87
C PRO A 312 28.82 42.45 53.28
N GLU A 313 30.12 42.59 53.53
CA GLU A 313 30.62 43.01 54.84
C GLU A 313 29.98 44.32 55.28
N GLU A 314 29.70 45.20 54.33
CA GLU A 314 29.08 46.48 54.64
C GLU A 314 27.56 46.32 54.81
N LEU A 315 26.94 45.58 53.91
CA LEU A 315 25.50 45.38 53.95
C LEU A 315 24.95 44.75 55.22
N GLN A 316 25.75 43.90 55.86
CA GLN A 316 25.32 43.24 57.09
C GLN A 316 25.22 44.22 58.24
N ALA A 317 26.27 45.00 58.43
CA ALA A 317 26.32 45.98 59.50
C ALA A 317 25.24 47.05 59.35
N GLU A 318 24.74 47.18 58.14
CA GLU A 318 23.73 48.19 57.85
C GLU A 318 22.39 47.95 58.55
N ARG A 319 22.14 46.72 58.99
CA ARG A 319 20.87 46.43 59.65
C ARG A 319 19.78 46.96 58.72
N ASN A 320 20.15 47.07 57.44
CA ASN A 320 19.26 47.58 56.40
C ASN A 320 19.02 46.53 55.32
N PHE A 321 17.97 45.74 55.51
CA PHE A 321 17.56 44.68 54.58
C PHE A 321 16.44 43.90 55.25
N HIS A 322 15.42 43.53 54.47
CA HIS A 322 14.29 42.79 55.05
C HIS A 322 14.81 41.57 55.81
N THR A 323 14.53 41.52 57.10
CA THR A 323 15.00 40.40 57.89
C THR A 323 14.00 39.26 57.79
N VAL A 324 14.55 38.06 57.67
CA VAL A 324 13.73 36.86 57.60
C VAL A 324 14.50 35.81 58.37
N PRO A 325 13.79 34.80 58.90
CA PRO A 325 14.50 33.75 59.64
C PRO A 325 15.55 33.20 58.70
N TYR A 326 16.75 32.99 59.23
CA TYR A 326 17.86 32.52 58.42
C TYR A 326 18.57 31.36 59.13
N MET A 327 18.78 30.25 58.43
CA MET A 327 19.48 29.10 59.00
C MET A 327 20.82 28.95 58.30
N VAL A 328 21.90 29.00 59.08
CA VAL A 328 23.23 28.89 58.52
C VAL A 328 23.95 27.71 59.15
N GLY A 329 24.43 26.78 58.33
CA GLY A 329 25.12 25.63 58.86
C GLY A 329 26.33 25.22 58.05
N ILE A 330 27.13 24.33 58.63
CA ILE A 330 28.34 23.84 58.00
C ILE A 330 28.55 22.38 58.37
N ASN A 331 29.49 21.73 57.68
CA ASN A 331 29.81 20.35 57.94
C ASN A 331 31.12 20.30 58.71
N LYS A 332 31.31 19.23 59.48
CA LYS A 332 32.50 19.05 60.32
C LYS A 332 33.84 19.09 59.56
N GLN A 333 33.83 18.67 58.30
CA GLN A 333 35.04 18.67 57.49
C GLN A 333 34.79 19.16 56.07
N GLU A 334 34.51 20.44 55.93
CA GLU A 334 34.22 21.05 54.62
C GLU A 334 35.31 20.78 53.58
N PHE A 335 36.57 20.81 53.99
CA PHE A 335 37.66 20.57 53.06
C PHE A 335 38.23 19.16 53.25
N GLY A 336 37.40 18.27 53.78
CA GLY A 336 37.82 16.91 54.03
C GLY A 336 38.33 16.12 52.84
N TRP A 337 37.55 16.07 51.76
CA TRP A 337 37.96 15.31 50.59
C TRP A 337 37.47 15.82 49.23
N LEU A 338 36.16 15.99 49.10
CA LEU A 338 35.57 16.42 47.84
C LEU A 338 36.17 17.65 47.17
N ILE A 339 36.29 18.75 47.90
CA ILE A 339 36.85 19.96 47.28
C ILE A 339 38.31 19.75 46.85
N PRO A 340 39.18 19.27 47.74
CA PRO A 340 40.58 19.07 47.34
C PRO A 340 40.69 18.14 46.13
N MET A 341 39.96 17.04 46.18
CA MET A 341 39.97 16.06 45.10
C MET A 341 39.59 16.68 43.76
N LEU A 342 38.57 17.54 43.78
CA LEU A 342 38.11 18.20 42.57
C LEU A 342 39.10 19.24 42.07
N MET A 343 39.55 20.11 42.96
CA MET A 343 40.49 21.16 42.58
C MET A 343 41.90 20.62 42.37
N SER A 344 42.05 19.31 42.49
CA SER A 344 43.35 18.67 42.30
C SER A 344 44.36 19.31 43.23
N TYR A 345 44.36 18.87 44.48
CA TYR A 345 45.31 19.39 45.46
C TYR A 345 46.50 18.46 45.56
N PRO A 346 47.70 19.02 45.72
CA PRO A 346 48.95 18.26 45.84
C PRO A 346 49.12 17.61 47.20
N LEU A 347 48.16 16.77 47.58
CA LEU A 347 48.22 16.09 48.87
C LEU A 347 48.33 14.59 48.62
N SER A 348 48.87 14.23 47.46
CA SER A 348 49.02 12.83 47.07
C SER A 348 49.80 11.93 48.04
N GLU A 349 50.58 12.52 48.94
CA GLU A 349 51.37 11.72 49.88
C GLU A 349 50.68 11.46 51.21
N GLY A 350 49.73 12.31 51.57
CA GLY A 350 49.04 12.13 52.84
C GLY A 350 49.83 12.76 53.97
N GLN A 351 51.05 13.21 53.66
CA GLN A 351 51.90 13.84 54.65
C GLN A 351 52.21 15.29 54.28
N LEU A 352 52.36 16.13 55.29
CA LEU A 352 52.64 17.54 55.06
C LEU A 352 53.46 18.13 56.22
N ASP A 353 54.58 18.75 55.88
CA ASP A 353 55.45 19.36 56.88
C ASP A 353 55.41 20.88 56.78
N GLN A 354 55.47 21.54 57.93
CA GLN A 354 55.44 23.00 58.02
C GLN A 354 55.86 23.75 56.76
N LYS A 355 57.06 23.47 56.26
CA LYS A 355 57.56 24.16 55.08
C LYS A 355 56.59 24.01 53.91
N THR A 356 56.29 22.77 53.57
CA THR A 356 55.37 22.47 52.47
C THR A 356 53.98 23.02 52.75
N ALA A 357 53.62 23.10 54.02
CA ALA A 357 52.32 23.63 54.42
C ALA A 357 52.20 25.12 54.13
N MET A 358 53.25 25.88 54.44
CA MET A 358 53.25 27.32 54.20
C MET A 358 53.23 27.67 52.72
N SER A 359 53.82 26.80 51.89
CA SER A 359 53.84 27.02 50.45
C SER A 359 52.45 26.81 49.90
N LEU A 360 51.87 25.66 50.28
CA LEU A 360 50.52 25.29 49.85
C LEU A 360 49.52 26.38 50.21
N LEU A 361 49.61 26.88 51.43
CA LEU A 361 48.71 27.92 51.89
C LEU A 361 48.87 29.18 51.05
N TRP A 362 50.08 29.44 50.60
CA TRP A 362 50.34 30.62 49.78
C TRP A 362 49.77 30.41 48.38
N LYS A 363 49.87 29.19 47.89
CA LYS A 363 49.35 28.86 46.56
C LYS A 363 47.82 28.86 46.58
N SER A 364 47.25 28.65 47.75
CA SER A 364 45.79 28.61 47.91
C SER A 364 45.23 29.99 48.14
N TYR A 365 45.99 31.02 47.76
CA TYR A 365 45.55 32.38 47.95
C TYR A 365 44.14 32.66 47.43
N PRO A 366 43.85 32.24 46.18
CA PRO A 366 42.51 32.49 45.64
C PRO A 366 41.39 31.84 46.46
N LEU A 367 41.74 30.83 47.26
CA LEU A 367 40.76 30.15 48.09
C LEU A 367 40.65 30.72 49.51
N VAL A 368 41.79 31.06 50.11
CA VAL A 368 41.77 31.59 51.47
C VAL A 368 42.24 33.03 51.65
N CYS A 369 42.68 33.66 50.58
CA CYS A 369 43.15 35.05 50.61
C CYS A 369 43.91 35.47 51.86
N ILE A 370 45.03 34.82 52.13
CA ILE A 370 45.83 35.15 53.30
C ILE A 370 47.16 35.72 52.86
N ALA A 371 47.43 36.98 53.22
CA ALA A 371 48.68 37.63 52.86
C ALA A 371 49.84 36.69 53.21
N LYS A 372 50.82 36.61 52.31
CA LYS A 372 51.96 35.73 52.51
C LYS A 372 52.69 35.95 53.85
N GLU A 373 52.46 37.11 54.45
CA GLU A 373 53.10 37.44 55.73
C GLU A 373 52.37 36.79 56.90
N LEU A 374 51.05 36.70 56.80
CA LEU A 374 50.24 36.09 57.85
C LEU A 374 50.39 34.57 57.88
N ILE A 375 50.72 33.98 56.73
CA ILE A 375 50.89 32.53 56.62
C ILE A 375 51.48 31.86 57.86
N PRO A 376 52.69 32.28 58.28
CA PRO A 376 53.35 31.69 59.45
C PRO A 376 52.47 31.60 60.69
N GLU A 377 51.86 32.72 61.07
CA GLU A 377 50.97 32.73 62.23
C GLU A 377 49.90 31.67 62.07
N ALA A 378 49.13 31.81 60.99
CA ALA A 378 48.04 30.89 60.67
C ALA A 378 48.46 29.42 60.65
N THR A 379 49.62 29.12 60.06
CA THR A 379 50.09 27.75 59.99
C THR A 379 50.52 27.21 61.36
N GLU A 380 51.25 28.02 62.11
CA GLU A 380 51.71 27.63 63.43
C GLU A 380 50.53 27.36 64.36
N LYS A 381 49.54 28.25 64.31
CA LYS A 381 48.35 28.13 65.15
C LYS A 381 47.61 26.81 64.93
N TYR A 382 47.67 26.29 63.70
CA TYR A 382 46.99 25.05 63.37
C TYR A 382 47.89 23.81 63.35
N LEU A 383 49.04 23.93 62.69
CA LEU A 383 49.95 22.80 62.56
C LEU A 383 51.01 22.69 63.66
N GLY A 384 51.38 23.81 64.27
CA GLY A 384 52.38 23.78 65.31
C GLY A 384 52.08 22.80 66.43
N GLY A 385 50.80 22.58 66.70
CA GLY A 385 50.39 21.67 67.77
C GLY A 385 51.12 20.34 67.88
N THR A 386 51.52 19.75 66.75
CA THR A 386 52.20 18.47 66.80
C THR A 386 53.40 18.39 65.86
N ASP A 387 53.88 17.17 65.66
CA ASP A 387 55.03 16.92 64.79
C ASP A 387 54.75 15.78 63.81
N ASP A 388 53.54 15.22 63.90
CA ASP A 388 53.17 14.14 63.00
C ASP A 388 52.85 14.76 61.64
N THR A 389 53.57 14.32 60.61
CA THR A 389 53.35 14.86 59.26
C THR A 389 51.92 14.67 58.77
N VAL A 390 51.34 13.51 59.07
CA VAL A 390 49.96 13.21 58.67
C VAL A 390 48.98 14.10 59.44
N LYS A 391 49.18 14.25 60.74
CA LYS A 391 48.30 15.09 61.55
C LYS A 391 48.38 16.54 61.10
N LYS A 392 49.54 16.93 60.55
CA LYS A 392 49.71 18.29 60.05
C LYS A 392 48.81 18.45 58.83
N LYS A 393 48.79 17.41 57.99
CA LYS A 393 47.97 17.42 56.79
C LYS A 393 46.50 17.60 57.15
N ASP A 394 46.05 16.93 58.21
CA ASP A 394 44.66 17.04 58.63
C ASP A 394 44.34 18.41 59.18
N LEU A 395 45.21 18.91 60.07
CA LEU A 395 45.02 20.22 60.67
C LEU A 395 45.02 21.30 59.59
N PHE A 396 45.69 21.02 58.48
CA PHE A 396 45.75 21.96 57.38
C PHE A 396 44.37 22.02 56.74
N LEU A 397 43.74 20.86 56.60
CA LEU A 397 42.40 20.76 56.02
C LEU A 397 41.39 21.51 56.89
N ASP A 398 41.61 21.50 58.20
CA ASP A 398 40.69 22.19 59.11
C ASP A 398 40.97 23.68 59.05
N LEU A 399 42.15 24.02 58.55
CA LEU A 399 42.55 25.41 58.41
C LEU A 399 41.79 25.98 57.22
N ILE A 400 41.89 25.32 56.07
CA ILE A 400 41.21 25.76 54.87
C ILE A 400 39.71 25.86 55.15
N ALA A 401 39.15 24.80 55.71
CA ALA A 401 37.72 24.73 56.01
C ALA A 401 37.22 25.87 56.90
N ASP A 402 38.00 26.26 57.90
CA ASP A 402 37.57 27.32 58.78
C ASP A 402 37.61 28.68 58.09
N VAL A 403 38.50 28.83 57.12
CA VAL A 403 38.64 30.09 56.40
C VAL A 403 37.58 30.25 55.33
N MET A 404 37.27 29.16 54.63
CA MET A 404 36.28 29.21 53.56
C MET A 404 34.82 29.14 54.00
N PHE A 405 34.52 28.38 55.04
CA PHE A 405 33.13 28.24 55.49
C PHE A 405 32.91 28.51 56.98
N GLY A 406 33.56 27.72 57.83
CA GLY A 406 33.41 27.86 59.26
C GLY A 406 33.22 29.26 59.83
N VAL A 407 34.26 30.07 59.73
CA VAL A 407 34.22 31.41 60.26
C VAL A 407 33.22 32.36 59.59
N PRO A 408 33.24 32.44 58.25
CA PRO A 408 32.29 33.33 57.58
C PRO A 408 30.85 33.03 58.00
N SER A 409 30.50 31.77 58.02
CA SER A 409 29.14 31.35 58.39
C SER A 409 28.73 31.93 59.73
N VAL A 410 29.62 31.82 60.72
CA VAL A 410 29.34 32.32 62.07
C VAL A 410 29.28 33.83 62.10
N ILE A 411 30.10 34.49 61.29
CA ILE A 411 30.08 35.95 61.24
C ILE A 411 28.74 36.37 60.63
N VAL A 412 28.35 35.74 59.54
CA VAL A 412 27.09 36.06 58.88
C VAL A 412 25.94 35.85 59.86
N ALA A 413 25.98 34.75 60.60
CA ALA A 413 24.94 34.43 61.58
C ALA A 413 24.91 35.43 62.72
N ARG A 414 26.07 35.79 63.26
CA ARG A 414 26.08 36.75 64.35
C ARG A 414 25.45 38.07 63.90
N ASN A 415 25.90 38.57 62.75
CA ASN A 415 25.39 39.81 62.22
C ASN A 415 23.89 39.72 61.94
N HIS A 416 23.42 38.56 61.47
CA HIS A 416 22.00 38.39 61.20
C HIS A 416 21.25 38.39 62.53
N ARG A 417 21.86 37.75 63.53
CA ARG A 417 21.27 37.71 64.87
C ARG A 417 21.20 39.14 65.39
N ASP A 418 22.33 39.84 65.36
CA ASP A 418 22.43 41.21 65.84
C ASP A 418 21.54 42.18 65.06
N ALA A 419 21.12 41.78 63.87
CA ALA A 419 20.27 42.64 63.06
C ALA A 419 18.83 42.54 63.53
N GLY A 420 18.57 41.59 64.43
CA GLY A 420 17.25 41.41 64.99
C GLY A 420 16.37 40.35 64.34
N ALA A 421 16.98 39.40 63.65
CA ALA A 421 16.22 38.36 62.98
C ALA A 421 16.49 36.97 63.51
N PRO A 422 15.48 36.08 63.44
CA PRO A 422 15.61 34.69 63.91
C PRO A 422 16.76 33.98 63.19
N THR A 423 17.74 33.52 63.96
CA THR A 423 18.88 32.84 63.37
C THR A 423 19.02 31.46 64.00
N TYR A 424 19.48 30.50 63.20
CA TYR A 424 19.69 29.14 63.65
C TYR A 424 20.94 28.62 62.95
N MET A 425 21.73 27.82 63.66
CA MET A 425 22.94 27.26 63.08
C MET A 425 23.02 25.79 63.38
N TYR A 426 23.80 25.08 62.59
CA TYR A 426 23.97 23.65 62.81
C TYR A 426 25.37 23.28 62.37
N GLU A 427 25.79 22.07 62.70
CA GLU A 427 27.08 21.56 62.30
C GLU A 427 26.84 20.09 62.04
N PHE A 428 26.77 19.74 60.77
CA PHE A 428 26.52 18.37 60.33
C PHE A 428 27.78 17.50 60.39
N GLN A 429 27.69 16.37 61.07
CA GLN A 429 28.82 15.43 61.22
C GLN A 429 28.38 14.00 60.94
N TYR A 430 28.45 13.56 59.71
CA TYR A 430 28.06 12.20 59.40
C TYR A 430 28.68 11.78 58.08
N ARG A 431 28.92 10.49 57.92
CA ARG A 431 29.50 9.97 56.68
C ARG A 431 28.47 9.13 55.95
N PRO A 432 27.74 9.75 55.01
CA PRO A 432 26.75 8.96 54.28
C PRO A 432 27.38 7.71 53.70
N SER A 433 26.56 6.67 53.55
CA SER A 433 27.03 5.40 53.03
C SER A 433 27.08 5.45 51.50
N PHE A 434 26.57 6.55 50.95
CA PHE A 434 26.53 6.73 49.51
C PHE A 434 27.84 7.37 49.04
N SER A 435 28.72 7.69 49.99
CA SER A 435 30.01 8.29 49.71
C SER A 435 30.80 7.55 48.64
N SER A 436 31.68 8.29 47.97
CA SER A 436 32.53 7.73 46.92
C SER A 436 33.56 6.77 47.52
N ASP A 437 33.86 5.70 46.80
CA ASP A 437 34.82 4.71 47.27
C ASP A 437 36.23 5.27 47.43
N MET A 438 36.54 6.31 46.66
CA MET A 438 37.85 6.94 46.69
C MET A 438 37.96 8.00 47.79
N LYS A 439 37.05 7.92 48.76
CA LYS A 439 37.01 8.86 49.86
C LYS A 439 37.53 8.25 51.17
N PRO A 440 38.62 8.79 51.72
CA PRO A 440 39.15 8.25 52.98
C PRO A 440 38.06 8.10 54.04
N LYS A 441 37.86 6.86 54.47
CA LYS A 441 36.83 6.51 55.47
C LYS A 441 36.89 7.31 56.76
N THR A 442 38.03 7.94 57.01
CA THR A 442 38.20 8.73 58.23
C THR A 442 37.46 10.08 58.10
N VAL A 443 37.09 10.43 56.88
CA VAL A 443 36.39 11.68 56.61
C VAL A 443 34.90 11.64 56.95
N ILE A 444 34.50 12.49 57.89
CA ILE A 444 33.11 12.55 58.33
C ILE A 444 32.64 14.00 58.31
N GLY A 445 31.53 14.25 57.61
CA GLY A 445 31.01 15.60 57.50
C GLY A 445 31.76 16.35 56.40
N ASP A 446 32.02 15.66 55.30
CA ASP A 446 32.71 16.26 54.16
C ASP A 446 31.76 17.27 53.53
N HIS A 447 32.22 17.94 52.48
CA HIS A 447 31.39 18.92 51.80
C HIS A 447 30.30 18.16 51.05
N GLY A 448 29.06 18.63 51.19
CA GLY A 448 27.93 18.01 50.52
C GLY A 448 27.33 16.79 51.21
N ASP A 449 27.85 16.38 52.37
CA ASP A 449 27.33 15.20 53.05
C ASP A 449 25.89 15.32 53.55
N GLU A 450 25.48 16.52 53.94
CA GLU A 450 24.13 16.73 54.44
C GLU A 450 23.08 16.71 53.32
N LEU A 451 23.55 16.78 52.07
CA LEU A 451 22.63 16.76 50.93
C LEU A 451 21.84 15.47 50.86
N PHE A 452 22.46 14.37 51.29
CA PHE A 452 21.78 13.08 51.25
C PHE A 452 20.69 12.98 52.30
N SER A 453 20.87 13.65 53.43
CA SER A 453 19.86 13.63 54.46
C SER A 453 18.73 14.57 54.05
N VAL A 454 19.09 15.80 53.69
CA VAL A 454 18.13 16.82 53.28
C VAL A 454 17.24 16.39 52.14
N PHE A 455 17.84 15.81 51.10
CA PHE A 455 17.05 15.38 49.96
C PHE A 455 16.60 13.93 50.03
N GLY A 456 16.70 13.37 51.24
CA GLY A 456 16.26 12.00 51.48
C GLY A 456 16.80 10.90 50.59
N ALA A 457 18.10 10.91 50.35
CA ALA A 457 18.75 9.90 49.54
C ALA A 457 18.42 8.47 50.02
N PRO A 458 18.35 8.26 51.34
CA PRO A 458 18.03 6.94 51.87
C PRO A 458 16.74 6.35 51.32
N PHE A 459 15.88 7.21 50.76
CA PHE A 459 14.61 6.75 50.23
C PHE A 459 14.56 6.57 48.73
N LEU A 460 15.71 6.78 48.08
CA LEU A 460 15.80 6.65 46.63
C LEU A 460 16.96 5.71 46.33
N LYS A 461 18.10 5.97 46.97
CA LYS A 461 19.28 5.14 46.80
C LYS A 461 19.10 3.83 47.58
N GLU A 462 20.03 2.91 47.43
CA GLU A 462 19.93 1.60 48.09
C GLU A 462 20.88 1.32 49.24
N GLY A 463 20.40 0.48 50.15
CA GLY A 463 21.18 0.03 51.30
C GLY A 463 21.33 0.87 52.56
N ALA A 464 20.60 1.97 52.67
CA ALA A 464 20.72 2.79 53.86
C ALA A 464 20.32 2.04 55.13
N SER A 465 21.07 2.25 56.21
CA SER A 465 20.77 1.62 57.48
C SER A 465 19.69 2.45 58.18
N GLU A 466 18.96 1.81 59.10
CA GLU A 466 17.90 2.50 59.81
C GLU A 466 18.42 3.75 60.50
N GLU A 467 19.71 3.76 60.78
CA GLU A 467 20.31 4.92 61.43
C GLU A 467 20.38 6.07 60.43
N GLU A 468 20.76 5.74 59.19
CA GLU A 468 20.88 6.75 58.17
C GLU A 468 19.51 7.25 57.72
N ILE A 469 18.53 6.35 57.74
CA ILE A 469 17.17 6.68 57.36
C ILE A 469 16.62 7.67 58.39
N ARG A 470 16.91 7.40 59.66
CA ARG A 470 16.43 8.25 60.73
C ARG A 470 17.08 9.63 60.75
N LEU A 471 18.33 9.72 60.29
CA LEU A 471 18.98 11.02 60.26
C LEU A 471 18.30 11.85 59.18
N SER A 472 18.02 11.20 58.05
CA SER A 472 17.36 11.85 56.94
C SER A 472 15.97 12.35 57.32
N LYS A 473 15.19 11.50 57.99
CA LYS A 473 13.86 11.89 58.40
C LYS A 473 13.88 13.07 59.34
N MET A 474 14.85 13.08 60.25
CA MET A 474 14.93 14.17 61.21
C MET A 474 15.27 15.48 60.50
N VAL A 475 16.27 15.43 59.62
CA VAL A 475 16.69 16.63 58.90
C VAL A 475 15.59 17.21 58.01
N MET A 476 14.89 16.36 57.27
CA MET A 476 13.82 16.87 56.43
C MET A 476 12.74 17.53 57.28
N LYS A 477 12.45 16.96 58.46
CA LYS A 477 11.46 17.53 59.37
C LYS A 477 11.90 18.90 59.84
N PHE A 478 13.15 18.99 60.27
CA PHE A 478 13.71 20.26 60.74
C PHE A 478 13.65 21.31 59.65
N TRP A 479 14.11 20.93 58.46
CA TRP A 479 14.13 21.84 57.30
C TRP A 479 12.72 22.29 56.94
N ALA A 480 11.79 21.34 56.84
CA ALA A 480 10.41 21.65 56.50
C ALA A 480 9.65 22.43 57.59
N ASN A 481 9.95 22.16 58.86
CA ASN A 481 9.31 22.87 59.96
C ASN A 481 9.75 24.33 59.85
N PHE A 482 11.04 24.51 59.57
CA PHE A 482 11.61 25.84 59.42
C PHE A 482 10.88 26.51 58.25
N ALA A 483 10.67 25.74 57.18
CA ALA A 483 10.00 26.25 56.00
C ALA A 483 8.63 26.83 56.32
N ARG A 484 7.85 26.11 57.12
CA ARG A 484 6.52 26.58 57.45
C ARG A 484 6.40 27.51 58.63
N ASN A 485 7.42 27.58 59.50
CA ASN A 485 7.32 28.45 60.67
C ASN A 485 8.47 29.42 60.92
N GLY A 486 9.63 29.15 60.32
CA GLY A 486 10.77 30.00 60.56
C GLY A 486 11.46 29.47 61.81
N ASN A 487 10.99 28.31 62.27
CA ASN A 487 11.51 27.62 63.44
C ASN A 487 11.58 26.13 63.08
N PRO A 488 12.75 25.51 63.25
CA PRO A 488 12.87 24.08 62.90
C PRO A 488 12.21 23.11 63.90
N ASN A 489 11.99 23.58 65.12
CA ASN A 489 11.41 22.77 66.18
C ASN A 489 9.99 22.28 65.94
N GLY A 490 9.74 21.06 66.39
CA GLY A 490 8.43 20.46 66.25
C GLY A 490 8.39 19.16 67.05
N GLU A 491 7.23 18.52 67.10
CA GLU A 491 7.12 17.28 67.85
C GLU A 491 8.03 16.20 67.28
N GLY A 492 8.57 15.37 68.17
CA GLY A 492 9.44 14.29 67.76
C GLY A 492 10.86 14.64 67.39
N LEU A 493 11.32 15.81 67.81
CA LEU A 493 12.67 16.22 67.47
C LEU A 493 13.43 16.80 68.64
N PRO A 494 14.75 16.57 68.67
CA PRO A 494 15.54 17.13 69.78
C PRO A 494 15.44 18.65 69.70
N HIS A 495 15.65 19.33 70.81
CA HIS A 495 15.54 20.78 70.81
C HIS A 495 16.66 21.51 70.11
N TRP A 496 16.30 22.26 69.08
CA TRP A 496 17.26 23.07 68.33
C TRP A 496 17.18 24.46 68.95
N PRO A 497 18.22 24.86 69.68
CA PRO A 497 18.16 26.20 70.29
C PRO A 497 18.32 27.28 69.24
N GLU A 498 17.72 28.43 69.48
CA GLU A 498 17.84 29.52 68.53
C GLU A 498 19.25 30.07 68.71
N TYR A 499 19.80 30.68 67.67
CA TYR A 499 21.16 31.22 67.76
C TYR A 499 21.10 32.65 68.31
N ASN A 500 20.82 32.77 69.61
CA ASN A 500 20.75 34.05 70.28
C ASN A 500 22.13 34.41 70.83
N GLN A 501 22.16 35.24 71.86
CA GLN A 501 23.43 35.64 72.45
C GLN A 501 24.24 34.46 73.01
N LYS A 502 23.56 33.40 73.46
CA LYS A 502 24.25 32.23 74.00
C LYS A 502 24.92 31.45 72.86
N GLU A 503 24.59 31.83 71.63
CA GLU A 503 25.15 31.19 70.44
C GLU A 503 25.04 29.68 70.44
N GLY A 504 23.86 29.18 70.79
CA GLY A 504 23.65 27.75 70.82
C GLY A 504 23.27 27.23 69.45
N TYR A 505 23.94 26.17 69.01
CA TYR A 505 23.67 25.59 67.71
C TYR A 505 23.32 24.13 67.84
N LEU A 506 22.97 23.48 66.73
CA LEU A 506 22.63 22.08 66.77
C LEU A 506 23.66 21.21 66.09
N GLN A 507 24.08 20.16 66.78
CA GLN A 507 25.04 19.21 66.21
C GLN A 507 24.22 18.06 65.67
N ILE A 508 24.24 17.90 64.35
CA ILE A 508 23.46 16.87 63.68
C ILE A 508 24.33 15.71 63.22
N GLY A 509 23.93 14.50 63.60
CA GLY A 509 24.64 13.30 63.23
C GLY A 509 23.98 12.07 63.79
N ALA A 510 24.78 11.06 64.11
CA ALA A 510 24.25 9.82 64.66
C ALA A 510 23.64 10.17 66.01
N ASN A 511 24.25 11.15 66.68
CA ASN A 511 23.77 11.65 67.97
C ASN A 511 23.57 13.14 67.82
N THR A 512 22.32 13.57 67.67
CA THR A 512 22.04 14.98 67.49
C THR A 512 21.72 15.67 68.81
N GLN A 513 22.41 16.77 69.11
CA GLN A 513 22.15 17.49 70.35
C GLN A 513 22.64 18.93 70.28
N ALA A 514 22.14 19.77 71.18
CA ALA A 514 22.52 21.18 71.21
C ALA A 514 23.92 21.39 71.79
N ALA A 515 24.52 22.51 71.43
CA ALA A 515 25.85 22.88 71.90
C ALA A 515 25.90 24.39 71.86
N GLN A 516 27.03 24.97 72.22
CA GLN A 516 27.14 26.42 72.21
C GLN A 516 28.45 26.98 71.67
N LYS A 517 28.40 28.23 71.23
CA LYS A 517 29.54 28.96 70.68
C LYS A 517 30.39 28.24 69.62
N LEU A 518 29.73 27.84 68.53
CA LEU A 518 30.37 27.16 67.42
C LEU A 518 31.50 28.01 66.81
N LYS A 519 32.68 27.41 66.64
CA LYS A 519 33.83 28.11 66.06
C LYS A 519 34.15 29.45 66.72
N ASP A 520 33.82 29.60 68.00
CA ASP A 520 34.08 30.87 68.68
C ASP A 520 35.56 31.26 68.68
N LYS A 521 36.43 30.31 68.97
CA LYS A 521 37.86 30.58 69.00
C LYS A 521 38.35 30.94 67.59
N GLU A 522 38.13 30.03 66.65
CA GLU A 522 38.55 30.26 65.28
C GLU A 522 38.17 31.67 64.82
N VAL A 523 36.91 32.05 65.03
CA VAL A 523 36.46 33.37 64.61
C VAL A 523 37.34 34.45 65.23
N ALA A 524 37.61 34.31 66.52
CA ALA A 524 38.43 35.27 67.23
C ALA A 524 39.82 35.34 66.60
N PHE A 525 40.47 34.19 66.44
CA PHE A 525 41.80 34.14 65.85
C PHE A 525 41.84 34.81 64.49
N TRP A 526 41.05 34.28 63.55
CA TRP A 526 41.00 34.82 62.20
C TRP A 526 40.59 36.28 62.08
N THR A 527 39.65 36.72 62.90
CA THR A 527 39.23 38.12 62.84
C THR A 527 40.43 38.96 63.23
N ASN A 528 41.10 38.51 64.29
CA ASN A 528 42.28 39.17 64.83
C ASN A 528 43.46 39.15 63.84
N LEU A 529 43.57 38.08 63.06
CA LEU A 529 44.65 37.96 62.08
C LEU A 529 44.42 38.88 60.88
N PHE A 530 43.28 38.71 60.21
CA PHE A 530 42.94 39.53 59.05
C PHE A 530 42.88 41.01 59.41
N ALA A 531 42.99 41.31 60.70
CA ALA A 531 42.98 42.70 61.14
C ALA A 531 44.42 43.19 61.03
N LYS A 532 45.28 42.32 60.50
CA LYS A 532 46.70 42.62 60.31
C LYS A 532 47.29 43.32 61.52
N SER B 2 1.68 63.98 -16.23
CA SER B 2 2.27 64.15 -14.90
C SER B 2 1.95 62.94 -14.00
N PRO B 3 2.99 62.27 -13.48
CA PRO B 3 2.86 61.10 -12.61
C PRO B 3 1.96 61.32 -11.40
N PRO B 4 1.12 60.31 -11.07
CA PRO B 4 0.22 60.43 -9.92
C PRO B 4 0.96 60.31 -8.58
N VAL B 5 0.60 61.15 -7.63
CA VAL B 5 1.25 61.13 -6.31
C VAL B 5 0.21 61.04 -5.20
N VAL B 6 0.28 59.97 -4.42
CA VAL B 6 -0.65 59.74 -3.32
C VAL B 6 0.01 59.92 -1.96
N ASP B 7 -0.78 60.38 -1.00
CA ASP B 7 -0.31 60.59 0.37
C ASP B 7 -0.79 59.44 1.24
N THR B 8 0.14 58.63 1.74
CA THR B 8 -0.23 57.52 2.61
C THR B 8 0.21 57.87 4.01
N VAL B 9 -0.24 57.08 4.98
CA VAL B 9 0.12 57.32 6.37
C VAL B 9 1.63 57.45 6.54
N HIS B 10 2.38 56.59 5.86
CA HIS B 10 3.83 56.58 5.97
C HIS B 10 4.57 57.47 4.99
N GLY B 11 3.85 58.17 4.13
CA GLY B 11 4.52 59.05 3.19
C GLY B 11 3.95 59.05 1.79
N LYS B 12 4.44 59.97 0.97
CA LYS B 12 3.98 60.10 -0.41
C LYS B 12 4.62 59.07 -1.34
N VAL B 13 3.83 58.57 -2.28
CA VAL B 13 4.30 57.60 -3.24
C VAL B 13 3.98 58.12 -4.63
N LEU B 14 4.91 57.87 -5.55
CA LEU B 14 4.82 58.30 -6.94
C LEU B 14 4.62 57.09 -7.82
N GLY B 15 3.64 57.14 -8.70
CA GLY B 15 3.37 56.03 -9.59
C GLY B 15 3.55 56.40 -11.05
N LYS B 16 2.70 55.86 -11.90
CA LYS B 16 2.74 56.15 -13.32
C LYS B 16 1.39 55.80 -13.92
N PHE B 17 1.02 56.51 -14.98
CA PHE B 17 -0.25 56.26 -15.66
C PHE B 17 -0.05 55.31 -16.82
N VAL B 18 -0.99 54.39 -16.98
CA VAL B 18 -0.94 53.43 -18.08
C VAL B 18 -2.34 53.36 -18.65
N SER B 19 -2.47 53.66 -19.94
CA SER B 19 -3.75 53.63 -20.61
C SER B 19 -4.03 52.26 -21.19
N LEU B 20 -5.31 51.92 -21.27
CA LEU B 20 -5.68 50.63 -21.84
C LEU B 20 -6.61 50.88 -23.01
N GLU B 21 -6.33 50.21 -24.13
CA GLU B 21 -7.13 50.35 -25.32
C GLU B 21 -8.59 50.11 -24.98
N GLY B 22 -9.42 51.14 -25.13
CA GLY B 22 -10.83 51.01 -24.83
C GLY B 22 -11.32 51.86 -23.68
N PHE B 23 -10.40 52.48 -22.95
CA PHE B 23 -10.78 53.32 -21.82
C PHE B 23 -10.03 54.64 -21.84
N ALA B 24 -10.77 55.72 -21.70
CA ALA B 24 -10.19 57.05 -21.72
C ALA B 24 -9.36 57.33 -20.48
N GLN B 25 -9.92 57.00 -19.31
CA GLN B 25 -9.23 57.23 -18.05
C GLN B 25 -8.03 56.28 -17.86
N PRO B 26 -6.82 56.85 -17.74
CA PRO B 26 -5.63 56.01 -17.56
C PRO B 26 -5.69 55.36 -16.18
N VAL B 27 -5.06 54.20 -16.03
CA VAL B 27 -5.05 53.53 -14.75
C VAL B 27 -3.77 53.90 -14.04
N ALA B 28 -3.87 54.31 -12.77
CA ALA B 28 -2.70 54.67 -11.99
C ALA B 28 -2.12 53.38 -11.41
N ILE B 29 -0.84 53.16 -11.65
CA ILE B 29 -0.16 51.97 -11.18
C ILE B 29 1.01 52.31 -10.25
N PHE B 30 0.98 51.74 -9.04
CA PHE B 30 2.03 51.96 -8.06
C PHE B 30 2.66 50.61 -7.75
N LEU B 31 3.95 50.46 -8.05
CA LEU B 31 4.64 49.20 -7.83
C LEU B 31 5.55 49.16 -6.60
N GLY B 32 5.59 48.00 -5.95
CA GLY B 32 6.43 47.83 -4.78
C GLY B 32 6.28 48.80 -3.62
N ILE B 33 5.07 48.90 -3.06
CA ILE B 33 4.87 49.79 -1.92
C ILE B 33 5.05 48.92 -0.68
N PRO B 34 5.94 49.33 0.23
CA PRO B 34 6.18 48.55 1.45
C PRO B 34 4.99 48.58 2.41
N PHE B 35 4.59 47.42 2.93
CA PHE B 35 3.46 47.38 3.86
C PHE B 35 3.87 46.85 5.21
N ALA B 36 5.13 46.43 5.30
CA ALA B 36 5.71 45.92 6.53
C ALA B 36 7.19 46.27 6.54
N LYS B 37 7.81 46.18 7.70
CA LYS B 37 9.23 46.47 7.81
C LYS B 37 9.92 45.25 7.18
N PRO B 38 11.08 45.44 6.54
CA PRO B 38 11.74 44.27 5.94
C PRO B 38 12.01 43.25 7.04
N PRO B 39 11.51 42.00 6.87
CA PRO B 39 11.71 40.94 7.86
C PRO B 39 13.13 40.37 7.87
N LEU B 40 14.11 41.24 8.14
CA LEU B 40 15.51 40.85 8.16
C LEU B 40 16.06 40.66 9.57
N GLY B 41 17.22 40.02 9.67
CA GLY B 41 17.86 39.80 10.95
C GLY B 41 16.92 39.24 12.01
N PRO B 42 16.91 39.83 13.21
CA PRO B 42 16.04 39.35 14.28
C PRO B 42 14.56 39.24 13.92
N LEU B 43 14.13 39.87 12.84
CA LEU B 43 12.73 39.81 12.44
C LEU B 43 12.36 38.53 11.66
N ARG B 44 13.36 37.73 11.30
CA ARG B 44 13.09 36.48 10.60
C ARG B 44 12.36 35.51 11.55
N PHE B 45 11.23 34.97 11.10
CA PHE B 45 10.42 34.04 11.88
C PHE B 45 9.64 34.76 12.98
N THR B 46 9.23 35.99 12.73
CA THR B 46 8.44 36.73 13.71
C THR B 46 7.32 37.44 12.96
N PRO B 47 6.32 37.93 13.69
CA PRO B 47 5.22 38.63 13.02
C PRO B 47 5.72 39.86 12.27
N PRO B 48 5.01 40.27 11.21
CA PRO B 48 5.44 41.43 10.45
C PRO B 48 5.26 42.71 11.28
N GLN B 49 6.15 43.67 11.08
CA GLN B 49 6.06 44.92 11.81
C GLN B 49 5.72 46.07 10.87
N PRO B 50 5.19 47.17 11.42
CA PRO B 50 4.83 48.31 10.57
C PRO B 50 6.06 48.85 9.85
N ALA B 51 5.85 49.35 8.64
CA ALA B 51 6.93 49.90 7.86
C ALA B 51 7.36 51.26 8.43
N GLU B 52 8.65 51.55 8.34
CA GLU B 52 9.19 52.81 8.84
C GLU B 52 8.74 53.90 7.88
N PRO B 53 8.21 55.01 8.40
CA PRO B 53 7.76 56.11 7.53
C PRO B 53 8.93 56.74 6.78
N TRP B 54 8.63 57.34 5.63
CA TRP B 54 9.67 57.97 4.80
C TRP B 54 9.43 59.45 4.53
N SER B 55 10.50 60.17 4.25
CA SER B 55 10.44 61.59 3.95
C SER B 55 10.39 61.72 2.44
N PHE B 56 10.00 62.90 1.97
CA PHE B 56 9.98 63.15 0.53
C PHE B 56 9.04 62.20 -0.23
N VAL B 57 9.33 61.99 -1.51
CA VAL B 57 8.48 61.13 -2.33
C VAL B 57 9.09 59.78 -2.69
N LYS B 58 8.42 58.70 -2.30
CA LYS B 58 8.90 57.36 -2.63
C LYS B 58 8.49 57.04 -4.06
N ASN B 59 9.47 56.65 -4.85
CA ASN B 59 9.26 56.35 -6.25
C ASN B 59 8.80 54.89 -6.40
N ALA B 60 7.50 54.66 -6.40
CA ALA B 60 6.97 53.30 -6.53
C ALA B 60 6.75 52.91 -8.00
N THR B 61 7.82 52.87 -8.78
CA THR B 61 7.69 52.55 -10.19
C THR B 61 8.48 51.38 -10.75
N SER B 62 9.00 50.52 -9.88
CA SER B 62 9.72 49.35 -10.36
C SER B 62 9.26 48.12 -9.58
N TYR B 63 9.17 46.99 -10.26
CA TYR B 63 8.71 45.76 -9.63
C TYR B 63 9.59 45.39 -8.46
N PRO B 64 8.96 45.00 -7.35
CA PRO B 64 9.69 44.60 -6.14
C PRO B 64 10.18 43.17 -6.29
N PRO B 65 11.19 42.78 -5.52
CA PRO B 65 11.73 41.42 -5.57
C PRO B 65 10.67 40.43 -5.14
N MET B 66 10.81 39.16 -5.52
CA MET B 66 9.87 38.16 -5.07
C MET B 66 10.54 37.50 -3.89
N CYS B 67 9.77 37.07 -2.89
CA CYS B 67 10.39 36.45 -1.71
C CYS B 67 11.31 35.31 -2.11
N THR B 68 12.38 35.14 -1.34
CA THR B 68 13.35 34.08 -1.62
C THR B 68 12.64 32.77 -1.88
N GLN B 69 13.05 32.08 -2.94
CA GLN B 69 12.44 30.82 -3.34
C GLN B 69 13.31 30.16 -4.40
N ASP B 70 12.90 28.96 -4.81
CA ASP B 70 13.58 28.22 -5.87
C ASP B 70 13.39 29.12 -7.08
N PRO B 71 14.46 29.77 -7.56
CA PRO B 71 14.34 30.67 -8.72
C PRO B 71 13.94 30.00 -10.03
N LYS B 72 14.30 28.73 -10.21
CA LYS B 72 13.94 28.03 -11.43
C LYS B 72 12.46 27.66 -11.43
N ALA B 73 11.96 27.22 -10.28
CA ALA B 73 10.55 26.86 -10.16
C ALA B 73 9.67 28.09 -10.15
N GLY B 74 10.15 29.15 -9.51
CA GLY B 74 9.39 30.39 -9.43
C GLY B 74 9.23 31.09 -10.76
N GLN B 75 10.27 31.05 -11.59
CA GLN B 75 10.17 31.69 -12.89
C GLN B 75 9.24 30.87 -13.78
N LEU B 76 9.31 29.56 -13.63
CA LEU B 76 8.47 28.67 -14.42
C LEU B 76 7.00 28.91 -14.12
N LEU B 77 6.66 28.93 -12.84
CA LEU B 77 5.28 29.14 -12.44
C LEU B 77 4.84 30.54 -12.84
N SER B 78 5.75 31.51 -12.75
CA SER B 78 5.40 32.88 -13.11
C SER B 78 5.02 32.94 -14.58
N GLU B 79 5.80 32.26 -15.42
CA GLU B 79 5.54 32.23 -16.87
C GLU B 79 4.24 31.56 -17.23
N LEU B 80 3.97 30.42 -16.60
CA LEU B 80 2.76 29.67 -16.86
C LEU B 80 1.49 30.39 -16.41
N PHE B 81 1.63 31.23 -15.38
CA PHE B 81 0.47 31.96 -14.84
C PHE B 81 0.34 33.45 -15.18
N THR B 82 1.39 34.07 -15.70
CA THR B 82 1.28 35.49 -16.01
C THR B 82 0.22 35.80 -17.06
N ASN B 83 -0.41 36.96 -16.92
CA ASN B 83 -1.45 37.37 -17.87
C ASN B 83 -0.94 38.44 -18.82
N ARG B 84 0.28 38.93 -18.60
CA ARG B 84 0.83 39.95 -19.47
C ARG B 84 1.50 39.23 -20.66
N LYS B 85 1.81 39.97 -21.72
CA LYS B 85 2.44 39.37 -22.89
C LYS B 85 3.82 38.79 -22.60
N GLU B 86 4.73 39.64 -22.12
CA GLU B 86 6.08 39.21 -21.80
C GLU B 86 6.19 39.02 -20.29
N ASN B 87 6.68 37.86 -19.87
CA ASN B 87 6.85 37.60 -18.44
C ASN B 87 8.01 38.48 -17.97
N ILE B 88 7.86 39.05 -16.77
CA ILE B 88 8.86 39.92 -16.19
C ILE B 88 9.75 39.16 -15.21
N PRO B 89 11.04 39.04 -15.53
CA PRO B 89 11.99 38.33 -14.65
C PRO B 89 12.14 39.06 -13.32
N LEU B 90 12.22 38.31 -12.24
CA LEU B 90 12.33 38.91 -10.93
C LEU B 90 13.59 38.55 -10.16
N LYS B 91 13.95 39.43 -9.24
CA LYS B 91 15.12 39.25 -8.39
C LYS B 91 14.63 38.65 -7.07
N LEU B 92 15.50 37.93 -6.36
CA LEU B 92 15.13 37.30 -5.09
C LEU B 92 15.59 38.12 -3.89
N SER B 93 14.81 38.08 -2.81
CA SER B 93 15.17 38.81 -1.60
C SER B 93 14.27 38.49 -0.43
N GLU B 94 14.77 38.71 0.78
CA GLU B 94 13.98 38.47 1.99
C GLU B 94 13.19 39.75 2.22
N ASP B 95 13.63 40.81 1.56
CA ASP B 95 13.00 42.11 1.61
C ASP B 95 12.01 42.04 0.47
N CYS B 96 10.86 41.43 0.74
CA CYS B 96 9.83 41.23 -0.27
C CYS B 96 8.40 41.58 0.14
N LEU B 97 8.21 42.08 1.36
CA LEU B 97 6.86 42.42 1.80
C LEU B 97 6.31 43.68 1.13
N TYR B 98 5.93 43.53 -0.14
CA TYR B 98 5.40 44.63 -0.94
C TYR B 98 4.07 44.30 -1.59
N LEU B 99 3.39 45.33 -2.06
CA LEU B 99 2.13 45.12 -2.77
C LEU B 99 2.07 46.09 -3.95
N ASN B 100 1.34 45.70 -4.98
CA ASN B 100 1.19 46.54 -6.16
C ASN B 100 -0.28 46.96 -6.26
N ILE B 101 -0.49 48.22 -6.63
CA ILE B 101 -1.84 48.77 -6.75
C ILE B 101 -2.18 49.26 -8.14
N TYR B 102 -3.39 48.91 -8.59
CA TYR B 102 -3.90 49.34 -9.88
C TYR B 102 -5.23 50.00 -9.63
N THR B 103 -5.26 51.33 -9.74
CA THR B 103 -6.47 52.06 -9.49
C THR B 103 -6.90 52.80 -10.75
N PRO B 104 -8.15 52.58 -11.18
CA PRO B 104 -8.71 53.23 -12.38
C PRO B 104 -9.43 54.51 -11.98
N ALA B 105 -9.34 54.85 -10.70
CA ALA B 105 -10.01 56.04 -10.17
C ALA B 105 -9.26 57.30 -10.55
N ASP B 106 -9.99 58.41 -10.60
CA ASP B 106 -9.41 59.70 -10.91
C ASP B 106 -9.07 60.29 -9.56
N LEU B 107 -7.81 60.13 -9.19
CA LEU B 107 -7.29 60.58 -7.91
C LEU B 107 -7.49 62.07 -7.62
N THR B 108 -7.95 62.83 -8.61
CA THR B 108 -8.18 64.25 -8.40
C THR B 108 -9.51 64.41 -7.66
N LYS B 109 -10.47 63.55 -7.97
CA LYS B 109 -11.77 63.58 -7.30
C LYS B 109 -11.67 62.61 -6.13
N LYS B 110 -12.82 62.23 -5.59
CA LYS B 110 -12.85 61.29 -4.48
C LYS B 110 -13.66 60.08 -4.92
N ASN B 111 -13.01 58.91 -4.86
CA ASN B 111 -13.67 57.68 -5.25
C ASN B 111 -13.66 56.69 -4.10
N ARG B 112 -14.68 55.84 -4.09
CA ARG B 112 -14.83 54.82 -3.05
C ARG B 112 -15.14 53.52 -3.80
N LEU B 113 -14.20 53.13 -4.65
CA LEU B 113 -14.36 51.93 -5.46
C LEU B 113 -14.11 50.64 -4.70
N PRO B 114 -14.82 49.57 -5.07
CA PRO B 114 -14.61 48.30 -4.39
C PRO B 114 -13.15 47.86 -4.59
N VAL B 115 -12.58 47.19 -3.59
CA VAL B 115 -11.19 46.76 -3.68
C VAL B 115 -11.04 45.25 -3.73
N MET B 116 -10.17 44.79 -4.63
CA MET B 116 -9.90 43.37 -4.76
C MET B 116 -8.42 43.12 -4.51
N VAL B 117 -8.15 42.38 -3.43
CA VAL B 117 -6.79 42.06 -3.01
C VAL B 117 -6.47 40.64 -3.43
N TRP B 118 -5.50 40.49 -4.32
CA TRP B 118 -5.11 39.19 -4.83
C TRP B 118 -3.95 38.53 -4.07
N ILE B 119 -4.12 37.26 -3.78
CA ILE B 119 -3.11 36.48 -3.06
C ILE B 119 -2.66 35.34 -3.99
N HIS B 120 -1.48 35.48 -4.58
CA HIS B 120 -0.96 34.48 -5.50
C HIS B 120 -0.76 33.10 -4.88
N GLY B 121 -0.56 32.12 -5.76
CA GLY B 121 -0.32 30.76 -5.33
C GLY B 121 1.11 30.35 -5.62
N GLY B 122 1.43 29.08 -5.37
CA GLY B 122 2.77 28.60 -5.60
C GLY B 122 3.11 27.66 -4.46
N GLY B 123 2.08 26.97 -3.97
CA GLY B 123 2.23 26.02 -2.89
C GLY B 123 2.86 26.58 -1.63
N LEU B 124 2.86 27.91 -1.51
CA LEU B 124 3.45 28.58 -0.36
C LEU B 124 4.98 28.44 -0.39
N MET B 125 5.51 28.02 -1.54
CA MET B 125 6.95 27.84 -1.72
C MET B 125 7.53 28.78 -2.78
N VAL B 126 6.71 29.16 -3.76
CA VAL B 126 7.15 30.05 -4.82
C VAL B 126 6.02 30.99 -5.22
N GLY B 127 6.33 31.98 -6.05
CA GLY B 127 5.30 32.91 -6.47
C GLY B 127 5.71 34.36 -6.33
N ALA B 128 4.93 35.25 -6.91
CA ALA B 128 5.19 36.68 -6.84
C ALA B 128 3.90 37.43 -7.20
N ALA B 129 3.80 38.69 -6.78
CA ALA B 129 2.61 39.47 -7.09
C ALA B 129 2.74 40.08 -8.48
N SER B 130 3.98 40.41 -8.85
CA SER B 130 4.27 41.02 -10.13
C SER B 130 3.80 40.19 -11.32
N THR B 131 3.68 38.88 -11.12
CA THR B 131 3.22 37.97 -12.17
C THR B 131 1.85 38.43 -12.70
N TYR B 132 1.02 38.93 -11.79
CA TYR B 132 -0.33 39.37 -12.12
C TYR B 132 -0.49 40.88 -12.37
N ASP B 133 -0.93 41.23 -13.56
CA ASP B 133 -1.12 42.62 -13.93
C ASP B 133 -2.60 42.93 -13.74
N GLY B 134 -2.91 43.87 -12.85
CA GLY B 134 -4.30 44.22 -12.58
C GLY B 134 -4.83 45.32 -13.47
N LEU B 135 -4.14 45.57 -14.58
CA LEU B 135 -4.51 46.61 -15.53
C LEU B 135 -5.88 46.37 -16.17
N ALA B 136 -6.05 45.20 -16.78
CA ALA B 136 -7.30 44.83 -17.45
C ALA B 136 -8.49 44.83 -16.50
N LEU B 137 -8.39 44.04 -15.44
CA LEU B 137 -9.47 43.93 -14.48
C LEU B 137 -9.91 45.28 -13.95
N ALA B 138 -8.95 46.05 -13.44
CA ALA B 138 -9.24 47.37 -12.89
C ALA B 138 -9.97 48.29 -13.86
N ALA B 139 -9.43 48.41 -15.08
CA ALA B 139 -10.02 49.27 -16.09
C ALA B 139 -11.37 48.75 -16.57
N HIS B 140 -11.43 47.47 -16.92
CA HIS B 140 -12.67 46.89 -17.41
C HIS B 140 -13.82 46.89 -16.41
N GLU B 141 -13.54 46.50 -15.16
CA GLU B 141 -14.61 46.46 -14.17
C GLU B 141 -14.63 47.59 -13.16
N ASN B 142 -13.75 48.56 -13.38
CA ASN B 142 -13.66 49.72 -12.49
C ASN B 142 -13.53 49.39 -10.99
N VAL B 143 -12.53 48.59 -10.66
CA VAL B 143 -12.27 48.22 -9.26
C VAL B 143 -10.79 48.50 -9.03
N VAL B 144 -10.41 48.63 -7.76
CA VAL B 144 -9.00 48.85 -7.43
C VAL B 144 -8.41 47.46 -7.22
N VAL B 145 -7.37 47.11 -7.97
CA VAL B 145 -6.77 45.80 -7.83
C VAL B 145 -5.46 45.90 -7.05
N VAL B 146 -5.34 45.06 -6.02
CA VAL B 146 -4.14 45.05 -5.19
C VAL B 146 -3.51 43.65 -5.10
N THR B 147 -2.31 43.50 -5.65
CA THR B 147 -1.61 42.22 -5.57
C THR B 147 -0.61 42.34 -4.44
N ILE B 148 -0.58 41.33 -3.57
CA ILE B 148 0.32 41.36 -2.42
C ILE B 148 1.31 40.22 -2.44
N GLN B 149 2.29 40.30 -1.54
CA GLN B 149 3.30 39.25 -1.42
C GLN B 149 3.43 38.89 0.05
N TYR B 150 3.90 37.68 0.30
CA TYR B 150 4.05 37.21 1.66
C TYR B 150 5.21 36.22 1.71
N ARG B 151 5.89 36.16 2.85
CA ARG B 151 7.03 35.26 3.00
C ARG B 151 6.68 33.82 2.58
N LEU B 152 7.64 33.14 1.97
CA LEU B 152 7.44 31.77 1.49
C LEU B 152 8.44 30.78 2.08
N GLY B 153 8.15 29.50 1.88
CA GLY B 153 8.99 28.43 2.37
C GLY B 153 9.40 28.54 3.81
N ILE B 154 10.69 28.30 4.07
CA ILE B 154 11.26 28.37 5.40
C ILE B 154 11.00 29.74 6.06
N TRP B 155 11.22 30.81 5.29
CA TRP B 155 11.01 32.16 5.79
C TRP B 155 9.59 32.48 6.23
N GLY B 156 8.61 31.92 5.53
CA GLY B 156 7.23 32.22 5.86
C GLY B 156 6.46 31.15 6.58
N PHE B 157 7.02 29.95 6.70
CA PHE B 157 6.27 28.89 7.38
C PHE B 157 7.03 27.97 8.33
N PHE B 158 8.28 28.30 8.63
CA PHE B 158 9.07 27.49 9.55
C PHE B 158 8.39 27.46 10.91
N SER B 159 8.17 26.27 11.45
CA SER B 159 7.50 26.15 12.74
C SER B 159 8.05 25.06 13.66
N THR B 160 8.37 25.44 14.90
CA THR B 160 8.88 24.47 15.88
C THR B 160 7.70 23.89 16.63
N GLY B 161 6.51 24.37 16.29
CA GLY B 161 5.30 23.89 16.94
C GLY B 161 5.09 24.43 18.34
N ASP B 162 5.76 25.51 18.70
CA ASP B 162 5.63 26.10 20.03
C ASP B 162 5.93 27.61 19.99
N GLU B 163 5.94 28.24 21.16
CA GLU B 163 6.17 29.68 21.25
C GLU B 163 7.44 30.28 20.62
N HIS B 164 8.51 29.51 20.52
CA HIS B 164 9.75 30.03 19.95
C HIS B 164 9.67 30.30 18.45
N SER B 165 8.72 29.67 17.76
CA SER B 165 8.50 29.89 16.33
C SER B 165 7.21 29.22 15.92
N ARG B 166 6.08 29.81 16.32
CA ARG B 166 4.76 29.27 16.02
C ARG B 166 4.54 28.95 14.54
N GLY B 167 4.97 29.87 13.66
CA GLY B 167 4.79 29.67 12.24
C GLY B 167 3.70 30.55 11.63
N ASN B 168 3.34 30.25 10.38
CA ASN B 168 2.32 30.98 9.63
C ASN B 168 2.68 32.45 9.40
N TRP B 169 3.98 32.75 9.37
CA TRP B 169 4.44 34.12 9.15
C TRP B 169 3.88 34.63 7.82
N GLY B 170 3.86 33.77 6.82
CA GLY B 170 3.36 34.14 5.52
C GLY B 170 1.89 34.54 5.59
N HIS B 171 1.12 33.89 6.46
CA HIS B 171 -0.30 34.22 6.60
C HIS B 171 -0.44 35.51 7.41
N LEU B 172 0.46 35.73 8.34
CA LEU B 172 0.42 36.95 9.14
C LEU B 172 0.77 38.13 8.23
N ASP B 173 1.56 37.86 7.19
CA ASP B 173 1.94 38.90 6.23
C ASP B 173 0.70 39.31 5.45
N GLN B 174 -0.07 38.31 5.02
CA GLN B 174 -1.29 38.55 4.27
C GLN B 174 -2.22 39.44 5.09
N VAL B 175 -2.30 39.17 6.40
CA VAL B 175 -3.14 39.97 7.30
C VAL B 175 -2.59 41.39 7.46
N ALA B 176 -1.28 41.54 7.45
CA ALA B 176 -0.68 42.87 7.60
C ALA B 176 -0.97 43.70 6.36
N ALA B 177 -1.01 43.05 5.20
CA ALA B 177 -1.27 43.72 3.94
C ALA B 177 -2.74 44.16 3.92
N LEU B 178 -3.60 43.41 4.57
CA LEU B 178 -5.01 43.75 4.62
C LEU B 178 -5.24 44.95 5.55
N ARG B 179 -4.44 45.04 6.63
CA ARG B 179 -4.59 46.18 7.53
C ARG B 179 -4.10 47.43 6.80
N TRP B 180 -3.03 47.28 6.03
CA TRP B 180 -2.48 48.38 5.26
C TRP B 180 -3.58 48.95 4.38
N VAL B 181 -4.30 48.03 3.73
CA VAL B 181 -5.38 48.38 2.84
C VAL B 181 -6.43 49.18 3.59
N GLN B 182 -6.81 48.70 4.78
CA GLN B 182 -7.80 49.39 5.58
C GLN B 182 -7.36 50.81 5.95
N ASP B 183 -6.06 50.99 6.18
CA ASP B 183 -5.52 52.28 6.56
C ASP B 183 -5.12 53.20 5.41
N ASN B 184 -4.86 52.65 4.23
CA ASN B 184 -4.40 53.47 3.12
C ASN B 184 -5.17 53.49 1.81
N ILE B 185 -5.91 52.41 1.55
CA ILE B 185 -6.60 52.30 0.27
C ILE B 185 -7.47 53.46 -0.16
N ALA B 186 -8.10 54.16 0.79
CA ALA B 186 -8.97 55.28 0.43
C ALA B 186 -8.22 56.32 -0.37
N SER B 187 -6.93 56.47 -0.07
CA SER B 187 -6.10 57.45 -0.76
C SER B 187 -5.90 57.07 -2.22
N PHE B 188 -6.17 55.81 -2.55
CA PHE B 188 -6.02 55.34 -3.92
C PHE B 188 -7.37 55.22 -4.65
N GLY B 189 -8.42 55.79 -4.07
CA GLY B 189 -9.72 55.71 -4.70
C GLY B 189 -10.50 54.45 -4.39
N GLY B 190 -10.04 53.69 -3.40
CA GLY B 190 -10.74 52.47 -3.04
C GLY B 190 -11.57 52.64 -1.78
N ASN B 191 -12.52 51.73 -1.58
CA ASN B 191 -13.38 51.77 -0.40
C ASN B 191 -12.95 50.69 0.59
N PRO B 192 -12.31 51.11 1.70
CA PRO B 192 -11.87 50.12 2.69
C PRO B 192 -13.03 49.33 3.27
N GLY B 193 -14.25 49.83 3.02
CA GLY B 193 -15.43 49.16 3.51
C GLY B 193 -15.90 48.03 2.60
N SER B 194 -15.27 47.87 1.46
CA SER B 194 -15.65 46.79 0.54
C SER B 194 -14.40 46.17 -0.08
N VAL B 195 -13.73 45.34 0.70
CA VAL B 195 -12.52 44.66 0.27
C VAL B 195 -12.81 43.19 0.05
N THR B 196 -12.45 42.71 -1.14
CA THR B 196 -12.66 41.31 -1.48
C THR B 196 -11.30 40.64 -1.60
N ILE B 197 -11.09 39.56 -0.86
CA ILE B 197 -9.83 38.85 -0.97
C ILE B 197 -10.06 37.65 -1.89
N PHE B 198 -9.18 37.47 -2.85
CA PHE B 198 -9.30 36.32 -3.74
C PHE B 198 -7.91 35.79 -4.09
N GLY B 199 -7.85 34.51 -4.43
CA GLY B 199 -6.57 33.91 -4.77
C GLY B 199 -6.80 32.51 -5.31
N GLU B 200 -5.77 31.89 -5.87
CA GLU B 200 -5.92 30.54 -6.39
C GLU B 200 -4.82 29.61 -5.87
N SER B 201 -5.20 28.35 -5.66
CA SER B 201 -4.29 27.33 -5.13
C SER B 201 -3.89 27.70 -3.70
N ALA B 202 -2.59 27.82 -3.44
CA ALA B 202 -2.16 28.18 -2.08
C ALA B 202 -2.81 29.52 -1.74
N GLY B 203 -3.06 30.32 -2.77
CA GLY B 203 -3.72 31.61 -2.56
C GLY B 203 -5.16 31.34 -2.21
N GLY B 204 -5.72 30.29 -2.79
CA GLY B 204 -7.10 29.92 -2.52
C GLY B 204 -7.20 29.42 -1.10
N GLU B 205 -6.21 28.64 -0.68
CA GLU B 205 -6.19 28.09 0.67
C GLU B 205 -5.95 29.19 1.69
N SER B 206 -5.20 30.22 1.32
CA SER B 206 -4.93 31.34 2.23
C SER B 206 -6.23 32.06 2.51
N VAL B 207 -6.97 32.36 1.44
CA VAL B 207 -8.25 33.04 1.58
C VAL B 207 -9.15 32.21 2.49
N SER B 208 -9.18 30.90 2.27
CA SER B 208 -10.01 30.01 3.06
C SER B 208 -9.60 30.11 4.53
N VAL B 209 -8.30 30.07 4.77
CA VAL B 209 -7.76 30.18 6.12
C VAL B 209 -8.17 31.50 6.75
N LEU B 210 -8.04 32.59 6.00
CA LEU B 210 -8.40 33.91 6.53
C LEU B 210 -9.88 34.00 6.86
N VAL B 211 -10.71 33.25 6.13
CA VAL B 211 -12.13 33.26 6.40
C VAL B 211 -12.40 32.61 7.76
N LEU B 212 -11.52 31.70 8.15
CA LEU B 212 -11.64 31.00 9.43
C LEU B 212 -10.90 31.68 10.59
N SER B 213 -9.99 32.59 10.28
CA SER B 213 -9.21 33.24 11.31
C SER B 213 -9.74 34.52 11.94
N PRO B 214 -9.72 34.60 13.28
CA PRO B 214 -10.19 35.77 14.03
C PRO B 214 -9.22 36.94 13.92
N LEU B 215 -7.98 36.67 13.48
CA LEU B 215 -6.99 37.72 13.31
C LEU B 215 -7.36 38.59 12.12
N ALA B 216 -8.11 38.02 11.19
CA ALA B 216 -8.49 38.73 10.00
C ALA B 216 -9.92 39.23 9.94
N LYS B 217 -10.71 38.98 10.97
CA LYS B 217 -12.09 39.43 10.90
C LYS B 217 -12.22 40.93 10.82
N ASN B 218 -12.95 41.39 9.80
CA ASN B 218 -13.17 42.81 9.55
C ASN B 218 -12.11 43.49 8.73
N LEU B 219 -11.29 42.68 8.05
CA LEU B 219 -10.28 43.22 7.17
C LEU B 219 -10.71 43.03 5.73
N PHE B 220 -11.74 42.20 5.54
CA PHE B 220 -12.30 41.94 4.23
C PHE B 220 -13.81 41.72 4.35
N HIS B 221 -14.52 41.87 3.23
CA HIS B 221 -15.96 41.73 3.23
C HIS B 221 -16.50 40.66 2.28
N ARG B 222 -15.64 40.12 1.44
CA ARG B 222 -16.02 39.11 0.48
C ARG B 222 -14.81 38.26 0.17
N ALA B 223 -15.02 36.97 -0.07
CA ALA B 223 -13.91 36.06 -0.35
C ALA B 223 -14.14 35.17 -1.56
N ILE B 224 -13.05 34.82 -2.23
CA ILE B 224 -13.11 33.96 -3.40
C ILE B 224 -11.91 33.02 -3.38
N SER B 225 -12.17 31.72 -3.26
CA SER B 225 -11.10 30.74 -3.29
C SER B 225 -11.17 29.98 -4.62
N GLU B 226 -10.11 30.11 -5.42
CA GLU B 226 -10.03 29.46 -6.71
C GLU B 226 -9.10 28.25 -6.64
N SER B 227 -9.67 27.05 -6.71
CA SER B 227 -8.88 25.83 -6.68
C SER B 227 -7.93 25.74 -5.47
N GLY B 228 -8.49 25.85 -4.28
CA GLY B 228 -7.69 25.77 -3.08
C GLY B 228 -8.48 26.21 -1.86
N VAL B 229 -8.52 25.35 -0.84
CA VAL B 229 -9.24 25.67 0.38
C VAL B 229 -8.51 25.09 1.58
N ALA B 230 -8.96 25.47 2.78
CA ALA B 230 -8.36 25.01 4.03
C ALA B 230 -8.36 23.50 4.18
N LEU B 231 -9.27 22.82 3.48
CA LEU B 231 -9.34 21.36 3.54
C LEU B 231 -8.45 20.69 2.50
N THR B 232 -7.66 21.49 1.79
CA THR B 232 -6.74 20.94 0.80
C THR B 232 -5.52 20.47 1.60
N SER B 233 -5.65 19.27 2.17
CA SER B 233 -4.63 18.66 3.01
C SER B 233 -3.16 18.99 2.80
N VAL B 234 -2.69 18.94 1.56
CA VAL B 234 -1.27 19.18 1.30
C VAL B 234 -0.73 20.52 1.80
N LEU B 235 -1.60 21.49 2.01
CA LEU B 235 -1.16 22.80 2.48
C LEU B 235 -1.29 23.02 3.98
N VAL B 236 -1.98 22.12 4.67
CA VAL B 236 -2.15 22.25 6.11
C VAL B 236 -1.54 21.07 6.87
N LYS B 237 -0.58 21.39 7.72
CA LYS B 237 0.12 20.39 8.51
C LYS B 237 -0.59 20.11 9.83
N LYS B 238 -0.99 18.86 10.03
CA LYS B 238 -1.66 18.48 11.26
C LYS B 238 -0.75 17.51 12.02
N GLY B 239 -0.71 17.63 13.33
CA GLY B 239 0.13 16.74 14.10
C GLY B 239 1.47 17.33 14.44
N ASP B 240 2.37 16.49 14.95
CA ASP B 240 3.71 16.92 15.34
C ASP B 240 4.49 17.49 14.17
N VAL B 241 4.72 18.80 14.20
CA VAL B 241 5.47 19.47 13.14
C VAL B 241 6.95 19.53 13.49
N LYS B 242 7.26 19.22 14.73
CA LYS B 242 8.63 19.26 15.22
C LYS B 242 9.61 18.51 14.31
N PRO B 243 9.22 17.31 13.82
CA PRO B 243 10.09 16.54 12.94
C PRO B 243 10.56 17.30 11.70
N LEU B 244 9.63 17.99 11.05
CA LEU B 244 10.00 18.77 9.87
C LEU B 244 11.02 19.83 10.28
N ALA B 245 10.75 20.51 11.38
CA ALA B 245 11.62 21.56 11.88
C ALA B 245 13.06 21.07 12.10
N GLU B 246 13.19 19.93 12.79
CA GLU B 246 14.49 19.35 13.06
C GLU B 246 15.20 18.95 11.78
N GLN B 247 14.42 18.42 10.84
CA GLN B 247 14.95 17.99 9.57
C GLN B 247 15.51 19.17 8.78
N ILE B 248 14.84 20.31 8.86
CA ILE B 248 15.30 21.50 8.16
C ILE B 248 16.54 22.03 8.86
N ALA B 249 16.51 22.09 10.19
CA ALA B 249 17.64 22.57 10.97
C ALA B 249 18.89 21.77 10.64
N ILE B 250 18.79 20.44 10.72
CA ILE B 250 19.95 19.60 10.43
C ILE B 250 20.46 19.83 9.01
N THR B 251 19.55 19.91 8.05
CA THR B 251 19.95 20.14 6.67
C THR B 251 20.69 21.46 6.53
N ALA B 252 20.42 22.40 7.45
CA ALA B 252 21.07 23.70 7.41
C ALA B 252 22.32 23.73 8.29
N GLY B 253 22.57 22.64 9.01
CA GLY B 253 23.73 22.57 9.88
C GLY B 253 23.48 23.28 11.20
N CYS B 254 22.39 22.91 11.87
CA CYS B 254 22.03 23.51 13.13
C CYS B 254 21.77 22.44 14.19
N LYS B 255 22.20 22.71 15.42
CA LYS B 255 21.97 21.75 16.50
C LYS B 255 20.46 21.72 16.73
N THR B 256 19.95 20.65 17.33
CA THR B 256 18.52 20.57 17.58
C THR B 256 18.24 20.48 19.08
N THR B 257 19.26 20.80 19.87
CA THR B 257 19.15 20.77 21.33
C THR B 257 17.78 21.18 21.83
N THR B 258 17.31 22.34 21.40
CA THR B 258 16.00 22.83 21.82
C THR B 258 15.39 23.71 20.74
N SER B 259 14.10 24.00 20.88
CA SER B 259 13.40 24.83 19.92
C SER B 259 14.07 26.20 19.78
N ALA B 260 14.34 26.85 20.91
CA ALA B 260 14.95 28.16 20.90
C ALA B 260 16.30 28.12 20.20
N VAL B 261 17.12 27.12 20.52
CA VAL B 261 18.44 27.01 19.92
C VAL B 261 18.33 26.83 18.39
N MET B 262 17.36 26.04 17.92
CA MET B 262 17.18 25.85 16.49
C MET B 262 16.87 27.15 15.78
N VAL B 263 15.82 27.83 16.24
CA VAL B 263 15.40 29.09 15.65
C VAL B 263 16.52 30.12 15.70
N HIS B 264 17.28 30.12 16.79
CA HIS B 264 18.38 31.07 16.92
C HIS B 264 19.41 30.82 15.84
N CYS B 265 19.77 29.56 15.65
CA CYS B 265 20.75 29.18 14.65
C CYS B 265 20.29 29.57 13.25
N LEU B 266 19.05 29.21 12.92
CA LEU B 266 18.49 29.54 11.62
C LEU B 266 18.47 31.06 11.40
N ARG B 267 18.25 31.83 12.46
CA ARG B 267 18.24 33.29 12.34
C ARG B 267 19.62 33.86 11.99
N GLN B 268 20.66 33.03 12.10
CA GLN B 268 22.00 33.51 11.79
C GLN B 268 22.48 33.04 10.42
N LYS B 269 21.63 32.30 9.73
CA LYS B 269 21.98 31.82 8.39
C LYS B 269 21.71 32.91 7.37
N THR B 270 22.57 33.00 6.37
CA THR B 270 22.39 33.97 5.31
C THR B 270 21.24 33.49 4.43
N GLU B 271 20.72 34.38 3.59
CA GLU B 271 19.63 34.03 2.69
C GLU B 271 20.11 32.91 1.76
N GLU B 272 21.36 33.01 1.32
CA GLU B 272 21.96 32.02 0.43
C GLU B 272 21.93 30.63 1.09
N GLU B 273 22.33 30.59 2.35
CA GLU B 273 22.37 29.33 3.07
C GLU B 273 20.98 28.69 3.21
N LEU B 274 19.98 29.50 3.55
CA LEU B 274 18.63 28.99 3.71
C LEU B 274 18.05 28.55 2.37
N LEU B 275 18.42 29.26 1.31
CA LEU B 275 17.95 28.91 -0.02
C LEU B 275 18.54 27.54 -0.42
N GLU B 276 19.82 27.34 -0.14
CA GLU B 276 20.45 26.07 -0.46
C GLU B 276 19.75 24.94 0.29
N THR B 277 19.41 25.21 1.54
CA THR B 277 18.72 24.21 2.35
C THR B 277 17.40 23.89 1.66
N THR B 278 16.72 24.94 1.20
CA THR B 278 15.45 24.79 0.51
C THR B 278 15.58 23.83 -0.67
N LEU B 279 16.58 24.10 -1.51
CA LEU B 279 16.85 23.26 -2.68
C LEU B 279 17.18 21.81 -2.33
N LYS B 280 17.96 21.58 -1.27
CA LYS B 280 18.29 20.21 -0.89
C LYS B 280 17.05 19.49 -0.45
N MET B 281 16.15 20.21 0.23
CA MET B 281 14.92 19.62 0.72
C MET B 281 14.01 19.14 -0.40
N LYS B 282 14.32 19.57 -1.63
CA LYS B 282 13.54 19.21 -2.82
C LYS B 282 12.02 19.28 -2.62
N PHE B 283 11.51 20.48 -2.38
CA PHE B 283 10.07 20.67 -2.19
C PHE B 283 9.32 20.74 -3.52
N LEU B 284 7.99 20.64 -3.44
CA LEU B 284 7.14 20.68 -4.62
C LEU B 284 7.59 19.65 -5.65
N SER B 285 8.07 18.50 -5.17
CA SER B 285 8.54 17.45 -6.06
C SER B 285 8.14 16.10 -5.49
N LEU B 286 7.66 15.21 -6.34
CA LEU B 286 7.23 13.88 -5.91
C LEU B 286 8.43 13.01 -5.54
N ASP B 287 8.41 12.49 -4.31
CA ASP B 287 9.48 11.63 -3.82
C ASP B 287 9.18 10.18 -4.15
N LEU B 288 9.91 9.62 -5.10
CA LEU B 288 9.72 8.23 -5.53
C LEU B 288 10.22 7.24 -4.48
N GLN B 289 11.41 7.49 -3.96
CA GLN B 289 12.00 6.61 -2.95
C GLN B 289 11.77 7.12 -1.53
N GLY B 290 11.55 6.19 -0.61
CA GLY B 290 11.33 6.57 0.77
C GLY B 290 9.90 6.29 1.17
N ASP B 291 9.60 6.43 2.46
CA ASP B 291 8.25 6.20 2.95
C ASP B 291 7.39 7.43 2.65
N PRO B 292 6.37 7.25 1.81
CA PRO B 292 5.49 8.37 1.46
C PRO B 292 4.97 9.11 2.69
N ARG B 293 4.68 8.37 3.75
CA ARG B 293 4.18 8.95 4.98
C ARG B 293 5.22 9.83 5.66
N GLU B 294 6.39 9.93 5.06
CA GLU B 294 7.46 10.74 5.63
C GLU B 294 7.88 11.89 4.73
N SER B 295 7.65 11.74 3.42
CA SER B 295 8.02 12.78 2.48
C SER B 295 7.23 14.06 2.79
N GLN B 296 7.88 15.20 2.70
CA GLN B 296 7.24 16.48 2.97
C GLN B 296 7.34 17.37 1.73
N PRO B 297 6.25 17.46 0.94
CA PRO B 297 6.21 18.26 -0.28
C PRO B 297 6.45 19.77 -0.07
N LEU B 298 6.04 20.29 1.08
CA LEU B 298 6.22 21.71 1.35
C LEU B 298 6.05 22.09 2.81
N LEU B 299 6.42 23.33 3.12
CA LEU B 299 6.26 23.85 4.47
C LEU B 299 4.94 24.59 4.34
N GLY B 300 4.01 24.35 5.25
CA GLY B 300 2.73 25.02 5.11
C GLY B 300 2.09 25.53 6.37
N THR B 301 0.81 25.80 6.26
CA THR B 301 -0.02 26.31 7.34
C THR B 301 -0.03 25.34 8.51
N VAL B 302 0.00 25.87 9.72
CA VAL B 302 -0.04 25.03 10.91
C VAL B 302 -1.05 25.61 11.86
N ILE B 303 -1.44 24.84 12.86
CA ILE B 303 -2.38 25.31 13.86
C ILE B 303 -1.50 25.95 14.92
N ASP B 304 -1.27 27.26 14.77
CA ASP B 304 -0.40 28.03 15.66
C ASP B 304 -0.98 28.55 16.96
N GLY B 305 -2.31 28.73 17.00
CA GLY B 305 -2.92 29.24 18.21
C GLY B 305 -3.06 30.76 18.15
N MET B 306 -2.65 31.33 17.01
CA MET B 306 -2.75 32.78 16.79
C MET B 306 -3.68 33.00 15.60
N LEU B 307 -3.26 32.52 14.45
CA LEU B 307 -4.03 32.62 13.22
C LEU B 307 -5.15 31.58 13.23
N LEU B 308 -4.81 30.35 13.60
CA LEU B 308 -5.78 29.27 13.66
C LEU B 308 -5.70 28.61 15.02
N LEU B 309 -6.81 28.64 15.76
CA LEU B 309 -6.85 28.03 17.09
C LEU B 309 -7.06 26.53 17.02
N LYS B 310 -7.77 26.08 15.98
CA LYS B 310 -8.02 24.66 15.79
C LYS B 310 -7.87 24.30 14.32
N THR B 311 -7.98 23.02 14.00
CA THR B 311 -7.86 22.59 12.62
C THR B 311 -9.04 23.13 11.82
N PRO B 312 -8.83 23.33 10.50
CA PRO B 312 -9.88 23.85 9.63
C PRO B 312 -11.22 23.10 9.75
N GLU B 313 -11.15 21.78 9.92
CA GLU B 313 -12.37 20.99 10.06
C GLU B 313 -13.14 21.38 11.31
N GLU B 314 -12.43 21.46 12.43
CA GLU B 314 -13.06 21.83 13.70
C GLU B 314 -13.66 23.24 13.69
N LEU B 315 -13.04 24.15 12.95
CA LEU B 315 -13.52 25.54 12.89
C LEU B 315 -14.75 25.76 12.02
N GLN B 316 -14.97 24.90 11.04
CA GLN B 316 -16.11 25.02 10.15
C GLN B 316 -17.43 24.65 10.82
N ALA B 317 -17.45 23.46 11.40
CA ALA B 317 -18.63 22.95 12.08
C ALA B 317 -18.91 23.77 13.34
N GLU B 318 -17.91 24.54 13.75
CA GLU B 318 -18.01 25.36 14.94
C GLU B 318 -18.91 26.58 14.74
N ARG B 319 -19.26 26.85 13.49
CA ARG B 319 -20.13 27.99 13.17
C ARG B 319 -19.64 29.24 13.90
N ASN B 320 -18.34 29.33 14.10
CA ASN B 320 -17.77 30.49 14.78
C ASN B 320 -16.69 31.14 13.92
N PHE B 321 -17.13 32.08 13.08
CA PHE B 321 -16.27 32.83 12.19
C PHE B 321 -17.12 33.81 11.40
N HIS B 322 -16.82 35.10 11.57
CA HIS B 322 -17.54 36.17 10.90
C HIS B 322 -17.90 35.75 9.47
N THR B 323 -19.18 35.79 9.15
CA THR B 323 -19.63 35.38 7.83
C THR B 323 -19.56 36.47 6.79
N VAL B 324 -19.16 36.10 5.58
CA VAL B 324 -19.06 37.01 4.46
C VAL B 324 -19.41 36.22 3.21
N PRO B 325 -19.85 36.91 2.15
CA PRO B 325 -20.18 36.22 0.90
C PRO B 325 -18.92 35.51 0.42
N TYR B 326 -18.99 34.20 0.28
CA TYR B 326 -17.82 33.43 -0.13
C TYR B 326 -18.08 32.65 -1.43
N MET B 327 -17.12 32.73 -2.35
CA MET B 327 -17.23 32.02 -3.63
C MET B 327 -16.11 30.99 -3.72
N VAL B 328 -16.48 29.72 -3.84
CA VAL B 328 -15.51 28.64 -3.93
C VAL B 328 -15.65 27.96 -5.27
N GLY B 329 -14.56 27.88 -6.03
CA GLY B 329 -14.63 27.24 -7.33
C GLY B 329 -13.49 26.30 -7.64
N ILE B 330 -13.66 25.50 -8.69
CA ILE B 330 -12.63 24.55 -9.12
C ILE B 330 -12.59 24.49 -10.64
N ASN B 331 -11.54 23.86 -11.18
CA ASN B 331 -11.41 23.71 -12.62
C ASN B 331 -11.68 22.25 -12.96
N LYS B 332 -12.23 22.02 -14.15
CA LYS B 332 -12.57 20.67 -14.60
C LYS B 332 -11.49 19.62 -14.40
N GLN B 333 -10.24 19.95 -14.68
CA GLN B 333 -9.13 19.01 -14.53
C GLN B 333 -7.96 19.61 -13.76
N GLU B 334 -8.15 19.88 -12.49
CA GLU B 334 -7.11 20.46 -11.65
C GLU B 334 -5.77 19.74 -11.72
N PHE B 335 -5.79 18.43 -11.96
CA PHE B 335 -4.54 17.68 -12.02
C PHE B 335 -4.29 17.22 -13.45
N GLY B 336 -4.76 18.03 -14.39
CA GLY B 336 -4.61 17.71 -15.81
C GLY B 336 -3.21 17.75 -16.37
N TRP B 337 -2.49 18.84 -16.14
CA TRP B 337 -1.14 18.96 -16.67
C TRP B 337 -0.16 19.72 -15.80
N LEU B 338 -0.45 20.98 -15.52
CA LEU B 338 0.41 21.86 -14.75
C LEU B 338 1.06 21.24 -13.50
N ILE B 339 0.24 20.81 -12.56
CA ILE B 339 0.76 20.24 -11.31
C ILE B 339 1.59 18.98 -11.49
N PRO B 340 1.07 17.98 -12.24
CA PRO B 340 1.84 16.74 -12.43
C PRO B 340 3.21 17.07 -13.05
N MET B 341 3.21 18.09 -13.91
CA MET B 341 4.43 18.52 -14.59
C MET B 341 5.39 19.19 -13.61
N LEU B 342 4.88 20.13 -12.82
CA LEU B 342 5.72 20.83 -11.84
C LEU B 342 6.31 19.89 -10.81
N MET B 343 5.54 18.87 -10.41
CA MET B 343 6.00 17.92 -9.42
C MET B 343 6.74 16.71 -9.99
N SER B 344 6.90 16.69 -11.31
CA SER B 344 7.60 15.60 -11.97
C SER B 344 6.96 14.23 -11.72
N TYR B 345 5.69 14.06 -12.09
CA TYR B 345 5.02 12.78 -11.90
C TYR B 345 5.48 11.78 -12.95
N PRO B 346 5.72 10.52 -12.52
CA PRO B 346 6.17 9.41 -13.37
C PRO B 346 5.13 8.93 -14.38
N LEU B 347 4.56 9.86 -15.14
CA LEU B 347 3.54 9.53 -16.13
C LEU B 347 4.12 9.67 -17.53
N SER B 348 5.36 9.21 -17.69
CA SER B 348 6.08 9.29 -18.96
C SER B 348 5.54 8.41 -20.10
N GLU B 349 4.65 7.47 -19.78
CA GLU B 349 4.12 6.56 -20.79
C GLU B 349 2.71 6.92 -21.29
N GLY B 350 1.98 7.70 -20.50
CA GLY B 350 0.64 8.08 -20.90
C GLY B 350 -0.36 6.96 -20.69
N GLN B 351 0.11 5.89 -20.05
CA GLN B 351 -0.75 4.73 -19.76
C GLN B 351 -0.52 4.33 -18.31
N LEU B 352 -1.48 3.61 -17.73
CA LEU B 352 -1.35 3.19 -16.35
C LEU B 352 -2.19 1.96 -16.05
N ASP B 353 -1.59 0.98 -15.40
CA ASP B 353 -2.29 -0.25 -15.04
C ASP B 353 -2.63 -0.25 -13.56
N GLN B 354 -3.75 -0.86 -13.23
CA GLN B 354 -4.23 -0.95 -11.85
C GLN B 354 -3.12 -1.05 -10.82
N LYS B 355 -2.14 -1.91 -11.07
CA LYS B 355 -1.05 -2.08 -10.12
C LYS B 355 -0.19 -0.83 -9.97
N THR B 356 0.34 -0.33 -11.09
CA THR B 356 1.15 0.88 -11.05
C THR B 356 0.35 2.01 -10.40
N ALA B 357 -0.93 2.07 -10.76
CA ALA B 357 -1.83 3.08 -10.22
C ALA B 357 -1.81 3.09 -8.70
N MET B 358 -1.96 1.92 -8.10
CA MET B 358 -1.96 1.79 -6.65
C MET B 358 -0.61 2.17 -6.05
N SER B 359 0.45 1.98 -6.83
CA SER B 359 1.79 2.33 -6.37
C SER B 359 1.87 3.84 -6.19
N LEU B 360 1.56 4.55 -7.27
CA LEU B 360 1.57 6.01 -7.26
C LEU B 360 0.64 6.57 -6.22
N LEU B 361 -0.61 6.10 -6.19
CA LEU B 361 -1.55 6.62 -5.22
C LEU B 361 -0.95 6.56 -3.81
N TRP B 362 -0.08 5.58 -3.57
CA TRP B 362 0.57 5.45 -2.26
C TRP B 362 1.73 6.42 -2.17
N LYS B 363 2.51 6.53 -3.25
CA LYS B 363 3.65 7.45 -3.28
C LYS B 363 3.12 8.88 -3.20
N SER B 364 1.92 9.09 -3.74
CA SER B 364 1.28 10.39 -3.75
C SER B 364 0.65 10.73 -2.41
N TYR B 365 0.93 9.90 -1.40
CA TYR B 365 0.37 10.07 -0.06
C TYR B 365 0.40 11.50 0.47
N PRO B 366 1.57 12.16 0.40
CA PRO B 366 1.65 13.54 0.90
C PRO B 366 0.66 14.51 0.26
N LEU B 367 0.07 14.13 -0.87
CA LEU B 367 -0.88 15.00 -1.55
C LEU B 367 -2.33 14.62 -1.25
N VAL B 368 -2.65 13.34 -1.38
CA VAL B 368 -4.01 12.85 -1.15
C VAL B 368 -4.23 12.28 0.24
N CYS B 369 -3.17 11.84 0.89
CA CYS B 369 -3.28 11.28 2.23
C CYS B 369 -4.23 10.07 2.28
N ILE B 370 -3.98 9.08 1.42
CA ILE B 370 -4.81 7.89 1.41
C ILE B 370 -4.01 6.70 1.92
N ALA B 371 -4.43 6.17 3.07
CA ALA B 371 -3.77 5.03 3.70
C ALA B 371 -3.62 3.84 2.78
N LYS B 372 -2.45 3.21 2.83
CA LYS B 372 -2.16 2.07 1.97
C LYS B 372 -3.29 1.05 1.83
N GLU B 373 -4.00 0.77 2.91
CA GLU B 373 -5.10 -0.20 2.86
C GLU B 373 -6.31 0.25 2.04
N LEU B 374 -6.50 1.56 1.93
CA LEU B 374 -7.65 2.09 1.20
C LEU B 374 -7.35 2.27 -0.29
N ILE B 375 -6.08 2.22 -0.65
CA ILE B 375 -5.67 2.41 -2.04
C ILE B 375 -6.50 1.58 -3.02
N PRO B 376 -6.69 0.28 -2.74
CA PRO B 376 -7.48 -0.55 -3.64
C PRO B 376 -8.91 -0.04 -3.83
N GLU B 377 -9.61 0.20 -2.73
CA GLU B 377 -10.99 0.69 -2.79
C GLU B 377 -11.10 1.97 -3.62
N ALA B 378 -10.07 2.80 -3.56
CA ALA B 378 -10.06 4.06 -4.30
C ALA B 378 -9.69 3.86 -5.77
N THR B 379 -8.61 3.12 -6.02
CA THR B 379 -8.17 2.88 -7.39
C THR B 379 -9.24 2.11 -8.15
N GLU B 380 -9.91 1.21 -7.46
CA GLU B 380 -10.95 0.40 -8.07
C GLU B 380 -12.15 1.24 -8.47
N LYS B 381 -12.54 2.17 -7.60
CA LYS B 381 -13.68 3.04 -7.87
C LYS B 381 -13.51 3.84 -9.15
N TYR B 382 -12.33 4.42 -9.34
CA TYR B 382 -12.05 5.25 -10.52
C TYR B 382 -11.56 4.50 -11.76
N LEU B 383 -10.46 3.77 -11.62
CA LEU B 383 -9.87 3.03 -12.74
C LEU B 383 -10.58 1.72 -13.10
N GLY B 384 -11.17 1.07 -12.11
CA GLY B 384 -11.85 -0.20 -12.35
C GLY B 384 -12.94 -0.20 -13.41
N GLY B 385 -13.33 0.99 -13.86
CA GLY B 385 -14.38 1.09 -14.87
C GLY B 385 -14.05 0.54 -16.26
N THR B 386 -12.77 0.55 -16.63
CA THR B 386 -12.36 0.05 -17.94
C THR B 386 -11.06 -0.74 -17.86
N ASP B 387 -10.52 -1.07 -19.03
CA ASP B 387 -9.27 -1.82 -19.13
C ASP B 387 -8.22 -0.98 -19.83
N ASP B 388 -8.69 -0.03 -20.62
CA ASP B 388 -7.81 0.87 -21.38
C ASP B 388 -6.79 1.55 -20.46
N THR B 389 -5.51 1.25 -20.68
CA THR B 389 -4.46 1.84 -19.85
C THR B 389 -4.39 3.36 -20.00
N VAL B 390 -4.68 3.87 -21.19
CA VAL B 390 -4.66 5.31 -21.41
C VAL B 390 -5.90 5.97 -20.81
N LYS B 391 -6.99 5.23 -20.72
CA LYS B 391 -8.20 5.78 -20.13
C LYS B 391 -8.06 5.73 -18.62
N LYS B 392 -7.27 4.78 -18.14
CA LYS B 392 -7.03 4.62 -16.71
C LYS B 392 -6.17 5.78 -16.19
N LYS B 393 -5.12 6.08 -16.95
CA LYS B 393 -4.20 7.15 -16.58
C LYS B 393 -4.94 8.47 -16.41
N ASP B 394 -5.97 8.69 -17.21
CA ASP B 394 -6.75 9.92 -17.11
C ASP B 394 -7.73 9.91 -15.95
N LEU B 395 -8.18 8.72 -15.55
CA LEU B 395 -9.09 8.62 -14.44
C LEU B 395 -8.28 8.81 -13.16
N PHE B 396 -7.04 8.33 -13.18
CA PHE B 396 -6.16 8.44 -12.04
C PHE B 396 -5.96 9.92 -11.71
N LEU B 397 -5.90 10.74 -12.76
CA LEU B 397 -5.72 12.18 -12.59
C LEU B 397 -6.98 12.83 -12.00
N ASP B 398 -8.15 12.37 -12.44
CA ASP B 398 -9.39 12.93 -11.91
C ASP B 398 -9.59 12.40 -10.49
N LEU B 399 -8.81 11.39 -10.14
CA LEU B 399 -8.86 10.79 -8.81
C LEU B 399 -8.08 11.69 -7.85
N ILE B 400 -6.94 12.19 -8.32
CA ILE B 400 -6.09 13.06 -7.52
C ILE B 400 -6.76 14.43 -7.39
N ALA B 401 -7.39 14.89 -8.47
CA ALA B 401 -8.06 16.18 -8.47
C ALA B 401 -9.26 16.26 -7.55
N ASP B 402 -10.01 15.16 -7.42
CA ASP B 402 -11.18 15.18 -6.56
C ASP B 402 -10.79 15.25 -5.10
N VAL B 403 -9.73 14.55 -4.75
CA VAL B 403 -9.24 14.52 -3.38
C VAL B 403 -8.58 15.85 -2.99
N MET B 404 -7.75 16.38 -3.87
CA MET B 404 -7.07 17.63 -3.59
C MET B 404 -7.93 18.89 -3.65
N PHE B 405 -8.72 19.05 -4.71
CA PHE B 405 -9.54 20.26 -4.84
C PHE B 405 -11.05 20.03 -4.84
N GLY B 406 -11.52 19.16 -5.73
CA GLY B 406 -12.94 18.87 -5.85
C GLY B 406 -13.73 18.66 -4.56
N VAL B 407 -13.48 17.54 -3.89
CA VAL B 407 -14.18 17.24 -2.65
C VAL B 407 -14.01 18.35 -1.60
N PRO B 408 -12.75 18.69 -1.25
CA PRO B 408 -12.45 19.73 -0.26
C PRO B 408 -13.25 21.01 -0.49
N SER B 409 -13.35 21.43 -1.74
CA SER B 409 -14.07 22.64 -2.07
C SER B 409 -15.56 22.54 -1.76
N VAL B 410 -16.19 21.46 -2.20
CA VAL B 410 -17.62 21.28 -1.99
C VAL B 410 -17.95 21.33 -0.51
N ILE B 411 -17.16 20.59 0.26
CA ILE B 411 -17.33 20.52 1.69
C ILE B 411 -17.22 21.91 2.32
N VAL B 412 -16.16 22.64 1.96
CA VAL B 412 -15.97 23.98 2.49
C VAL B 412 -17.22 24.81 2.19
N ALA B 413 -17.66 24.77 0.94
CA ALA B 413 -18.83 25.54 0.52
C ALA B 413 -20.08 25.10 1.26
N ARG B 414 -20.27 23.80 1.45
CA ARG B 414 -21.45 23.33 2.17
C ARG B 414 -21.51 23.88 3.60
N ASN B 415 -20.41 23.76 4.32
CA ASN B 415 -20.35 24.26 5.70
C ASN B 415 -20.54 25.78 5.73
N HIS B 416 -19.91 26.48 4.80
CA HIS B 416 -20.06 27.93 4.80
C HIS B 416 -21.54 28.23 4.63
N ARG B 417 -22.20 27.50 3.74
CA ARG B 417 -23.63 27.67 3.47
C ARG B 417 -24.43 27.34 4.71
N ASP B 418 -24.21 26.14 5.25
CA ASP B 418 -24.92 25.71 6.45
C ASP B 418 -24.74 26.66 7.62
N ALA B 419 -23.81 27.61 7.51
CA ALA B 419 -23.57 28.56 8.58
C ALA B 419 -24.33 29.86 8.34
N GLY B 420 -25.17 29.86 7.30
CA GLY B 420 -25.97 31.03 6.98
C GLY B 420 -25.29 32.09 6.14
N ALA B 421 -24.12 31.80 5.60
CA ALA B 421 -23.40 32.77 4.80
C ALA B 421 -23.62 32.55 3.30
N PRO B 422 -23.86 33.64 2.55
CA PRO B 422 -24.09 33.55 1.10
C PRO B 422 -22.93 32.77 0.49
N THR B 423 -23.27 31.74 -0.26
CA THR B 423 -22.26 30.91 -0.88
C THR B 423 -22.48 30.80 -2.38
N TYR B 424 -21.38 30.63 -3.11
CA TYR B 424 -21.40 30.50 -4.56
C TYR B 424 -20.29 29.57 -5.01
N MET B 425 -20.61 28.68 -5.94
CA MET B 425 -19.62 27.74 -6.45
C MET B 425 -19.62 27.80 -7.96
N TYR B 426 -18.56 27.27 -8.57
CA TYR B 426 -18.44 27.27 -10.02
C TYR B 426 -17.43 26.24 -10.48
N GLU B 427 -17.62 25.72 -11.68
CA GLU B 427 -16.64 24.79 -12.23
C GLU B 427 -16.18 25.42 -13.53
N PHE B 428 -14.87 25.58 -13.68
CA PHE B 428 -14.32 26.18 -14.89
C PHE B 428 -13.94 25.09 -15.87
N GLN B 429 -14.52 25.15 -17.06
CA GLN B 429 -14.29 24.15 -18.11
C GLN B 429 -13.91 24.79 -19.44
N TYR B 430 -12.70 25.32 -19.52
CA TYR B 430 -12.25 25.96 -20.75
C TYR B 430 -10.76 25.77 -20.94
N ARG B 431 -10.30 25.77 -22.18
CA ARG B 431 -8.89 25.63 -22.46
C ARG B 431 -8.38 26.92 -23.10
N PRO B 432 -7.72 27.77 -22.29
CA PRO B 432 -7.19 29.03 -22.81
C PRO B 432 -6.16 28.82 -23.92
N SER B 433 -6.18 29.70 -24.90
CA SER B 433 -5.26 29.60 -26.02
C SER B 433 -3.85 29.97 -25.58
N PHE B 434 -3.72 30.46 -24.35
CA PHE B 434 -2.41 30.85 -23.83
C PHE B 434 -1.71 29.68 -23.17
N SER B 435 -2.32 28.51 -23.22
CA SER B 435 -1.73 27.32 -22.63
C SER B 435 -0.32 27.11 -23.16
N SER B 436 0.47 26.29 -22.46
CA SER B 436 1.83 26.00 -22.89
C SER B 436 1.77 24.98 -24.02
N ASP B 437 2.78 25.00 -24.88
CA ASP B 437 2.85 24.09 -26.00
C ASP B 437 3.07 22.64 -25.58
N MET B 438 3.78 22.45 -24.47
CA MET B 438 4.08 21.12 -23.95
C MET B 438 2.87 20.47 -23.30
N LYS B 439 1.75 21.18 -23.33
CA LYS B 439 0.50 20.73 -22.74
C LYS B 439 -0.43 20.01 -23.71
N PRO B 440 -0.84 18.78 -23.38
CA PRO B 440 -1.74 18.00 -24.22
C PRO B 440 -3.02 18.76 -24.53
N LYS B 441 -3.38 18.82 -25.80
CA LYS B 441 -4.56 19.54 -26.26
C LYS B 441 -5.93 19.04 -25.77
N THR B 442 -5.96 17.87 -25.16
CA THR B 442 -7.21 17.31 -24.64
C THR B 442 -7.55 17.88 -23.27
N VAL B 443 -6.53 18.40 -22.58
CA VAL B 443 -6.71 18.97 -21.26
C VAL B 443 -7.53 20.25 -21.32
N ILE B 444 -8.67 20.23 -20.65
CA ILE B 444 -9.57 21.38 -20.61
C ILE B 444 -9.81 21.77 -19.15
N GLY B 445 -9.63 23.04 -18.83
CA GLY B 445 -9.84 23.49 -17.47
C GLY B 445 -8.79 22.98 -16.51
N ASP B 446 -7.53 23.10 -16.93
CA ASP B 446 -6.41 22.66 -16.14
C ASP B 446 -6.21 23.65 -14.99
N HIS B 447 -5.34 23.28 -14.06
CA HIS B 447 -5.05 24.13 -12.90
C HIS B 447 -4.61 25.52 -13.33
N GLY B 448 -5.26 26.55 -12.80
CA GLY B 448 -4.92 27.93 -13.11
C GLY B 448 -5.46 28.48 -14.42
N ASP B 449 -6.25 27.67 -15.14
CA ASP B 449 -6.81 28.10 -16.40
C ASP B 449 -7.79 29.27 -16.28
N GLU B 450 -8.48 29.37 -15.16
CA GLU B 450 -9.43 30.47 -14.98
C GLU B 450 -8.71 31.81 -14.79
N LEU B 451 -7.43 31.77 -14.44
CA LEU B 451 -6.66 33.01 -14.21
C LEU B 451 -6.67 33.95 -15.42
N PHE B 452 -6.50 33.38 -16.61
CA PHE B 452 -6.46 34.17 -17.84
C PHE B 452 -7.77 34.89 -18.10
N SER B 453 -8.86 34.34 -17.60
CA SER B 453 -10.15 34.99 -17.78
C SER B 453 -10.27 36.06 -16.70
N VAL B 454 -10.11 35.69 -15.44
CA VAL B 454 -10.20 36.63 -14.31
C VAL B 454 -9.29 37.88 -14.44
N PHE B 455 -8.09 37.71 -14.97
CA PHE B 455 -7.19 38.85 -15.09
C PHE B 455 -7.14 39.49 -16.47
N GLY B 456 -8.12 39.13 -17.29
CA GLY B 456 -8.24 39.68 -18.63
C GLY B 456 -7.03 39.52 -19.53
N ALA B 457 -6.38 38.36 -19.44
CA ALA B 457 -5.21 38.09 -20.27
C ALA B 457 -5.47 38.44 -21.74
N PRO B 458 -6.68 38.13 -22.26
CA PRO B 458 -7.04 38.42 -23.64
C PRO B 458 -6.85 39.88 -24.07
N PHE B 459 -6.82 40.79 -23.10
CA PHE B 459 -6.65 42.21 -23.41
C PHE B 459 -5.23 42.68 -23.19
N LEU B 460 -4.32 41.75 -22.93
CA LEU B 460 -2.92 42.09 -22.68
C LEU B 460 -2.00 41.24 -23.56
N LYS B 461 -2.34 39.96 -23.71
CA LYS B 461 -1.56 39.05 -24.55
C LYS B 461 -2.03 39.14 -26.01
N GLU B 462 -1.49 38.28 -26.87
CA GLU B 462 -1.84 38.27 -28.28
C GLU B 462 -2.57 37.03 -28.76
N GLY B 463 -3.41 37.21 -29.77
CA GLY B 463 -4.13 36.09 -30.37
C GLY B 463 -5.40 35.52 -29.76
N ALA B 464 -6.06 36.26 -28.87
CA ALA B 464 -7.29 35.74 -28.27
C ALA B 464 -8.47 35.91 -29.23
N SER B 465 -9.18 34.81 -29.49
CA SER B 465 -10.34 34.85 -30.39
C SER B 465 -11.47 35.65 -29.74
N GLU B 466 -12.50 35.95 -30.51
CA GLU B 466 -13.62 36.71 -29.98
C GLU B 466 -14.30 35.93 -28.86
N GLU B 467 -14.26 34.61 -28.96
CA GLU B 467 -14.88 33.77 -27.95
C GLU B 467 -14.20 33.97 -26.60
N GLU B 468 -12.88 33.83 -26.59
CA GLU B 468 -12.07 33.98 -25.39
C GLU B 468 -12.21 35.37 -24.79
N ILE B 469 -12.22 36.38 -25.65
CA ILE B 469 -12.35 37.76 -25.20
C ILE B 469 -13.66 37.99 -24.46
N ARG B 470 -14.73 37.40 -24.95
CA ARG B 470 -16.03 37.56 -24.33
C ARG B 470 -16.12 36.77 -23.03
N LEU B 471 -15.47 35.62 -22.98
CA LEU B 471 -15.48 34.80 -21.77
C LEU B 471 -14.84 35.61 -20.64
N SER B 472 -13.68 36.18 -20.93
CA SER B 472 -12.96 36.99 -19.95
C SER B 472 -13.81 38.17 -19.49
N LYS B 473 -14.47 38.85 -20.43
CA LYS B 473 -15.31 39.98 -20.07
C LYS B 473 -16.40 39.54 -19.08
N MET B 474 -16.99 38.38 -19.35
CA MET B 474 -18.04 37.84 -18.48
C MET B 474 -17.51 37.47 -17.10
N VAL B 475 -16.40 36.77 -17.07
CA VAL B 475 -15.80 36.36 -15.80
C VAL B 475 -15.45 37.55 -14.93
N MET B 476 -14.86 38.59 -15.53
CA MET B 476 -14.49 39.76 -14.76
C MET B 476 -15.69 40.49 -14.15
N LYS B 477 -16.83 40.50 -14.84
CA LYS B 477 -18.04 41.15 -14.31
C LYS B 477 -18.59 40.33 -13.14
N PHE B 478 -18.63 39.02 -13.34
CA PHE B 478 -19.09 38.12 -12.29
C PHE B 478 -18.26 38.43 -11.06
N TRP B 479 -16.94 38.39 -11.21
CA TRP B 479 -16.03 38.67 -10.10
C TRP B 479 -16.20 40.07 -9.52
N ALA B 480 -16.25 41.08 -10.39
CA ALA B 480 -16.42 42.45 -9.92
C ALA B 480 -17.78 42.70 -9.24
N ASN B 481 -18.85 42.10 -9.77
CA ASN B 481 -20.17 42.25 -9.18
C ASN B 481 -20.16 41.64 -7.79
N PHE B 482 -19.47 40.51 -7.66
CA PHE B 482 -19.37 39.84 -6.38
C PHE B 482 -18.63 40.77 -5.45
N ALA B 483 -17.63 41.45 -5.98
CA ALA B 483 -16.83 42.38 -5.19
C ALA B 483 -17.69 43.54 -4.70
N ARG B 484 -18.50 44.13 -5.57
CA ARG B 484 -19.33 45.23 -5.10
C ARG B 484 -20.62 44.82 -4.42
N ASN B 485 -21.14 43.63 -4.71
CA ASN B 485 -22.41 43.22 -4.11
C ASN B 485 -22.45 41.96 -3.26
N GLY B 486 -21.47 41.08 -3.39
CA GLY B 486 -21.50 39.86 -2.61
C GLY B 486 -22.38 38.85 -3.33
N ASN B 487 -22.75 39.21 -4.56
CA ASN B 487 -23.59 38.39 -5.43
C ASN B 487 -23.02 38.65 -6.82
N PRO B 488 -22.65 37.59 -7.56
CA PRO B 488 -22.09 37.80 -8.90
C PRO B 488 -23.04 38.24 -10.03
N ASN B 489 -24.33 37.99 -9.87
CA ASN B 489 -25.30 38.35 -10.91
C ASN B 489 -25.33 39.81 -11.32
N GLY B 490 -25.74 40.03 -12.56
CA GLY B 490 -25.83 41.37 -13.11
C GLY B 490 -26.45 41.34 -14.50
N GLU B 491 -26.98 42.48 -14.94
CA GLU B 491 -27.61 42.57 -16.25
C GLU B 491 -26.70 42.12 -17.39
N GLY B 492 -27.22 41.25 -18.25
CA GLY B 492 -26.45 40.76 -19.38
C GLY B 492 -25.67 39.48 -19.13
N LEU B 493 -25.50 39.12 -17.86
CA LEU B 493 -24.76 37.92 -17.50
C LEU B 493 -25.69 36.76 -17.20
N PRO B 494 -25.29 35.54 -17.60
CA PRO B 494 -26.14 34.39 -17.33
C PRO B 494 -26.40 34.25 -15.82
N HIS B 495 -27.53 33.64 -15.46
CA HIS B 495 -27.88 33.50 -14.06
C HIS B 495 -27.02 32.53 -13.25
N TRP B 496 -26.48 33.03 -12.15
CA TRP B 496 -25.63 32.26 -11.26
C TRP B 496 -26.43 32.01 -9.98
N PRO B 497 -26.86 30.77 -9.76
CA PRO B 497 -27.64 30.44 -8.57
C PRO B 497 -26.78 30.44 -7.30
N GLU B 498 -27.41 30.78 -6.17
CA GLU B 498 -26.71 30.78 -4.90
C GLU B 498 -26.59 29.32 -4.51
N TYR B 499 -25.45 28.95 -3.93
CA TYR B 499 -25.24 27.56 -3.51
C TYR B 499 -26.00 27.35 -2.19
N ASN B 500 -27.27 27.01 -2.30
CA ASN B 500 -28.10 26.74 -1.12
C ASN B 500 -28.30 25.23 -1.02
N GLN B 501 -29.40 24.81 -0.40
CA GLN B 501 -29.66 23.39 -0.25
C GLN B 501 -29.75 22.67 -1.59
N LYS B 502 -30.20 23.37 -2.62
CA LYS B 502 -30.31 22.75 -3.95
C LYS B 502 -28.91 22.53 -4.55
N GLU B 503 -27.91 23.12 -3.91
CA GLU B 503 -26.51 23.00 -4.35
C GLU B 503 -26.26 23.35 -5.82
N GLY B 504 -26.78 24.50 -6.24
CA GLY B 504 -26.58 24.92 -7.62
C GLY B 504 -25.25 25.62 -7.81
N TYR B 505 -24.65 25.45 -8.98
CA TYR B 505 -23.37 26.09 -9.28
C TYR B 505 -23.35 26.52 -10.74
N LEU B 506 -22.34 27.32 -11.11
CA LEU B 506 -22.24 27.79 -12.48
C LEU B 506 -21.13 27.09 -13.24
N GLN B 507 -21.47 26.50 -14.38
CA GLN B 507 -20.48 25.84 -15.20
C GLN B 507 -19.97 26.94 -16.13
N ILE B 508 -18.69 27.26 -16.02
CA ILE B 508 -18.10 28.31 -16.83
C ILE B 508 -17.22 27.76 -17.95
N GLY B 509 -17.43 28.28 -19.16
CA GLY B 509 -16.66 27.84 -20.31
C GLY B 509 -17.28 28.32 -21.61
N ALA B 510 -17.11 27.54 -22.68
CA ALA B 510 -17.67 27.90 -23.98
C ALA B 510 -19.14 28.25 -23.80
N ASN B 511 -19.86 27.36 -23.09
CA ASN B 511 -21.26 27.57 -22.80
C ASN B 511 -21.45 27.65 -21.29
N THR B 512 -21.72 28.85 -20.81
CA THR B 512 -21.91 29.07 -19.38
C THR B 512 -23.37 28.93 -18.98
N GLN B 513 -23.65 27.95 -18.12
CA GLN B 513 -25.01 27.70 -17.65
C GLN B 513 -24.98 27.14 -16.22
N ALA B 514 -26.13 27.19 -15.54
CA ALA B 514 -26.20 26.66 -14.18
C ALA B 514 -26.36 25.15 -14.17
N ALA B 515 -26.06 24.55 -13.02
CA ALA B 515 -26.14 23.10 -12.84
C ALA B 515 -26.32 22.84 -11.35
N GLN B 516 -26.35 21.57 -10.96
CA GLN B 516 -26.54 21.26 -9.55
C GLN B 516 -25.77 20.07 -8.98
N LYS B 517 -25.58 20.10 -7.67
CA LYS B 517 -24.89 19.06 -6.92
C LYS B 517 -23.52 18.68 -7.49
N LEU B 518 -22.60 19.64 -7.44
CA LEU B 518 -21.23 19.47 -7.91
C LEU B 518 -20.42 18.50 -7.06
N LYS B 519 -19.85 17.48 -7.71
CA LYS B 519 -19.03 16.47 -7.03
C LYS B 519 -19.77 15.69 -5.95
N ASP B 520 -21.08 15.75 -5.97
CA ASP B 520 -21.90 15.06 -4.98
C ASP B 520 -21.49 13.61 -4.75
N LYS B 521 -21.44 12.82 -5.82
CA LYS B 521 -21.06 11.42 -5.69
C LYS B 521 -19.70 11.35 -5.01
N GLU B 522 -18.72 11.99 -5.65
CA GLU B 522 -17.35 12.03 -5.15
C GLU B 522 -17.24 12.33 -3.66
N VAL B 523 -17.92 13.37 -3.22
CA VAL B 523 -17.87 13.71 -1.80
C VAL B 523 -18.36 12.53 -0.99
N ALA B 524 -19.53 12.02 -1.36
CA ALA B 524 -20.12 10.87 -0.67
C ALA B 524 -19.11 9.73 -0.57
N PHE B 525 -18.58 9.31 -1.70
CA PHE B 525 -17.62 8.23 -1.71
C PHE B 525 -16.44 8.45 -0.78
N TRP B 526 -15.79 9.61 -0.90
CA TRP B 526 -14.64 9.89 -0.06
C TRP B 526 -14.94 10.08 1.41
N THR B 527 -15.99 10.82 1.74
CA THR B 527 -16.31 11.02 3.14
C THR B 527 -16.34 9.63 3.77
N ASN B 528 -17.06 8.74 3.11
CA ASN B 528 -17.20 7.36 3.57
C ASN B 528 -15.87 6.60 3.65
N LEU B 529 -15.08 6.66 2.58
CA LEU B 529 -13.80 5.97 2.58
C LEU B 529 -12.89 6.44 3.71
N PHE B 530 -12.54 7.73 3.71
CA PHE B 530 -11.66 8.28 4.74
C PHE B 530 -12.13 7.95 6.14
N ALA B 531 -13.40 7.63 6.29
CA ALA B 531 -13.97 7.28 7.59
C ALA B 531 -13.36 5.99 8.11
N LYS B 532 -12.70 5.25 7.23
CA LYS B 532 -12.07 3.99 7.58
C LYS B 532 -10.59 4.15 7.92
N SER C 2 43.21 66.35 45.22
CA SER C 2 42.06 65.45 45.35
C SER C 2 41.18 65.54 44.10
N PRO C 3 41.03 64.40 43.40
CA PRO C 3 40.24 64.25 42.18
C PRO C 3 38.84 64.87 42.20
N PRO C 4 38.52 65.71 41.19
CA PRO C 4 37.22 66.36 41.12
C PRO C 4 36.15 65.35 40.68
N VAL C 5 35.01 65.36 41.34
CA VAL C 5 33.93 64.45 41.01
C VAL C 5 32.65 65.20 40.77
N VAL C 6 32.06 65.01 39.59
CA VAL C 6 30.83 65.68 39.22
C VAL C 6 29.69 64.69 38.96
N ASP C 7 28.47 65.10 39.32
CA ASP C 7 27.29 64.27 39.12
C ASP C 7 26.59 64.64 37.83
N THR C 8 26.60 63.73 36.87
CA THR C 8 25.92 63.98 35.61
C THR C 8 24.57 63.28 35.67
N VAL C 9 23.73 63.53 34.68
CA VAL C 9 22.41 62.92 34.64
C VAL C 9 22.46 61.39 34.69
N HIS C 10 23.52 60.80 34.15
CA HIS C 10 23.67 59.36 34.12
C HIS C 10 24.66 58.75 35.11
N GLY C 11 25.14 59.55 36.06
CA GLY C 11 26.09 59.00 37.02
C GLY C 11 27.23 59.95 37.30
N LYS C 12 28.06 59.60 38.29
CA LYS C 12 29.19 60.45 38.64
C LYS C 12 30.38 60.19 37.73
N VAL C 13 31.19 61.24 37.51
CA VAL C 13 32.39 61.12 36.69
C VAL C 13 33.56 61.70 37.48
N LEU C 14 34.72 61.05 37.36
CA LEU C 14 35.93 61.47 38.05
C LEU C 14 36.90 62.11 37.06
N GLY C 15 37.35 63.32 37.36
CA GLY C 15 38.28 64.00 36.48
C GLY C 15 39.66 64.16 37.11
N LYS C 16 40.42 65.15 36.63
CA LYS C 16 41.74 65.42 37.16
C LYS C 16 42.01 66.90 37.09
N PHE C 17 42.79 67.42 38.03
CA PHE C 17 43.12 68.82 38.04
C PHE C 17 44.45 69.02 37.35
N VAL C 18 44.53 70.08 36.56
CA VAL C 18 45.78 70.39 35.88
C VAL C 18 45.96 71.90 35.92
N SER C 19 47.19 72.34 36.14
CA SER C 19 47.49 73.76 36.21
C SER C 19 48.31 74.25 35.03
N LEU C 20 47.89 75.38 34.47
CA LEU C 20 48.58 75.99 33.35
C LEU C 20 49.51 77.02 33.98
N GLU C 21 50.82 76.86 33.80
CA GLU C 21 51.81 77.77 34.38
C GLU C 21 51.35 79.21 34.52
N GLY C 22 51.25 79.68 35.77
CA GLY C 22 50.85 81.04 36.01
C GLY C 22 49.45 81.20 36.59
N PHE C 23 48.59 80.22 36.34
CA PHE C 23 47.23 80.30 36.84
C PHE C 23 47.04 79.59 38.17
N ALA C 24 46.50 80.31 39.14
CA ALA C 24 46.25 79.75 40.45
C ALA C 24 45.08 78.79 40.37
N GLN C 25 44.00 79.21 39.71
CA GLN C 25 42.83 78.37 39.57
C GLN C 25 43.13 77.16 38.69
N PRO C 26 43.07 75.95 39.27
CA PRO C 26 43.35 74.75 38.46
C PRO C 26 42.22 74.52 37.46
N VAL C 27 42.49 73.69 36.47
CA VAL C 27 41.48 73.40 35.48
C VAL C 27 41.05 71.95 35.65
N ALA C 28 39.74 71.76 35.81
CA ALA C 28 39.18 70.42 35.96
C ALA C 28 39.04 69.82 34.56
N ILE C 29 39.74 68.72 34.32
CA ILE C 29 39.70 68.06 33.02
C ILE C 29 39.02 66.70 33.08
N PHE C 30 38.05 66.48 32.19
CA PHE C 30 37.34 65.19 32.11
C PHE C 30 37.52 64.61 30.72
N LEU C 31 37.98 63.37 30.65
CA LEU C 31 38.23 62.72 29.37
C LEU C 31 37.40 61.48 29.08
N GLY C 32 36.71 61.50 27.94
CA GLY C 32 35.90 60.36 27.54
C GLY C 32 34.56 60.19 28.24
N ILE C 33 33.80 61.26 28.35
CA ILE C 33 32.48 61.18 28.95
C ILE C 33 31.58 60.70 27.82
N PRO C 34 30.81 59.63 28.05
CA PRO C 34 29.91 59.14 26.99
C PRO C 34 28.62 59.94 26.94
N PHE C 35 28.26 60.45 25.77
CA PHE C 35 27.03 61.22 25.64
C PHE C 35 25.95 60.49 24.84
N ALA C 36 26.24 59.25 24.47
CA ALA C 36 25.30 58.42 23.74
C ALA C 36 25.67 56.95 23.88
N LYS C 37 24.76 56.06 23.52
CA LYS C 37 25.03 54.63 23.60
C LYS C 37 25.95 54.22 22.44
N PRO C 38 26.94 53.36 22.70
CA PRO C 38 27.84 52.94 21.61
C PRO C 38 27.04 52.44 20.39
N PRO C 39 27.22 53.09 19.22
CA PRO C 39 26.52 52.71 17.99
C PRO C 39 27.08 51.43 17.38
N LEU C 40 26.97 50.34 18.13
CA LEU C 40 27.47 49.04 17.70
C LEU C 40 26.37 48.10 17.20
N GLY C 41 26.80 47.14 16.38
CA GLY C 41 25.88 46.15 15.84
C GLY C 41 24.67 46.73 15.15
N PRO C 42 23.46 46.43 15.64
CA PRO C 42 22.22 46.95 15.05
C PRO C 42 22.09 48.47 15.15
N LEU C 43 22.88 49.09 16.02
CA LEU C 43 22.81 50.54 16.16
C LEU C 43 23.56 51.31 15.07
N ARG C 44 24.32 50.58 14.26
CA ARG C 44 25.06 51.19 13.16
C ARG C 44 24.04 51.74 12.14
N PHE C 45 24.32 52.93 11.62
CA PHE C 45 23.44 53.58 10.66
C PHE C 45 22.07 53.90 11.25
N THR C 46 22.04 54.24 12.53
CA THR C 46 20.80 54.64 13.18
C THR C 46 21.11 55.87 14.05
N PRO C 47 20.09 56.67 14.39
CA PRO C 47 20.31 57.85 15.22
C PRO C 47 20.95 57.48 16.56
N PRO C 48 21.77 58.38 17.13
CA PRO C 48 22.40 58.06 18.41
C PRO C 48 21.29 57.92 19.43
N GLN C 49 21.50 57.03 20.39
CA GLN C 49 20.51 56.80 21.43
C GLN C 49 21.13 57.26 22.75
N PRO C 50 20.29 57.57 23.76
CA PRO C 50 20.79 58.02 25.06
C PRO C 50 21.67 56.98 25.75
N ALA C 51 22.70 57.44 26.45
CA ALA C 51 23.61 56.55 27.16
C ALA C 51 22.91 55.90 28.35
N GLU C 52 23.28 54.66 28.64
CA GLU C 52 22.70 53.93 29.76
C GLU C 52 23.35 54.46 31.04
N PRO C 53 22.55 54.72 32.09
CA PRO C 53 23.15 55.23 33.33
C PRO C 53 24.12 54.22 33.96
N TRP C 54 25.14 54.74 34.65
CA TRP C 54 26.12 53.88 35.30
C TRP C 54 26.03 54.07 36.81
N SER C 55 26.43 53.03 37.54
CA SER C 55 26.31 53.04 38.98
C SER C 55 27.26 53.90 39.81
N PHE C 56 28.45 53.40 40.05
CA PHE C 56 29.36 54.15 40.91
C PHE C 56 29.99 55.38 40.26
N VAL C 57 31.29 55.53 40.41
CA VAL C 57 31.98 56.68 39.83
C VAL C 57 32.73 56.23 38.59
N LYS C 58 32.46 56.92 37.48
CA LYS C 58 33.12 56.58 36.22
C LYS C 58 34.40 57.38 36.02
N ASN C 59 35.52 56.66 35.94
CA ASN C 59 36.81 57.29 35.73
C ASN C 59 36.82 57.94 34.34
N ALA C 60 36.82 59.26 34.29
CA ALA C 60 36.87 59.95 33.01
C ALA C 60 38.26 60.56 32.95
N THR C 61 39.27 59.71 32.88
CA THR C 61 40.65 60.21 32.86
C THR C 61 41.57 59.69 31.76
N SER C 62 41.02 59.13 30.70
CA SER C 62 41.86 58.66 29.61
C SER C 62 41.22 59.00 28.26
N TYR C 63 42.06 59.31 27.27
CA TYR C 63 41.57 59.68 25.96
C TYR C 63 40.70 58.64 25.28
N PRO C 64 39.52 59.06 24.82
CA PRO C 64 38.63 58.13 24.15
C PRO C 64 39.17 57.80 22.78
N PRO C 65 38.71 56.68 22.20
CA PRO C 65 39.16 56.29 20.87
C PRO C 65 38.57 57.27 19.87
N MET C 66 39.25 57.45 18.73
CA MET C 66 38.70 58.33 17.71
C MET C 66 37.85 57.39 16.87
N CYS C 67 36.81 57.90 16.21
CA CYS C 67 35.96 57.03 15.41
C CYS C 67 36.76 56.36 14.29
N THR C 68 36.33 55.19 13.87
CA THR C 68 37.04 54.46 12.83
C THR C 68 37.29 55.32 11.61
N GLN C 69 38.54 55.31 11.16
CA GLN C 69 38.96 56.11 10.01
C GLN C 69 40.29 55.59 9.58
N ASP C 70 40.74 56.08 8.42
CA ASP C 70 42.04 55.75 7.87
C ASP C 70 43.05 56.04 8.97
N PRO C 71 43.75 55.03 9.48
CA PRO C 71 44.71 55.37 10.54
C PRO C 71 45.88 56.26 10.09
N LYS C 72 46.31 56.12 8.84
CA LYS C 72 47.42 56.93 8.34
C LYS C 72 47.02 58.40 8.28
N ALA C 73 45.97 58.68 7.50
CA ALA C 73 45.50 60.06 7.36
C ALA C 73 45.04 60.65 8.68
N GLY C 74 44.45 59.81 9.53
CA GLY C 74 43.97 60.27 10.81
C GLY C 74 45.08 60.69 11.75
N GLN C 75 46.10 59.86 11.86
CA GLN C 75 47.23 60.18 12.73
C GLN C 75 47.98 61.38 12.16
N LEU C 76 47.98 61.48 10.85
CA LEU C 76 48.66 62.58 10.18
C LEU C 76 48.00 63.93 10.43
N LEU C 77 46.67 63.97 10.33
CA LEU C 77 45.96 65.23 10.53
C LEU C 77 46.08 65.65 11.99
N SER C 78 46.02 64.69 12.89
CA SER C 78 46.12 64.99 14.31
C SER C 78 47.45 65.68 14.59
N GLU C 79 48.53 65.09 14.11
CA GLU C 79 49.85 65.66 14.33
C GLU C 79 49.99 67.06 13.74
N LEU C 80 49.24 67.34 12.68
CA LEU C 80 49.31 68.64 12.06
C LEU C 80 48.45 69.70 12.73
N PHE C 81 47.31 69.31 13.27
CA PHE C 81 46.44 70.28 13.91
C PHE C 81 46.52 70.40 15.43
N THR C 82 47.13 69.42 16.09
CA THR C 82 47.22 69.45 17.55
C THR C 82 47.93 70.69 18.09
N ASN C 83 47.45 71.17 19.23
CA ASN C 83 48.02 72.35 19.86
C ASN C 83 48.77 72.00 21.14
N ARG C 84 48.86 70.72 21.44
CA ARG C 84 49.57 70.27 22.63
C ARG C 84 51.00 69.88 22.24
N LYS C 85 51.92 69.98 23.18
CA LYS C 85 53.33 69.66 22.94
C LYS C 85 53.55 68.36 22.18
N GLU C 86 53.04 67.24 22.71
CA GLU C 86 53.23 65.96 22.07
C GLU C 86 51.94 65.33 21.60
N ASN C 87 51.93 64.89 20.34
CA ASN C 87 50.74 64.26 19.79
C ASN C 87 50.50 62.95 20.53
N ILE C 88 49.25 62.75 20.95
CA ILE C 88 48.87 61.54 21.67
C ILE C 88 48.39 60.45 20.72
N PRO C 89 48.89 59.22 20.90
CA PRO C 89 48.47 58.12 20.03
C PRO C 89 47.01 57.81 20.31
N LEU C 90 46.25 57.50 19.27
CA LEU C 90 44.84 57.20 19.48
C LEU C 90 44.42 55.84 18.95
N LYS C 91 43.45 55.26 19.64
CA LYS C 91 42.89 53.97 19.27
C LYS C 91 41.70 54.25 18.34
N LEU C 92 41.35 53.28 17.52
CA LEU C 92 40.21 53.41 16.60
C LEU C 92 39.07 52.55 17.12
N SER C 93 37.84 53.03 17.00
CA SER C 93 36.71 52.24 17.44
C SER C 93 35.37 52.82 17.00
N GLU C 94 34.37 51.95 16.95
CA GLU C 94 33.03 52.37 16.56
C GLU C 94 32.43 52.99 17.79
N ASP C 95 32.96 52.57 18.94
CA ASP C 95 32.54 53.05 20.25
C ASP C 95 33.34 54.33 20.48
N CYS C 96 32.90 55.41 19.85
CA CYS C 96 33.62 56.67 19.94
C CYS C 96 32.78 57.89 20.31
N LEU C 97 31.50 57.70 20.60
CA LEU C 97 30.66 58.84 20.94
C LEU C 97 30.97 59.39 22.35
N TYR C 98 32.07 60.14 22.43
CA TYR C 98 32.52 60.76 23.67
C TYR C 98 32.86 62.22 23.46
N LEU C 99 33.05 62.92 24.57
CA LEU C 99 33.42 64.32 24.54
C LEU C 99 34.37 64.61 25.72
N ASN C 100 35.21 65.62 25.56
CA ASN C 100 36.14 65.99 26.63
C ASN C 100 35.77 67.35 27.15
N ILE C 101 35.90 67.53 28.46
CA ILE C 101 35.55 68.80 29.09
C ILE C 101 36.73 69.46 29.83
N TYR C 102 36.88 70.77 29.60
CA TYR C 102 37.92 71.58 30.24
C TYR C 102 37.16 72.73 30.88
N THR C 103 37.09 72.74 32.20
CA THR C 103 36.38 73.79 32.92
C THR C 103 37.24 74.49 33.97
N PRO C 104 37.31 75.83 33.91
CA PRO C 104 38.10 76.64 34.85
C PRO C 104 37.25 77.07 36.04
N ALA C 105 35.97 76.69 36.03
CA ALA C 105 35.08 77.05 37.12
C ALA C 105 35.46 76.33 38.42
N ASP C 106 35.07 76.95 39.54
CA ASP C 106 35.31 76.39 40.87
C ASP C 106 34.09 75.49 41.08
N LEU C 107 34.29 74.19 40.92
CA LEU C 107 33.20 73.23 41.05
C LEU C 107 32.57 73.15 42.43
N THR C 108 33.21 73.74 43.43
CA THR C 108 32.65 73.71 44.80
C THR C 108 31.59 74.78 44.93
N LYS C 109 31.43 75.58 43.89
CA LYS C 109 30.44 76.64 43.88
C LYS C 109 29.56 76.46 42.65
N LYS C 110 28.60 77.36 42.45
CA LYS C 110 27.70 77.24 41.31
C LYS C 110 27.97 78.28 40.21
N ASN C 111 28.97 78.01 39.38
CA ASN C 111 29.33 78.92 38.30
C ASN C 111 28.50 78.70 37.04
N ARG C 112 28.41 79.73 36.22
CA ARG C 112 27.65 79.66 34.99
C ARG C 112 28.44 80.30 33.85
N LEU C 113 29.66 79.82 33.65
CA LEU C 113 30.55 80.33 32.60
C LEU C 113 30.06 79.97 31.21
N PRO C 114 30.36 80.80 30.21
CA PRO C 114 29.95 80.51 28.84
C PRO C 114 30.58 79.19 28.38
N VAL C 115 29.88 78.46 27.52
CA VAL C 115 30.36 77.16 27.03
C VAL C 115 30.72 77.19 25.55
N MET C 116 31.92 76.73 25.20
CA MET C 116 32.32 76.70 23.81
C MET C 116 32.55 75.27 23.38
N VAL C 117 31.65 74.78 22.54
CA VAL C 117 31.72 73.41 22.05
C VAL C 117 32.44 73.34 20.71
N TRP C 118 33.56 72.62 20.69
CA TRP C 118 34.37 72.50 19.47
C TRP C 118 34.04 71.28 18.63
N ILE C 119 33.90 71.48 17.32
CA ILE C 119 33.61 70.36 16.40
C ILE C 119 34.75 70.24 15.38
N HIS C 120 35.62 69.27 15.59
CA HIS C 120 36.78 69.07 14.72
C HIS C 120 36.48 68.88 13.23
N GLY C 121 37.52 69.09 12.42
CA GLY C 121 37.42 68.92 10.99
C GLY C 121 38.06 67.59 10.58
N GLY C 122 38.23 67.39 9.28
CA GLY C 122 38.80 66.17 8.76
C GLY C 122 37.92 65.62 7.65
N GLY C 123 37.28 66.53 6.93
CA GLY C 123 36.40 66.18 5.81
C GLY C 123 35.27 65.20 6.10
N LEU C 124 34.97 65.00 7.38
CA LEU C 124 33.92 64.07 7.83
C LEU C 124 34.39 62.64 7.67
N MET C 125 35.67 62.45 7.38
CA MET C 125 36.27 61.13 7.18
C MET C 125 37.26 60.77 8.26
N VAL C 126 38.00 61.77 8.75
CA VAL C 126 39.00 61.56 9.79
C VAL C 126 38.90 62.67 10.82
N GLY C 127 39.70 62.57 11.88
CA GLY C 127 39.66 63.59 12.93
C GLY C 127 39.30 63.01 14.27
N ALA C 128 39.44 63.80 15.32
CA ALA C 128 39.16 63.37 16.68
C ALA C 128 39.11 64.56 17.63
N ALA C 129 38.40 64.41 18.74
CA ALA C 129 38.28 65.49 19.72
C ALA C 129 39.56 65.72 20.51
N SER C 130 40.19 64.62 20.94
CA SER C 130 41.40 64.69 21.74
C SER C 130 42.55 65.47 21.12
N THR C 131 42.50 65.66 19.81
CA THR C 131 43.55 66.39 19.13
C THR C 131 43.67 67.81 19.68
N TYR C 132 42.55 68.39 20.09
CA TYR C 132 42.52 69.75 20.60
C TYR C 132 42.41 69.81 22.11
N ASP C 133 43.46 70.35 22.73
CA ASP C 133 43.51 70.48 24.19
C ASP C 133 42.89 71.82 24.56
N GLY C 134 41.86 71.80 25.41
CA GLY C 134 41.19 73.02 25.81
C GLY C 134 41.75 73.76 27.02
N LEU C 135 42.84 73.26 27.59
CA LEU C 135 43.45 73.87 28.76
C LEU C 135 43.70 75.37 28.67
N ALA C 136 44.53 75.79 27.73
CA ALA C 136 44.86 77.20 27.59
C ALA C 136 43.65 78.13 27.37
N LEU C 137 42.78 77.78 26.43
CA LEU C 137 41.61 78.61 26.15
C LEU C 137 40.70 78.70 27.37
N ALA C 138 40.62 77.61 28.12
CA ALA C 138 39.79 77.58 29.32
C ALA C 138 40.36 78.54 30.37
N ALA C 139 41.61 78.31 30.73
CA ALA C 139 42.28 79.14 31.73
C ALA C 139 42.39 80.61 31.34
N HIS C 140 42.74 80.87 30.09
CA HIS C 140 42.92 82.23 29.61
C HIS C 140 41.69 83.10 29.46
N GLU C 141 40.55 82.52 29.08
CA GLU C 141 39.35 83.33 28.88
C GLU C 141 38.22 82.99 29.83
N ASN C 142 38.52 82.08 30.74
CA ASN C 142 37.54 81.67 31.74
C ASN C 142 36.23 81.16 31.14
N VAL C 143 36.34 80.19 30.24
CA VAL C 143 35.17 79.59 29.62
C VAL C 143 35.31 78.10 29.71
N VAL C 144 34.20 77.38 29.56
CA VAL C 144 34.22 75.93 29.59
C VAL C 144 34.39 75.44 28.16
N VAL C 145 35.38 74.59 27.92
CA VAL C 145 35.59 74.09 26.58
C VAL C 145 35.21 72.62 26.49
N VAL C 146 34.41 72.30 25.48
CA VAL C 146 33.97 70.93 25.26
C VAL C 146 34.33 70.46 23.87
N THR C 147 35.18 69.44 23.78
CA THR C 147 35.56 68.88 22.50
C THR C 147 34.70 67.63 22.30
N ILE C 148 33.98 67.56 21.18
CA ILE C 148 33.10 66.42 20.91
C ILE C 148 33.49 65.60 19.70
N GLN C 149 33.03 64.36 19.68
CA GLN C 149 33.29 63.47 18.56
C GLN C 149 31.98 63.04 17.88
N TYR C 150 32.09 62.58 16.65
CA TYR C 150 30.94 62.13 15.88
C TYR C 150 31.38 61.07 14.88
N ARG C 151 30.48 60.15 14.54
CA ARG C 151 30.80 59.11 13.57
C ARG C 151 31.31 59.72 12.27
N LEU C 152 32.27 59.02 11.66
CA LEU C 152 32.91 59.45 10.43
C LEU C 152 32.74 58.49 9.26
N GLY C 153 33.02 58.98 8.06
CA GLY C 153 32.92 58.18 6.86
C GLY C 153 31.66 57.35 6.75
N ILE C 154 31.83 56.12 6.27
CA ILE C 154 30.71 55.18 6.11
C ILE C 154 29.81 55.17 7.34
N TRP C 155 30.40 54.98 8.51
CA TRP C 155 29.69 54.94 9.77
C TRP C 155 28.83 56.17 10.02
N GLY C 156 29.36 57.36 9.74
CA GLY C 156 28.63 58.57 9.99
C GLY C 156 27.83 59.17 8.87
N PHE C 157 28.03 58.71 7.64
CA PHE C 157 27.29 59.31 6.52
C PHE C 157 26.76 58.41 5.44
N PHE C 158 26.80 57.10 5.65
CA PHE C 158 26.27 56.21 4.66
C PHE C 158 24.77 56.51 4.52
N SER C 159 24.35 56.81 3.29
CA SER C 159 22.95 57.12 3.02
C SER C 159 22.47 56.39 1.78
N THR C 160 21.25 55.87 1.84
CA THR C 160 20.70 55.19 0.67
C THR C 160 19.67 56.13 0.03
N GLY C 161 19.58 57.33 0.58
CA GLY C 161 18.65 58.29 0.06
C GLY C 161 17.20 58.02 0.43
N ASP C 162 16.97 57.11 1.37
CA ASP C 162 15.62 56.78 1.81
C ASP C 162 15.56 56.33 3.27
N GLU C 163 14.38 55.95 3.73
CA GLU C 163 14.19 55.59 5.13
C GLU C 163 15.05 54.48 5.72
N HIS C 164 15.59 53.61 4.88
CA HIS C 164 16.40 52.49 5.37
C HIS C 164 17.76 52.91 5.91
N SER C 165 18.22 54.08 5.47
CA SER C 165 19.47 54.69 5.93
C SER C 165 19.47 56.12 5.40
N ARG C 166 18.72 56.98 6.09
CA ARG C 166 18.60 58.38 5.70
C ARG C 166 19.94 59.08 5.56
N GLY C 167 20.79 58.93 6.57
CA GLY C 167 22.11 59.55 6.54
C GLY C 167 22.33 60.58 7.65
N ASN C 168 23.38 61.39 7.49
CA ASN C 168 23.75 62.42 8.44
C ASN C 168 23.87 61.96 9.90
N TRP C 169 24.25 60.71 10.12
CA TRP C 169 24.38 60.19 11.48
C TRP C 169 25.37 61.07 12.26
N GLY C 170 26.48 61.42 11.61
CA GLY C 170 27.50 62.24 12.22
C GLY C 170 26.99 63.57 12.71
N HIS C 171 26.06 64.15 11.97
CA HIS C 171 25.47 65.42 12.37
C HIS C 171 24.51 65.17 13.53
N LEU C 172 23.75 64.07 13.48
CA LEU C 172 22.83 63.76 14.57
C LEU C 172 23.66 63.52 15.83
N ASP C 173 24.86 62.96 15.64
CA ASP C 173 25.76 62.72 16.77
C ASP C 173 26.15 64.06 17.40
N GLN C 174 26.37 65.07 16.57
CA GLN C 174 26.75 66.39 17.08
C GLN C 174 25.57 66.99 17.85
N VAL C 175 24.37 66.79 17.32
CA VAL C 175 23.16 67.31 17.97
C VAL C 175 23.00 66.63 19.34
N ALA C 176 23.29 65.33 19.40
CA ALA C 176 23.19 64.61 20.66
C ALA C 176 24.14 65.21 21.68
N ALA C 177 25.37 65.50 21.28
CA ALA C 177 26.36 66.07 22.21
C ALA C 177 25.87 67.42 22.73
N LEU C 178 25.32 68.23 21.83
CA LEU C 178 24.81 69.54 22.23
C LEU C 178 23.70 69.34 23.27
N ARG C 179 22.80 68.38 23.01
CA ARG C 179 21.72 68.11 23.95
C ARG C 179 22.31 67.66 25.28
N TRP C 180 23.42 66.92 25.23
CA TRP C 180 24.06 66.46 26.45
C TRP C 180 24.60 67.64 27.25
N VAL C 181 25.18 68.60 26.52
CA VAL C 181 25.72 69.81 27.12
C VAL C 181 24.59 70.54 27.83
N GLN C 182 23.46 70.69 27.14
CA GLN C 182 22.27 71.36 27.68
C GLN C 182 21.80 70.75 28.99
N ASP C 183 21.90 69.43 29.11
CA ASP C 183 21.42 68.76 30.30
C ASP C 183 22.43 68.55 31.39
N ASN C 184 23.72 68.66 31.06
CA ASN C 184 24.76 68.41 32.04
C ASN C 184 25.79 69.51 32.30
N ILE C 185 25.98 70.42 31.36
CA ILE C 185 27.01 71.43 31.54
C ILE C 185 27.02 72.24 32.85
N ALA C 186 25.84 72.56 33.39
CA ALA C 186 25.78 73.32 34.64
C ALA C 186 26.59 72.66 35.77
N SER C 187 26.63 71.33 35.75
CA SER C 187 27.37 70.58 36.76
C SER C 187 28.88 70.83 36.63
N PHE C 188 29.32 71.25 35.45
CA PHE C 188 30.73 71.52 35.22
C PHE C 188 31.01 73.03 35.21
N GLY C 189 30.17 73.78 35.91
CA GLY C 189 30.35 75.22 35.98
C GLY C 189 30.03 75.91 34.66
N GLY C 190 29.23 75.26 33.83
CA GLY C 190 28.88 75.85 32.55
C GLY C 190 27.47 76.37 32.49
N ASN C 191 27.26 77.42 31.69
CA ASN C 191 25.94 78.01 31.55
C ASN C 191 25.27 77.47 30.30
N PRO C 192 24.31 76.56 30.46
CA PRO C 192 23.57 75.96 29.34
C PRO C 192 22.79 76.99 28.53
N GLY C 193 22.62 78.18 29.08
CA GLY C 193 21.90 79.22 28.38
C GLY C 193 22.81 80.04 27.46
N SER C 194 24.09 79.72 27.46
CA SER C 194 25.05 80.42 26.61
C SER C 194 26.08 79.44 26.08
N VAL C 195 25.70 78.71 25.04
CA VAL C 195 26.57 77.73 24.43
C VAL C 195 26.94 78.23 23.05
N THR C 196 28.22 78.13 22.72
CA THR C 196 28.70 78.57 21.42
C THR C 196 29.32 77.37 20.74
N ILE C 197 28.91 77.12 19.50
CA ILE C 197 29.49 76.01 18.76
C ILE C 197 30.46 76.62 17.76
N PHE C 198 31.62 75.99 17.62
CA PHE C 198 32.60 76.47 16.67
C PHE C 198 33.45 75.29 16.20
N GLY C 199 33.85 75.33 14.94
CA GLY C 199 34.65 74.25 14.38
C GLY C 199 35.24 74.65 13.05
N GLU C 200 36.28 73.97 12.59
CA GLU C 200 36.87 74.36 11.33
C GLU C 200 36.82 73.29 10.26
N SER C 201 36.75 73.75 9.01
CA SER C 201 36.67 72.88 7.85
C SER C 201 35.36 72.10 7.92
N ALA C 202 35.41 70.78 8.01
CA ALA C 202 34.19 69.98 8.10
C ALA C 202 33.44 70.33 9.40
N GLY C 203 34.19 70.85 10.36
CA GLY C 203 33.59 71.23 11.63
C GLY C 203 32.88 72.55 11.44
N GLY C 204 33.42 73.36 10.53
CA GLY C 204 32.83 74.66 10.24
C GLY C 204 31.59 74.45 9.41
N GLU C 205 31.62 73.44 8.55
CA GLU C 205 30.49 73.10 7.71
C GLU C 205 29.39 72.54 8.60
N SER C 206 29.80 71.81 9.64
CA SER C 206 28.84 71.24 10.56
C SER C 206 28.14 72.38 11.30
N VAL C 207 28.93 73.31 11.83
CA VAL C 207 28.36 74.46 12.54
C VAL C 207 27.34 75.12 11.60
N SER C 208 27.74 75.35 10.36
CA SER C 208 26.88 75.98 9.37
C SER C 208 25.59 75.17 9.17
N VAL C 209 25.73 73.85 9.09
CA VAL C 209 24.59 72.95 8.92
C VAL C 209 23.68 73.05 10.12
N LEU C 210 24.26 73.01 11.31
CA LEU C 210 23.46 73.10 12.53
C LEU C 210 22.67 74.40 12.52
N VAL C 211 23.34 75.49 12.20
CA VAL C 211 22.74 76.83 12.12
C VAL C 211 21.52 76.84 11.20
N LEU C 212 21.50 75.97 10.19
CA LEU C 212 20.37 75.91 9.27
C LEU C 212 19.36 74.82 9.63
N SER C 213 19.71 73.97 10.58
CA SER C 213 18.83 72.88 10.98
C SER C 213 17.87 73.24 12.11
N PRO C 214 16.57 73.06 11.87
CA PRO C 214 15.52 73.35 12.85
C PRO C 214 15.59 72.40 14.05
N LEU C 215 16.28 71.28 13.87
CA LEU C 215 16.45 70.31 14.94
C LEU C 215 17.38 70.82 16.01
N ALA C 216 18.47 71.48 15.58
CA ALA C 216 19.46 72.00 16.51
C ALA C 216 19.10 73.33 17.14
N LYS C 217 18.06 73.97 16.60
CA LYS C 217 17.61 75.26 17.11
C LYS C 217 17.29 75.11 18.59
N ASN C 218 17.97 75.88 19.43
CA ASN C 218 17.80 75.86 20.89
C ASN C 218 18.97 75.24 21.63
N LEU C 219 19.86 74.58 20.90
CA LEU C 219 21.00 73.92 21.52
C LEU C 219 22.24 74.78 21.59
N PHE C 220 22.26 75.89 20.87
CA PHE C 220 23.38 76.83 20.89
C PHE C 220 22.87 78.26 20.78
N HIS C 221 23.71 79.22 21.15
CA HIS C 221 23.30 80.62 21.13
C HIS C 221 24.20 81.49 20.26
N ARG C 222 25.33 80.93 19.84
CA ARG C 222 26.27 81.66 19.00
C ARG C 222 27.02 80.60 18.21
N ALA C 223 27.50 80.99 17.03
CA ALA C 223 28.22 80.04 16.18
C ALA C 223 29.41 80.66 15.46
N ILE C 224 30.43 79.83 15.26
CA ILE C 224 31.65 80.25 14.57
C ILE C 224 32.07 79.17 13.58
N SER C 225 32.09 79.54 12.29
CA SER C 225 32.51 78.65 11.21
C SER C 225 33.87 79.13 10.70
N GLU C 226 34.90 78.32 10.92
CA GLU C 226 36.26 78.65 10.49
C GLU C 226 36.65 77.87 9.23
N SER C 227 36.72 78.56 8.10
CA SER C 227 37.10 77.92 6.84
C SER C 227 36.19 76.76 6.50
N GLY C 228 34.89 77.00 6.43
CA GLY C 228 33.95 75.94 6.12
C GLY C 228 32.53 76.33 6.44
N VAL C 229 31.65 76.22 5.45
CA VAL C 229 30.25 76.54 5.60
C VAL C 229 29.43 75.54 4.79
N ALA C 230 28.12 75.52 5.02
CA ALA C 230 27.23 74.58 4.34
C ALA C 230 27.27 74.70 2.84
N LEU C 231 27.86 75.77 2.32
CA LEU C 231 27.96 75.96 0.87
C LEU C 231 29.32 75.52 0.31
N THR C 232 30.14 74.88 1.14
CA THR C 232 31.42 74.35 0.69
C THR C 232 30.94 73.05 0.01
N SER C 233 30.56 73.15 -1.26
CA SER C 233 29.99 72.01 -1.98
C SER C 233 30.60 70.62 -1.86
N VAL C 234 31.91 70.49 -1.75
CA VAL C 234 32.49 69.16 -1.66
C VAL C 234 31.94 68.37 -0.47
N LEU C 235 31.45 69.07 0.55
CA LEU C 235 30.94 68.40 1.75
C LEU C 235 29.44 68.08 1.76
N VAL C 236 28.71 68.63 0.80
CA VAL C 236 27.27 68.42 0.73
C VAL C 236 26.86 67.70 -0.55
N LYS C 237 26.30 66.51 -0.42
CA LYS C 237 25.89 65.74 -1.58
C LYS C 237 24.54 66.20 -2.06
N LYS C 238 24.49 66.62 -3.31
CA LYS C 238 23.25 67.08 -3.92
C LYS C 238 22.84 66.14 -5.04
N GLY C 239 21.57 65.72 -5.03
CA GLY C 239 21.11 64.82 -6.07
C GLY C 239 20.80 63.44 -5.54
N ASP C 240 21.06 62.42 -6.36
CA ASP C 240 20.80 61.04 -5.97
C ASP C 240 22.07 60.42 -5.37
N VAL C 241 21.99 60.10 -4.08
CA VAL C 241 23.11 59.52 -3.36
C VAL C 241 23.11 58.00 -3.44
N LYS C 242 22.15 57.45 -4.16
CA LYS C 242 22.00 56.01 -4.31
C LYS C 242 23.21 55.36 -5.01
N PRO C 243 23.68 55.96 -6.12
CA PRO C 243 24.83 55.38 -6.81
C PRO C 243 26.04 55.20 -5.90
N LEU C 244 26.28 56.18 -5.02
CA LEU C 244 27.41 56.09 -4.10
C LEU C 244 27.19 54.95 -3.13
N ALA C 245 25.95 54.79 -2.69
CA ALA C 245 25.59 53.74 -1.75
C ALA C 245 25.85 52.36 -2.37
N GLU C 246 25.49 52.23 -3.64
CA GLU C 246 25.69 50.99 -4.36
C GLU C 246 27.19 50.71 -4.53
N GLN C 247 27.94 51.77 -4.82
CA GLN C 247 29.38 51.65 -5.01
C GLN C 247 30.04 51.12 -3.73
N ILE C 248 29.64 51.66 -2.58
CA ILE C 248 30.17 51.23 -1.30
C ILE C 248 29.77 49.79 -0.99
N ALA C 249 28.47 49.49 -1.13
CA ALA C 249 27.96 48.15 -0.86
C ALA C 249 28.71 47.08 -1.67
N ILE C 250 28.88 47.34 -2.95
CA ILE C 250 29.58 46.41 -3.83
C ILE C 250 31.02 46.24 -3.35
N THR C 251 31.69 47.37 -3.14
CA THR C 251 33.07 47.35 -2.67
C THR C 251 33.21 46.50 -1.44
N ALA C 252 32.22 46.57 -0.55
CA ALA C 252 32.24 45.81 0.70
C ALA C 252 31.79 44.37 0.50
N GLY C 253 31.36 44.04 -0.72
CA GLY C 253 30.93 42.69 -1.01
C GLY C 253 29.49 42.43 -0.62
N CYS C 254 28.61 43.39 -0.92
CA CYS C 254 27.21 43.25 -0.60
C CYS C 254 26.32 43.31 -1.83
N LYS C 255 25.16 42.69 -1.72
CA LYS C 255 24.19 42.70 -2.82
C LYS C 255 23.59 44.10 -2.83
N THR C 256 23.01 44.50 -3.96
CA THR C 256 22.42 45.81 -4.05
C THR C 256 20.96 45.69 -4.48
N THR C 257 20.34 44.55 -4.17
CA THR C 257 18.95 44.27 -4.54
C THR C 257 17.98 45.38 -4.12
N THR C 258 18.09 45.84 -2.87
CA THR C 258 17.24 46.93 -2.37
C THR C 258 18.04 47.65 -1.29
N SER C 259 17.58 48.82 -0.90
CA SER C 259 18.26 49.60 0.13
C SER C 259 18.38 48.80 1.43
N ALA C 260 17.27 48.22 1.87
CA ALA C 260 17.22 47.45 3.11
C ALA C 260 18.25 46.33 3.09
N VAL C 261 18.43 45.72 1.93
CA VAL C 261 19.40 44.65 1.79
C VAL C 261 20.81 45.21 2.01
N MET C 262 21.10 46.32 1.34
CA MET C 262 22.42 46.94 1.49
C MET C 262 22.72 47.26 2.96
N VAL C 263 21.82 48.01 3.60
CA VAL C 263 22.03 48.38 5.00
C VAL C 263 22.16 47.17 5.93
N HIS C 264 21.34 46.15 5.72
CA HIS C 264 21.40 44.96 6.55
C HIS C 264 22.75 44.26 6.39
N CYS C 265 23.21 44.21 5.15
CA CYS C 265 24.47 43.57 4.84
C CYS C 265 25.60 44.37 5.46
N LEU C 266 25.65 45.67 5.20
CA LEU C 266 26.70 46.50 5.78
C LEU C 266 26.68 46.44 7.30
N ARG C 267 25.51 46.24 7.90
CA ARG C 267 25.39 46.15 9.35
C ARG C 267 26.04 44.88 9.89
N GLN C 268 26.20 43.88 9.03
CA GLN C 268 26.79 42.64 9.49
C GLN C 268 28.27 42.52 9.21
N LYS C 269 28.85 43.54 8.60
CA LYS C 269 30.27 43.51 8.32
C LYS C 269 30.97 44.01 9.58
N THR C 270 32.20 43.56 9.78
CA THR C 270 32.98 43.98 10.93
C THR C 270 33.44 45.42 10.74
N GLU C 271 33.90 46.03 11.83
CA GLU C 271 34.39 47.40 11.80
C GLU C 271 35.64 47.39 10.94
N GLU C 272 36.45 46.36 11.16
CA GLU C 272 37.70 46.18 10.45
C GLU C 272 37.43 45.93 8.94
N GLU C 273 36.28 45.32 8.64
CA GLU C 273 35.91 45.05 7.25
C GLU C 273 35.49 46.34 6.56
N LEU C 274 34.73 47.18 7.25
CA LEU C 274 34.29 48.45 6.68
C LEU C 274 35.47 49.42 6.57
N LEU C 275 36.52 49.19 7.36
CA LEU C 275 37.69 50.05 7.28
C LEU C 275 38.41 49.71 5.98
N GLU C 276 38.43 48.41 5.64
CA GLU C 276 39.05 47.99 4.38
C GLU C 276 38.28 48.54 3.18
N THR C 277 36.96 48.61 3.28
CA THR C 277 36.17 49.14 2.19
C THR C 277 36.53 50.62 2.05
N THR C 278 36.75 51.28 3.18
CA THR C 278 37.11 52.68 3.20
C THR C 278 38.43 52.90 2.50
N LEU C 279 39.40 52.04 2.78
CA LEU C 279 40.72 52.15 2.15
C LEU C 279 40.64 51.89 0.64
N LYS C 280 39.77 50.96 0.25
CA LYS C 280 39.58 50.63 -1.16
C LYS C 280 38.96 51.80 -1.94
N MET C 281 38.07 52.55 -1.30
CA MET C 281 37.41 53.69 -1.93
C MET C 281 38.39 54.82 -2.19
N LYS C 282 39.46 54.87 -1.40
CA LYS C 282 40.49 55.91 -1.54
C LYS C 282 39.95 57.34 -1.44
N PHE C 283 39.26 57.65 -0.35
CA PHE C 283 38.72 58.99 -0.15
C PHE C 283 39.83 59.99 0.18
N LEU C 284 39.50 61.28 0.12
CA LEU C 284 40.42 62.38 0.41
C LEU C 284 41.67 62.31 -0.46
N SER C 285 41.49 61.94 -1.70
CA SER C 285 42.61 61.86 -2.61
C SER C 285 42.19 62.19 -4.02
N LEU C 286 42.92 63.10 -4.65
CA LEU C 286 42.61 63.52 -6.01
C LEU C 286 42.85 62.39 -7.00
N ASP C 287 41.78 61.95 -7.65
CA ASP C 287 41.87 60.88 -8.62
C ASP C 287 42.40 61.44 -9.95
N LEU C 288 43.60 61.00 -10.35
CA LEU C 288 44.23 61.48 -11.58
C LEU C 288 43.68 60.90 -12.87
N GLN C 289 43.16 59.68 -12.84
CA GLN C 289 42.58 59.07 -14.04
C GLN C 289 41.19 58.57 -13.68
N GLY C 290 40.25 58.74 -14.60
CA GLY C 290 38.88 58.33 -14.34
C GLY C 290 38.05 59.59 -14.42
N ASP C 291 36.84 59.50 -14.97
CA ASP C 291 36.01 60.69 -15.10
C ASP C 291 35.91 61.44 -13.77
N PRO C 292 36.46 62.65 -13.70
CA PRO C 292 36.42 63.45 -12.47
C PRO C 292 34.98 63.63 -11.98
N ARG C 293 34.03 63.55 -12.89
CA ARG C 293 32.63 63.71 -12.53
C ARG C 293 32.09 62.48 -11.81
N GLU C 294 32.96 61.51 -11.56
CA GLU C 294 32.54 60.29 -10.88
C GLU C 294 33.36 59.95 -9.66
N SER C 295 34.36 60.77 -9.35
CA SER C 295 35.18 60.49 -8.19
C SER C 295 34.49 61.05 -6.95
N GLN C 296 34.44 60.25 -5.90
CA GLN C 296 33.82 60.68 -4.66
C GLN C 296 34.93 60.85 -3.62
N PRO C 297 35.40 62.08 -3.43
CA PRO C 297 36.47 62.32 -2.46
C PRO C 297 36.07 62.07 -1.03
N LEU C 298 34.78 61.87 -0.79
CA LEU C 298 34.31 61.61 0.58
C LEU C 298 32.80 61.47 0.69
N LEU C 299 32.35 60.88 1.79
CA LEU C 299 30.93 60.69 2.05
C LEU C 299 30.52 61.85 2.94
N GLY C 300 29.41 62.51 2.63
CA GLY C 300 29.02 63.64 3.47
C GLY C 300 27.57 63.94 3.77
N THR C 301 27.32 65.20 4.06
CA THR C 301 25.99 65.70 4.40
C THR C 301 25.00 65.52 3.26
N VAL C 302 23.82 65.00 3.58
CA VAL C 302 22.78 64.82 2.57
C VAL C 302 21.50 65.47 3.09
N ILE C 303 20.49 65.53 2.22
CA ILE C 303 19.20 66.10 2.59
C ILE C 303 18.36 64.89 2.99
N ASP C 304 18.42 64.57 4.27
CA ASP C 304 17.75 63.41 4.86
C ASP C 304 16.28 63.58 5.25
N GLY C 305 15.85 64.82 5.46
CA GLY C 305 14.46 65.04 5.84
C GLY C 305 14.19 65.01 7.34
N MET C 306 15.26 65.02 8.13
CA MET C 306 15.18 65.01 9.59
C MET C 306 16.02 66.18 10.09
N LEU C 307 17.27 66.22 9.63
CA LEU C 307 18.20 67.27 9.99
C LEU C 307 18.05 68.43 8.98
N LEU C 308 18.03 68.09 7.71
CA LEU C 308 17.87 69.08 6.64
C LEU C 308 16.70 68.65 5.76
N LEU C 309 15.76 69.57 5.53
CA LEU C 309 14.58 69.28 4.72
C LEU C 309 14.72 69.72 3.28
N LYS C 310 15.73 70.54 3.02
CA LYS C 310 16.00 71.02 1.67
C LYS C 310 17.48 71.40 1.60
N THR C 311 17.95 71.72 0.41
CA THR C 311 19.35 72.07 0.24
C THR C 311 19.71 73.29 1.04
N PRO C 312 20.98 73.40 1.48
CA PRO C 312 21.46 74.54 2.27
C PRO C 312 21.10 75.86 1.57
N GLU C 313 21.18 75.86 0.25
CA GLU C 313 20.87 77.03 -0.53
C GLU C 313 19.42 77.43 -0.31
N GLU C 314 18.49 76.53 -0.60
CA GLU C 314 17.06 76.81 -0.44
C GLU C 314 16.69 77.23 0.98
N LEU C 315 17.42 76.73 1.97
CA LEU C 315 17.15 77.08 3.36
C LEU C 315 17.53 78.51 3.70
N GLN C 316 18.52 79.04 3.01
CA GLN C 316 18.96 80.41 3.26
C GLN C 316 17.94 81.41 2.74
N ALA C 317 17.58 81.26 1.46
CA ALA C 317 16.62 82.14 0.82
C ALA C 317 15.26 82.07 1.51
N GLU C 318 15.15 81.15 2.48
CA GLU C 318 13.91 80.96 3.21
C GLU C 318 13.85 81.78 4.49
N ARG C 319 14.95 82.46 4.84
CA ARG C 319 15.00 83.27 6.06
C ARG C 319 14.28 82.53 7.17
N ASN C 320 14.39 81.20 7.11
CA ASN C 320 13.74 80.32 8.08
C ASN C 320 14.77 79.51 8.87
N PHE C 321 15.26 80.11 9.94
CA PHE C 321 16.23 79.48 10.81
C PHE C 321 16.56 80.44 11.94
N HIS C 322 16.77 79.90 13.15
CA HIS C 322 17.06 80.75 14.29
C HIS C 322 18.29 81.61 14.01
N THR C 323 18.12 82.91 14.19
CA THR C 323 19.19 83.85 13.96
C THR C 323 20.00 84.12 15.21
N VAL C 324 21.19 83.54 15.27
CA VAL C 324 22.08 83.74 16.41
C VAL C 324 23.30 84.47 15.91
N PRO C 325 24.04 85.14 16.80
CA PRO C 325 25.25 85.84 16.35
C PRO C 325 26.11 84.79 15.64
N TYR C 326 26.62 85.13 14.46
CA TYR C 326 27.40 84.18 13.69
C TYR C 326 28.71 84.75 13.13
N MET C 327 29.83 84.14 13.51
CA MET C 327 31.15 84.58 13.04
C MET C 327 31.62 83.59 11.98
N VAL C 328 31.92 84.11 10.79
CA VAL C 328 32.37 83.28 9.67
C VAL C 328 33.70 83.80 9.18
N GLY C 329 34.69 82.93 9.05
CA GLY C 329 35.98 83.40 8.60
C GLY C 329 36.72 82.47 7.66
N ILE C 330 37.77 83.00 7.05
CA ILE C 330 38.59 82.23 6.13
C ILE C 330 40.05 82.60 6.33
N ASN C 331 40.93 81.83 5.71
CA ASN C 331 42.35 82.11 5.80
C ASN C 331 42.81 82.57 4.44
N LYS C 332 43.86 83.40 4.44
CA LYS C 332 44.43 83.96 3.23
C LYS C 332 44.70 82.92 2.14
N GLN C 333 45.32 81.80 2.52
CA GLN C 333 45.67 80.74 1.58
C GLN C 333 45.12 79.36 2.00
N GLU C 334 43.80 79.21 1.94
CA GLU C 334 43.14 77.97 2.33
C GLU C 334 43.63 76.72 1.61
N PHE C 335 44.05 76.88 0.36
CA PHE C 335 44.54 75.75 -0.42
C PHE C 335 46.04 75.91 -0.62
N GLY C 336 46.67 76.59 0.33
CA GLY C 336 48.10 76.86 0.27
C GLY C 336 49.06 75.70 0.32
N TRP C 337 48.84 74.76 1.24
CA TRP C 337 49.72 73.61 1.33
C TRP C 337 49.02 72.34 1.82
N LEU C 338 48.55 72.40 3.05
CA LEU C 338 47.90 71.27 3.71
C LEU C 338 46.97 70.41 2.90
N ILE C 339 45.91 70.99 2.34
CA ILE C 339 44.97 70.20 1.57
C ILE C 339 45.54 69.58 0.30
N PRO C 340 46.25 70.36 -0.53
CA PRO C 340 46.81 69.76 -1.75
C PRO C 340 47.78 68.65 -1.37
N MET C 341 48.48 68.87 -0.26
CA MET C 341 49.45 67.90 0.25
C MET C 341 48.70 66.62 0.64
N LEU C 342 47.64 66.76 1.44
CA LEU C 342 46.84 65.63 1.88
C LEU C 342 46.17 64.84 0.77
N MET C 343 45.78 65.53 -0.30
CA MET C 343 45.11 64.86 -1.40
C MET C 343 46.06 64.49 -2.53
N SER C 344 47.35 64.72 -2.30
CA SER C 344 48.37 64.40 -3.29
C SER C 344 48.16 65.10 -4.63
N TYR C 345 48.23 66.42 -4.63
CA TYR C 345 48.08 67.15 -5.88
C TYR C 345 49.40 67.05 -6.63
N PRO C 346 49.34 66.91 -7.96
CA PRO C 346 50.50 66.80 -8.84
C PRO C 346 51.24 68.13 -9.00
N LEU C 347 51.65 68.75 -7.91
CA LEU C 347 52.32 70.05 -8.00
C LEU C 347 53.79 69.96 -7.63
N SER C 348 54.36 68.78 -7.84
CA SER C 348 55.75 68.49 -7.55
C SER C 348 56.71 69.53 -8.16
N GLU C 349 56.37 70.02 -9.36
CA GLU C 349 57.18 71.01 -10.08
C GLU C 349 57.25 72.40 -9.47
N GLY C 350 56.17 72.83 -8.84
CA GLY C 350 56.13 74.16 -8.25
C GLY C 350 55.75 75.16 -9.33
N GLN C 351 55.38 74.66 -10.50
CA GLN C 351 55.00 75.50 -11.62
C GLN C 351 53.73 75.01 -12.29
N LEU C 352 53.14 75.88 -13.10
CA LEU C 352 51.93 75.53 -13.81
C LEU C 352 51.69 76.51 -14.95
N ASP C 353 51.39 75.98 -16.12
CA ASP C 353 51.09 76.81 -17.26
C ASP C 353 49.58 76.68 -17.47
N GLN C 354 49.03 77.53 -18.32
CA GLN C 354 47.60 77.52 -18.59
C GLN C 354 46.97 76.16 -18.88
N LYS C 355 47.38 75.50 -19.96
CA LYS C 355 46.80 74.21 -20.32
C LYS C 355 46.82 73.17 -19.21
N THR C 356 47.90 73.16 -18.43
CA THR C 356 48.01 72.18 -17.35
C THR C 356 47.08 72.58 -16.21
N ALA C 357 46.93 73.88 -16.01
CA ALA C 357 46.05 74.37 -14.98
C ALA C 357 44.61 73.98 -15.32
N MET C 358 44.25 74.11 -16.59
CA MET C 358 42.91 73.77 -17.03
C MET C 358 42.59 72.29 -16.79
N SER C 359 43.56 71.44 -17.11
CA SER C 359 43.41 70.00 -16.93
C SER C 359 43.27 69.66 -15.47
N LEU C 360 44.04 70.35 -14.64
CA LEU C 360 44.03 70.15 -13.21
C LEU C 360 42.69 70.58 -12.62
N LEU C 361 42.19 71.71 -13.12
CA LEU C 361 40.94 72.26 -12.66
C LEU C 361 39.78 71.32 -12.98
N TRP C 362 39.91 70.60 -14.08
CA TRP C 362 38.89 69.63 -14.48
C TRP C 362 38.98 68.44 -13.52
N LYS C 363 40.20 67.95 -13.30
CA LYS C 363 40.45 66.83 -12.39
C LYS C 363 39.87 67.16 -11.02
N SER C 364 39.96 68.44 -10.64
CA SER C 364 39.48 68.92 -9.35
C SER C 364 37.96 69.09 -9.31
N TYR C 365 37.28 68.64 -10.35
CA TYR C 365 35.83 68.75 -10.42
C TYR C 365 35.11 68.43 -9.12
N PRO C 366 35.45 67.28 -8.49
CA PRO C 366 34.81 66.90 -7.24
C PRO C 366 34.97 67.90 -6.10
N LEU C 367 35.91 68.82 -6.23
CA LEU C 367 36.13 69.82 -5.19
C LEU C 367 35.55 71.17 -5.55
N VAL C 368 35.52 71.50 -6.83
CA VAL C 368 35.04 72.80 -7.26
C VAL C 368 33.83 72.79 -8.19
N CYS C 369 33.44 71.60 -8.65
CA CYS C 369 32.29 71.45 -9.56
C CYS C 369 32.19 72.55 -10.62
N ILE C 370 33.23 72.70 -11.42
CA ILE C 370 33.25 73.67 -12.51
C ILE C 370 33.09 72.91 -13.81
N ALA C 371 31.97 73.12 -14.49
CA ALA C 371 31.71 72.43 -15.76
C ALA C 371 32.87 72.63 -16.72
N LYS C 372 33.20 71.58 -17.47
CA LYS C 372 34.32 71.61 -18.40
C LYS C 372 34.35 72.80 -19.36
N GLU C 373 33.17 73.33 -19.71
CA GLU C 373 33.12 74.46 -20.64
C GLU C 373 33.38 75.79 -19.95
N LEU C 374 33.39 75.78 -18.62
CA LEU C 374 33.62 77.01 -17.89
C LEU C 374 35.08 77.13 -17.48
N ILE C 375 35.82 76.02 -17.58
CA ILE C 375 37.23 76.00 -17.20
C ILE C 375 38.06 77.13 -17.83
N PRO C 376 37.93 77.34 -19.15
CA PRO C 376 38.71 78.40 -19.78
C PRO C 376 38.46 79.77 -19.19
N GLU C 377 37.20 80.07 -18.90
CA GLU C 377 36.85 81.37 -18.36
C GLU C 377 37.44 81.56 -16.97
N ALA C 378 37.29 80.54 -16.13
CA ALA C 378 37.79 80.58 -14.77
C ALA C 378 39.31 80.67 -14.75
N THR C 379 39.97 79.76 -15.43
CA THR C 379 41.42 79.74 -15.47
C THR C 379 41.95 81.04 -16.07
N GLU C 380 41.32 81.50 -17.14
CA GLU C 380 41.74 82.74 -17.80
C GLU C 380 41.61 83.92 -16.86
N LYS C 381 40.56 83.91 -16.05
CA LYS C 381 40.30 84.97 -15.10
C LYS C 381 41.36 85.06 -14.00
N TYR C 382 41.86 83.91 -13.55
CA TYR C 382 42.86 83.91 -12.49
C TYR C 382 44.31 83.84 -12.93
N LEU C 383 44.60 83.07 -13.98
CA LEU C 383 45.97 82.92 -14.42
C LEU C 383 46.36 83.79 -15.61
N GLY C 384 45.37 84.19 -16.40
CA GLY C 384 45.64 85.00 -17.58
C GLY C 384 46.45 86.28 -17.45
N GLY C 385 46.53 86.84 -16.24
CA GLY C 385 47.26 88.07 -16.04
C GLY C 385 48.78 87.99 -15.93
N THR C 386 49.35 86.79 -15.90
CA THR C 386 50.79 86.69 -15.81
C THR C 386 51.39 85.55 -16.62
N ASP C 387 52.69 85.67 -16.87
CA ASP C 387 53.40 84.67 -17.62
C ASP C 387 54.33 83.90 -16.71
N ASP C 388 54.37 84.30 -15.44
CA ASP C 388 55.21 83.63 -14.46
C ASP C 388 54.51 82.33 -14.12
N THR C 389 55.13 81.20 -14.48
CA THR C 389 54.51 79.91 -14.21
C THR C 389 54.35 79.62 -12.73
N VAL C 390 55.16 80.26 -11.90
CA VAL C 390 55.05 80.03 -10.46
C VAL C 390 53.84 80.78 -9.94
N LYS C 391 53.69 82.04 -10.35
CA LYS C 391 52.56 82.84 -9.93
C LYS C 391 51.25 82.22 -10.41
N LYS C 392 51.28 81.53 -11.54
CA LYS C 392 50.08 80.87 -12.08
C LYS C 392 49.68 79.73 -11.16
N LYS C 393 50.67 79.02 -10.64
CA LYS C 393 50.42 77.91 -9.75
C LYS C 393 49.81 78.44 -8.46
N ASP C 394 50.31 79.56 -7.98
CA ASP C 394 49.82 80.17 -6.75
C ASP C 394 48.43 80.72 -6.95
N LEU C 395 48.21 81.37 -8.09
CA LEU C 395 46.90 81.94 -8.39
C LEU C 395 45.94 80.80 -8.62
N PHE C 396 46.50 79.67 -9.02
CA PHE C 396 45.68 78.48 -9.26
C PHE C 396 45.20 78.00 -7.90
N LEU C 397 46.07 78.09 -6.92
CA LEU C 397 45.72 77.66 -5.57
C LEU C 397 44.73 78.65 -4.95
N ASP C 398 44.79 79.90 -5.40
CA ASP C 398 43.89 80.94 -4.93
C ASP C 398 42.51 80.68 -5.55
N LEU C 399 42.52 80.24 -6.80
CA LEU C 399 41.28 79.93 -7.52
C LEU C 399 40.52 78.86 -6.73
N ILE C 400 41.18 77.79 -6.35
CA ILE C 400 40.52 76.71 -5.62
C ILE C 400 39.96 77.18 -4.28
N ALA C 401 40.77 77.92 -3.53
CA ALA C 401 40.38 78.40 -2.21
C ALA C 401 39.13 79.27 -2.25
N ASP C 402 38.99 80.05 -3.33
CA ASP C 402 37.85 80.94 -3.50
C ASP C 402 36.55 80.18 -3.73
N VAL C 403 36.62 79.12 -4.54
CA VAL C 403 35.43 78.34 -4.84
C VAL C 403 35.02 77.45 -3.67
N MET C 404 35.99 76.97 -2.91
CA MET C 404 35.69 76.10 -1.78
C MET C 404 35.38 76.82 -0.47
N PHE C 405 36.09 77.92 -0.19
CA PHE C 405 35.88 78.61 1.07
C PHE C 405 35.51 80.10 1.02
N GLY C 406 36.26 80.89 0.26
CA GLY C 406 36.00 82.31 0.18
C GLY C 406 34.62 82.76 -0.23
N VAL C 407 34.21 82.39 -1.43
CA VAL C 407 32.91 82.77 -1.94
C VAL C 407 31.78 82.16 -1.11
N PRO C 408 31.85 80.85 -0.81
CA PRO C 408 30.79 80.23 -0.01
C PRO C 408 30.60 80.92 1.35
N SER C 409 31.72 81.18 2.03
CA SER C 409 31.69 81.84 3.33
C SER C 409 31.06 83.23 3.25
N VAL C 410 31.46 84.02 2.25
CA VAL C 410 30.91 85.36 2.15
C VAL C 410 29.43 85.32 1.79
N ILE C 411 29.05 84.39 0.92
CA ILE C 411 27.66 84.25 0.53
C ILE C 411 26.82 83.86 1.74
N VAL C 412 27.39 83.03 2.61
CA VAL C 412 26.68 82.62 3.80
C VAL C 412 26.50 83.82 4.74
N ALA C 413 27.61 84.48 5.06
CA ALA C 413 27.58 85.65 5.94
C ALA C 413 26.53 86.68 5.48
N ARG C 414 26.51 86.95 4.19
CA ARG C 414 25.56 87.91 3.64
C ARG C 414 24.13 87.47 3.91
N ASN C 415 23.84 86.19 3.68
CA ASN C 415 22.49 85.71 3.92
C ASN C 415 22.14 85.75 5.41
N HIS C 416 23.09 85.39 6.27
CA HIS C 416 22.82 85.43 7.69
C HIS C 416 22.47 86.89 8.01
N ARG C 417 23.35 87.78 7.60
CA ARG C 417 23.17 89.22 7.80
C ARG C 417 21.80 89.68 7.31
N ASP C 418 21.55 89.53 6.00
CA ASP C 418 20.27 89.96 5.44
C ASP C 418 19.04 89.31 6.12
N ALA C 419 19.27 88.25 6.89
CA ALA C 419 18.19 87.56 7.61
C ALA C 419 17.89 88.30 8.91
N GLY C 420 18.74 89.27 9.24
CA GLY C 420 18.54 90.08 10.43
C GLY C 420 19.38 89.76 11.64
N ALA C 421 20.26 88.76 11.55
CA ALA C 421 21.08 88.39 12.71
C ALA C 421 22.49 88.98 12.69
N PRO C 422 23.06 89.23 13.89
CA PRO C 422 24.40 89.79 14.01
C PRO C 422 25.39 88.88 13.29
N THR C 423 26.19 89.45 12.40
CA THR C 423 27.16 88.67 11.66
C THR C 423 28.54 89.32 11.72
N TYR C 424 29.58 88.50 11.69
CA TYR C 424 30.94 89.00 11.76
C TYR C 424 31.84 88.15 10.86
N MET C 425 32.81 88.79 10.21
CA MET C 425 33.74 88.08 9.34
C MET C 425 35.19 88.43 9.62
N TYR C 426 36.08 87.52 9.25
CA TYR C 426 37.50 87.74 9.45
C TYR C 426 38.27 86.97 8.40
N GLU C 427 39.54 87.35 8.22
CA GLU C 427 40.43 86.69 7.28
C GLU C 427 41.76 86.59 8.00
N PHE C 428 42.11 85.37 8.39
CA PHE C 428 43.36 85.11 9.11
C PHE C 428 44.52 85.00 8.15
N GLN C 429 45.58 85.75 8.43
CA GLN C 429 46.77 85.73 7.58
C GLN C 429 48.02 85.78 8.45
N TYR C 430 48.51 84.61 8.84
CA TYR C 430 49.70 84.51 9.68
C TYR C 430 50.29 83.12 9.52
N ARG C 431 51.60 82.99 9.70
CA ARG C 431 52.22 81.69 9.57
C ARG C 431 52.70 81.21 10.93
N PRO C 432 51.94 80.30 11.55
CA PRO C 432 52.32 79.77 12.86
C PRO C 432 53.68 79.08 12.82
N SER C 433 54.46 79.25 13.87
CA SER C 433 55.79 78.64 13.94
C SER C 433 55.67 77.14 14.14
N PHE C 434 54.50 76.71 14.60
CA PHE C 434 54.23 75.30 14.86
C PHE C 434 53.93 74.56 13.56
N SER C 435 54.07 75.25 12.44
CA SER C 435 53.83 74.66 11.13
C SER C 435 54.73 73.46 10.90
N SER C 436 54.31 72.59 9.98
CA SER C 436 55.09 71.42 9.63
C SER C 436 56.36 71.87 8.91
N ASP C 437 57.45 71.13 9.09
CA ASP C 437 58.71 71.47 8.45
C ASP C 437 58.65 71.34 6.93
N MET C 438 57.73 70.50 6.45
CA MET C 438 57.58 70.28 5.01
C MET C 438 56.78 71.35 4.28
N LYS C 439 56.13 72.23 5.04
CA LYS C 439 55.33 73.31 4.46
C LYS C 439 56.19 74.47 4.02
N PRO C 440 56.14 74.84 2.73
CA PRO C 440 56.97 75.97 2.28
C PRO C 440 56.78 77.19 3.16
N LYS C 441 57.90 77.85 3.49
CA LYS C 441 57.86 79.01 4.35
C LYS C 441 57.11 80.21 3.78
N THR C 442 56.81 80.19 2.49
CA THR C 442 56.09 81.30 1.88
C THR C 442 54.58 81.20 2.06
N VAL C 443 54.11 80.06 2.56
CA VAL C 443 52.68 79.89 2.76
C VAL C 443 52.30 80.59 4.06
N ILE C 444 51.36 81.53 3.99
CA ILE C 444 50.92 82.28 5.16
C ILE C 444 49.40 82.24 5.22
N GLY C 445 48.86 81.75 6.34
CA GLY C 445 47.42 81.65 6.45
C GLY C 445 46.90 80.43 5.71
N ASP C 446 47.57 79.31 5.93
CA ASP C 446 47.20 78.05 5.32
C ASP C 446 46.01 77.48 6.10
N HIS C 447 45.29 76.56 5.48
CA HIS C 447 44.14 75.93 6.10
C HIS C 447 44.56 75.40 7.48
N GLY C 448 43.80 75.77 8.51
CA GLY C 448 44.11 75.29 9.85
C GLY C 448 45.03 76.16 10.69
N ASP C 449 45.70 77.12 10.05
CA ASP C 449 46.64 78.00 10.76
C ASP C 449 46.08 78.78 11.95
N GLU C 450 44.80 79.14 11.91
CA GLU C 450 44.21 79.91 13.01
C GLU C 450 43.97 79.06 14.26
N LEU C 451 43.96 77.74 14.08
CA LEU C 451 43.72 76.84 15.20
C LEU C 451 44.77 77.03 16.27
N PHE C 452 45.97 77.44 15.89
CA PHE C 452 47.04 77.61 16.88
C PHE C 452 46.86 78.84 17.74
N SER C 453 46.16 79.84 17.23
CA SER C 453 45.95 81.04 18.00
C SER C 453 44.68 80.86 18.83
N VAL C 454 43.67 80.24 18.23
CA VAL C 454 42.40 79.99 18.89
C VAL C 454 42.57 79.07 20.07
N PHE C 455 43.40 78.03 19.92
CA PHE C 455 43.59 77.08 21.01
C PHE C 455 44.83 77.28 21.87
N GLY C 456 45.40 78.49 21.80
CA GLY C 456 46.57 78.82 22.60
C GLY C 456 47.78 77.91 22.50
N ALA C 457 48.08 77.44 21.30
CA ALA C 457 49.26 76.60 21.10
C ALA C 457 50.49 77.29 21.70
N PRO C 458 50.61 78.62 21.52
CA PRO C 458 51.77 79.35 22.07
C PRO C 458 52.00 79.09 23.56
N PHE C 459 50.94 78.72 24.28
CA PHE C 459 51.06 78.47 25.71
C PHE C 459 51.15 77.01 26.10
N LEU C 460 51.12 76.13 25.11
CA LEU C 460 51.20 74.69 25.38
C LEU C 460 52.42 74.10 24.68
N LYS C 461 52.79 74.71 23.56
CA LYS C 461 53.95 74.28 22.78
C LYS C 461 55.10 75.25 23.02
N GLU C 462 56.28 74.94 22.48
CA GLU C 462 57.46 75.78 22.67
C GLU C 462 57.83 76.64 21.45
N GLY C 463 58.73 77.58 21.68
CA GLY C 463 59.22 78.44 20.61
C GLY C 463 58.38 79.57 20.06
N ALA C 464 57.26 79.89 20.70
CA ALA C 464 56.43 80.97 20.19
C ALA C 464 57.13 82.30 20.50
N SER C 465 57.19 83.19 19.53
CA SER C 465 57.80 84.50 19.74
C SER C 465 56.76 85.33 20.47
N GLU C 466 57.16 86.48 21.00
CA GLU C 466 56.22 87.34 21.72
C GLU C 466 55.08 87.76 20.81
N GLU C 467 55.40 87.89 19.52
CA GLU C 467 54.42 88.29 18.53
C GLU C 467 53.32 87.25 18.37
N GLU C 468 53.73 85.99 18.34
CA GLU C 468 52.80 84.87 18.18
C GLU C 468 51.93 84.76 19.43
N ILE C 469 52.56 84.87 20.58
CA ILE C 469 51.90 84.78 21.87
C ILE C 469 50.86 85.90 21.98
N ARG C 470 51.20 87.04 21.39
CA ARG C 470 50.34 88.21 21.39
C ARG C 470 49.12 87.95 20.52
N LEU C 471 49.36 87.39 19.33
CA LEU C 471 48.29 87.08 18.39
C LEU C 471 47.32 86.08 18.99
N SER C 472 47.84 85.07 19.65
CA SER C 472 47.00 84.05 20.25
C SER C 472 46.06 84.66 21.29
N LYS C 473 46.63 85.36 22.26
CA LYS C 473 45.83 85.99 23.32
C LYS C 473 44.73 86.86 22.72
N MET C 474 45.09 87.66 21.73
CA MET C 474 44.12 88.53 21.10
C MET C 474 42.98 87.71 20.50
N VAL C 475 43.34 86.63 19.80
CA VAL C 475 42.34 85.78 19.16
C VAL C 475 41.43 85.06 20.17
N MET C 476 41.99 84.60 21.28
CA MET C 476 41.16 83.92 22.27
C MET C 476 40.18 84.90 22.91
N LYS C 477 40.60 86.13 23.16
CA LYS C 477 39.72 87.13 23.75
C LYS C 477 38.61 87.44 22.77
N PHE C 478 38.95 87.47 21.49
CA PHE C 478 37.95 87.76 20.47
C PHE C 478 36.90 86.66 20.46
N TRP C 479 37.36 85.41 20.36
CA TRP C 479 36.46 84.26 20.35
C TRP C 479 35.61 84.18 21.63
N ALA C 480 36.26 84.33 22.78
CA ALA C 480 35.58 84.26 24.06
C ALA C 480 34.62 85.43 24.27
N ASN C 481 35.00 86.62 23.82
CA ASN C 481 34.13 87.77 23.95
C ASN C 481 32.86 87.50 23.15
N PHE C 482 33.06 86.88 21.98
CA PHE C 482 31.94 86.54 21.12
C PHE C 482 31.08 85.52 21.86
N ALA C 483 31.75 84.58 22.54
CA ALA C 483 31.06 83.56 23.29
C ALA C 483 30.05 84.17 24.27
N ARG C 484 30.49 85.10 25.10
CA ARG C 484 29.59 85.70 26.07
C ARG C 484 28.60 86.76 25.58
N ASN C 485 29.03 87.66 24.70
CA ASN C 485 28.14 88.71 24.24
C ASN C 485 27.63 88.64 22.80
N GLY C 486 28.11 87.68 22.04
CA GLY C 486 27.67 87.59 20.65
C GLY C 486 28.30 88.73 19.87
N ASN C 487 29.34 89.34 20.46
CA ASN C 487 30.08 90.43 19.88
C ASN C 487 31.54 90.25 20.27
N PRO C 488 32.43 90.09 19.29
CA PRO C 488 33.85 89.89 19.64
C PRO C 488 34.54 91.06 20.33
N ASN C 489 34.01 92.27 20.14
CA ASN C 489 34.61 93.46 20.70
C ASN C 489 34.79 93.50 22.21
N GLY C 490 35.81 94.24 22.64
CA GLY C 490 36.11 94.37 24.04
C GLY C 490 37.27 95.32 24.26
N GLU C 491 37.36 95.84 25.48
CA GLU C 491 38.43 96.77 25.83
C GLU C 491 39.82 96.20 25.53
N GLY C 492 40.66 97.03 24.93
CA GLY C 492 42.02 96.62 24.62
C GLY C 492 42.27 95.82 23.34
N LEU C 493 41.22 95.65 22.53
CA LEU C 493 41.36 94.90 21.29
C LEU C 493 40.99 95.78 20.11
N PRO C 494 41.62 95.56 18.96
CA PRO C 494 41.29 96.37 17.79
C PRO C 494 39.81 96.25 17.44
N HIS C 495 39.21 97.34 17.00
CA HIS C 495 37.80 97.34 16.65
C HIS C 495 37.46 96.34 15.55
N TRP C 496 36.44 95.53 15.79
CA TRP C 496 36.00 94.55 14.80
C TRP C 496 34.63 95.03 14.34
N PRO C 497 34.56 95.63 13.14
CA PRO C 497 33.26 96.10 12.67
C PRO C 497 32.29 94.93 12.48
N GLU C 498 31.00 95.25 12.46
CA GLU C 498 29.99 94.24 12.26
C GLU C 498 29.83 94.05 10.76
N TYR C 499 29.47 92.86 10.32
CA TYR C 499 29.30 92.62 8.91
C TYR C 499 27.90 93.04 8.48
N ASN C 500 27.72 94.33 8.23
CA ASN C 500 26.44 94.85 7.78
C ASN C 500 26.52 95.09 6.28
N GLN C 501 25.70 95.98 5.76
CA GLN C 501 25.73 96.21 4.32
C GLN C 501 27.06 96.79 3.83
N LYS C 502 27.87 97.31 4.75
CA LYS C 502 29.17 97.88 4.36
C LYS C 502 30.17 96.73 4.22
N GLU C 503 29.87 95.63 4.91
CA GLU C 503 30.69 94.43 4.86
C GLU C 503 32.09 94.57 5.42
N GLY C 504 32.19 95.21 6.58
CA GLY C 504 33.48 95.36 7.22
C GLY C 504 33.82 94.02 7.83
N TYR C 505 35.12 93.74 7.93
CA TYR C 505 35.57 92.49 8.50
C TYR C 505 36.96 92.72 9.06
N LEU C 506 37.39 91.84 9.95
CA LEU C 506 38.69 92.00 10.57
C LEU C 506 39.76 91.17 9.90
N GLN C 507 40.89 91.80 9.63
CA GLN C 507 42.01 91.09 9.03
C GLN C 507 42.87 90.77 10.23
N ILE C 508 43.10 89.48 10.48
CA ILE C 508 43.89 89.09 11.63
C ILE C 508 45.27 88.59 11.25
N GLY C 509 46.26 89.02 12.03
CA GLY C 509 47.63 88.62 11.79
C GLY C 509 48.56 89.53 12.57
N ALA C 510 49.82 89.62 12.15
CA ALA C 510 50.80 90.48 12.81
C ALA C 510 50.15 91.84 12.98
N ASN C 511 49.50 92.31 11.91
CA ASN C 511 48.79 93.58 11.93
C ASN C 511 47.31 93.24 11.78
N THR C 512 46.51 93.63 12.77
CA THR C 512 45.08 93.34 12.73
C THR C 512 44.33 94.66 12.64
N GLN C 513 43.43 94.75 11.67
CA GLN C 513 42.67 95.97 11.49
C GLN C 513 41.48 95.71 10.56
N ALA C 514 40.40 96.46 10.77
CA ALA C 514 39.20 96.31 9.96
C ALA C 514 39.48 96.59 8.49
N ALA C 515 38.54 96.22 7.64
CA ALA C 515 38.66 96.43 6.21
C ALA C 515 37.26 96.17 5.67
N GLN C 516 37.04 96.32 4.37
CA GLN C 516 35.71 96.10 3.85
C GLN C 516 35.61 95.23 2.59
N LYS C 517 34.37 94.91 2.23
CA LYS C 517 34.02 94.09 1.07
C LYS C 517 34.89 92.90 0.68
N LEU C 518 35.16 92.04 1.67
CA LEU C 518 35.95 90.81 1.50
C LEU C 518 35.47 89.92 0.34
N LYS C 519 36.38 89.58 -0.57
CA LYS C 519 36.07 88.72 -1.73
C LYS C 519 34.88 89.21 -2.56
N ASP C 520 34.69 90.52 -2.64
CA ASP C 520 33.54 91.04 -3.38
C ASP C 520 33.55 90.77 -4.88
N LYS C 521 34.67 91.05 -5.53
CA LYS C 521 34.79 90.81 -6.98
C LYS C 521 34.65 89.32 -7.25
N GLU C 522 35.29 88.51 -6.41
CA GLU C 522 35.25 87.05 -6.54
C GLU C 522 33.83 86.50 -6.53
N VAL C 523 33.06 86.86 -5.50
CA VAL C 523 31.69 86.38 -5.41
C VAL C 523 30.93 86.80 -6.65
N ALA C 524 31.21 88.00 -7.13
CA ALA C 524 30.55 88.51 -8.33
C ALA C 524 30.93 87.64 -9.53
N PHE C 525 32.22 87.36 -9.66
CA PHE C 525 32.69 86.54 -10.77
C PHE C 525 32.14 85.12 -10.76
N TRP C 526 32.15 84.48 -9.60
CA TRP C 526 31.68 83.11 -9.50
C TRP C 526 30.17 82.94 -9.56
N THR C 527 29.42 83.85 -8.92
CA THR C 527 27.97 83.73 -8.96
C THR C 527 27.56 83.83 -10.43
N ASN C 528 28.25 84.71 -11.15
CA ASN C 528 27.99 84.93 -12.56
C ASN C 528 28.39 83.76 -13.46
N LEU C 529 29.58 83.23 -13.22
CA LEU C 529 30.08 82.11 -14.01
C LEU C 529 29.23 80.87 -13.77
N PHE C 530 28.94 80.57 -12.50
CA PHE C 530 28.14 79.41 -12.14
C PHE C 530 26.68 79.53 -12.57
N ALA C 531 26.30 80.71 -13.06
CA ALA C 531 24.93 80.93 -13.51
C ALA C 531 24.78 80.38 -14.91
N LYS C 532 25.84 80.55 -15.71
CA LYS C 532 25.87 80.07 -17.09
C LYS C 532 25.58 78.57 -17.15
N SER D 1 -53.01 -24.89 9.34
CA SER D 1 -52.57 -25.85 8.31
C SER D 1 -51.04 -25.91 8.14
N SER D 2 -50.48 -27.12 8.09
CA SER D 2 -49.02 -27.29 7.93
C SER D 2 -48.80 -27.95 6.57
N PRO D 3 -47.74 -27.57 5.84
CA PRO D 3 -47.48 -28.16 4.51
C PRO D 3 -47.55 -29.69 4.51
N PRO D 4 -48.14 -30.27 3.46
CA PRO D 4 -48.27 -31.73 3.37
C PRO D 4 -46.95 -32.44 3.00
N VAL D 5 -46.60 -33.47 3.77
CA VAL D 5 -45.39 -34.27 3.55
C VAL D 5 -45.76 -35.69 3.19
N VAL D 6 -45.26 -36.17 2.05
CA VAL D 6 -45.57 -37.51 1.60
C VAL D 6 -44.32 -38.39 1.49
N ASP D 7 -44.45 -39.65 1.88
CA ASP D 7 -43.32 -40.57 1.80
C ASP D 7 -43.43 -41.44 0.55
N THR D 8 -42.51 -41.24 -0.40
CA THR D 8 -42.50 -42.04 -1.62
C THR D 8 -41.39 -43.06 -1.51
N VAL D 9 -41.34 -43.99 -2.45
CA VAL D 9 -40.31 -45.01 -2.42
C VAL D 9 -38.89 -44.43 -2.32
N HIS D 10 -38.62 -43.37 -3.09
CA HIS D 10 -37.29 -42.75 -3.10
C HIS D 10 -37.04 -41.71 -2.03
N GLY D 11 -38.05 -41.39 -1.24
CA GLY D 11 -37.86 -40.41 -0.19
C GLY D 11 -39.08 -39.56 0.08
N LYS D 12 -38.98 -38.66 1.05
CA LYS D 12 -40.07 -37.80 1.42
C LYS D 12 -40.10 -36.53 0.58
N VAL D 13 -41.31 -36.03 0.33
CA VAL D 13 -41.48 -34.81 -0.43
C VAL D 13 -42.44 -33.88 0.30
N LEU D 14 -42.15 -32.59 0.22
CA LEU D 14 -42.95 -31.54 0.83
C LEU D 14 -43.64 -30.71 -0.24
N GLY D 15 -44.96 -30.61 -0.16
CA GLY D 15 -45.72 -29.84 -1.13
C GLY D 15 -46.37 -28.64 -0.45
N LYS D 16 -47.40 -28.08 -1.08
CA LYS D 16 -48.11 -26.93 -0.53
C LYS D 16 -49.60 -27.07 -0.75
N PHE D 17 -50.39 -26.39 0.07
CA PHE D 17 -51.84 -26.42 -0.06
C PHE D 17 -52.34 -25.26 -0.90
N VAL D 18 -53.45 -25.46 -1.60
CA VAL D 18 -54.04 -24.39 -2.39
C VAL D 18 -55.54 -24.62 -2.46
N SER D 19 -56.30 -23.67 -1.92
CA SER D 19 -57.75 -23.78 -1.92
C SER D 19 -58.37 -23.23 -3.18
N LEU D 20 -59.51 -23.79 -3.57
CA LEU D 20 -60.20 -23.32 -4.77
C LEU D 20 -61.61 -22.95 -4.30
N GLU D 21 -62.13 -21.85 -4.84
CA GLU D 21 -63.47 -21.39 -4.49
C GLU D 21 -64.48 -22.53 -4.68
N GLY D 22 -65.19 -22.88 -3.62
CA GLY D 22 -66.19 -23.94 -3.73
C GLY D 22 -65.84 -25.28 -3.12
N PHE D 23 -64.65 -25.39 -2.52
CA PHE D 23 -64.22 -26.64 -1.90
C PHE D 23 -63.54 -26.36 -0.58
N ALA D 24 -63.95 -27.07 0.45
CA ALA D 24 -63.38 -26.88 1.77
C ALA D 24 -61.99 -27.50 1.88
N GLN D 25 -61.82 -28.65 1.24
CA GLN D 25 -60.55 -29.35 1.30
C GLN D 25 -59.50 -28.77 0.36
N PRO D 26 -58.42 -28.23 0.94
CA PRO D 26 -57.36 -27.66 0.12
C PRO D 26 -56.76 -28.77 -0.76
N VAL D 27 -56.24 -28.40 -1.93
CA VAL D 27 -55.63 -29.37 -2.81
C VAL D 27 -54.14 -29.36 -2.48
N ALA D 28 -53.53 -30.54 -2.44
CA ALA D 28 -52.10 -30.62 -2.16
C ALA D 28 -51.37 -30.67 -3.49
N ILE D 29 -50.51 -29.68 -3.70
CA ILE D 29 -49.74 -29.57 -4.90
C ILE D 29 -48.26 -29.84 -4.65
N PHE D 30 -47.67 -30.70 -5.49
CA PHE D 30 -46.25 -31.06 -5.39
C PHE D 30 -45.70 -30.79 -6.77
N LEU D 31 -44.68 -29.94 -6.82
CA LEU D 31 -44.05 -29.54 -8.06
C LEU D 31 -42.62 -30.02 -8.21
N GLY D 32 -42.31 -30.53 -9.39
CA GLY D 32 -40.98 -31.00 -9.66
C GLY D 32 -40.51 -32.20 -8.86
N ILE D 33 -41.22 -33.32 -8.96
CA ILE D 33 -40.82 -34.54 -8.27
C ILE D 33 -40.05 -35.34 -9.32
N PRO D 34 -38.78 -35.68 -9.05
CA PRO D 34 -38.00 -36.45 -10.02
C PRO D 34 -38.47 -37.89 -10.15
N PHE D 35 -38.67 -38.35 -11.38
CA PHE D 35 -39.13 -39.72 -11.61
C PHE D 35 -38.07 -40.51 -12.37
N ALA D 36 -36.93 -39.87 -12.58
CA ALA D 36 -35.83 -40.50 -13.29
C ALA D 36 -34.52 -39.81 -12.95
N LYS D 37 -33.41 -40.48 -13.27
CA LYS D 37 -32.10 -39.90 -13.01
C LYS D 37 -31.91 -38.86 -14.11
N PRO D 38 -31.43 -37.65 -13.76
CA PRO D 38 -31.22 -36.62 -14.78
C PRO D 38 -30.40 -37.21 -15.93
N PRO D 39 -30.96 -37.18 -17.14
CA PRO D 39 -30.29 -37.72 -18.34
C PRO D 39 -29.15 -36.86 -18.89
N LEU D 40 -28.16 -36.59 -18.04
CA LEU D 40 -27.02 -35.76 -18.44
C LEU D 40 -25.81 -36.59 -18.89
N GLY D 41 -24.85 -35.91 -19.52
CA GLY D 41 -23.63 -36.55 -19.98
C GLY D 41 -23.80 -37.84 -20.75
N PRO D 42 -23.19 -38.93 -20.27
CA PRO D 42 -23.27 -40.24 -20.94
C PRO D 42 -24.69 -40.82 -20.97
N LEU D 43 -25.59 -40.25 -20.16
CA LEU D 43 -26.98 -40.70 -20.12
C LEU D 43 -27.83 -40.11 -21.24
N ARG D 44 -27.26 -39.17 -21.98
CA ARG D 44 -27.97 -38.57 -23.08
C ARG D 44 -28.18 -39.65 -24.15
N PHE D 45 -29.35 -39.65 -24.78
CA PHE D 45 -29.66 -40.63 -25.82
C PHE D 45 -29.67 -42.07 -25.30
N THR D 46 -30.15 -42.26 -24.07
CA THR D 46 -30.26 -43.60 -23.49
C THR D 46 -31.54 -43.66 -22.66
N PRO D 47 -32.10 -44.86 -22.48
CA PRO D 47 -33.35 -44.99 -21.71
C PRO D 47 -33.25 -44.26 -20.37
N PRO D 48 -34.38 -43.86 -19.79
CA PRO D 48 -34.29 -43.18 -18.50
C PRO D 48 -33.95 -44.18 -17.39
N GLN D 49 -33.12 -43.75 -16.44
CA GLN D 49 -32.77 -44.61 -15.32
C GLN D 49 -33.52 -44.15 -14.08
N PRO D 50 -33.65 -45.04 -13.09
CA PRO D 50 -34.35 -44.71 -11.84
C PRO D 50 -33.64 -43.61 -11.09
N ALA D 51 -34.40 -42.70 -10.50
CA ALA D 51 -33.84 -41.59 -9.76
C ALA D 51 -33.19 -42.08 -8.46
N GLU D 52 -32.10 -41.44 -8.05
CA GLU D 52 -31.42 -41.81 -6.82
C GLU D 52 -32.29 -41.44 -5.62
N PRO D 53 -32.33 -42.29 -4.59
CA PRO D 53 -33.15 -41.95 -3.43
C PRO D 53 -32.45 -40.85 -2.60
N TRP D 54 -33.25 -40.04 -1.92
CA TRP D 54 -32.70 -38.95 -1.12
C TRP D 54 -33.05 -39.09 0.35
N SER D 55 -32.28 -38.40 1.18
CA SER D 55 -32.49 -38.43 2.63
C SER D 55 -33.22 -37.16 2.99
N PHE D 56 -33.90 -37.19 4.13
CA PHE D 56 -34.63 -36.02 4.60
C PHE D 56 -35.80 -35.65 3.70
N VAL D 57 -36.24 -34.41 3.80
CA VAL D 57 -37.38 -33.97 3.00
C VAL D 57 -37.01 -33.17 1.76
N LYS D 58 -37.58 -33.55 0.63
CA LYS D 58 -37.33 -32.83 -0.62
C LYS D 58 -38.43 -31.79 -0.83
N ASN D 59 -38.04 -30.56 -1.12
CA ASN D 59 -38.97 -29.48 -1.35
C ASN D 59 -39.52 -29.51 -2.77
N ALA D 60 -40.74 -30.01 -2.94
CA ALA D 60 -41.36 -30.06 -4.25
C ALA D 60 -42.33 -28.89 -4.33
N THR D 61 -41.80 -27.68 -4.20
CA THR D 61 -42.63 -26.49 -4.19
C THR D 61 -42.39 -25.41 -5.24
N SER D 62 -41.52 -25.68 -6.21
CA SER D 62 -41.26 -24.70 -7.25
C SER D 62 -41.34 -25.43 -8.57
N TYR D 63 -41.70 -24.72 -9.64
CA TYR D 63 -41.81 -25.34 -10.95
C TYR D 63 -40.48 -25.80 -11.50
N PRO D 64 -40.42 -27.03 -12.02
CA PRO D 64 -39.18 -27.57 -12.58
C PRO D 64 -38.86 -26.92 -13.91
N PRO D 65 -37.65 -27.13 -14.43
CA PRO D 65 -37.28 -26.54 -15.71
C PRO D 65 -38.05 -27.28 -16.80
N MET D 66 -38.06 -26.75 -18.01
CA MET D 66 -38.73 -27.44 -19.10
C MET D 66 -37.58 -27.96 -19.97
N CYS D 67 -37.75 -29.14 -20.57
CA CYS D 67 -36.67 -29.71 -21.38
C CYS D 67 -36.21 -28.75 -22.46
N THR D 68 -34.91 -28.78 -22.72
CA THR D 68 -34.33 -27.89 -23.71
C THR D 68 -35.20 -27.85 -24.95
N GLN D 69 -35.43 -26.64 -25.44
CA GLN D 69 -36.27 -26.42 -26.61
C GLN D 69 -36.13 -24.96 -27.03
N ASP D 70 -36.78 -24.62 -28.13
CA ASP D 70 -36.79 -23.25 -28.62
C ASP D 70 -37.46 -22.43 -27.52
N PRO D 71 -36.69 -21.60 -26.80
CA PRO D 71 -37.28 -20.81 -25.73
C PRO D 71 -38.43 -19.93 -26.18
N LYS D 72 -38.30 -19.33 -27.36
CA LYS D 72 -39.34 -18.47 -27.88
C LYS D 72 -40.59 -19.29 -28.19
N ALA D 73 -40.51 -20.17 -29.18
CA ALA D 73 -41.64 -21.02 -29.56
C ALA D 73 -42.31 -21.67 -28.35
N GLY D 74 -41.50 -22.18 -27.43
CA GLY D 74 -42.02 -22.84 -26.25
C GLY D 74 -42.79 -21.93 -25.31
N GLN D 75 -42.35 -20.69 -25.17
CA GLN D 75 -43.06 -19.80 -24.28
C GLN D 75 -44.38 -19.38 -24.91
N LEU D 76 -44.37 -19.23 -26.23
CA LEU D 76 -45.56 -18.83 -26.95
C LEU D 76 -46.61 -19.92 -26.86
N LEU D 77 -46.26 -21.14 -27.20
CA LEU D 77 -47.20 -22.24 -27.14
C LEU D 77 -47.74 -22.38 -25.73
N SER D 78 -46.88 -22.14 -24.76
CA SER D 78 -47.27 -22.25 -23.36
C SER D 78 -48.34 -21.22 -23.00
N GLU D 79 -48.18 -20.00 -23.51
CA GLU D 79 -49.12 -18.92 -23.24
C GLU D 79 -50.47 -19.19 -23.92
N LEU D 80 -50.45 -19.76 -25.11
CA LEU D 80 -51.67 -20.07 -25.86
C LEU D 80 -52.38 -21.30 -25.31
N PHE D 81 -51.73 -22.05 -24.43
CA PHE D 81 -52.32 -23.27 -23.89
C PHE D 81 -52.60 -23.28 -22.39
N THR D 82 -51.80 -22.54 -21.63
CA THR D 82 -51.98 -22.54 -20.19
C THR D 82 -53.39 -22.18 -19.79
N ASN D 83 -53.88 -22.82 -18.74
CA ASN D 83 -55.22 -22.56 -18.26
C ASN D 83 -55.21 -21.64 -17.04
N ARG D 84 -54.02 -21.14 -16.68
CA ARG D 84 -53.88 -20.24 -15.53
C ARG D 84 -54.10 -18.83 -16.02
N LYS D 85 -54.26 -17.88 -15.10
CA LYS D 85 -54.45 -16.49 -15.50
C LYS D 85 -53.19 -16.01 -16.20
N GLU D 86 -52.08 -16.00 -15.46
CA GLU D 86 -50.80 -15.55 -15.99
C GLU D 86 -49.96 -16.76 -16.34
N ASN D 87 -49.35 -16.72 -17.51
CA ASN D 87 -48.49 -17.83 -17.91
C ASN D 87 -47.25 -17.76 -17.03
N ILE D 88 -46.74 -18.93 -16.66
CA ILE D 88 -45.56 -19.01 -15.82
C ILE D 88 -44.32 -19.25 -16.67
N PRO D 89 -43.35 -18.35 -16.59
CA PRO D 89 -42.10 -18.45 -17.36
C PRO D 89 -41.22 -19.59 -16.81
N LEU D 90 -40.59 -20.33 -17.72
CA LEU D 90 -39.75 -21.45 -17.31
C LEU D 90 -38.31 -21.44 -17.81
N LYS D 91 -37.46 -22.08 -17.04
CA LYS D 91 -36.06 -22.20 -17.37
C LYS D 91 -35.88 -23.43 -18.25
N LEU D 92 -34.81 -23.46 -19.04
CA LEU D 92 -34.54 -24.59 -19.89
C LEU D 92 -33.45 -25.41 -19.23
N SER D 93 -33.54 -26.73 -19.35
CA SER D 93 -32.52 -27.59 -18.78
C SER D 93 -32.65 -29.04 -19.27
N GLU D 94 -31.52 -29.74 -19.31
CA GLU D 94 -31.54 -31.12 -19.72
C GLU D 94 -32.10 -31.91 -18.55
N ASP D 95 -31.90 -31.35 -17.36
CA ASP D 95 -32.42 -31.94 -16.13
C ASP D 95 -33.90 -31.53 -16.16
N CYS D 96 -34.75 -32.37 -16.74
CA CYS D 96 -36.16 -32.01 -16.86
C CYS D 96 -37.15 -33.15 -16.69
N LEU D 97 -36.67 -34.33 -16.35
CA LEU D 97 -37.59 -35.44 -16.17
C LEU D 97 -38.27 -35.33 -14.83
N TYR D 98 -39.31 -34.50 -14.78
CA TYR D 98 -40.08 -34.27 -13.57
C TYR D 98 -41.57 -34.35 -13.84
N LEU D 99 -42.34 -34.48 -12.78
CA LEU D 99 -43.79 -34.52 -12.91
C LEU D 99 -44.37 -33.72 -11.77
N ASN D 100 -45.56 -33.18 -11.98
CA ASN D 100 -46.25 -32.40 -10.97
C ASN D 100 -47.49 -33.19 -10.56
N ILE D 101 -47.88 -33.07 -9.29
CA ILE D 101 -49.04 -33.79 -8.80
C ILE D 101 -50.02 -32.87 -8.11
N TYR D 102 -51.30 -33.03 -8.43
CA TYR D 102 -52.35 -32.24 -7.83
C TYR D 102 -53.38 -33.20 -7.29
N THR D 103 -53.39 -33.41 -5.98
CA THR D 103 -54.36 -34.30 -5.35
C THR D 103 -55.33 -33.56 -4.44
N PRO D 104 -56.64 -33.77 -4.67
CA PRO D 104 -57.70 -33.12 -3.87
C PRO D 104 -57.98 -33.89 -2.59
N ALA D 105 -57.42 -35.08 -2.49
CA ALA D 105 -57.63 -35.93 -1.33
C ALA D 105 -57.10 -35.32 -0.04
N ASP D 106 -57.59 -35.82 1.09
CA ASP D 106 -57.14 -35.38 2.40
C ASP D 106 -56.01 -36.37 2.72
N LEU D 107 -54.77 -35.90 2.71
CA LEU D 107 -53.63 -36.79 2.94
C LEU D 107 -53.50 -37.34 4.36
N THR D 108 -54.45 -36.99 5.22
CA THR D 108 -54.43 -37.49 6.59
C THR D 108 -55.27 -38.79 6.63
N LYS D 109 -55.98 -39.06 5.54
CA LYS D 109 -56.80 -40.25 5.42
C LYS D 109 -56.23 -41.18 4.35
N LYS D 110 -56.92 -42.28 4.08
CA LYS D 110 -56.47 -43.24 3.07
C LYS D 110 -57.34 -43.19 1.83
N ASN D 111 -57.03 -42.27 0.94
CA ASN D 111 -57.82 -42.14 -0.27
C ASN D 111 -57.24 -42.96 -1.41
N ARG D 112 -58.13 -43.44 -2.28
CA ARG D 112 -57.72 -44.24 -3.41
C ARG D 112 -58.50 -43.70 -4.61
N LEU D 113 -58.15 -42.48 -5.03
CA LEU D 113 -58.83 -41.82 -6.14
C LEU D 113 -58.32 -42.16 -7.53
N PRO D 114 -59.17 -41.99 -8.56
CA PRO D 114 -58.71 -42.29 -9.91
C PRO D 114 -57.60 -41.29 -10.28
N VAL D 115 -56.58 -41.76 -10.99
CA VAL D 115 -55.44 -40.94 -11.37
C VAL D 115 -55.43 -40.59 -12.85
N MET D 116 -55.18 -39.34 -13.18
CA MET D 116 -55.13 -38.92 -14.58
C MET D 116 -53.76 -38.36 -14.93
N VAL D 117 -53.05 -39.05 -15.81
CA VAL D 117 -51.72 -38.63 -16.20
C VAL D 117 -51.71 -37.88 -17.52
N TRP D 118 -51.41 -36.58 -17.44
CA TRP D 118 -51.39 -35.70 -18.60
C TRP D 118 -50.05 -35.61 -19.32
N ILE D 119 -50.10 -35.83 -20.64
CA ILE D 119 -48.94 -35.74 -21.49
C ILE D 119 -49.11 -34.54 -22.43
N HIS D 120 -48.41 -33.44 -22.15
CA HIS D 120 -48.53 -32.24 -22.97
C HIS D 120 -48.11 -32.44 -24.42
N GLY D 121 -48.40 -31.43 -25.24
CA GLY D 121 -48.05 -31.50 -26.65
C GLY D 121 -47.01 -30.47 -27.04
N GLY D 122 -46.75 -30.37 -28.34
CA GLY D 122 -45.77 -29.44 -28.83
C GLY D 122 -44.89 -30.12 -29.86
N GLY D 123 -45.53 -30.90 -30.73
CA GLY D 123 -44.84 -31.62 -31.78
C GLY D 123 -43.60 -32.36 -31.31
N LEU D 124 -43.62 -32.85 -30.07
CA LEU D 124 -42.48 -33.55 -29.53
C LEU D 124 -41.23 -32.67 -29.57
N MET D 125 -41.40 -31.40 -29.89
CA MET D 125 -40.27 -30.47 -29.97
C MET D 125 -40.25 -29.45 -28.83
N VAL D 126 -41.43 -29.00 -28.41
CA VAL D 126 -41.52 -28.03 -27.33
C VAL D 126 -42.60 -28.46 -26.36
N GLY D 127 -42.86 -27.64 -25.35
CA GLY D 127 -43.88 -27.98 -24.39
C GLY D 127 -43.32 -28.20 -23.00
N ALA D 128 -44.20 -28.20 -21.99
CA ALA D 128 -43.81 -28.41 -20.61
C ALA D 128 -45.02 -28.85 -19.81
N ALA D 129 -44.78 -29.39 -18.61
CA ALA D 129 -45.87 -29.84 -17.76
C ALA D 129 -46.48 -28.68 -16.98
N SER D 130 -45.61 -27.80 -16.46
CA SER D 130 -46.04 -26.66 -15.66
C SER D 130 -47.08 -25.80 -16.34
N THR D 131 -47.13 -25.88 -17.66
CA THR D 131 -48.11 -25.11 -18.43
C THR D 131 -49.54 -25.41 -17.99
N TYR D 132 -49.78 -26.67 -17.60
CA TYR D 132 -51.11 -27.08 -17.19
C TYR D 132 -51.27 -27.22 -15.68
N ASP D 133 -52.20 -26.45 -15.12
CA ASP D 133 -52.50 -26.45 -13.70
C ASP D 133 -53.68 -27.40 -13.48
N GLY D 134 -53.49 -28.40 -12.62
CA GLY D 134 -54.53 -29.37 -12.38
C GLY D 134 -55.46 -29.05 -11.23
N LEU D 135 -55.30 -27.86 -10.66
CA LEU D 135 -56.13 -27.44 -9.53
C LEU D 135 -57.63 -27.68 -9.72
N ALA D 136 -58.18 -27.10 -10.77
CA ALA D 136 -59.62 -27.21 -11.05
C ALA D 136 -60.12 -28.63 -11.29
N LEU D 137 -59.53 -29.32 -12.26
CA LEU D 137 -59.94 -30.67 -12.59
C LEU D 137 -59.87 -31.59 -11.38
N ALA D 138 -58.84 -31.42 -10.56
CA ALA D 138 -58.65 -32.23 -9.37
C ALA D 138 -59.74 -32.03 -8.33
N ALA D 139 -60.01 -30.78 -7.99
CA ALA D 139 -61.03 -30.46 -6.99
C ALA D 139 -62.45 -30.75 -7.49
N HIS D 140 -62.74 -30.34 -8.72
CA HIS D 140 -64.05 -30.55 -9.31
C HIS D 140 -64.44 -32.00 -9.45
N GLU D 141 -63.53 -32.83 -9.95
CA GLU D 141 -63.85 -34.24 -10.17
C GLU D 141 -63.30 -35.25 -9.18
N ASN D 142 -62.62 -34.77 -8.15
CA ASN D 142 -62.04 -35.63 -7.14
C ASN D 142 -61.14 -36.69 -7.77
N VAL D 143 -60.19 -36.24 -8.59
CA VAL D 143 -59.24 -37.14 -9.22
C VAL D 143 -57.83 -36.58 -9.00
N VAL D 144 -56.83 -37.45 -9.05
CA VAL D 144 -55.45 -37.03 -8.87
C VAL D 144 -54.93 -36.72 -10.27
N VAL D 145 -54.51 -35.47 -10.49
CA VAL D 145 -53.99 -35.09 -11.80
C VAL D 145 -52.47 -35.02 -11.73
N VAL D 146 -51.81 -35.71 -12.65
CA VAL D 146 -50.36 -35.74 -12.72
C VAL D 146 -49.89 -35.30 -14.10
N THR D 147 -49.16 -34.20 -14.16
CA THR D 147 -48.62 -33.68 -15.42
C THR D 147 -47.15 -34.12 -15.51
N ILE D 148 -46.77 -34.73 -16.64
CA ILE D 148 -45.40 -35.22 -16.78
C ILE D 148 -44.57 -34.56 -17.87
N GLN D 149 -43.25 -34.62 -17.72
CA GLN D 149 -42.37 -34.07 -18.73
C GLN D 149 -41.54 -35.19 -19.31
N TYR D 150 -41.10 -35.02 -20.55
CA TYR D 150 -40.28 -36.01 -21.24
C TYR D 150 -39.31 -35.30 -22.17
N ARG D 151 -38.17 -35.91 -22.45
CA ARG D 151 -37.18 -35.28 -23.31
C ARG D 151 -37.73 -34.91 -24.67
N LEU D 152 -37.36 -33.72 -25.15
CA LEU D 152 -37.84 -33.22 -26.43
C LEU D 152 -36.77 -33.11 -27.52
N GLY D 153 -37.24 -32.99 -28.76
CA GLY D 153 -36.38 -32.82 -29.92
C GLY D 153 -35.20 -33.78 -30.03
N ILE D 154 -34.02 -33.20 -30.22
CA ILE D 154 -32.80 -33.98 -30.34
C ILE D 154 -32.61 -34.90 -29.13
N TRP D 155 -32.63 -34.31 -27.94
CA TRP D 155 -32.45 -35.07 -26.71
C TRP D 155 -33.43 -36.23 -26.58
N GLY D 156 -34.68 -35.98 -26.96
CA GLY D 156 -35.67 -37.01 -26.82
C GLY D 156 -35.94 -37.91 -28.01
N PHE D 157 -35.51 -37.51 -29.19
CA PHE D 157 -35.82 -38.33 -30.35
C PHE D 157 -34.74 -38.57 -31.39
N PHE D 158 -33.49 -38.25 -31.05
CA PHE D 158 -32.40 -38.46 -31.98
C PHE D 158 -32.29 -39.96 -32.24
N SER D 159 -32.27 -40.36 -33.50
CA SER D 159 -32.18 -41.77 -33.83
C SER D 159 -31.29 -42.04 -35.03
N THR D 160 -30.36 -42.98 -34.86
CA THR D 160 -29.44 -43.36 -35.92
C THR D 160 -30.06 -44.53 -36.66
N GLY D 161 -31.23 -44.96 -36.19
CA GLY D 161 -31.91 -46.09 -36.81
C GLY D 161 -31.35 -47.46 -36.45
N ASP D 162 -30.41 -47.51 -35.51
CA ASP D 162 -29.82 -48.76 -35.11
C ASP D 162 -29.54 -48.79 -33.61
N GLU D 163 -28.91 -49.85 -33.12
CA GLU D 163 -28.65 -50.00 -31.70
C GLU D 163 -27.82 -48.92 -31.00
N HIS D 164 -26.99 -48.19 -31.74
CA HIS D 164 -26.19 -47.16 -31.11
C HIS D 164 -27.04 -45.99 -30.63
N SER D 165 -28.21 -45.81 -31.25
CA SER D 165 -29.17 -44.78 -30.86
C SER D 165 -30.52 -45.10 -31.48
N ARG D 166 -31.23 -46.03 -30.85
CA ARG D 166 -32.54 -46.46 -31.32
C ARG D 166 -33.51 -45.29 -31.47
N GLY D 167 -33.61 -44.48 -30.42
CA GLY D 167 -34.53 -43.36 -30.46
C GLY D 167 -35.70 -43.52 -29.49
N ASN D 168 -36.69 -42.63 -29.61
CA ASN D 168 -37.87 -42.66 -28.76
C ASN D 168 -37.56 -42.45 -27.29
N TRP D 169 -36.44 -41.81 -26.98
CA TRP D 169 -36.06 -41.56 -25.60
C TRP D 169 -37.21 -40.89 -24.85
N GLY D 170 -37.87 -39.94 -25.49
CA GLY D 170 -38.99 -39.24 -24.89
C GLY D 170 -40.16 -40.15 -24.58
N HIS D 171 -40.37 -41.17 -25.41
CA HIS D 171 -41.47 -42.09 -25.16
C HIS D 171 -41.11 -42.98 -23.96
N LEU D 172 -39.83 -43.31 -23.84
CA LEU D 172 -39.36 -44.15 -22.74
C LEU D 172 -39.48 -43.36 -21.44
N ASP D 173 -39.29 -42.04 -21.52
CA ASP D 173 -39.44 -41.21 -20.34
C ASP D 173 -40.90 -41.27 -19.89
N GLN D 174 -41.81 -41.26 -20.87
CA GLN D 174 -43.24 -41.33 -20.60
C GLN D 174 -43.55 -42.61 -19.87
N VAL D 175 -43.04 -43.72 -20.39
CA VAL D 175 -43.26 -45.01 -19.76
C VAL D 175 -42.66 -45.02 -18.35
N ALA D 176 -41.51 -44.36 -18.18
CA ALA D 176 -40.88 -44.31 -16.87
C ALA D 176 -41.72 -43.54 -15.85
N ALA D 177 -42.43 -42.52 -16.31
CA ALA D 177 -43.27 -41.73 -15.43
C ALA D 177 -44.45 -42.58 -14.99
N LEU D 178 -44.99 -43.37 -15.91
CA LEU D 178 -46.11 -44.23 -15.56
C LEU D 178 -45.71 -45.28 -14.53
N ARG D 179 -44.46 -45.75 -14.60
CA ARG D 179 -43.98 -46.75 -13.64
C ARG D 179 -43.84 -46.08 -12.29
N TRP D 180 -43.40 -44.82 -12.30
CA TRP D 180 -43.27 -44.10 -11.06
C TRP D 180 -44.66 -43.97 -10.43
N VAL D 181 -45.65 -43.61 -11.25
CA VAL D 181 -47.02 -43.46 -10.78
C VAL D 181 -47.51 -44.76 -10.13
N GLN D 182 -47.21 -45.88 -10.78
CA GLN D 182 -47.63 -47.16 -10.25
C GLN D 182 -47.06 -47.46 -8.86
N ASP D 183 -45.81 -47.11 -8.64
CA ASP D 183 -45.16 -47.37 -7.35
C ASP D 183 -45.36 -46.33 -6.25
N ASN D 184 -45.70 -45.09 -6.63
CA ASN D 184 -45.83 -44.02 -5.64
C ASN D 184 -47.16 -43.29 -5.51
N ILE D 185 -48.01 -43.37 -6.52
CA ILE D 185 -49.26 -42.62 -6.47
C ILE D 185 -50.16 -42.90 -5.28
N ALA D 186 -50.07 -44.08 -4.69
CA ALA D 186 -50.92 -44.38 -3.54
C ALA D 186 -50.60 -43.45 -2.36
N SER D 187 -49.36 -43.01 -2.23
CA SER D 187 -48.99 -42.10 -1.15
C SER D 187 -49.67 -40.73 -1.32
N PHE D 188 -50.08 -40.43 -2.55
CA PHE D 188 -50.72 -39.16 -2.83
C PHE D 188 -52.25 -39.25 -2.88
N GLY D 189 -52.77 -40.39 -2.47
CA GLY D 189 -54.22 -40.57 -2.46
C GLY D 189 -54.78 -41.13 -3.74
N GLY D 190 -53.92 -41.59 -4.62
CA GLY D 190 -54.39 -42.15 -5.88
C GLY D 190 -54.49 -43.65 -5.88
N ASN D 191 -55.32 -44.18 -6.79
CA ASN D 191 -55.49 -45.61 -6.93
C ASN D 191 -54.59 -46.10 -8.06
N PRO D 192 -53.46 -46.74 -7.72
CA PRO D 192 -52.59 -47.19 -8.82
C PRO D 192 -53.28 -48.16 -9.77
N GLY D 193 -54.41 -48.71 -9.36
CA GLY D 193 -55.17 -49.63 -10.20
C GLY D 193 -56.14 -48.96 -11.16
N SER D 194 -56.12 -47.63 -11.20
CA SER D 194 -57.00 -46.87 -12.09
C SER D 194 -56.30 -45.61 -12.61
N VAL D 195 -55.36 -45.82 -13.53
CA VAL D 195 -54.59 -44.73 -14.12
C VAL D 195 -55.10 -44.48 -15.55
N THR D 196 -55.35 -43.22 -15.86
CA THR D 196 -55.80 -42.85 -17.19
C THR D 196 -54.77 -41.92 -17.80
N ILE D 197 -54.32 -42.24 -19.01
CA ILE D 197 -53.36 -41.38 -19.68
C ILE D 197 -54.11 -40.60 -20.75
N PHE D 198 -53.88 -39.30 -20.79
CA PHE D 198 -54.50 -38.47 -21.79
C PHE D 198 -53.53 -37.37 -22.15
N GLY D 199 -53.67 -36.85 -23.37
CA GLY D 199 -52.81 -35.80 -23.82
C GLY D 199 -53.36 -35.31 -25.14
N GLU D 200 -52.90 -34.17 -25.62
CA GLU D 200 -53.40 -33.68 -26.90
C GLU D 200 -52.26 -33.33 -27.85
N SER D 201 -52.52 -33.51 -29.14
CA SER D 201 -51.53 -33.23 -30.20
C SER D 201 -50.40 -34.24 -30.12
N ALA D 202 -49.17 -33.77 -29.92
CA ALA D 202 -48.03 -34.69 -29.80
C ALA D 202 -48.32 -35.57 -28.59
N GLY D 203 -49.14 -35.06 -27.68
CA GLY D 203 -49.50 -35.78 -26.48
C GLY D 203 -50.55 -36.81 -26.81
N GLY D 204 -51.39 -36.49 -27.79
CA GLY D 204 -52.43 -37.42 -28.21
C GLY D 204 -51.75 -38.56 -28.93
N GLU D 205 -50.73 -38.23 -29.72
CA GLU D 205 -49.98 -39.22 -30.45
C GLU D 205 -49.18 -40.06 -29.46
N SER D 206 -48.68 -39.43 -28.40
CA SER D 206 -47.94 -40.18 -27.40
C SER D 206 -48.86 -41.25 -26.80
N VAL D 207 -50.03 -40.81 -26.32
CA VAL D 207 -51.00 -41.73 -25.74
C VAL D 207 -51.27 -42.87 -26.72
N SER D 208 -51.53 -42.51 -27.97
CA SER D 208 -51.81 -43.47 -29.03
C SER D 208 -50.70 -44.50 -29.14
N VAL D 209 -49.46 -44.02 -29.14
CA VAL D 209 -48.29 -44.89 -29.24
C VAL D 209 -48.19 -45.77 -28.03
N LEU D 210 -48.43 -45.23 -26.83
CA LEU D 210 -48.34 -46.03 -25.61
C LEU D 210 -49.38 -47.15 -25.61
N VAL D 211 -50.53 -46.88 -26.22
CA VAL D 211 -51.59 -47.88 -26.31
C VAL D 211 -51.12 -49.07 -27.13
N LEU D 212 -50.28 -48.81 -28.12
CA LEU D 212 -49.77 -49.87 -29.01
C LEU D 212 -48.45 -50.49 -28.55
N SER D 213 -47.87 -49.97 -27.47
CA SER D 213 -46.58 -50.50 -27.03
C SER D 213 -46.63 -51.56 -25.96
N PRO D 214 -45.87 -52.65 -26.15
CA PRO D 214 -45.82 -53.73 -25.18
C PRO D 214 -45.09 -53.30 -23.91
N LEU D 215 -44.36 -52.19 -24.00
CA LEU D 215 -43.60 -51.66 -22.85
C LEU D 215 -44.48 -50.98 -21.83
N ALA D 216 -45.61 -50.45 -22.27
CA ALA D 216 -46.49 -49.75 -21.36
C ALA D 216 -47.66 -50.60 -20.92
N LYS D 217 -47.80 -51.78 -21.50
CA LYS D 217 -48.93 -52.62 -21.12
C LYS D 217 -48.97 -52.87 -19.62
N ASN D 218 -50.09 -52.52 -19.02
CA ASN D 218 -50.30 -52.68 -17.58
C ASN D 218 -49.82 -51.52 -16.73
N LEU D 219 -49.61 -50.37 -17.37
CA LEU D 219 -49.21 -49.18 -16.62
C LEU D 219 -50.34 -48.16 -16.60
N PHE D 220 -51.39 -48.42 -17.37
CA PHE D 220 -52.55 -47.56 -17.43
C PHE D 220 -53.78 -48.40 -17.73
N HIS D 221 -54.95 -47.86 -17.45
CA HIS D 221 -56.18 -48.61 -17.64
C HIS D 221 -57.21 -47.95 -18.55
N ARG D 222 -56.93 -46.73 -18.98
CA ARG D 222 -57.81 -46.00 -19.86
C ARG D 222 -56.96 -44.98 -20.57
N ALA D 223 -57.30 -44.67 -21.81
CA ALA D 223 -56.53 -43.70 -22.57
C ALA D 223 -57.45 -42.72 -23.29
N ILE D 224 -56.93 -41.52 -23.53
CA ILE D 224 -57.66 -40.47 -24.23
C ILE D 224 -56.69 -39.72 -25.13
N SER D 225 -56.94 -39.71 -26.43
CA SER D 225 -56.11 -38.96 -27.36
C SER D 225 -56.95 -37.79 -27.83
N GLU D 226 -56.47 -36.58 -27.58
CA GLU D 226 -57.16 -35.36 -27.99
C GLU D 226 -56.43 -34.72 -29.17
N SER D 227 -57.04 -34.71 -30.34
CA SER D 227 -56.42 -34.12 -31.53
C SER D 227 -55.04 -34.68 -31.83
N GLY D 228 -54.95 -35.97 -32.13
CA GLY D 228 -53.66 -36.57 -32.42
C GLY D 228 -53.57 -38.06 -32.12
N VAL D 229 -53.02 -38.82 -33.06
CA VAL D 229 -52.87 -40.26 -32.90
C VAL D 229 -51.66 -40.82 -33.67
N ALA D 230 -51.39 -42.10 -33.45
CA ALA D 230 -50.26 -42.80 -34.07
C ALA D 230 -50.23 -42.72 -35.60
N LEU D 231 -51.36 -42.42 -36.22
CA LEU D 231 -51.39 -42.32 -37.67
C LEU D 231 -51.19 -40.89 -38.15
N THR D 232 -51.00 -39.97 -37.21
CA THR D 232 -50.74 -38.56 -37.54
C THR D 232 -49.29 -38.57 -38.03
N SER D 233 -49.11 -39.20 -39.19
CA SER D 233 -47.83 -39.40 -39.86
C SER D 233 -46.72 -38.39 -39.65
N VAL D 234 -47.04 -37.10 -39.55
CA VAL D 234 -46.00 -36.10 -39.36
C VAL D 234 -45.14 -36.38 -38.12
N LEU D 235 -45.71 -37.07 -37.14
CA LEU D 235 -45.00 -37.37 -35.90
C LEU D 235 -44.37 -38.76 -35.89
N VAL D 236 -44.65 -39.55 -36.91
CA VAL D 236 -44.08 -40.89 -36.98
C VAL D 236 -43.17 -41.06 -38.20
N LYS D 237 -41.89 -41.28 -37.94
CA LYS D 237 -40.90 -41.44 -38.99
C LYS D 237 -40.86 -42.84 -39.57
N LYS D 238 -41.27 -42.96 -40.83
CA LYS D 238 -41.23 -44.24 -41.52
C LYS D 238 -40.09 -44.17 -42.54
N GLY D 239 -39.38 -45.28 -42.73
CA GLY D 239 -38.28 -45.29 -43.67
C GLY D 239 -36.95 -45.12 -42.96
N ASP D 240 -35.88 -44.96 -43.74
CA ASP D 240 -34.53 -44.81 -43.21
C ASP D 240 -34.34 -43.45 -42.53
N VAL D 241 -34.08 -43.46 -41.22
CA VAL D 241 -33.90 -42.23 -40.46
C VAL D 241 -32.42 -41.84 -40.40
N LYS D 242 -31.56 -42.71 -40.89
CA LYS D 242 -30.11 -42.49 -40.89
C LYS D 242 -29.71 -41.14 -41.50
N PRO D 243 -30.30 -40.77 -42.64
CA PRO D 243 -29.99 -39.49 -43.28
C PRO D 243 -30.27 -38.26 -42.42
N LEU D 244 -31.37 -38.28 -41.67
CA LEU D 244 -31.70 -37.15 -40.82
C LEU D 244 -30.63 -37.08 -39.73
N ALA D 245 -30.38 -38.23 -39.12
CA ALA D 245 -29.39 -38.36 -38.06
C ALA D 245 -28.10 -37.71 -38.51
N GLU D 246 -27.73 -37.93 -39.77
CA GLU D 246 -26.52 -37.36 -40.33
C GLU D 246 -26.65 -35.85 -40.53
N GLN D 247 -27.78 -35.41 -41.07
CA GLN D 247 -27.97 -33.98 -41.29
C GLN D 247 -27.84 -33.26 -39.96
N ILE D 248 -28.22 -33.93 -38.88
CA ILE D 248 -28.13 -33.31 -37.55
C ILE D 248 -26.70 -33.32 -37.05
N ALA D 249 -26.03 -34.45 -37.22
CA ALA D 249 -24.65 -34.57 -36.77
C ALA D 249 -23.81 -33.48 -37.44
N ILE D 250 -23.96 -33.36 -38.75
CA ILE D 250 -23.21 -32.36 -39.49
C ILE D 250 -23.53 -30.92 -39.07
N THR D 251 -24.79 -30.64 -38.74
CA THR D 251 -25.16 -29.30 -38.33
C THR D 251 -24.56 -28.95 -36.97
N ALA D 252 -24.34 -29.98 -36.15
CA ALA D 252 -23.75 -29.78 -34.83
C ALA D 252 -22.23 -29.74 -34.90
N GLY D 253 -21.66 -30.11 -36.05
CA GLY D 253 -20.22 -30.10 -36.21
C GLY D 253 -19.57 -31.40 -35.78
N CYS D 254 -20.17 -32.52 -36.21
CA CYS D 254 -19.70 -33.86 -35.87
C CYS D 254 -19.26 -34.66 -37.09
N LYS D 255 -18.45 -35.69 -36.86
CA LYS D 255 -18.01 -36.53 -37.96
C LYS D 255 -19.20 -37.45 -38.21
N THR D 256 -19.21 -38.15 -39.33
CA THR D 256 -20.34 -39.03 -39.58
C THR D 256 -19.85 -40.40 -40.01
N THR D 257 -18.59 -40.71 -39.69
CA THR D 257 -17.97 -41.98 -40.04
C THR D 257 -18.89 -43.17 -39.81
N THR D 258 -19.44 -43.27 -38.60
CA THR D 258 -20.37 -44.35 -38.23
C THR D 258 -21.44 -43.82 -37.29
N SER D 259 -22.43 -44.65 -36.98
CA SER D 259 -23.47 -44.25 -36.05
C SER D 259 -22.87 -44.04 -34.67
N ALA D 260 -22.05 -44.99 -34.23
CA ALA D 260 -21.43 -44.90 -32.92
C ALA D 260 -20.65 -43.59 -32.77
N VAL D 261 -19.95 -43.21 -33.83
CA VAL D 261 -19.16 -42.00 -33.78
C VAL D 261 -20.08 -40.79 -33.69
N MET D 262 -21.18 -40.83 -34.43
CA MET D 262 -22.13 -39.71 -34.40
C MET D 262 -22.65 -39.49 -32.97
N VAL D 263 -23.14 -40.58 -32.36
CA VAL D 263 -23.69 -40.54 -31.00
C VAL D 263 -22.64 -40.11 -29.98
N HIS D 264 -21.42 -40.61 -30.13
CA HIS D 264 -20.35 -40.27 -29.19
C HIS D 264 -20.06 -38.78 -29.26
N CYS D 265 -20.06 -38.25 -30.48
CA CYS D 265 -19.80 -36.83 -30.69
C CYS D 265 -20.93 -35.96 -30.14
N LEU D 266 -22.18 -36.27 -30.50
CA LEU D 266 -23.32 -35.51 -30.00
C LEU D 266 -23.39 -35.56 -28.48
N ARG D 267 -22.93 -36.66 -27.90
CA ARG D 267 -22.94 -36.81 -26.45
C ARG D 267 -21.95 -35.87 -25.80
N GLN D 268 -21.02 -35.33 -26.57
CA GLN D 268 -20.03 -34.42 -26.01
C GLN D 268 -20.32 -32.95 -26.29
N LYS D 269 -21.39 -32.68 -27.01
CA LYS D 269 -21.81 -31.32 -27.28
C LYS D 269 -22.48 -30.81 -26.01
N THR D 270 -22.54 -29.51 -25.83
CA THR D 270 -23.20 -28.93 -24.65
C THR D 270 -24.65 -28.69 -24.98
N GLU D 271 -25.44 -28.47 -23.93
CA GLU D 271 -26.86 -28.20 -24.10
C GLU D 271 -27.03 -26.99 -25.01
N GLU D 272 -26.24 -25.95 -24.77
CA GLU D 272 -26.32 -24.73 -25.60
C GLU D 272 -25.95 -25.04 -27.04
N GLU D 273 -24.96 -25.89 -27.23
CA GLU D 273 -24.55 -26.25 -28.59
C GLU D 273 -25.65 -27.04 -29.28
N LEU D 274 -26.29 -27.95 -28.55
CA LEU D 274 -27.37 -28.72 -29.15
C LEU D 274 -28.60 -27.83 -29.33
N LEU D 275 -28.76 -26.82 -28.48
CA LEU D 275 -29.90 -25.93 -28.63
C LEU D 275 -29.68 -25.08 -29.89
N GLU D 276 -28.42 -24.73 -30.16
CA GLU D 276 -28.12 -23.94 -31.35
C GLU D 276 -28.35 -24.79 -32.58
N THR D 277 -28.01 -26.08 -32.50
CA THR D 277 -28.22 -26.96 -33.64
C THR D 277 -29.72 -27.06 -33.90
N THR D 278 -30.50 -27.15 -32.82
CA THR D 278 -31.95 -27.24 -32.89
C THR D 278 -32.53 -26.05 -33.66
N LEU D 279 -32.04 -24.86 -33.33
CA LEU D 279 -32.50 -23.65 -33.99
C LEU D 279 -32.09 -23.59 -35.48
N LYS D 280 -30.87 -24.01 -35.80
CA LYS D 280 -30.42 -23.98 -37.19
C LYS D 280 -31.20 -24.93 -38.08
N MET D 281 -31.67 -26.03 -37.51
CA MET D 281 -32.44 -27.02 -38.28
C MET D 281 -33.81 -26.47 -38.68
N LYS D 282 -34.26 -25.42 -37.98
CA LYS D 282 -35.55 -24.81 -38.27
C LYS D 282 -36.71 -25.77 -38.32
N PHE D 283 -36.93 -26.50 -37.23
CA PHE D 283 -38.04 -27.45 -37.17
C PHE D 283 -39.33 -26.64 -36.95
N LEU D 284 -40.47 -27.31 -37.05
CA LEU D 284 -41.77 -26.68 -36.83
C LEU D 284 -42.01 -25.44 -37.69
N SER D 285 -41.38 -25.38 -38.86
CA SER D 285 -41.55 -24.25 -39.75
C SER D 285 -41.66 -24.74 -41.18
N LEU D 286 -42.64 -24.22 -41.92
CA LEU D 286 -42.85 -24.64 -43.30
C LEU D 286 -41.85 -23.97 -44.23
N ASP D 287 -40.94 -24.78 -44.78
CA ASP D 287 -39.91 -24.30 -45.70
C ASP D 287 -40.56 -24.00 -47.05
N LEU D 288 -40.48 -22.73 -47.47
CA LEU D 288 -41.08 -22.27 -48.72
C LEU D 288 -40.45 -22.74 -50.03
N GLN D 289 -39.12 -22.74 -50.13
CA GLN D 289 -38.49 -23.19 -51.37
C GLN D 289 -37.77 -24.52 -51.24
N GLY D 290 -37.26 -25.00 -52.37
CA GLY D 290 -36.57 -26.27 -52.37
C GLY D 290 -37.55 -27.41 -52.53
N ASP D 291 -37.03 -28.64 -52.51
CA ASP D 291 -37.88 -29.82 -52.65
C ASP D 291 -38.56 -30.16 -51.33
N PRO D 292 -39.90 -30.03 -51.29
CA PRO D 292 -40.75 -30.30 -50.14
C PRO D 292 -40.50 -31.67 -49.49
N ARG D 293 -40.16 -32.65 -50.30
CA ARG D 293 -39.90 -34.01 -49.83
C ARG D 293 -38.62 -34.08 -48.98
N GLU D 294 -37.77 -33.07 -49.09
CA GLU D 294 -36.51 -33.03 -48.36
C GLU D 294 -36.58 -32.30 -47.03
N SER D 295 -37.65 -31.55 -46.79
CA SER D 295 -37.79 -30.81 -45.54
C SER D 295 -38.28 -31.67 -44.38
N GLN D 296 -37.55 -31.62 -43.28
CA GLN D 296 -37.89 -32.37 -42.07
C GLN D 296 -38.49 -31.42 -41.04
N PRO D 297 -39.81 -31.53 -40.78
CA PRO D 297 -40.52 -30.69 -39.82
C PRO D 297 -40.07 -30.86 -38.36
N LEU D 298 -39.78 -32.11 -37.98
CA LEU D 298 -39.34 -32.41 -36.61
C LEU D 298 -38.80 -33.83 -36.45
N LEU D 299 -38.21 -34.09 -35.30
CA LEU D 299 -37.69 -35.40 -34.99
C LEU D 299 -38.81 -36.04 -34.22
N GLY D 300 -39.21 -37.26 -34.59
CA GLY D 300 -40.31 -37.86 -33.88
C GLY D 300 -40.16 -39.33 -33.57
N THR D 301 -41.30 -39.96 -33.37
CA THR D 301 -41.40 -41.38 -33.08
C THR D 301 -40.85 -42.20 -34.23
N VAL D 302 -40.17 -43.30 -33.93
CA VAL D 302 -39.64 -44.19 -34.96
C VAL D 302 -39.95 -45.63 -34.56
N ILE D 303 -39.66 -46.57 -35.45
CA ILE D 303 -39.90 -47.99 -35.18
C ILE D 303 -38.53 -48.53 -34.74
N ASP D 304 -38.32 -48.55 -33.42
CA ASP D 304 -37.06 -48.97 -32.83
C ASP D 304 -36.91 -50.42 -32.41
N GLY D 305 -38.01 -51.17 -32.37
CA GLY D 305 -37.91 -52.56 -31.96
C GLY D 305 -38.03 -52.76 -30.46
N MET D 306 -38.11 -51.66 -29.71
CA MET D 306 -38.26 -51.75 -28.25
C MET D 306 -39.66 -51.26 -27.88
N LEU D 307 -39.94 -50.00 -28.19
CA LEU D 307 -41.24 -49.41 -27.91
C LEU D 307 -42.26 -49.87 -28.95
N LEU D 308 -41.87 -49.74 -30.23
CA LEU D 308 -42.69 -50.15 -31.35
C LEU D 308 -41.95 -51.22 -32.17
N LEU D 309 -42.57 -52.37 -32.32
CA LEU D 309 -41.98 -53.46 -33.06
C LEU D 309 -42.27 -53.35 -34.55
N LYS D 310 -43.38 -52.68 -34.87
CA LYS D 310 -43.76 -52.49 -36.26
C LYS D 310 -44.38 -51.11 -36.37
N THR D 311 -44.83 -50.74 -37.56
CA THR D 311 -45.46 -49.44 -37.73
C THR D 311 -46.82 -49.51 -37.04
N PRO D 312 -47.40 -48.36 -36.70
CA PRO D 312 -48.71 -48.32 -36.04
C PRO D 312 -49.77 -49.02 -36.89
N GLU D 313 -49.76 -48.73 -38.18
CA GLU D 313 -50.70 -49.32 -39.13
C GLU D 313 -50.74 -50.84 -39.03
N GLU D 314 -49.56 -51.44 -38.86
CA GLU D 314 -49.45 -52.89 -38.75
C GLU D 314 -49.87 -53.37 -37.36
N LEU D 315 -49.59 -52.57 -36.35
CA LEU D 315 -49.92 -52.93 -34.97
C LEU D 315 -51.40 -52.91 -34.62
N GLN D 316 -52.18 -52.12 -35.34
CA GLN D 316 -53.63 -52.05 -35.09
C GLN D 316 -54.29 -53.31 -35.62
N ALA D 317 -54.08 -53.57 -36.90
CA ALA D 317 -54.65 -54.74 -37.56
C ALA D 317 -54.25 -56.03 -36.86
N GLU D 318 -53.19 -55.96 -36.09
CA GLU D 318 -52.69 -57.12 -35.38
C GLU D 318 -53.63 -57.55 -34.26
N ARG D 319 -54.41 -56.62 -33.74
CA ARG D 319 -55.32 -56.93 -32.66
C ARG D 319 -54.47 -57.51 -31.53
N ASN D 320 -53.17 -57.27 -31.63
CA ASN D 320 -52.19 -57.75 -30.65
C ASN D 320 -51.69 -56.64 -29.72
N PHE D 321 -52.34 -56.52 -28.57
CA PHE D 321 -52.00 -55.54 -27.54
C PHE D 321 -53.10 -55.54 -26.48
N HIS D 322 -52.77 -55.19 -25.24
CA HIS D 322 -53.79 -55.18 -24.19
C HIS D 322 -54.84 -54.15 -24.56
N THR D 323 -56.10 -54.53 -24.47
CA THR D 323 -57.14 -53.59 -24.82
C THR D 323 -57.70 -52.88 -23.61
N VAL D 324 -57.78 -51.57 -23.71
CA VAL D 324 -58.32 -50.75 -22.64
C VAL D 324 -59.28 -49.77 -23.29
N PRO D 325 -60.25 -49.24 -22.53
CA PRO D 325 -61.20 -48.28 -23.09
C PRO D 325 -60.36 -47.14 -23.64
N TYR D 326 -60.72 -46.64 -24.80
CA TYR D 326 -59.95 -45.58 -25.42
C TYR D 326 -60.90 -44.51 -25.97
N MET D 327 -60.63 -43.24 -25.67
CA MET D 327 -61.45 -42.14 -26.16
C MET D 327 -60.63 -41.27 -27.09
N VAL D 328 -61.04 -41.19 -28.35
CA VAL D 328 -60.34 -40.39 -29.33
C VAL D 328 -61.25 -39.28 -29.82
N GLY D 329 -60.73 -38.06 -29.89
CA GLY D 329 -61.55 -36.95 -30.35
C GLY D 329 -60.79 -35.90 -31.12
N ILE D 330 -61.53 -34.99 -31.74
CA ILE D 330 -60.95 -33.90 -32.52
C ILE D 330 -61.77 -32.64 -32.35
N ASN D 331 -61.22 -31.53 -32.85
CA ASN D 331 -61.90 -30.26 -32.80
C ASN D 331 -62.41 -29.98 -34.22
N LYS D 332 -63.44 -29.15 -34.33
CA LYS D 332 -64.06 -28.81 -35.61
C LYS D 332 -63.08 -28.24 -36.62
N GLN D 333 -62.17 -27.38 -36.17
CA GLN D 333 -61.21 -26.75 -37.06
C GLN D 333 -59.76 -26.88 -36.58
N GLU D 334 -59.24 -28.10 -36.55
CA GLU D 334 -57.87 -28.34 -36.09
C GLU D 334 -56.82 -27.42 -36.71
N PHE D 335 -56.96 -27.10 -37.99
CA PHE D 335 -55.99 -26.24 -38.67
C PHE D 335 -56.57 -24.84 -38.88
N GLY D 336 -57.52 -24.47 -38.03
CA GLY D 336 -58.17 -23.18 -38.13
C GLY D 336 -57.29 -21.96 -37.99
N TRP D 337 -56.40 -21.95 -37.01
CA TRP D 337 -55.56 -20.79 -36.81
C TRP D 337 -54.20 -21.04 -36.15
N LEU D 338 -54.23 -21.59 -34.94
CA LEU D 338 -53.02 -21.84 -34.16
C LEU D 338 -51.86 -22.54 -34.85
N ILE D 339 -52.11 -23.68 -35.48
CA ILE D 339 -51.02 -24.39 -36.14
C ILE D 339 -50.43 -23.61 -37.33
N PRO D 340 -51.28 -23.09 -38.24
CA PRO D 340 -50.75 -22.34 -39.39
C PRO D 340 -49.94 -21.14 -38.93
N MET D 341 -50.50 -20.40 -37.97
CA MET D 341 -49.84 -19.22 -37.43
C MET D 341 -48.48 -19.57 -36.80
N LEU D 342 -48.42 -20.70 -36.11
CA LEU D 342 -47.18 -21.13 -35.50
C LEU D 342 -46.13 -21.54 -36.53
N MET D 343 -46.55 -22.32 -37.52
CA MET D 343 -45.62 -22.76 -38.55
C MET D 343 -45.34 -21.67 -39.57
N SER D 344 -45.97 -20.50 -39.37
CA SER D 344 -45.80 -19.37 -40.27
C SER D 344 -46.24 -19.76 -41.67
N TYR D 345 -47.55 -19.91 -41.84
CA TYR D 345 -48.10 -20.27 -43.13
C TYR D 345 -48.32 -19.03 -43.99
N PRO D 346 -48.10 -19.15 -45.31
CA PRO D 346 -48.28 -18.05 -46.26
C PRO D 346 -49.74 -17.82 -46.61
N LEU D 347 -50.54 -17.46 -45.62
CA LEU D 347 -51.95 -17.20 -45.85
C LEU D 347 -52.27 -15.76 -45.45
N SER D 348 -51.27 -14.89 -45.58
CA SER D 348 -51.41 -13.49 -45.20
C SER D 348 -52.43 -12.69 -46.02
N GLU D 349 -53.08 -13.31 -46.99
CA GLU D 349 -54.07 -12.62 -47.81
C GLU D 349 -55.52 -13.00 -47.51
N GLY D 350 -55.70 -14.16 -46.87
CA GLY D 350 -57.05 -14.63 -46.55
C GLY D 350 -57.73 -15.15 -47.80
N GLN D 351 -57.02 -15.07 -48.92
CA GLN D 351 -57.51 -15.53 -50.20
C GLN D 351 -56.58 -16.59 -50.80
N LEU D 352 -57.17 -17.57 -51.47
CA LEU D 352 -56.38 -18.64 -52.07
C LEU D 352 -57.06 -19.15 -53.35
N ASP D 353 -56.27 -19.35 -54.40
CA ASP D 353 -56.79 -19.83 -55.69
C ASP D 353 -56.18 -21.17 -56.11
N GLN D 354 -57.03 -22.06 -56.62
CA GLN D 354 -56.63 -23.39 -57.08
C GLN D 354 -55.13 -23.62 -57.29
N LYS D 355 -54.51 -22.81 -58.13
CA LYS D 355 -53.09 -22.96 -58.41
C LYS D 355 -52.23 -22.78 -57.18
N THR D 356 -52.41 -21.66 -56.48
CA THR D 356 -51.65 -21.37 -55.28
C THR D 356 -51.96 -22.38 -54.17
N ALA D 357 -53.13 -23.02 -54.28
CA ALA D 357 -53.54 -24.02 -53.30
C ALA D 357 -52.81 -25.33 -53.53
N MET D 358 -52.66 -25.72 -54.80
CA MET D 358 -51.96 -26.95 -55.14
C MET D 358 -50.48 -26.83 -54.86
N SER D 359 -49.99 -25.59 -54.87
CA SER D 359 -48.59 -25.30 -54.60
C SER D 359 -48.32 -25.49 -53.11
N LEU D 360 -49.19 -24.90 -52.30
CA LEU D 360 -49.08 -24.98 -50.84
C LEU D 360 -49.17 -26.42 -50.39
N LEU D 361 -50.18 -27.12 -50.88
CA LEU D 361 -50.38 -28.52 -50.53
C LEU D 361 -49.11 -29.34 -50.78
N TRP D 362 -48.43 -29.07 -51.89
CA TRP D 362 -47.21 -29.78 -52.21
C TRP D 362 -46.15 -29.39 -51.19
N LYS D 363 -46.03 -28.08 -50.94
CA LYS D 363 -45.06 -27.58 -49.98
C LYS D 363 -45.30 -28.15 -48.59
N SER D 364 -46.56 -28.47 -48.29
CA SER D 364 -46.96 -29.00 -46.99
C SER D 364 -46.70 -30.50 -46.87
N TYR D 365 -45.91 -31.04 -47.78
CA TYR D 365 -45.63 -32.47 -47.80
C TYR D 365 -45.29 -33.09 -46.44
N PRO D 366 -44.40 -32.46 -45.67
CA PRO D 366 -44.04 -33.01 -44.36
C PRO D 366 -45.20 -33.02 -43.36
N LEU D 367 -46.27 -32.29 -43.69
CA LEU D 367 -47.44 -32.21 -42.82
C LEU D 367 -48.56 -33.14 -43.25
N VAL D 368 -48.78 -33.24 -44.55
CA VAL D 368 -49.85 -34.07 -45.08
C VAL D 368 -49.40 -35.26 -45.94
N CYS D 369 -48.12 -35.29 -46.29
CA CYS D 369 -47.55 -36.36 -47.11
C CYS D 369 -48.45 -36.79 -48.27
N ILE D 370 -48.71 -35.88 -49.20
CA ILE D 370 -49.55 -36.20 -50.35
C ILE D 370 -48.73 -36.17 -51.63
N ALA D 371 -48.65 -37.29 -52.33
CA ALA D 371 -47.90 -37.37 -53.59
C ALA D 371 -48.32 -36.22 -54.50
N LYS D 372 -47.33 -35.56 -55.11
CA LYS D 372 -47.61 -34.41 -55.97
C LYS D 372 -48.62 -34.69 -57.08
N GLU D 373 -48.83 -35.96 -57.42
CA GLU D 373 -49.77 -36.34 -58.47
C GLU D 373 -51.19 -36.39 -57.92
N LEU D 374 -51.30 -36.65 -56.63
CA LEU D 374 -52.59 -36.74 -55.98
C LEU D 374 -53.14 -35.34 -55.71
N ILE D 375 -52.24 -34.38 -55.53
CA ILE D 375 -52.61 -32.99 -55.25
C ILE D 375 -53.88 -32.52 -55.96
N PRO D 376 -53.91 -32.60 -57.30
CA PRO D 376 -55.10 -32.17 -58.05
C PRO D 376 -56.42 -32.79 -57.58
N GLU D 377 -56.48 -34.11 -57.53
CA GLU D 377 -57.69 -34.80 -57.09
C GLU D 377 -58.13 -34.25 -55.75
N ALA D 378 -57.20 -34.25 -54.80
CA ALA D 378 -57.46 -33.76 -53.45
C ALA D 378 -57.96 -32.33 -53.41
N THR D 379 -57.22 -31.41 -54.04
CA THR D 379 -57.60 -30.01 -54.03
C THR D 379 -58.96 -29.78 -54.72
N GLU D 380 -59.18 -30.47 -55.83
CA GLU D 380 -60.44 -30.33 -56.56
C GLU D 380 -61.60 -30.80 -55.70
N LYS D 381 -61.40 -31.89 -54.98
CA LYS D 381 -62.43 -32.45 -54.11
C LYS D 381 -62.82 -31.47 -53.00
N TYR D 382 -61.86 -30.70 -52.51
CA TYR D 382 -62.11 -29.74 -51.44
C TYR D 382 -62.36 -28.30 -51.89
N LEU D 383 -61.61 -27.84 -52.88
CA LEU D 383 -61.76 -26.46 -53.34
C LEU D 383 -62.63 -26.28 -54.59
N GLY D 384 -62.61 -27.27 -55.47
CA GLY D 384 -63.40 -27.18 -56.69
C GLY D 384 -64.88 -27.02 -56.47
N GLY D 385 -65.30 -26.89 -55.21
CA GLY D 385 -66.70 -26.73 -54.90
C GLY D 385 -67.26 -25.35 -55.20
N THR D 386 -66.42 -24.33 -55.09
CA THR D 386 -66.87 -22.97 -55.38
C THR D 386 -65.81 -22.21 -56.17
N ASP D 387 -66.00 -20.90 -56.26
CA ASP D 387 -65.08 -20.04 -56.99
C ASP D 387 -64.63 -18.90 -56.09
N ASP D 388 -65.20 -18.85 -54.88
CA ASP D 388 -64.84 -17.81 -53.93
C ASP D 388 -63.42 -18.09 -53.49
N THR D 389 -62.56 -17.07 -53.57
CA THR D 389 -61.17 -17.22 -53.17
C THR D 389 -61.04 -17.44 -51.66
N VAL D 390 -61.93 -16.81 -50.90
CA VAL D 390 -61.91 -16.95 -49.45
C VAL D 390 -62.47 -18.31 -49.05
N LYS D 391 -63.60 -18.70 -49.61
CA LYS D 391 -64.19 -19.99 -49.29
C LYS D 391 -63.21 -21.11 -49.63
N LYS D 392 -62.31 -20.86 -50.58
CA LYS D 392 -61.31 -21.85 -50.96
C LYS D 392 -60.26 -21.94 -49.86
N LYS D 393 -59.79 -20.79 -49.40
CA LYS D 393 -58.79 -20.74 -48.34
C LYS D 393 -59.25 -21.51 -47.11
N ASP D 394 -60.56 -21.54 -46.87
CA ASP D 394 -61.10 -22.25 -45.71
C ASP D 394 -61.18 -23.74 -45.97
N LEU D 395 -61.66 -24.11 -47.15
CA LEU D 395 -61.77 -25.52 -47.51
C LEU D 395 -60.40 -26.16 -47.51
N PHE D 396 -59.37 -25.34 -47.70
CA PHE D 396 -58.00 -25.80 -47.71
C PHE D 396 -57.60 -26.17 -46.28
N LEU D 397 -58.05 -25.35 -45.32
CA LEU D 397 -57.75 -25.59 -43.93
C LEU D 397 -58.43 -26.88 -43.47
N ASP D 398 -59.65 -27.12 -43.98
CA ASP D 398 -60.38 -28.34 -43.63
C ASP D 398 -59.66 -29.52 -44.23
N LEU D 399 -59.10 -29.30 -45.42
CA LEU D 399 -58.35 -30.32 -46.13
C LEU D 399 -57.16 -30.77 -45.28
N ILE D 400 -56.33 -29.83 -44.86
CA ILE D 400 -55.16 -30.12 -44.03
C ILE D 400 -55.59 -30.89 -42.78
N ALA D 401 -56.57 -30.32 -42.09
CA ALA D 401 -57.09 -30.90 -40.85
C ALA D 401 -57.54 -32.36 -40.96
N ASP D 402 -58.32 -32.68 -41.99
CA ASP D 402 -58.80 -34.04 -42.13
C ASP D 402 -57.67 -35.03 -42.40
N VAL D 403 -56.60 -34.55 -43.04
CA VAL D 403 -55.45 -35.39 -43.37
C VAL D 403 -54.59 -35.62 -42.13
N MET D 404 -54.43 -34.56 -41.33
CA MET D 404 -53.61 -34.64 -40.13
C MET D 404 -54.27 -35.24 -38.89
N PHE D 405 -55.52 -34.88 -38.63
CA PHE D 405 -56.21 -35.39 -37.45
C PHE D 405 -57.54 -36.09 -37.72
N GLY D 406 -58.43 -35.40 -38.42
CA GLY D 406 -59.74 -35.94 -38.73
C GLY D 406 -59.80 -37.41 -39.09
N VAL D 407 -59.27 -37.75 -40.25
CA VAL D 407 -59.29 -39.12 -40.72
C VAL D 407 -58.48 -40.10 -39.86
N PRO D 408 -57.21 -39.78 -39.58
CA PRO D 408 -56.38 -40.67 -38.75
C PRO D 408 -57.07 -41.08 -37.46
N SER D 409 -57.70 -40.10 -36.79
CA SER D 409 -58.39 -40.36 -35.54
C SER D 409 -59.49 -41.40 -35.68
N VAL D 410 -60.28 -41.26 -36.74
CA VAL D 410 -61.38 -42.18 -36.98
C VAL D 410 -60.87 -43.57 -37.33
N ILE D 411 -59.79 -43.65 -38.11
CA ILE D 411 -59.25 -44.95 -38.46
C ILE D 411 -58.78 -45.64 -37.18
N VAL D 412 -58.06 -44.91 -36.34
CA VAL D 412 -57.56 -45.47 -35.10
C VAL D 412 -58.75 -45.99 -34.28
N ALA D 413 -59.77 -45.17 -34.13
CA ALA D 413 -60.95 -45.57 -33.38
C ALA D 413 -61.59 -46.83 -33.97
N ARG D 414 -61.85 -46.82 -35.28
CA ARG D 414 -62.45 -48.00 -35.89
C ARG D 414 -61.65 -49.27 -35.60
N ASN D 415 -60.33 -49.20 -35.76
CA ASN D 415 -59.49 -50.36 -35.50
C ASN D 415 -59.53 -50.79 -34.05
N HIS D 416 -59.55 -49.83 -33.13
CA HIS D 416 -59.60 -50.13 -31.70
C HIS D 416 -60.93 -50.79 -31.37
N ARG D 417 -62.00 -50.30 -32.00
CA ARG D 417 -63.33 -50.85 -31.79
C ARG D 417 -63.35 -52.26 -32.34
N ASP D 418 -62.85 -52.42 -33.57
CA ASP D 418 -62.80 -53.72 -34.22
C ASP D 418 -61.91 -54.69 -33.45
N ALA D 419 -60.96 -54.15 -32.69
CA ALA D 419 -60.07 -54.99 -31.90
C ALA D 419 -60.83 -55.53 -30.69
N GLY D 420 -62.00 -54.94 -30.44
CA GLY D 420 -62.84 -55.39 -29.34
C GLY D 420 -62.86 -54.61 -28.04
N ALA D 421 -62.20 -53.45 -28.01
CA ALA D 421 -62.17 -52.66 -26.78
C ALA D 421 -63.18 -51.52 -26.82
N PRO D 422 -63.61 -51.04 -25.63
CA PRO D 422 -64.56 -49.94 -25.61
C PRO D 422 -63.93 -48.73 -26.27
N THR D 423 -64.65 -48.11 -27.20
CA THR D 423 -64.16 -46.93 -27.90
C THR D 423 -65.20 -45.81 -27.84
N TYR D 424 -64.73 -44.58 -27.73
CA TYR D 424 -65.59 -43.41 -27.66
C TYR D 424 -64.93 -42.31 -28.48
N MET D 425 -65.74 -41.48 -29.12
CA MET D 425 -65.23 -40.38 -29.94
C MET D 425 -66.04 -39.12 -29.68
N TYR D 426 -65.45 -37.97 -30.02
CA TYR D 426 -66.14 -36.71 -29.84
C TYR D 426 -65.59 -35.71 -30.84
N GLU D 427 -66.38 -34.69 -31.16
CA GLU D 427 -65.93 -33.64 -32.06
C GLU D 427 -66.24 -32.39 -31.27
N PHE D 428 -65.20 -31.66 -30.88
CA PHE D 428 -65.33 -30.45 -30.07
C PHE D 428 -65.48 -29.19 -30.92
N GLN D 429 -66.57 -28.44 -30.68
CA GLN D 429 -66.84 -27.22 -31.43
C GLN D 429 -67.17 -26.06 -30.50
N TYR D 430 -66.20 -25.22 -30.23
CA TYR D 430 -66.46 -24.08 -29.37
C TYR D 430 -65.27 -23.14 -29.43
N ARG D 431 -65.53 -21.85 -29.26
CA ARG D 431 -64.49 -20.84 -29.27
C ARG D 431 -64.32 -20.26 -27.88
N PRO D 432 -63.34 -20.78 -27.12
CA PRO D 432 -63.13 -20.24 -25.77
C PRO D 432 -62.94 -18.73 -25.78
N SER D 433 -63.43 -18.08 -24.73
CA SER D 433 -63.32 -16.64 -24.61
C SER D 433 -61.86 -16.27 -24.31
N PHE D 434 -61.08 -17.28 -23.95
CA PHE D 434 -59.68 -17.07 -23.62
C PHE D 434 -58.82 -17.08 -24.89
N SER D 435 -59.47 -17.17 -26.05
CA SER D 435 -58.77 -17.18 -27.32
C SER D 435 -57.87 -15.96 -27.50
N SER D 436 -56.82 -16.14 -28.30
CA SER D 436 -55.88 -15.06 -28.58
C SER D 436 -56.57 -14.03 -29.47
N ASP D 437 -56.28 -12.76 -29.22
CA ASP D 437 -56.88 -11.65 -29.96
C ASP D 437 -56.57 -11.66 -31.46
N MET D 438 -55.43 -12.23 -31.82
CA MET D 438 -55.00 -12.29 -33.22
C MET D 438 -55.67 -13.42 -33.98
N LYS D 439 -56.64 -14.06 -33.34
CA LYS D 439 -57.35 -15.19 -33.92
C LYS D 439 -58.70 -14.78 -34.54
N PRO D 440 -58.90 -15.07 -35.83
CA PRO D 440 -60.15 -14.71 -36.50
C PRO D 440 -61.37 -15.23 -35.74
N LYS D 441 -62.31 -14.32 -35.47
CA LYS D 441 -63.51 -14.64 -34.72
C LYS D 441 -64.38 -15.73 -35.36
N THR D 442 -64.13 -16.03 -36.63
CA THR D 442 -64.91 -17.06 -37.33
C THR D 442 -64.44 -18.47 -36.97
N VAL D 443 -63.23 -18.58 -36.41
CA VAL D 443 -62.68 -19.88 -36.05
C VAL D 443 -63.33 -20.45 -34.79
N ILE D 444 -63.91 -21.64 -34.93
CA ILE D 444 -64.57 -22.32 -33.82
C ILE D 444 -64.12 -23.77 -33.75
N GLY D 445 -63.54 -24.16 -32.62
CA GLY D 445 -63.05 -25.52 -32.48
C GLY D 445 -61.66 -25.62 -33.08
N ASP D 446 -60.81 -24.66 -32.74
CA ASP D 446 -59.44 -24.62 -33.22
C ASP D 446 -58.59 -25.61 -32.42
N HIS D 447 -57.36 -25.84 -32.86
CA HIS D 447 -56.47 -26.76 -32.16
C HIS D 447 -56.25 -26.26 -30.73
N GLY D 448 -56.44 -27.15 -29.76
CA GLY D 448 -56.25 -26.80 -28.36
C GLY D 448 -57.42 -26.10 -27.69
N ASP D 449 -58.53 -25.94 -28.39
CA ASP D 449 -59.69 -25.27 -27.81
C ASP D 449 -60.36 -25.98 -26.65
N GLU D 450 -60.39 -27.31 -26.69
CA GLU D 450 -61.02 -28.08 -25.62
C GLU D 450 -60.13 -28.16 -24.36
N LEU D 451 -58.89 -27.69 -24.46
CA LEU D 451 -58.00 -27.72 -23.30
C LEU D 451 -58.54 -26.83 -22.19
N PHE D 452 -59.22 -25.76 -22.58
CA PHE D 452 -59.77 -24.84 -21.60
C PHE D 452 -60.96 -25.44 -20.87
N SER D 453 -61.68 -26.33 -21.56
CA SER D 453 -62.82 -26.99 -20.93
C SER D 453 -62.29 -28.09 -20.02
N VAL D 454 -61.42 -28.93 -20.59
CA VAL D 454 -60.82 -30.05 -19.87
C VAL D 454 -60.07 -29.66 -18.61
N PHE D 455 -59.26 -28.61 -18.67
CA PHE D 455 -58.52 -28.21 -17.49
C PHE D 455 -59.17 -27.14 -16.66
N GLY D 456 -60.46 -26.89 -16.93
CA GLY D 456 -61.20 -25.93 -16.15
C GLY D 456 -60.72 -24.50 -16.13
N ALA D 457 -60.28 -24.01 -17.28
CA ALA D 457 -59.80 -22.63 -17.39
C ALA D 457 -60.79 -21.62 -16.80
N PRO D 458 -62.11 -21.80 -17.05
CA PRO D 458 -63.14 -20.90 -16.53
C PRO D 458 -63.09 -20.69 -15.02
N PHE D 459 -62.36 -21.54 -14.31
CA PHE D 459 -62.27 -21.42 -12.87
C PHE D 459 -60.97 -20.83 -12.37
N LEU D 460 -60.05 -20.58 -13.29
CA LEU D 460 -58.76 -20.01 -12.91
C LEU D 460 -58.64 -18.67 -13.62
N LYS D 461 -58.97 -18.66 -14.91
CA LYS D 461 -58.94 -17.43 -15.69
C LYS D 461 -60.17 -16.59 -15.32
N GLU D 462 -60.23 -15.36 -15.82
CA GLU D 462 -61.35 -14.49 -15.50
C GLU D 462 -62.34 -14.21 -16.62
N GLY D 463 -63.56 -13.87 -16.20
CA GLY D 463 -64.64 -13.51 -17.10
C GLY D 463 -65.39 -14.57 -17.89
N ALA D 464 -65.26 -15.83 -17.52
CA ALA D 464 -65.97 -16.87 -18.26
C ALA D 464 -67.49 -16.74 -18.08
N SER D 465 -68.24 -16.88 -19.18
CA SER D 465 -69.70 -16.81 -19.11
C SER D 465 -70.21 -18.10 -18.47
N GLU D 466 -71.49 -18.12 -18.11
CA GLU D 466 -72.08 -19.29 -17.47
C GLU D 466 -72.18 -20.42 -18.46
N GLU D 467 -72.12 -20.07 -19.73
CA GLU D 467 -72.21 -21.06 -20.79
C GLU D 467 -70.86 -21.78 -20.89
N GLU D 468 -69.78 -21.02 -20.71
CA GLU D 468 -68.45 -21.58 -20.80
C GLU D 468 -68.12 -22.40 -19.56
N ILE D 469 -68.60 -21.95 -18.41
CA ILE D 469 -68.38 -22.64 -17.16
C ILE D 469 -69.09 -24.00 -17.27
N ARG D 470 -70.35 -23.91 -17.68
CA ARG D 470 -71.21 -25.07 -17.84
C ARG D 470 -70.56 -26.08 -18.80
N LEU D 471 -69.89 -25.59 -19.84
CA LEU D 471 -69.24 -26.49 -20.79
C LEU D 471 -68.06 -27.19 -20.14
N SER D 472 -67.27 -26.42 -19.41
CA SER D 472 -66.11 -26.96 -18.73
C SER D 472 -66.53 -28.04 -17.75
N LYS D 473 -67.55 -27.74 -16.94
CA LYS D 473 -68.03 -28.69 -15.96
C LYS D 473 -68.50 -29.99 -16.60
N MET D 474 -69.10 -29.89 -17.79
CA MET D 474 -69.59 -31.08 -18.44
C MET D 474 -68.42 -31.94 -18.91
N VAL D 475 -67.45 -31.29 -19.55
CA VAL D 475 -66.28 -31.98 -20.05
C VAL D 475 -65.48 -32.65 -18.94
N MET D 476 -65.30 -31.97 -17.82
CA MET D 476 -64.55 -32.57 -16.72
C MET D 476 -65.28 -33.79 -16.16
N LYS D 477 -66.61 -33.73 -16.12
CA LYS D 477 -67.43 -34.84 -15.64
C LYS D 477 -67.21 -36.04 -16.55
N PHE D 478 -67.35 -35.82 -17.85
CA PHE D 478 -67.16 -36.88 -18.84
C PHE D 478 -65.78 -37.54 -18.76
N TRP D 479 -64.75 -36.71 -18.71
CA TRP D 479 -63.36 -37.17 -18.63
C TRP D 479 -63.10 -37.98 -17.38
N ALA D 480 -63.53 -37.47 -16.23
CA ALA D 480 -63.33 -38.16 -14.96
C ALA D 480 -64.19 -39.43 -14.83
N ASN D 481 -65.41 -39.40 -15.36
CA ASN D 481 -66.26 -40.58 -15.31
C ASN D 481 -65.55 -41.66 -16.08
N PHE D 482 -65.00 -41.27 -17.23
CA PHE D 482 -64.27 -42.18 -18.08
C PHE D 482 -63.08 -42.70 -17.29
N ALA D 483 -62.42 -41.79 -16.59
CA ALA D 483 -61.24 -42.13 -15.79
C ALA D 483 -61.54 -43.18 -14.73
N ARG D 484 -62.73 -43.12 -14.13
CA ARG D 484 -63.05 -44.11 -13.12
C ARG D 484 -63.83 -45.32 -13.58
N ASN D 485 -64.57 -45.20 -14.69
CA ASN D 485 -65.36 -46.34 -15.17
C ASN D 485 -65.04 -46.84 -16.58
N GLY D 486 -64.29 -46.06 -17.35
CA GLY D 486 -64.00 -46.47 -18.71
C GLY D 486 -65.22 -46.13 -19.57
N ASN D 487 -66.13 -45.38 -18.98
CA ASN D 487 -67.36 -44.94 -19.63
C ASN D 487 -67.66 -43.51 -19.18
N PRO D 488 -67.70 -42.56 -20.13
CA PRO D 488 -67.97 -41.16 -19.80
C PRO D 488 -69.34 -40.82 -19.22
N ASN D 489 -70.31 -41.69 -19.44
CA ASN D 489 -71.66 -41.47 -18.96
C ASN D 489 -71.84 -41.46 -17.45
N GLY D 490 -72.84 -40.70 -17.00
CA GLY D 490 -73.14 -40.59 -15.59
C GLY D 490 -74.33 -39.66 -15.44
N GLU D 491 -74.76 -39.41 -14.21
CA GLU D 491 -75.91 -38.54 -13.99
C GLU D 491 -75.63 -37.07 -14.35
N GLY D 492 -76.66 -36.38 -14.84
CA GLY D 492 -76.54 -34.98 -15.20
C GLY D 492 -75.81 -34.69 -16.49
N LEU D 493 -75.64 -35.72 -17.32
CA LEU D 493 -74.93 -35.54 -18.57
C LEU D 493 -75.68 -36.12 -19.76
N PRO D 494 -75.60 -35.43 -20.91
CA PRO D 494 -76.28 -35.96 -22.11
C PRO D 494 -75.67 -37.32 -22.47
N HIS D 495 -76.44 -38.16 -23.15
CA HIS D 495 -75.93 -39.47 -23.48
C HIS D 495 -74.80 -39.47 -24.52
N TRP D 496 -73.71 -40.15 -24.19
CA TRP D 496 -72.57 -40.27 -25.09
C TRP D 496 -72.59 -41.72 -25.55
N PRO D 497 -72.89 -41.96 -26.82
CA PRO D 497 -72.93 -43.34 -27.31
C PRO D 497 -71.54 -43.94 -27.50
N GLU D 498 -71.45 -45.26 -27.36
CA GLU D 498 -70.17 -45.92 -27.53
C GLU D 498 -69.89 -45.96 -29.03
N TYR D 499 -68.64 -45.78 -29.42
CA TYR D 499 -68.32 -45.81 -30.84
C TYR D 499 -68.31 -47.26 -31.31
N ASN D 500 -69.51 -47.83 -31.47
CA ASN D 500 -69.64 -49.18 -31.95
C ASN D 500 -69.81 -49.17 -33.46
N GLN D 501 -70.54 -50.14 -33.99
CA GLN D 501 -70.77 -50.22 -35.42
C GLN D 501 -71.57 -49.05 -35.99
N LYS D 502 -72.53 -48.54 -35.22
CA LYS D 502 -73.32 -47.41 -35.69
C LYS D 502 -72.43 -46.15 -35.70
N GLU D 503 -71.21 -46.31 -35.19
CA GLU D 503 -70.22 -45.24 -35.14
C GLU D 503 -70.75 -43.91 -34.61
N GLY D 504 -71.48 -43.98 -33.49
CA GLY D 504 -72.01 -42.78 -32.90
C GLY D 504 -70.97 -42.08 -32.06
N TYR D 505 -70.91 -40.76 -32.18
CA TYR D 505 -69.95 -39.97 -31.42
C TYR D 505 -70.67 -38.81 -30.77
N LEU D 506 -69.99 -38.10 -29.87
CA LEU D 506 -70.60 -36.97 -29.19
C LEU D 506 -70.14 -35.64 -29.75
N GLN D 507 -71.08 -34.76 -30.02
CA GLN D 507 -70.75 -33.43 -30.51
C GLN D 507 -70.78 -32.54 -29.27
N ILE D 508 -69.63 -32.01 -28.91
CA ILE D 508 -69.52 -31.18 -27.72
C ILE D 508 -69.37 -29.69 -28.00
N GLY D 509 -70.26 -28.91 -27.41
CA GLY D 509 -70.24 -27.48 -27.57
C GLY D 509 -71.29 -26.81 -26.72
N ALA D 510 -71.82 -25.68 -27.20
CA ALA D 510 -72.85 -24.96 -26.46
C ALA D 510 -74.07 -25.88 -26.42
N ASN D 511 -74.28 -26.59 -27.52
CA ASN D 511 -75.36 -27.56 -27.62
C ASN D 511 -74.70 -28.90 -27.89
N THR D 512 -74.57 -29.70 -26.85
CA THR D 512 -73.92 -30.99 -26.95
C THR D 512 -74.93 -32.10 -27.18
N GLN D 513 -74.72 -32.90 -28.22
CA GLN D 513 -75.63 -34.00 -28.50
C GLN D 513 -74.93 -35.08 -29.30
N ALA D 514 -75.53 -36.28 -29.32
CA ALA D 514 -74.96 -37.42 -30.03
C ALA D 514 -75.16 -37.30 -31.53
N ALA D 515 -74.28 -37.92 -32.30
CA ALA D 515 -74.34 -37.91 -33.74
C ALA D 515 -73.80 -39.24 -34.23
N GLN D 516 -73.62 -39.38 -35.54
CA GLN D 516 -73.09 -40.63 -36.08
C GLN D 516 -72.19 -40.48 -37.31
N LYS D 517 -71.38 -41.51 -37.53
CA LYS D 517 -70.45 -41.58 -38.66
C LYS D 517 -69.58 -40.35 -38.93
N LEU D 518 -68.84 -39.92 -37.90
CA LEU D 518 -67.95 -38.78 -37.99
C LEU D 518 -66.88 -38.99 -39.08
N LYS D 519 -66.72 -37.98 -39.95
CA LYS D 519 -65.72 -38.03 -41.02
C LYS D 519 -65.80 -39.32 -41.85
N ASP D 520 -66.99 -39.89 -41.97
CA ASP D 520 -67.15 -41.12 -42.73
C ASP D 520 -66.80 -40.98 -44.21
N LYS D 521 -67.22 -39.88 -44.83
CA LYS D 521 -66.91 -39.66 -46.24
C LYS D 521 -65.43 -39.40 -46.40
N GLU D 522 -64.92 -38.38 -45.71
CA GLU D 522 -63.52 -38.00 -45.78
C GLU D 522 -62.62 -39.23 -45.69
N VAL D 523 -62.88 -40.08 -44.71
CA VAL D 523 -62.08 -41.27 -44.52
C VAL D 523 -62.07 -42.11 -45.79
N ALA D 524 -63.25 -42.33 -46.36
CA ALA D 524 -63.37 -43.11 -47.58
C ALA D 524 -62.57 -42.44 -48.71
N PHE D 525 -62.82 -41.17 -48.94
CA PHE D 525 -62.11 -40.44 -49.98
C PHE D 525 -60.61 -40.65 -49.83
N TRP D 526 -60.08 -40.22 -48.70
CA TRP D 526 -58.66 -40.32 -48.40
C TRP D 526 -58.07 -41.73 -48.43
N THR D 527 -58.77 -42.69 -47.83
CA THR D 527 -58.26 -44.06 -47.82
C THR D 527 -58.17 -44.53 -49.27
N ASN D 528 -59.10 -44.04 -50.08
CA ASN D 528 -59.14 -44.38 -51.50
C ASN D 528 -58.01 -43.68 -52.28
N LEU D 529 -57.75 -42.41 -51.94
CA LEU D 529 -56.70 -41.65 -52.60
C LEU D 529 -55.31 -42.19 -52.27
N PHE D 530 -54.99 -42.31 -50.99
CA PHE D 530 -53.69 -42.82 -50.58
C PHE D 530 -53.47 -44.24 -51.08
N ALA D 531 -54.50 -44.83 -51.68
CA ALA D 531 -54.36 -46.17 -52.22
C ALA D 531 -53.84 -46.05 -53.64
N LYS D 532 -53.68 -44.80 -54.09
CA LYS D 532 -53.20 -44.47 -55.43
C LYS D 532 -53.65 -45.50 -56.46
N SER E 2 17.16 -58.34 1.56
CA SER E 2 16.08 -58.60 0.60
C SER E 2 14.80 -57.84 0.96
N PRO E 3 14.30 -57.00 0.03
CA PRO E 3 13.09 -56.19 0.21
C PRO E 3 11.88 -57.02 0.61
N PRO E 4 11.07 -56.51 1.56
CA PRO E 4 9.88 -57.23 2.03
C PRO E 4 8.74 -57.21 1.01
N VAL E 5 8.19 -58.39 0.72
CA VAL E 5 7.09 -58.49 -0.22
C VAL E 5 5.90 -59.10 0.48
N VAL E 6 4.77 -58.42 0.39
CA VAL E 6 3.54 -58.87 1.03
C VAL E 6 2.44 -59.20 0.02
N ASP E 7 1.60 -60.16 0.39
CA ASP E 7 0.46 -60.57 -0.42
C ASP E 7 -0.77 -59.88 0.15
N THR E 8 -1.57 -59.27 -0.71
CA THR E 8 -2.77 -58.60 -0.26
C THR E 8 -3.89 -59.04 -1.17
N VAL E 9 -5.12 -58.78 -0.75
CA VAL E 9 -6.29 -59.15 -1.55
C VAL E 9 -6.14 -58.77 -3.01
N HIS E 10 -5.63 -57.57 -3.27
CA HIS E 10 -5.47 -57.08 -4.64
C HIS E 10 -4.11 -57.35 -5.29
N GLY E 11 -3.20 -58.00 -4.59
CA GLY E 11 -1.91 -58.28 -5.21
C GLY E 11 -0.72 -58.11 -4.29
N LYS E 12 0.48 -58.42 -4.79
CA LYS E 12 1.70 -58.32 -4.00
C LYS E 12 2.27 -56.91 -4.01
N VAL E 13 2.84 -56.51 -2.88
CA VAL E 13 3.44 -55.20 -2.77
C VAL E 13 4.86 -55.37 -2.26
N LEU E 14 5.74 -54.52 -2.77
CA LEU E 14 7.15 -54.53 -2.42
C LEU E 14 7.47 -53.30 -1.62
N GLY E 15 8.15 -53.48 -0.50
CA GLY E 15 8.51 -52.34 0.32
C GLY E 15 10.02 -52.25 0.48
N LYS E 16 10.45 -51.71 1.62
CA LYS E 16 11.87 -51.58 1.89
C LYS E 16 12.05 -51.66 3.39
N PHE E 17 13.23 -52.04 3.82
CA PHE E 17 13.53 -52.14 5.24
C PHE E 17 14.23 -50.87 5.69
N VAL E 18 14.07 -50.54 6.96
CA VAL E 18 14.71 -49.39 7.56
C VAL E 18 14.95 -49.72 9.02
N SER E 19 16.19 -49.56 9.45
CA SER E 19 16.56 -49.82 10.83
C SER E 19 16.53 -48.52 11.61
N LEU E 20 16.19 -48.60 12.88
CA LEU E 20 16.17 -47.42 13.71
C LEU E 20 17.19 -47.61 14.83
N GLU E 21 18.01 -46.60 15.04
CA GLU E 21 19.02 -46.65 16.07
C GLU E 21 18.42 -47.12 17.38
N GLY E 22 18.77 -48.33 17.80
CA GLY E 22 18.25 -48.85 19.05
C GLY E 22 17.39 -50.10 18.95
N PHE E 23 17.10 -50.52 17.72
CA PHE E 23 16.27 -51.70 17.50
C PHE E 23 16.88 -52.60 16.43
N ALA E 24 17.02 -53.87 16.75
CA ALA E 24 17.61 -54.84 15.83
C ALA E 24 16.71 -55.25 14.67
N GLN E 25 15.39 -55.28 14.91
CA GLN E 25 14.43 -55.64 13.88
C GLN E 25 14.05 -54.44 13.01
N PRO E 26 14.53 -54.41 11.76
CA PRO E 26 14.22 -53.30 10.86
C PRO E 26 12.71 -53.17 10.64
N VAL E 27 12.26 -51.95 10.41
CA VAL E 27 10.84 -51.71 10.18
C VAL E 27 10.59 -51.77 8.68
N ALA E 28 9.59 -52.55 8.28
CA ALA E 28 9.24 -52.66 6.87
C ALA E 28 8.32 -51.48 6.58
N ILE E 29 8.66 -50.72 5.55
CA ILE E 29 7.88 -49.55 5.17
C ILE E 29 7.29 -49.71 3.77
N PHE E 30 6.00 -49.41 3.64
CA PHE E 30 5.32 -49.51 2.36
C PHE E 30 4.71 -48.15 2.04
N LEU E 31 5.12 -47.56 0.92
CA LEU E 31 4.65 -46.25 0.51
C LEU E 31 3.67 -46.25 -0.66
N GLY E 32 2.62 -45.44 -0.54
CA GLY E 32 1.63 -45.32 -1.59
C GLY E 32 0.86 -46.56 -2.03
N ILE E 33 0.25 -47.28 -1.09
CA ILE E 33 -0.54 -48.45 -1.44
C ILE E 33 -1.95 -47.95 -1.76
N PRO E 34 -2.47 -48.27 -2.95
CA PRO E 34 -3.82 -47.81 -3.29
C PRO E 34 -4.87 -48.55 -2.48
N PHE E 35 -5.85 -47.84 -1.93
CA PHE E 35 -6.88 -48.51 -1.15
C PHE E 35 -8.26 -48.30 -1.74
N ALA E 36 -8.30 -47.58 -2.86
CA ALA E 36 -9.54 -47.32 -3.57
C ALA E 36 -9.18 -47.05 -5.03
N LYS E 37 -10.17 -46.99 -5.90
CA LYS E 37 -9.93 -46.70 -7.29
C LYS E 37 -9.68 -45.20 -7.35
N PRO E 38 -8.81 -44.73 -8.25
CA PRO E 38 -8.57 -43.28 -8.31
C PRO E 38 -9.92 -42.60 -8.59
N PRO E 39 -10.30 -41.63 -7.76
CA PRO E 39 -11.57 -40.90 -7.91
C PRO E 39 -11.58 -39.88 -9.05
N LEU E 40 -11.19 -40.33 -10.23
CA LEU E 40 -11.12 -39.47 -11.42
C LEU E 40 -12.37 -39.47 -12.29
N GLY E 41 -12.50 -38.44 -13.11
CA GLY E 41 -13.63 -38.34 -14.01
C GLY E 41 -14.98 -38.55 -13.36
N PRO E 42 -15.81 -39.43 -13.93
CA PRO E 42 -17.15 -39.69 -13.36
C PRO E 42 -17.18 -40.07 -11.88
N LEU E 43 -16.05 -40.49 -11.32
CA LEU E 43 -16.01 -40.86 -9.90
C LEU E 43 -15.81 -39.65 -8.96
N ARG E 44 -15.61 -38.46 -9.52
CA ARG E 44 -15.45 -37.25 -8.72
C ARG E 44 -16.80 -36.93 -8.06
N PHE E 45 -16.79 -36.69 -6.76
CA PHE E 45 -17.99 -36.40 -5.99
C PHE E 45 -18.86 -37.64 -5.77
N THR E 46 -18.23 -38.81 -5.70
CA THR E 46 -18.98 -40.04 -5.46
C THR E 46 -18.21 -40.83 -4.41
N PRO E 47 -18.85 -41.85 -3.82
CA PRO E 47 -18.18 -42.66 -2.80
C PRO E 47 -16.99 -43.41 -3.38
N PRO E 48 -15.96 -43.67 -2.57
CA PRO E 48 -14.78 -44.37 -3.07
C PRO E 48 -15.10 -45.82 -3.46
N GLN E 49 -14.47 -46.29 -4.53
CA GLN E 49 -14.71 -47.64 -4.99
C GLN E 49 -13.49 -48.51 -4.75
N PRO E 50 -13.68 -49.85 -4.71
CA PRO E 50 -12.53 -50.73 -4.48
C PRO E 50 -11.49 -50.51 -5.56
N ALA E 51 -10.24 -50.77 -5.21
CA ALA E 51 -9.16 -50.62 -6.17
C ALA E 51 -9.16 -51.83 -7.10
N GLU E 52 -8.74 -51.61 -8.34
CA GLU E 52 -8.65 -52.69 -9.32
C GLU E 52 -7.43 -53.51 -8.93
N PRO E 53 -7.53 -54.84 -8.99
CA PRO E 53 -6.40 -55.71 -8.64
C PRO E 53 -5.26 -55.68 -9.67
N TRP E 54 -4.03 -55.82 -9.20
CA TRP E 54 -2.87 -55.80 -10.09
C TRP E 54 -2.23 -57.17 -10.29
N SER E 55 -1.54 -57.32 -11.42
CA SER E 55 -0.97 -58.60 -11.81
C SER E 55 0.36 -59.05 -11.23
N PHE E 56 1.35 -58.15 -11.19
CA PHE E 56 2.62 -58.60 -10.65
C PHE E 56 2.96 -58.02 -9.28
N VAL E 57 4.21 -57.65 -9.09
CA VAL E 57 4.61 -57.07 -7.82
C VAL E 57 4.58 -55.57 -7.93
N LYS E 58 3.75 -54.93 -7.10
CA LYS E 58 3.64 -53.47 -7.08
C LYS E 58 4.72 -52.91 -6.16
N ASN E 59 5.45 -51.93 -6.65
CA ASN E 59 6.51 -51.31 -5.87
C ASN E 59 5.99 -50.21 -4.97
N ALA E 60 5.77 -50.52 -3.70
CA ALA E 60 5.30 -49.51 -2.75
C ALA E 60 6.51 -48.80 -2.17
N THR E 61 7.29 -48.15 -3.02
CA THR E 61 8.51 -47.51 -2.55
C THR E 61 8.70 -46.01 -2.75
N SER E 62 7.70 -45.31 -3.26
CA SER E 62 7.84 -43.87 -3.40
C SER E 62 6.59 -43.17 -2.83
N TYR E 63 6.78 -41.98 -2.29
CA TYR E 63 5.67 -41.25 -1.69
C TYR E 63 4.60 -40.91 -2.70
N PRO E 64 3.34 -41.17 -2.35
CA PRO E 64 2.23 -40.87 -3.26
C PRO E 64 1.96 -39.38 -3.27
N PRO E 65 1.25 -38.88 -4.28
CA PRO E 65 0.92 -37.46 -4.39
C PRO E 65 -0.01 -37.09 -3.25
N MET E 66 -0.07 -35.82 -2.88
CA MET E 66 -1.00 -35.42 -1.84
C MET E 66 -2.21 -34.92 -2.61
N CYS E 67 -3.41 -35.09 -2.06
CA CYS E 67 -4.62 -34.66 -2.76
C CYS E 67 -4.55 -33.19 -3.15
N THR E 68 -5.13 -32.85 -4.30
CA THR E 68 -5.11 -31.48 -4.79
C THR E 68 -5.50 -30.50 -3.68
N GLN E 69 -4.71 -29.44 -3.57
CA GLN E 69 -4.90 -28.42 -2.54
C GLN E 69 -3.98 -27.27 -2.88
N ASP E 70 -4.09 -26.17 -2.14
CA ASP E 70 -3.23 -25.02 -2.33
C ASP E 70 -1.83 -25.49 -1.95
N PRO E 71 -0.97 -25.71 -2.95
CA PRO E 71 0.41 -26.20 -2.77
C PRO E 71 1.28 -25.42 -1.79
N LYS E 72 1.13 -24.10 -1.78
CA LYS E 72 1.90 -23.25 -0.89
C LYS E 72 1.44 -23.41 0.56
N ALA E 73 0.13 -23.42 0.77
CA ALA E 73 -0.38 -23.61 2.12
C ALA E 73 -0.03 -25.03 2.56
N GLY E 74 -0.25 -25.99 1.67
CA GLY E 74 0.02 -27.38 1.97
C GLY E 74 1.47 -27.70 2.30
N GLN E 75 2.39 -27.05 1.60
CA GLN E 75 3.80 -27.30 1.88
C GLN E 75 4.16 -26.70 3.22
N LEU E 76 3.60 -25.53 3.50
CA LEU E 76 3.85 -24.83 4.75
C LEU E 76 3.40 -25.64 5.95
N LEU E 77 2.18 -26.15 5.89
CA LEU E 77 1.65 -26.94 6.99
C LEU E 77 2.45 -28.23 7.14
N SER E 78 2.85 -28.80 6.02
CA SER E 78 3.63 -30.03 6.06
C SER E 78 4.94 -29.78 6.81
N GLU E 79 5.62 -28.69 6.48
CA GLU E 79 6.89 -28.34 7.11
C GLU E 79 6.75 -28.13 8.62
N LEU E 80 5.75 -27.36 9.02
CA LEU E 80 5.51 -27.07 10.43
C LEU E 80 5.15 -28.31 11.25
N PHE E 81 4.50 -29.28 10.60
CA PHE E 81 4.06 -30.50 11.28
C PHE E 81 4.92 -31.74 11.10
N THR E 82 5.73 -31.79 10.05
CA THR E 82 6.52 -32.98 9.82
C THR E 82 7.43 -33.34 10.99
N ASN E 83 7.59 -34.64 11.22
CA ASN E 83 8.41 -35.14 12.31
C ASN E 83 9.76 -35.66 11.82
N ARG E 84 9.95 -35.68 10.50
CA ARG E 84 11.22 -36.15 9.97
C ARG E 84 12.15 -34.94 9.83
N LYS E 85 13.45 -35.20 9.73
CA LYS E 85 14.43 -34.12 9.61
C LYS E 85 14.13 -33.16 8.46
N GLU E 86 14.15 -33.68 7.24
CA GLU E 86 13.89 -32.86 6.06
C GLU E 86 12.48 -33.11 5.55
N ASN E 87 11.72 -32.04 5.34
CA ASN E 87 10.37 -32.18 4.83
C ASN E 87 10.49 -32.67 3.40
N ILE E 88 9.62 -33.60 3.04
CA ILE E 88 9.60 -34.15 1.70
C ILE E 88 8.59 -33.42 0.83
N PRO E 89 9.06 -32.74 -0.22
CA PRO E 89 8.16 -32.01 -1.13
C PRO E 89 7.26 -32.99 -1.88
N LEU E 90 5.98 -32.66 -1.99
CA LEU E 90 5.04 -33.54 -2.65
C LEU E 90 4.40 -32.99 -3.92
N LYS E 91 3.94 -33.92 -4.76
CA LYS E 91 3.26 -33.58 -6.00
C LYS E 91 1.76 -33.62 -5.74
N LEU E 92 1.00 -32.80 -6.45
CA LEU E 92 -0.47 -32.74 -6.29
C LEU E 92 -1.17 -33.68 -7.28
N SER E 93 -2.33 -34.19 -6.89
CA SER E 93 -3.07 -35.09 -7.78
C SER E 93 -4.43 -35.53 -7.24
N GLU E 94 -5.37 -35.80 -8.14
CA GLU E 94 -6.68 -36.28 -7.73
C GLU E 94 -6.52 -37.77 -7.42
N ASP E 95 -5.51 -38.38 -8.02
CA ASP E 95 -5.19 -39.78 -7.80
C ASP E 95 -4.34 -39.71 -6.53
N CYS E 96 -5.02 -39.62 -5.40
CA CYS E 96 -4.35 -39.49 -4.11
C CYS E 96 -4.83 -40.43 -2.99
N LEU E 97 -5.78 -41.30 -3.27
CA LEU E 97 -6.28 -42.19 -2.23
C LEU E 97 -5.30 -43.33 -1.90
N TYR E 98 -4.24 -42.99 -1.16
CA TYR E 98 -3.22 -43.97 -0.79
C TYR E 98 -2.97 -43.96 0.71
N LEU E 99 -2.27 -44.98 1.19
CA LEU E 99 -1.91 -45.06 2.60
C LEU E 99 -0.51 -45.66 2.70
N ASN E 100 0.20 -45.30 3.75
CA ASN E 100 1.55 -45.80 3.98
C ASN E 100 1.50 -46.65 5.24
N ILE E 101 2.30 -47.72 5.24
CA ILE E 101 2.32 -48.62 6.37
C ILE E 101 3.73 -48.75 6.95
N TYR E 102 3.82 -48.73 8.28
CA TYR E 102 5.09 -48.88 8.97
C TYR E 102 4.87 -50.04 9.93
N THR E 103 5.49 -51.18 9.64
CA THR E 103 5.34 -52.34 10.48
C THR E 103 6.67 -52.87 10.98
N PRO E 104 6.79 -53.07 12.29
CA PRO E 104 8.00 -53.56 12.94
C PRO E 104 7.93 -55.08 13.11
N ALA E 105 6.87 -55.68 12.59
CA ALA E 105 6.69 -57.13 12.70
C ALA E 105 7.58 -57.92 11.77
N ASP E 106 7.98 -59.11 12.21
CA ASP E 106 8.81 -59.96 11.39
C ASP E 106 7.84 -60.68 10.47
N LEU E 107 7.76 -60.21 9.24
CA LEU E 107 6.85 -60.76 8.25
C LEU E 107 7.08 -62.23 7.89
N THR E 108 8.16 -62.82 8.40
CA THR E 108 8.45 -64.22 8.13
C THR E 108 7.64 -65.08 9.09
N LYS E 109 7.23 -64.47 10.20
CA LYS E 109 6.44 -65.16 11.22
C LYS E 109 5.10 -64.47 11.34
N LYS E 110 4.16 -65.10 12.02
CA LYS E 110 2.84 -64.51 12.17
C LYS E 110 2.81 -63.53 13.33
N ASN E 111 2.35 -62.32 13.05
CA ASN E 111 2.25 -61.29 14.07
C ASN E 111 0.86 -60.70 14.07
N ARG E 112 0.38 -60.38 15.27
CA ARG E 112 -0.94 -59.80 15.44
C ARG E 112 -0.77 -58.55 16.30
N LEU E 113 0.00 -57.59 15.78
CA LEU E 113 0.26 -56.34 16.51
C LEU E 113 -0.86 -55.33 16.43
N PRO E 114 -1.06 -54.54 17.49
CA PRO E 114 -2.13 -53.55 17.42
C PRO E 114 -1.85 -52.58 16.28
N VAL E 115 -2.92 -52.00 15.73
CA VAL E 115 -2.74 -51.08 14.61
C VAL E 115 -3.23 -49.67 14.94
N MET E 116 -2.48 -48.68 14.50
CA MET E 116 -2.83 -47.30 14.71
C MET E 116 -2.91 -46.63 13.34
N VAL E 117 -4.11 -46.14 13.02
CA VAL E 117 -4.37 -45.48 11.74
C VAL E 117 -4.45 -43.98 11.95
N TRP E 118 -3.45 -43.27 11.43
CA TRP E 118 -3.37 -41.81 11.57
C TRP E 118 -4.09 -41.03 10.46
N ILE E 119 -4.91 -40.08 10.87
CA ILE E 119 -5.67 -39.22 9.96
C ILE E 119 -5.16 -37.79 10.13
N HIS E 120 -4.37 -37.30 9.17
CA HIS E 120 -3.82 -35.94 9.26
C HIS E 120 -4.85 -34.83 9.28
N GLY E 121 -4.43 -33.67 9.77
CA GLY E 121 -5.29 -32.51 9.83
C GLY E 121 -4.93 -31.59 8.68
N GLY E 122 -5.51 -30.39 8.67
CA GLY E 122 -5.26 -29.45 7.61
C GLY E 122 -6.56 -28.79 7.21
N GLY E 123 -7.49 -28.71 8.17
CA GLY E 123 -8.78 -28.10 7.95
C GLY E 123 -9.63 -28.71 6.86
N LEU E 124 -9.27 -29.92 6.42
CA LEU E 124 -9.98 -30.62 5.36
C LEU E 124 -9.74 -29.95 4.00
N MET E 125 -8.73 -29.08 3.94
CA MET E 125 -8.37 -28.35 2.72
C MET E 125 -6.96 -28.67 2.24
N VAL E 126 -6.06 -28.95 3.18
CA VAL E 126 -4.67 -29.26 2.87
C VAL E 126 -4.17 -30.40 3.73
N GLY E 127 -3.01 -30.94 3.39
CA GLY E 127 -2.47 -32.03 4.19
C GLY E 127 -1.97 -33.20 3.36
N ALA E 128 -1.31 -34.13 4.02
CA ALA E 128 -0.78 -35.31 3.34
C ALA E 128 -0.37 -36.32 4.41
N ALA E 129 -0.34 -37.60 4.05
CA ALA E 129 0.05 -38.63 5.01
C ALA E 129 1.56 -38.69 5.11
N SER E 130 2.23 -38.51 3.98
CA SER E 130 3.69 -38.57 3.92
C SER E 130 4.37 -37.63 4.88
N THR E 131 3.65 -36.62 5.34
CA THR E 131 4.19 -35.64 6.29
C THR E 131 4.61 -36.36 7.59
N TYR E 132 3.88 -37.40 7.96
CA TYR E 132 4.15 -38.15 9.19
C TYR E 132 4.84 -39.48 8.94
N ASP E 133 6.04 -39.62 9.49
CA ASP E 133 6.81 -40.85 9.35
C ASP E 133 6.48 -41.71 10.56
N GLY E 134 5.96 -42.92 10.33
CA GLY E 134 5.60 -43.79 11.43
C GLY E 134 6.75 -44.65 11.93
N LEU E 135 7.96 -44.36 11.45
CA LEU E 135 9.16 -45.11 11.82
C LEU E 135 9.42 -45.21 13.32
N ALA E 136 9.58 -44.08 13.99
CA ALA E 136 9.86 -44.05 15.42
C ALA E 136 8.78 -44.71 16.27
N LEU E 137 7.53 -44.31 16.06
CA LEU E 137 6.41 -44.86 16.82
C LEU E 137 6.34 -46.37 16.68
N ALA E 138 6.39 -46.84 15.44
CA ALA E 138 6.31 -48.26 15.15
C ALA E 138 7.39 -49.09 15.86
N ALA E 139 8.65 -48.67 15.73
CA ALA E 139 9.75 -49.39 16.35
C ALA E 139 9.75 -49.26 17.87
N HIS E 140 9.54 -48.04 18.36
CA HIS E 140 9.55 -47.81 19.79
C HIS E 140 8.45 -48.53 20.58
N GLU E 141 7.24 -48.61 20.04
CA GLU E 141 6.14 -49.26 20.75
C GLU E 141 5.64 -50.57 20.15
N ASN E 142 6.32 -51.03 19.12
CA ASN E 142 5.95 -52.27 18.44
C ASN E 142 4.49 -52.33 17.96
N VAL E 143 4.04 -51.27 17.30
CA VAL E 143 2.69 -51.21 16.76
C VAL E 143 2.76 -50.92 15.26
N VAL E 144 1.77 -51.34 14.49
CA VAL E 144 1.77 -51.07 13.05
C VAL E 144 1.16 -49.68 12.85
N VAL E 145 1.91 -48.78 12.21
CA VAL E 145 1.43 -47.43 11.96
C VAL E 145 0.98 -47.29 10.51
N VAL E 146 -0.25 -46.82 10.34
CA VAL E 146 -0.84 -46.63 9.02
C VAL E 146 -1.32 -45.19 8.88
N THR E 147 -0.69 -44.44 7.97
CA THR E 147 -1.11 -43.05 7.74
C THR E 147 -1.92 -43.06 6.46
N ILE E 148 -3.12 -42.49 6.51
CA ILE E 148 -3.98 -42.50 5.32
C ILE E 148 -4.17 -41.14 4.70
N GLN E 149 -4.77 -41.14 3.50
CA GLN E 149 -5.07 -39.90 2.82
C GLN E 149 -6.54 -39.95 2.43
N TYR E 150 -7.10 -38.77 2.23
CA TYR E 150 -8.51 -38.65 1.86
C TYR E 150 -8.71 -37.34 1.08
N ARG E 151 -9.70 -37.34 0.19
CA ARG E 151 -9.97 -36.16 -0.63
C ARG E 151 -10.19 -34.89 0.19
N LEU E 152 -9.68 -33.77 -0.30
CA LEU E 152 -9.80 -32.49 0.40
C LEU E 152 -10.54 -31.41 -0.41
N GLY E 153 -10.81 -30.30 0.25
CA GLY E 153 -11.48 -29.17 -0.37
C GLY E 153 -12.70 -29.55 -1.18
N ILE E 154 -12.83 -28.95 -2.36
CA ILE E 154 -13.96 -29.20 -3.26
C ILE E 154 -14.12 -30.68 -3.59
N TRP E 155 -12.99 -31.35 -3.83
CA TRP E 155 -13.00 -32.77 -4.16
C TRP E 155 -13.56 -33.69 -3.08
N GLY E 156 -13.21 -33.42 -1.83
CA GLY E 156 -13.68 -34.27 -0.74
C GLY E 156 -14.89 -33.79 0.02
N PHE E 157 -15.31 -32.54 -0.18
CA PHE E 157 -16.46 -32.06 0.58
C PHE E 157 -17.52 -31.26 -0.16
N PHE E 158 -17.46 -31.22 -1.50
CA PHE E 158 -18.46 -30.48 -2.24
C PHE E 158 -19.84 -31.08 -1.99
N SER E 159 -20.78 -30.22 -1.58
CA SER E 159 -22.12 -30.70 -1.28
C SER E 159 -23.24 -29.78 -1.75
N THR E 160 -24.20 -30.34 -2.49
CA THR E 160 -25.33 -29.54 -2.96
C THR E 160 -26.49 -29.67 -1.99
N GLY E 161 -26.24 -30.35 -0.87
CA GLY E 161 -27.26 -30.54 0.14
C GLY E 161 -28.35 -31.53 -0.20
N ASP E 162 -28.20 -32.27 -1.30
CA ASP E 162 -29.19 -33.26 -1.69
C ASP E 162 -28.53 -34.50 -2.30
N GLU E 163 -29.34 -35.42 -2.83
CA GLU E 163 -28.80 -36.66 -3.39
C GLU E 163 -27.81 -36.58 -4.56
N HIS E 164 -27.82 -35.46 -5.29
CA HIS E 164 -26.92 -35.33 -6.43
C HIS E 164 -25.45 -35.21 -6.05
N SER E 165 -25.19 -34.71 -4.85
CA SER E 165 -23.83 -34.57 -4.32
C SER E 165 -23.92 -34.37 -2.81
N ARG E 166 -24.23 -35.45 -2.10
CA ARG E 166 -24.37 -35.40 -0.65
C ARG E 166 -23.19 -34.78 0.08
N GLY E 167 -21.97 -35.15 -0.30
CA GLY E 167 -20.79 -34.61 0.35
C GLY E 167 -20.11 -35.63 1.26
N ASN E 168 -19.14 -35.15 2.04
CA ASN E 168 -18.37 -35.99 2.96
C ASN E 168 -17.58 -37.12 2.29
N TRP E 169 -17.16 -36.89 1.05
CA TRP E 169 -16.38 -37.88 0.32
C TRP E 169 -15.07 -38.18 1.09
N GLY E 170 -14.44 -37.12 1.58
CA GLY E 170 -13.22 -37.29 2.34
C GLY E 170 -13.44 -38.23 3.52
N HIS E 171 -14.57 -38.07 4.21
CA HIS E 171 -14.88 -38.94 5.34
C HIS E 171 -15.19 -40.36 4.85
N LEU E 172 -15.86 -40.47 3.70
CA LEU E 172 -16.16 -41.78 3.15
C LEU E 172 -14.84 -42.45 2.74
N ASP E 173 -13.83 -41.65 2.43
CA ASP E 173 -12.53 -42.19 2.04
C ASP E 173 -11.83 -42.76 3.28
N GLN E 174 -11.99 -42.08 4.41
CA GLN E 174 -11.41 -42.54 5.66
C GLN E 174 -12.01 -43.89 6.02
N VAL E 175 -13.33 -44.01 5.88
CA VAL E 175 -14.02 -45.27 6.15
C VAL E 175 -13.54 -46.37 5.19
N ALA E 176 -13.30 -46.00 3.94
CA ALA E 176 -12.84 -46.97 2.95
C ALA E 176 -11.43 -47.43 3.29
N ALA E 177 -10.62 -46.53 3.83
CA ALA E 177 -9.26 -46.87 4.20
C ALA E 177 -9.29 -47.82 5.38
N LEU E 178 -10.30 -47.68 6.24
CA LEU E 178 -10.42 -48.56 7.39
C LEU E 178 -10.89 -49.96 7.00
N ARG E 179 -11.76 -50.06 6.00
CA ARG E 179 -12.21 -51.39 5.56
C ARG E 179 -11.00 -52.11 4.95
N TRP E 180 -10.17 -51.36 4.23
CA TRP E 180 -8.98 -51.91 3.61
C TRP E 180 -8.10 -52.52 4.71
N VAL E 181 -7.95 -51.76 5.80
CA VAL E 181 -7.16 -52.20 6.93
C VAL E 181 -7.75 -53.50 7.49
N GLN E 182 -9.07 -53.56 7.59
CA GLN E 182 -9.74 -54.76 8.08
C GLN E 182 -9.46 -55.96 7.19
N ASP E 183 -9.41 -55.73 5.88
CA ASP E 183 -9.20 -56.80 4.93
C ASP E 183 -7.75 -57.15 4.64
N ASN E 184 -6.83 -56.22 4.87
CA ASN E 184 -5.42 -56.49 4.53
C ASN E 184 -4.36 -56.36 5.63
N ILE E 185 -4.65 -55.63 6.69
CA ILE E 185 -3.64 -55.43 7.72
C ILE E 185 -2.97 -56.67 8.32
N ALA E 186 -3.68 -57.80 8.35
CA ALA E 186 -3.10 -59.01 8.94
C ALA E 186 -1.85 -59.44 8.19
N SER E 187 -1.84 -59.20 6.89
CA SER E 187 -0.70 -59.57 6.05
C SER E 187 0.53 -58.75 6.38
N PHE E 188 0.35 -57.65 7.10
CA PHE E 188 1.46 -56.80 7.47
C PHE E 188 1.86 -56.97 8.94
N GLY E 189 1.30 -57.98 9.59
CA GLY E 189 1.62 -58.22 10.99
C GLY E 189 0.72 -57.48 11.95
N GLY E 190 -0.34 -56.89 11.44
CA GLY E 190 -1.25 -56.16 12.29
C GLY E 190 -2.44 -56.99 12.71
N ASN E 191 -3.15 -56.53 13.75
CA ASN E 191 -4.33 -57.23 14.23
C ASN E 191 -5.56 -56.40 13.88
N PRO E 192 -6.31 -56.83 12.85
CA PRO E 192 -7.50 -56.09 12.44
C PRO E 192 -8.51 -55.97 13.56
N GLY E 193 -8.39 -56.83 14.57
CA GLY E 193 -9.30 -56.78 15.70
C GLY E 193 -8.91 -55.74 16.74
N SER E 194 -7.85 -54.99 16.49
CA SER E 194 -7.42 -53.95 17.43
C SER E 194 -6.88 -52.74 16.68
N VAL E 195 -7.78 -52.03 16.02
CA VAL E 195 -7.44 -50.84 15.25
C VAL E 195 -7.80 -49.60 16.04
N THR E 196 -6.83 -48.70 16.16
CA THR E 196 -7.03 -47.44 16.86
C THR E 196 -6.93 -46.32 15.86
N ILE E 197 -7.93 -45.43 15.83
CA ILE E 197 -7.86 -44.29 14.92
C ILE E 197 -7.48 -43.06 15.71
N PHE E 198 -6.56 -42.27 15.19
CA PHE E 198 -6.18 -41.05 15.87
C PHE E 198 -5.79 -40.00 14.84
N GLY E 199 -5.99 -38.74 15.18
CA GLY E 199 -5.66 -37.65 14.26
C GLY E 199 -5.70 -36.35 15.03
N GLU E 200 -5.20 -35.27 14.42
CA GLU E 200 -5.22 -33.98 15.11
C GLU E 200 -5.86 -32.89 14.24
N SER E 201 -6.59 -31.99 14.91
CA SER E 201 -7.29 -30.91 14.24
C SER E 201 -8.41 -31.50 13.38
N ALA E 202 -8.41 -31.21 12.07
CA ALA E 202 -9.45 -31.76 11.20
C ALA E 202 -9.40 -33.27 11.33
N GLY E 203 -8.19 -33.80 11.54
CA GLY E 203 -8.04 -35.24 11.71
C GLY E 203 -8.65 -35.63 13.03
N GLY E 204 -8.64 -34.70 13.99
CA GLY E 204 -9.21 -34.95 15.29
C GLY E 204 -10.73 -34.95 15.16
N GLU E 205 -11.23 -34.03 14.35
CA GLU E 205 -12.65 -33.91 14.10
C GLU E 205 -13.13 -35.12 13.29
N SER E 206 -12.26 -35.63 12.43
CA SER E 206 -12.59 -36.80 11.61
C SER E 206 -12.81 -38.01 12.50
N VAL E 207 -11.90 -38.23 13.44
CA VAL E 207 -12.01 -39.33 14.37
C VAL E 207 -13.30 -39.18 15.19
N SER E 208 -13.57 -37.96 15.63
CA SER E 208 -14.76 -37.68 16.42
C SER E 208 -16.01 -37.99 15.60
N VAL E 209 -15.95 -37.69 14.31
CA VAL E 209 -17.06 -37.94 13.40
C VAL E 209 -17.24 -39.45 13.22
N LEU E 210 -16.14 -40.15 13.00
CA LEU E 210 -16.20 -41.59 12.78
C LEU E 210 -16.71 -42.33 14.01
N VAL E 211 -16.50 -41.75 15.18
CA VAL E 211 -16.95 -42.36 16.42
C VAL E 211 -18.47 -42.24 16.51
N LEU E 212 -19.03 -41.25 15.82
CA LEU E 212 -20.47 -41.01 15.83
C LEU E 212 -21.23 -41.64 14.65
N SER E 213 -20.51 -41.95 13.57
CA SER E 213 -21.13 -42.51 12.37
C SER E 213 -21.34 -44.02 12.36
N PRO E 214 -22.54 -44.47 11.97
CA PRO E 214 -22.90 -45.89 11.89
C PRO E 214 -22.20 -46.60 10.74
N LEU E 215 -21.61 -45.84 9.83
CA LEU E 215 -20.91 -46.42 8.69
C LEU E 215 -19.57 -47.04 9.08
N ALA E 216 -19.03 -46.64 10.21
CA ALA E 216 -17.75 -47.14 10.65
C ALA E 216 -17.80 -47.96 11.94
N LYS E 217 -18.99 -48.38 12.36
CA LYS E 217 -19.12 -49.13 13.60
C LYS E 217 -18.63 -50.56 13.57
N ASN E 218 -17.31 -50.74 13.63
CA ASN E 218 -16.64 -52.05 13.64
C ASN E 218 -15.36 -52.01 12.84
N LEU E 219 -14.96 -50.81 12.44
CA LEU E 219 -13.73 -50.66 11.67
C LEU E 219 -12.60 -50.25 12.59
N PHE E 220 -12.93 -49.81 13.80
CA PHE E 220 -11.94 -49.40 14.77
C PHE E 220 -12.40 -49.75 16.19
N HIS E 221 -11.46 -49.89 17.10
CA HIS E 221 -11.78 -50.28 18.48
C HIS E 221 -11.40 -49.26 19.54
N ARG E 222 -10.61 -48.26 19.15
CA ARG E 222 -10.17 -47.24 20.07
C ARG E 222 -9.99 -45.96 19.27
N ALA E 223 -10.21 -44.82 19.92
CA ALA E 223 -10.09 -43.54 19.25
C ALA E 223 -9.34 -42.49 20.05
N ILE E 224 -8.73 -41.56 19.33
CA ILE E 224 -8.00 -40.46 19.95
C ILE E 224 -8.17 -39.21 19.09
N SER E 225 -8.76 -38.17 19.67
CA SER E 225 -8.91 -36.92 18.96
C SER E 225 -7.94 -35.92 19.60
N GLU E 226 -6.99 -35.42 18.82
CA GLU E 226 -6.03 -34.44 19.31
C GLU E 226 -6.39 -33.05 18.80
N SER E 227 -6.85 -32.19 19.70
CA SER E 227 -7.20 -30.82 19.33
C SER E 227 -8.16 -30.73 18.13
N GLY E 228 -9.34 -31.29 18.29
CA GLY E 228 -10.33 -31.26 17.23
C GLY E 228 -11.40 -32.30 17.47
N VAL E 229 -12.66 -31.88 17.48
CA VAL E 229 -13.76 -32.81 17.68
C VAL E 229 -14.96 -32.41 16.84
N ALA E 230 -15.99 -33.25 16.86
CA ALA E 230 -17.22 -33.02 16.10
C ALA E 230 -17.92 -31.71 16.44
N LEU E 231 -17.67 -31.20 17.65
CA LEU E 231 -18.28 -29.94 18.07
C LEU E 231 -17.41 -28.73 17.77
N THR E 232 -16.36 -28.90 16.98
CA THR E 232 -15.49 -27.77 16.61
C THR E 232 -16.14 -27.10 15.40
N SER E 233 -17.23 -26.37 15.67
CA SER E 233 -18.02 -25.67 14.66
C SER E 233 -17.40 -25.33 13.30
N VAL E 234 -16.19 -24.78 13.30
CA VAL E 234 -15.57 -24.40 12.03
C VAL E 234 -15.48 -25.51 10.99
N LEU E 235 -15.47 -26.77 11.46
CA LEU E 235 -15.37 -27.88 10.53
C LEU E 235 -16.69 -28.54 10.15
N VAL E 236 -17.76 -28.22 10.88
CA VAL E 236 -19.06 -28.81 10.58
C VAL E 236 -20.09 -27.77 10.14
N LYS E 237 -20.58 -27.96 8.92
CA LYS E 237 -21.57 -27.06 8.33
C LYS E 237 -22.99 -27.45 8.72
N LYS E 238 -23.71 -26.50 9.29
CA LYS E 238 -25.09 -26.73 9.68
C LYS E 238 -25.97 -25.77 8.89
N GLY E 239 -27.19 -26.19 8.58
CA GLY E 239 -28.07 -25.32 7.82
C GLY E 239 -28.00 -25.59 6.34
N ASP E 240 -28.52 -24.66 5.55
CA ASP E 240 -28.53 -24.79 4.10
C ASP E 240 -27.13 -24.60 3.54
N VAL E 241 -26.59 -25.66 2.93
CA VAL E 241 -25.26 -25.62 2.34
C VAL E 241 -25.31 -25.24 0.87
N LYS E 242 -26.53 -25.12 0.35
CA LYS E 242 -26.73 -24.79 -1.05
C LYS E 242 -26.01 -23.50 -1.48
N PRO E 243 -26.07 -22.43 -0.66
CA PRO E 243 -25.40 -21.18 -1.01
C PRO E 243 -23.91 -21.34 -1.26
N LEU E 244 -23.26 -22.17 -0.47
CA LEU E 244 -21.82 -22.38 -0.65
C LEU E 244 -21.60 -23.08 -1.98
N ALA E 245 -22.40 -24.12 -2.23
CA ALA E 245 -22.29 -24.90 -3.46
C ALA E 245 -22.41 -24.02 -4.69
N GLU E 246 -23.41 -23.12 -4.69
CA GLU E 246 -23.64 -22.21 -5.81
C GLU E 246 -22.49 -21.24 -6.00
N GLN E 247 -21.96 -20.75 -4.89
CA GLN E 247 -20.86 -19.80 -4.93
C GLN E 247 -19.63 -20.44 -5.58
N ILE E 248 -19.39 -21.71 -5.28
CA ILE E 248 -18.27 -22.43 -5.85
C ILE E 248 -18.51 -22.68 -7.33
N ALA E 249 -19.74 -23.08 -7.67
CA ALA E 249 -20.11 -23.34 -9.05
C ALA E 249 -19.91 -22.10 -9.91
N ILE E 250 -20.40 -20.95 -9.43
CA ILE E 250 -20.25 -19.72 -10.18
C ILE E 250 -18.79 -19.32 -10.33
N THR E 251 -18.00 -19.51 -9.28
CA THR E 251 -16.58 -19.17 -9.33
C THR E 251 -15.85 -20.06 -10.34
N ALA E 252 -16.38 -21.25 -10.57
CA ALA E 252 -15.76 -22.17 -11.52
C ALA E 252 -16.37 -21.95 -12.90
N GLY E 253 -17.38 -21.10 -12.97
CA GLY E 253 -18.03 -20.82 -14.24
C GLY E 253 -19.04 -21.89 -14.60
N CYS E 254 -20.00 -22.10 -13.71
CA CYS E 254 -21.03 -23.12 -13.92
C CYS E 254 -22.42 -22.60 -13.68
N LYS E 255 -23.36 -23.01 -14.52
CA LYS E 255 -24.75 -22.60 -14.35
C LYS E 255 -25.23 -23.23 -13.05
N THR E 256 -26.19 -22.60 -12.39
CA THR E 256 -26.71 -23.11 -11.14
C THR E 256 -28.18 -23.52 -11.26
N THR E 257 -28.62 -23.70 -12.50
CA THR E 257 -30.00 -24.09 -12.77
C THR E 257 -30.55 -25.14 -11.80
N THR E 258 -29.79 -26.21 -11.57
CA THR E 258 -30.21 -27.26 -10.66
C THR E 258 -28.98 -27.96 -10.09
N SER E 259 -29.20 -28.74 -9.03
CA SER E 259 -28.12 -29.47 -8.38
C SER E 259 -27.42 -30.40 -9.36
N ALA E 260 -28.20 -31.19 -10.10
CA ALA E 260 -27.63 -32.11 -11.05
C ALA E 260 -26.71 -31.36 -12.00
N VAL E 261 -27.23 -30.27 -12.58
CA VAL E 261 -26.45 -29.47 -13.51
C VAL E 261 -25.13 -28.99 -12.92
N MET E 262 -25.17 -28.45 -11.70
CA MET E 262 -23.94 -27.98 -11.06
C MET E 262 -22.89 -29.07 -10.95
N VAL E 263 -23.29 -30.19 -10.35
CA VAL E 263 -22.38 -31.31 -10.16
C VAL E 263 -21.85 -31.79 -11.50
N HIS E 264 -22.71 -31.79 -12.51
CA HIS E 264 -22.29 -32.24 -13.82
C HIS E 264 -21.21 -31.33 -14.39
N CYS E 265 -21.43 -30.02 -14.32
CA CYS E 265 -20.48 -29.05 -14.82
C CYS E 265 -19.14 -29.16 -14.10
N LEU E 266 -19.20 -29.24 -12.78
CA LEU E 266 -18.01 -29.34 -11.96
C LEU E 266 -17.24 -30.64 -12.29
N ARG E 267 -17.96 -31.70 -12.67
CA ARG E 267 -17.30 -32.95 -13.02
C ARG E 267 -16.49 -32.83 -14.31
N GLN E 268 -16.80 -31.84 -15.13
CA GLN E 268 -16.10 -31.67 -16.38
C GLN E 268 -14.94 -30.70 -16.28
N LYS E 269 -14.77 -30.09 -15.12
CA LYS E 269 -13.68 -29.17 -14.93
C LYS E 269 -12.39 -29.97 -14.73
N THR E 270 -11.27 -29.43 -15.18
CA THR E 270 -9.98 -30.08 -15.01
C THR E 270 -9.50 -29.83 -13.59
N GLU E 271 -8.50 -30.58 -13.15
CA GLU E 271 -7.95 -30.41 -11.81
C GLU E 271 -7.48 -28.96 -11.68
N GLU E 272 -6.77 -28.47 -12.68
CA GLU E 272 -6.26 -27.09 -12.67
C GLU E 272 -7.36 -26.07 -12.48
N GLU E 273 -8.44 -26.21 -13.24
CA GLU E 273 -9.56 -25.30 -13.14
C GLU E 273 -10.17 -25.29 -11.73
N LEU E 274 -10.36 -26.48 -11.14
CA LEU E 274 -10.92 -26.57 -9.80
C LEU E 274 -9.94 -26.04 -8.77
N LEU E 275 -8.64 -26.19 -9.04
CA LEU E 275 -7.63 -25.70 -8.12
C LEU E 275 -7.68 -24.17 -8.11
N GLU E 276 -7.81 -23.55 -9.27
CA GLU E 276 -7.88 -22.09 -9.35
C GLU E 276 -9.14 -21.60 -8.64
N THR E 277 -10.22 -22.34 -8.77
CA THR E 277 -11.46 -21.97 -8.10
C THR E 277 -11.13 -21.92 -6.61
N THR E 278 -10.41 -22.93 -6.14
CA THR E 278 -10.02 -23.03 -4.74
C THR E 278 -9.22 -21.81 -4.30
N LEU E 279 -8.17 -21.49 -5.06
CA LEU E 279 -7.32 -20.35 -4.74
C LEU E 279 -8.10 -19.03 -4.76
N LYS E 280 -9.10 -18.91 -5.63
CA LYS E 280 -9.88 -17.68 -5.69
C LYS E 280 -10.78 -17.58 -4.47
N MET E 281 -11.29 -18.73 -4.02
CA MET E 281 -12.17 -18.76 -2.86
C MET E 281 -11.47 -18.31 -1.57
N LYS E 282 -10.14 -18.28 -1.59
CA LYS E 282 -9.35 -17.87 -0.43
C LYS E 282 -9.75 -18.57 0.87
N PHE E 283 -9.71 -19.90 0.88
CA PHE E 283 -10.07 -20.66 2.05
C PHE E 283 -8.98 -20.61 3.13
N LEU E 284 -9.34 -21.02 4.34
CA LEU E 284 -8.41 -21.02 5.48
C LEU E 284 -7.76 -19.67 5.71
N SER E 285 -8.44 -18.61 5.31
CA SER E 285 -7.94 -17.25 5.48
C SER E 285 -9.03 -16.38 6.10
N LEU E 286 -8.66 -15.55 7.07
CA LEU E 286 -9.63 -14.68 7.72
C LEU E 286 -10.08 -13.58 6.77
N ASP E 287 -11.39 -13.48 6.58
CA ASP E 287 -11.96 -12.47 5.70
C ASP E 287 -12.26 -11.17 6.47
N LEU E 288 -11.45 -10.14 6.23
CA LEU E 288 -11.62 -8.86 6.92
C LEU E 288 -12.80 -8.05 6.39
N GLN E 289 -12.97 -8.03 5.08
CA GLN E 289 -14.08 -7.30 4.49
C GLN E 289 -15.23 -8.22 4.12
N GLY E 290 -16.44 -7.84 4.52
CA GLY E 290 -17.61 -8.63 4.23
C GLY E 290 -18.32 -9.10 5.48
N ASP E 291 -19.62 -9.33 5.37
CA ASP E 291 -20.42 -9.80 6.50
C ASP E 291 -19.87 -11.14 6.96
N PRO E 292 -19.25 -11.16 8.16
CA PRO E 292 -18.68 -12.38 8.73
C PRO E 292 -19.62 -13.58 8.66
N ARG E 293 -20.90 -13.34 8.88
CA ARG E 293 -21.90 -14.41 8.85
C ARG E 293 -22.03 -15.08 7.50
N GLU E 294 -21.22 -14.67 6.53
CA GLU E 294 -21.30 -15.28 5.21
C GLU E 294 -19.96 -15.75 4.67
N SER E 295 -18.87 -15.33 5.31
CA SER E 295 -17.55 -15.76 4.87
C SER E 295 -17.44 -17.25 5.15
N GLN E 296 -16.80 -17.98 4.23
CA GLN E 296 -16.65 -19.43 4.39
C GLN E 296 -15.17 -19.81 4.40
N PRO E 297 -14.60 -20.06 5.58
CA PRO E 297 -13.19 -20.42 5.69
C PRO E 297 -12.85 -21.75 5.03
N LEU E 298 -13.84 -22.62 4.88
CA LEU E 298 -13.58 -23.92 4.27
C LEU E 298 -14.82 -24.77 3.97
N LEU E 299 -14.60 -25.86 3.24
CA LEU E 299 -15.65 -26.80 2.91
C LEU E 299 -15.44 -27.90 3.93
N GLY E 300 -16.48 -28.34 4.60
CA GLY E 300 -16.28 -29.37 5.60
C GLY E 300 -17.37 -30.40 5.72
N THR E 301 -17.41 -31.03 6.88
CA THR E 301 -18.38 -32.07 7.19
C THR E 301 -19.80 -31.54 7.16
N VAL E 302 -20.69 -32.26 6.48
CA VAL E 302 -22.09 -31.86 6.43
C VAL E 302 -22.92 -33.01 6.95
N ILE E 303 -24.21 -32.78 7.13
CA ILE E 303 -25.10 -33.82 7.60
C ILE E 303 -25.70 -34.41 6.34
N ASP E 304 -25.04 -35.45 5.81
CA ASP E 304 -25.43 -36.09 4.56
C ASP E 304 -26.54 -37.15 4.60
N GLY E 305 -26.79 -37.74 5.77
CA GLY E 305 -27.82 -38.76 5.83
C GLY E 305 -27.26 -40.14 5.51
N MET E 306 -25.94 -40.21 5.38
CA MET E 306 -25.22 -41.46 5.09
C MET E 306 -24.16 -41.65 6.17
N LEU E 307 -23.23 -40.69 6.24
CA LEU E 307 -22.17 -40.70 7.24
C LEU E 307 -22.74 -40.21 8.56
N LEU E 308 -23.49 -39.11 8.51
CA LEU E 308 -24.12 -38.54 9.71
C LEU E 308 -25.60 -38.30 9.41
N LEU E 309 -26.48 -38.95 10.17
CA LEU E 309 -27.92 -38.80 10.00
C LEU E 309 -28.46 -37.55 10.66
N LYS E 310 -27.73 -37.06 11.66
CA LYS E 310 -28.11 -35.84 12.37
C LYS E 310 -26.86 -35.12 12.84
N THR E 311 -27.04 -33.93 13.40
CA THR E 311 -25.92 -33.13 13.87
C THR E 311 -25.13 -33.85 14.95
N PRO E 312 -23.87 -33.48 15.13
CA PRO E 312 -23.01 -34.10 16.14
C PRO E 312 -23.61 -33.94 17.55
N GLU E 313 -24.27 -32.81 17.79
CA GLU E 313 -24.88 -32.55 19.09
C GLU E 313 -26.03 -33.51 19.35
N GLU E 314 -26.93 -33.63 18.38
CA GLU E 314 -28.07 -34.54 18.51
C GLU E 314 -27.65 -35.99 18.66
N LEU E 315 -26.56 -36.37 17.99
CA LEU E 315 -26.05 -37.75 18.04
C LEU E 315 -25.38 -38.17 19.35
N GLN E 316 -24.82 -37.21 20.07
CA GLN E 316 -24.13 -37.50 21.33
C GLN E 316 -25.10 -37.81 22.46
N ALA E 317 -26.03 -36.90 22.69
CA ALA E 317 -27.03 -37.06 23.75
C ALA E 317 -27.99 -38.19 23.40
N GLU E 318 -27.89 -38.70 22.18
CA GLU E 318 -28.77 -39.78 21.73
C GLU E 318 -28.25 -41.13 22.21
N ARG E 319 -27.06 -41.14 22.80
CA ARG E 319 -26.48 -42.38 23.31
C ARG E 319 -26.63 -43.48 22.27
N ASN E 320 -26.51 -43.12 21.00
CA ASN E 320 -26.64 -44.10 19.92
C ASN E 320 -25.43 -44.06 18.99
N PHE E 321 -24.46 -44.92 19.30
CA PHE E 321 -23.22 -45.06 18.55
C PHE E 321 -22.38 -46.04 19.38
N HIS E 322 -21.87 -47.08 18.73
CA HIS E 322 -21.06 -48.08 19.43
C HIS E 322 -19.97 -47.41 20.27
N THR E 323 -19.82 -47.88 21.50
CA THR E 323 -18.83 -47.31 22.40
C THR E 323 -17.47 -47.99 22.32
N VAL E 324 -16.42 -47.17 22.36
CA VAL E 324 -15.06 -47.65 22.33
C VAL E 324 -14.28 -46.71 23.21
N PRO E 325 -13.13 -47.15 23.72
CA PRO E 325 -12.32 -46.26 24.58
C PRO E 325 -11.99 -45.02 23.75
N TYR E 326 -12.29 -43.85 24.27
CA TYR E 326 -12.03 -42.63 23.51
C TYR E 326 -11.17 -41.63 24.28
N MET E 327 -10.03 -41.27 23.71
CA MET E 327 -9.13 -40.31 24.34
C MET E 327 -9.26 -38.96 23.63
N VAL E 328 -9.62 -37.92 24.37
CA VAL E 328 -9.78 -36.59 23.82
C VAL E 328 -8.82 -35.65 24.52
N GLY E 329 -8.05 -34.89 23.74
CA GLY E 329 -7.10 -33.98 24.36
C GLY E 329 -6.99 -32.64 23.68
N ILE E 330 -6.32 -31.70 24.34
CA ILE E 330 -6.13 -30.36 23.80
C ILE E 330 -4.77 -29.84 24.24
N ASN E 331 -4.28 -28.81 23.54
CA ASN E 331 -2.99 -28.22 23.88
C ASN E 331 -3.22 -26.90 24.63
N LYS E 332 -2.31 -26.57 25.54
CA LYS E 332 -2.40 -25.37 26.36
C LYS E 332 -2.82 -24.10 25.62
N GLN E 333 -2.21 -23.84 24.48
CA GLN E 333 -2.52 -22.64 23.70
C GLN E 333 -2.82 -22.95 22.23
N GLU E 334 -3.93 -23.65 21.99
CA GLU E 334 -4.32 -24.01 20.64
C GLU E 334 -4.24 -22.87 19.63
N PHE E 335 -4.54 -21.65 20.08
CA PHE E 335 -4.51 -20.50 19.19
C PHE E 335 -3.31 -19.62 19.51
N GLY E 336 -2.23 -20.25 19.96
CA GLY E 336 -1.04 -19.52 20.32
C GLY E 336 -0.29 -18.84 19.19
N TRP E 337 -0.08 -19.56 18.09
CA TRP E 337 0.66 -18.98 16.97
C TRP E 337 0.35 -19.61 15.60
N LEU E 338 0.57 -20.92 15.49
CA LEU E 338 0.35 -21.64 14.25
C LEU E 338 -0.89 -21.27 13.45
N ILE E 339 -2.06 -21.39 14.09
CA ILE E 339 -3.30 -21.09 13.39
C ILE E 339 -3.45 -19.62 13.00
N PRO E 340 -3.28 -18.68 13.95
CA PRO E 340 -3.40 -17.26 13.64
C PRO E 340 -2.47 -16.88 12.49
N MET E 341 -1.30 -17.50 12.48
CA MET E 341 -0.26 -17.27 11.47
C MET E 341 -0.74 -17.81 10.12
N LEU E 342 -1.26 -19.03 10.12
CA LEU E 342 -1.76 -19.63 8.89
C LEU E 342 -2.93 -18.87 8.29
N MET E 343 -3.82 -18.37 9.14
CA MET E 343 -5.00 -17.64 8.67
C MET E 343 -4.79 -16.14 8.52
N SER E 344 -3.57 -15.68 8.74
CA SER E 344 -3.26 -14.26 8.61
C SER E 344 -4.09 -13.34 9.51
N TYR E 345 -4.06 -13.55 10.82
CA TYR E 345 -4.79 -12.70 11.73
C TYR E 345 -4.08 -11.36 11.86
N PRO E 346 -4.86 -10.26 11.90
CA PRO E 346 -4.36 -8.88 12.02
C PRO E 346 -3.62 -8.53 13.30
N LEU E 347 -3.07 -9.53 13.97
CA LEU E 347 -2.34 -9.31 15.22
C LEU E 347 -0.92 -8.80 14.96
N SER E 348 -0.80 -7.85 14.04
CA SER E 348 0.48 -7.27 13.68
C SER E 348 1.16 -6.41 14.75
N GLU E 349 0.39 -5.89 15.70
CA GLU E 349 0.93 -5.03 16.74
C GLU E 349 1.22 -5.69 18.09
N GLY E 350 0.71 -6.89 18.29
CA GLY E 350 0.94 -7.58 19.54
C GLY E 350 0.08 -7.04 20.67
N GLN E 351 -0.63 -5.94 20.41
CA GLN E 351 -1.50 -5.33 21.41
C GLN E 351 -2.94 -5.34 20.93
N LEU E 352 -3.87 -5.17 21.85
CA LEU E 352 -5.28 -5.18 21.51
C LEU E 352 -6.13 -4.47 22.56
N ASP E 353 -7.04 -3.64 22.09
CA ASP E 353 -7.93 -2.89 22.98
C ASP E 353 -9.31 -3.50 22.96
N GLN E 354 -10.14 -3.08 23.92
CA GLN E 354 -11.50 -3.58 24.03
C GLN E 354 -12.34 -3.46 22.76
N LYS E 355 -12.21 -2.33 22.06
CA LYS E 355 -12.99 -2.14 20.86
C LYS E 355 -12.49 -2.95 19.66
N THR E 356 -11.18 -3.02 19.48
CA THR E 356 -10.61 -3.80 18.39
C THR E 356 -10.89 -5.28 18.61
N ALA E 357 -10.83 -5.68 19.88
CA ALA E 357 -11.06 -7.06 20.27
C ALA E 357 -12.46 -7.51 19.88
N MET E 358 -13.45 -6.64 20.09
CA MET E 358 -14.84 -6.97 19.75
C MET E 358 -15.04 -7.01 18.24
N SER E 359 -14.23 -6.23 17.52
CA SER E 359 -14.30 -6.18 16.07
C SER E 359 -13.87 -7.54 15.55
N LEU E 360 -12.67 -7.95 15.97
CA LEU E 360 -12.09 -9.23 15.58
C LEU E 360 -12.97 -10.41 15.98
N LEU E 361 -13.39 -10.46 17.23
CA LEU E 361 -14.22 -11.58 17.65
C LEU E 361 -15.44 -11.68 16.74
N TRP E 362 -15.86 -10.56 16.17
CA TRP E 362 -17.01 -10.56 15.25
C TRP E 362 -16.58 -11.07 13.88
N LYS E 363 -15.46 -10.58 13.37
CA LYS E 363 -14.97 -11.02 12.07
C LYS E 363 -14.60 -12.50 12.17
N SER E 364 -14.22 -12.93 13.38
CA SER E 364 -13.84 -14.32 13.64
C SER E 364 -15.06 -15.22 13.75
N TYR E 365 -16.23 -14.67 13.39
CA TYR E 365 -17.50 -15.40 13.48
C TYR E 365 -17.49 -16.81 12.87
N PRO E 366 -16.91 -16.95 11.65
CA PRO E 366 -16.86 -18.27 11.01
C PRO E 366 -16.03 -19.33 11.75
N LEU E 367 -15.37 -18.94 12.84
CA LEU E 367 -14.56 -19.89 13.60
C LEU E 367 -15.16 -20.16 14.97
N VAL E 368 -15.66 -19.11 15.60
CA VAL E 368 -16.25 -19.21 16.93
C VAL E 368 -17.78 -19.17 16.97
N CYS E 369 -18.39 -18.57 15.96
CA CYS E 369 -19.85 -18.48 15.90
C CYS E 369 -20.45 -17.76 17.10
N ILE E 370 -20.04 -16.51 17.30
CA ILE E 370 -20.55 -15.71 18.40
C ILE E 370 -21.34 -14.50 17.89
N ALA E 371 -22.66 -14.55 18.04
CA ALA E 371 -23.55 -13.47 17.60
C ALA E 371 -23.02 -12.11 18.03
N LYS E 372 -23.10 -11.14 17.13
CA LYS E 372 -22.61 -9.79 17.41
C LYS E 372 -23.05 -9.20 18.75
N GLU E 373 -24.20 -9.61 19.25
CA GLU E 373 -24.69 -9.08 20.52
C GLU E 373 -24.00 -9.66 21.75
N LEU E 374 -23.50 -10.88 21.63
CA LEU E 374 -22.84 -11.53 22.77
C LEU E 374 -21.35 -11.18 22.83
N ILE E 375 -20.84 -10.56 21.78
CA ILE E 375 -19.43 -10.19 21.74
C ILE E 375 -18.98 -9.52 23.04
N PRO E 376 -19.75 -8.52 23.51
CA PRO E 376 -19.39 -7.82 24.75
C PRO E 376 -19.24 -8.77 25.93
N GLU E 377 -20.30 -9.52 26.22
CA GLU E 377 -20.28 -10.47 27.33
C GLU E 377 -19.11 -11.43 27.22
N ALA E 378 -18.66 -11.69 26.00
CA ALA E 378 -17.56 -12.59 25.75
C ALA E 378 -16.21 -11.89 25.89
N THR E 379 -16.11 -10.70 25.32
CA THR E 379 -14.87 -9.93 25.39
C THR E 379 -14.59 -9.52 26.82
N GLU E 380 -15.64 -9.09 27.52
CA GLU E 380 -15.50 -8.65 28.90
C GLU E 380 -15.03 -9.79 29.80
N LYS E 381 -15.69 -10.93 29.71
CA LYS E 381 -15.34 -12.08 30.52
C LYS E 381 -13.84 -12.38 30.48
N TYR E 382 -13.24 -12.28 29.29
CA TYR E 382 -11.82 -12.56 29.13
C TYR E 382 -10.88 -11.37 29.25
N LEU E 383 -11.06 -10.37 28.39
CA LEU E 383 -10.19 -9.20 28.39
C LEU E 383 -10.44 -8.15 29.49
N GLY E 384 -11.68 -8.06 29.95
CA GLY E 384 -12.02 -7.08 30.98
C GLY E 384 -11.26 -7.22 32.28
N GLY E 385 -10.43 -8.26 32.39
CA GLY E 385 -9.67 -8.48 33.61
C GLY E 385 -8.52 -7.51 33.86
N THR E 386 -7.99 -6.91 32.80
CA THR E 386 -6.89 -5.97 32.95
C THR E 386 -6.98 -4.82 31.94
N ASP E 387 -5.99 -3.96 31.97
CA ASP E 387 -5.92 -2.81 31.08
C ASP E 387 -4.75 -2.99 30.10
N ASP E 388 -3.90 -3.98 30.41
CA ASP E 388 -2.73 -4.28 29.60
C ASP E 388 -3.12 -4.73 28.18
N THR E 389 -2.81 -3.90 27.18
CA THR E 389 -3.12 -4.23 25.80
C THR E 389 -2.40 -5.49 25.31
N VAL E 390 -1.27 -5.80 25.93
CA VAL E 390 -0.52 -7.00 25.55
C VAL E 390 -1.16 -8.20 26.22
N LYS E 391 -1.49 -8.08 27.49
CA LYS E 391 -2.13 -9.17 28.20
C LYS E 391 -3.51 -9.43 27.59
N LYS E 392 -4.09 -8.41 26.98
CA LYS E 392 -5.41 -8.53 26.37
C LYS E 392 -5.36 -9.37 25.10
N LYS E 393 -4.37 -9.09 24.27
CA LYS E 393 -4.20 -9.82 23.02
C LYS E 393 -3.99 -11.30 23.31
N ASP E 394 -3.46 -11.62 24.48
CA ASP E 394 -3.23 -13.02 24.84
C ASP E 394 -4.47 -13.66 25.42
N LEU E 395 -5.28 -12.89 26.13
CA LEU E 395 -6.50 -13.45 26.68
C LEU E 395 -7.45 -13.67 25.50
N PHE E 396 -7.31 -12.83 24.49
CA PHE E 396 -8.14 -12.93 23.30
C PHE E 396 -7.83 -14.26 22.60
N LEU E 397 -6.56 -14.66 22.61
CA LEU E 397 -6.14 -15.91 21.99
C LEU E 397 -6.66 -17.08 22.81
N ASP E 398 -6.67 -16.94 24.13
CA ASP E 398 -7.16 -18.00 24.99
C ASP E 398 -8.68 -18.07 24.83
N LEU E 399 -9.25 -16.97 24.38
CA LEU E 399 -10.68 -16.87 24.17
C LEU E 399 -11.09 -17.69 22.94
N ILE E 400 -10.34 -17.52 21.85
CA ILE E 400 -10.63 -18.24 20.63
C ILE E 400 -10.37 -19.73 20.83
N ALA E 401 -9.29 -20.04 21.55
CA ALA E 401 -8.91 -21.43 21.80
C ALA E 401 -9.94 -22.22 22.59
N ASP E 402 -10.51 -21.60 23.63
CA ASP E 402 -11.49 -22.32 24.44
C ASP E 402 -12.73 -22.65 23.65
N VAL E 403 -13.11 -21.75 22.76
CA VAL E 403 -14.30 -21.95 21.94
C VAL E 403 -14.07 -22.97 20.83
N MET E 404 -12.93 -22.89 20.16
CA MET E 404 -12.65 -23.82 19.08
C MET E 404 -12.31 -25.23 19.52
N PHE E 405 -11.51 -25.37 20.57
CA PHE E 405 -11.10 -26.70 21.01
C PHE E 405 -11.42 -27.06 22.47
N GLY E 406 -11.00 -26.21 23.39
CA GLY E 406 -11.24 -26.46 24.81
C GLY E 406 -12.64 -26.90 25.22
N VAL E 407 -13.60 -25.98 25.10
CA VAL E 407 -14.98 -26.29 25.47
C VAL E 407 -15.50 -27.50 24.70
N PRO E 408 -15.47 -27.43 23.35
CA PRO E 408 -15.96 -28.52 22.50
C PRO E 408 -15.44 -29.88 22.94
N SER E 409 -14.14 -29.95 23.22
CA SER E 409 -13.52 -31.20 23.63
C SER E 409 -14.09 -31.77 24.92
N VAL E 410 -14.19 -30.93 25.94
CA VAL E 410 -14.69 -31.38 27.23
C VAL E 410 -16.10 -31.92 27.10
N ILE E 411 -16.95 -31.16 26.40
CA ILE E 411 -18.33 -31.55 26.19
C ILE E 411 -18.39 -32.91 25.52
N VAL E 412 -17.59 -33.08 24.46
CA VAL E 412 -17.55 -34.34 23.73
C VAL E 412 -17.16 -35.45 24.71
N ALA E 413 -16.09 -35.22 25.46
CA ALA E 413 -15.60 -36.20 26.41
C ALA E 413 -16.62 -36.50 27.50
N ARG E 414 -17.33 -35.49 27.98
CA ARG E 414 -18.36 -35.71 28.99
C ARG E 414 -19.46 -36.63 28.47
N ASN E 415 -20.02 -36.28 27.31
CA ASN E 415 -21.07 -37.10 26.71
C ASN E 415 -20.60 -38.52 26.43
N HIS E 416 -19.34 -38.68 26.04
CA HIS E 416 -18.85 -40.02 25.77
C HIS E 416 -18.81 -40.80 27.08
N ARG E 417 -18.40 -40.12 28.14
CA ARG E 417 -18.33 -40.70 29.47
C ARG E 417 -19.74 -41.10 29.92
N ASP E 418 -20.65 -40.13 29.87
CA ASP E 418 -22.03 -40.36 30.27
C ASP E 418 -22.68 -41.49 29.45
N ALA E 419 -22.14 -41.72 28.25
CA ALA E 419 -22.67 -42.76 27.38
C ALA E 419 -22.17 -44.13 27.85
N GLY E 420 -21.35 -44.12 28.89
CA GLY E 420 -20.84 -45.36 29.46
C GLY E 420 -19.51 -45.86 28.93
N ALA E 421 -18.94 -45.20 27.94
CA ALA E 421 -17.68 -45.64 27.38
C ALA E 421 -16.46 -45.06 28.09
N PRO E 422 -15.37 -45.83 28.19
CA PRO E 422 -14.14 -45.38 28.85
C PRO E 422 -13.66 -44.09 28.22
N THR E 423 -13.48 -43.06 29.03
CA THR E 423 -13.05 -41.77 28.52
C THR E 423 -11.76 -41.32 29.17
N TYR E 424 -10.96 -40.60 28.40
CA TYR E 424 -9.69 -40.07 28.89
C TYR E 424 -9.41 -38.72 28.26
N MET E 425 -8.92 -37.78 29.06
CA MET E 425 -8.60 -36.46 28.58
C MET E 425 -7.19 -36.08 29.00
N TYR E 426 -6.62 -35.10 28.31
CA TYR E 426 -5.27 -34.63 28.61
C TYR E 426 -5.06 -33.20 28.11
N GLU E 427 -4.15 -32.49 28.74
CA GLU E 427 -3.83 -31.15 28.27
C GLU E 427 -2.34 -31.15 28.08
N PHE E 428 -1.90 -30.90 26.85
CA PHE E 428 -0.48 -30.87 26.52
C PHE E 428 0.04 -29.46 26.69
N GLN E 429 1.07 -29.32 27.52
CA GLN E 429 1.66 -28.01 27.81
C GLN E 429 3.18 -28.09 27.74
N TYR E 430 3.71 -28.05 26.53
CA TYR E 430 5.15 -28.14 26.33
C TYR E 430 5.56 -27.42 25.07
N ARG E 431 6.74 -26.80 25.08
CA ARG E 431 7.21 -26.11 23.88
C ARG E 431 8.32 -26.91 23.23
N PRO E 432 8.01 -27.58 22.11
CA PRO E 432 9.04 -28.37 21.41
C PRO E 432 10.14 -27.50 20.83
N SER E 433 11.37 -28.00 20.86
CA SER E 433 12.51 -27.27 20.34
C SER E 433 12.44 -27.23 18.82
N PHE E 434 11.58 -28.06 18.25
CA PHE E 434 11.42 -28.14 16.82
C PHE E 434 10.52 -27.02 16.30
N SER E 435 10.14 -26.10 17.18
CA SER E 435 9.28 -24.98 16.78
C SER E 435 9.91 -24.12 15.71
N SER E 436 9.08 -23.29 15.07
CA SER E 436 9.55 -22.39 14.04
C SER E 436 10.20 -21.17 14.67
N ASP E 437 11.21 -20.63 14.00
CA ASP E 437 11.93 -19.47 14.51
C ASP E 437 11.03 -18.25 14.62
N MET E 438 9.95 -18.24 13.85
CA MET E 438 9.01 -17.12 13.84
C MET E 438 7.97 -17.17 14.96
N LYS E 439 7.98 -18.28 15.69
CA LYS E 439 7.03 -18.50 16.79
C LYS E 439 7.57 -17.93 18.10
N PRO E 440 6.88 -16.94 18.67
CA PRO E 440 7.32 -16.33 19.93
C PRO E 440 7.57 -17.40 21.00
N LYS E 441 8.75 -17.33 21.62
CA LYS E 441 9.17 -18.29 22.62
C LYS E 441 8.30 -18.42 23.88
N THR E 442 7.39 -17.47 24.09
CA THR E 442 6.52 -17.50 25.25
C THR E 442 5.36 -18.45 25.05
N VAL E 443 5.15 -18.87 23.80
CA VAL E 443 4.07 -19.79 23.46
C VAL E 443 4.43 -21.23 23.79
N ILE E 444 3.64 -21.85 24.65
CA ILE E 444 3.87 -23.22 25.04
C ILE E 444 2.60 -24.03 24.81
N GLY E 445 2.74 -25.19 24.15
CA GLY E 445 1.59 -26.02 23.87
C GLY E 445 0.74 -25.46 22.74
N ASP E 446 1.41 -24.92 21.73
CA ASP E 446 0.73 -24.36 20.58
C ASP E 446 0.06 -25.49 19.81
N HIS E 447 -0.81 -25.13 18.88
CA HIS E 447 -1.53 -26.10 18.08
C HIS E 447 -0.56 -27.05 17.35
N GLY E 448 -0.69 -28.35 17.64
CA GLY E 448 0.16 -29.34 17.01
C GLY E 448 1.47 -29.64 17.72
N ASP E 449 1.68 -29.02 18.88
CA ASP E 449 2.92 -29.24 19.60
C ASP E 449 3.08 -30.66 20.14
N GLU E 450 1.97 -31.35 20.37
CA GLU E 450 2.05 -32.71 20.89
C GLU E 450 2.44 -33.70 19.79
N LEU E 451 2.33 -33.29 18.53
CA LEU E 451 2.66 -34.17 17.40
C LEU E 451 4.08 -34.72 17.44
N PHE E 452 5.04 -33.87 17.77
CA PHE E 452 6.45 -34.26 17.81
C PHE E 452 6.72 -35.32 18.86
N SER E 453 5.93 -35.32 19.93
CA SER E 453 6.10 -36.31 20.97
C SER E 453 5.44 -37.61 20.52
N VAL E 454 4.21 -37.53 20.04
CA VAL E 454 3.47 -38.71 19.57
C VAL E 454 4.17 -39.46 18.44
N PHE E 455 4.79 -38.75 17.50
CA PHE E 455 5.46 -39.40 16.39
C PHE E 455 6.97 -39.56 16.57
N GLY E 456 7.43 -39.39 17.80
CA GLY E 456 8.84 -39.55 18.12
C GLY E 456 9.81 -38.73 17.31
N ALA E 457 9.45 -37.47 17.05
CA ALA E 457 10.30 -36.58 16.27
C ALA E 457 11.72 -36.52 16.83
N PRO E 458 11.88 -36.56 18.16
CA PRO E 458 13.21 -36.49 18.77
C PRO E 458 14.18 -37.59 18.33
N PHE E 459 13.65 -38.67 17.74
CA PHE E 459 14.48 -39.78 17.30
C PHE E 459 14.73 -39.74 15.80
N LEU E 460 14.23 -38.70 15.14
CA LEU E 460 14.41 -38.58 13.70
C LEU E 460 15.02 -37.21 13.38
N LYS E 461 14.59 -36.18 14.09
CA LYS E 461 15.12 -34.83 13.91
C LYS E 461 16.38 -34.68 14.76
N GLU E 462 16.99 -33.51 14.75
CA GLU E 462 18.20 -33.28 15.53
C GLU E 462 18.13 -32.14 16.53
N GLY E 463 18.82 -32.32 17.67
CA GLY E 463 18.85 -31.31 18.70
C GLY E 463 17.91 -31.49 19.88
N ALA E 464 17.31 -32.67 20.01
CA ALA E 464 16.38 -32.90 21.12
C ALA E 464 17.14 -33.20 22.42
N SER E 465 16.83 -32.43 23.46
CA SER E 465 17.46 -32.61 24.77
C SER E 465 16.98 -33.91 25.40
N GLU E 466 17.69 -34.39 26.40
CA GLU E 466 17.31 -35.63 27.07
C GLU E 466 15.90 -35.50 27.62
N GLU E 467 15.48 -34.28 27.91
CA GLU E 467 14.14 -34.04 28.44
C GLU E 467 13.07 -34.25 27.36
N GLU E 468 13.30 -33.67 26.19
CA GLU E 468 12.35 -33.80 25.09
C GLU E 468 12.27 -35.25 24.64
N ILE E 469 13.41 -35.93 24.67
CA ILE E 469 13.47 -37.33 24.27
C ILE E 469 12.60 -38.18 25.18
N ARG E 470 12.76 -37.98 26.49
CA ARG E 470 12.01 -38.74 27.46
C ARG E 470 10.52 -38.45 27.39
N LEU E 471 10.18 -37.18 27.17
CA LEU E 471 8.77 -36.80 27.07
C LEU E 471 8.12 -37.56 25.92
N SER E 472 8.85 -37.68 24.82
CA SER E 472 8.36 -38.39 23.64
C SER E 472 8.19 -39.88 23.92
N LYS E 473 9.16 -40.48 24.60
CA LYS E 473 9.06 -41.90 24.93
C LYS E 473 7.81 -42.17 25.77
N MET E 474 7.53 -41.27 26.71
CA MET E 474 6.38 -41.41 27.60
C MET E 474 5.06 -41.33 26.83
N VAL E 475 4.93 -40.28 26.02
CA VAL E 475 3.71 -40.09 25.23
C VAL E 475 3.43 -41.27 24.32
N MET E 476 4.46 -41.78 23.65
CA MET E 476 4.27 -42.91 22.75
C MET E 476 3.78 -44.16 23.46
N LYS E 477 4.26 -44.40 24.69
CA LYS E 477 3.82 -45.57 25.45
C LYS E 477 2.37 -45.38 25.85
N PHE E 478 2.06 -44.16 26.30
CA PHE E 478 0.69 -43.83 26.69
C PHE E 478 -0.22 -44.13 25.49
N TRP E 479 0.15 -43.57 24.34
CA TRP E 479 -0.62 -43.80 23.12
C TRP E 479 -0.69 -45.28 22.73
N ALA E 480 0.45 -45.96 22.74
CA ALA E 480 0.46 -47.37 22.37
C ALA E 480 -0.27 -48.28 23.34
N ASN E 481 -0.16 -48.00 24.65
CA ASN E 481 -0.84 -48.82 25.64
C ASN E 481 -2.35 -48.68 25.42
N PHE E 482 -2.77 -47.47 25.07
CA PHE E 482 -4.18 -47.21 24.82
C PHE E 482 -4.59 -48.07 23.65
N ALA E 483 -3.76 -48.09 22.62
CA ALA E 483 -4.04 -48.88 21.43
C ALA E 483 -4.14 -50.34 21.84
N ARG E 484 -3.21 -50.79 22.67
CA ARG E 484 -3.22 -52.16 23.13
C ARG E 484 -4.39 -52.49 24.06
N ASN E 485 -4.64 -51.64 25.05
CA ASN E 485 -5.69 -51.93 26.04
C ASN E 485 -6.90 -51.03 26.20
N GLY E 486 -6.95 -49.90 25.49
CA GLY E 486 -8.09 -49.03 25.66
C GLY E 486 -7.91 -48.28 26.98
N ASN E 487 -6.70 -48.35 27.51
CA ASN E 487 -6.32 -47.69 28.77
C ASN E 487 -4.85 -47.30 28.61
N PRO E 488 -4.52 -46.01 28.80
CA PRO E 488 -3.13 -45.54 28.65
C PRO E 488 -2.12 -45.96 29.71
N ASN E 489 -2.59 -46.29 30.91
CA ASN E 489 -1.69 -46.67 32.00
C ASN E 489 -0.83 -47.88 31.74
N GLY E 490 0.30 -47.92 32.43
CA GLY E 490 1.24 -49.00 32.29
C GLY E 490 2.40 -48.79 33.25
N GLU E 491 3.25 -49.80 33.38
CA GLU E 491 4.39 -49.74 34.28
C GLU E 491 5.45 -48.70 33.90
N GLY E 492 5.87 -47.91 34.87
CA GLY E 492 6.88 -46.89 34.63
C GLY E 492 6.35 -45.53 34.22
N LEU E 493 5.05 -45.46 33.94
CA LEU E 493 4.42 -44.21 33.52
C LEU E 493 3.56 -43.63 34.62
N PRO E 494 3.54 -42.29 34.74
CA PRO E 494 2.71 -41.65 35.77
C PRO E 494 1.25 -42.06 35.58
N HIS E 495 0.49 -42.08 36.68
CA HIS E 495 -0.91 -42.47 36.62
C HIS E 495 -1.80 -41.52 35.84
N TRP E 496 -2.55 -42.09 34.90
CA TRP E 496 -3.49 -41.32 34.07
C TRP E 496 -4.89 -41.71 34.56
N PRO E 497 -5.59 -40.77 35.20
CA PRO E 497 -6.94 -41.04 35.69
C PRO E 497 -7.98 -41.15 34.59
N GLU E 498 -8.94 -42.04 34.76
CA GLU E 498 -9.99 -42.19 33.77
C GLU E 498 -10.93 -41.00 33.94
N TYR E 499 -11.33 -40.41 32.83
CA TYR E 499 -12.24 -39.27 32.87
C TYR E 499 -13.62 -39.79 33.24
N ASN E 500 -13.94 -39.71 34.53
CA ASN E 500 -15.23 -40.14 35.06
C ASN E 500 -15.94 -38.92 35.63
N GLN E 501 -16.70 -39.12 36.70
CA GLN E 501 -17.42 -38.01 37.30
C GLN E 501 -16.49 -37.00 37.97
N LYS E 502 -15.37 -37.47 38.49
CA LYS E 502 -14.41 -36.57 39.11
C LYS E 502 -13.71 -35.74 38.04
N GLU E 503 -13.96 -36.09 36.78
CA GLU E 503 -13.39 -35.40 35.63
C GLU E 503 -11.87 -35.17 35.71
N GLY E 504 -11.12 -36.23 35.97
CA GLY E 504 -9.69 -36.09 36.05
C GLY E 504 -9.05 -36.18 34.67
N TYR E 505 -7.94 -35.48 34.49
CA TYR E 505 -7.23 -35.52 33.22
C TYR E 505 -5.73 -35.52 33.48
N LEU E 506 -4.94 -35.73 32.44
CA LEU E 506 -3.49 -35.75 32.59
C LEU E 506 -2.84 -34.52 32.00
N GLN E 507 -2.04 -33.82 32.79
CA GLN E 507 -1.34 -32.65 32.29
C GLN E 507 -0.02 -33.19 31.78
N ILE E 508 0.24 -33.00 30.49
CA ILE E 508 1.46 -33.51 29.89
C ILE E 508 2.45 -32.39 29.54
N GLY E 509 3.66 -32.53 30.05
CA GLY E 509 4.69 -31.54 29.79
C GLY E 509 5.97 -31.90 30.53
N ALA E 510 6.75 -30.88 30.89
CA ALA E 510 8.01 -31.12 31.61
C ALA E 510 7.68 -31.98 32.82
N ASN E 511 6.59 -31.63 33.51
CA ASN E 511 6.13 -32.38 34.66
C ASN E 511 4.73 -32.92 34.40
N THR E 512 4.64 -34.21 34.13
CA THR E 512 3.36 -34.85 33.84
C THR E 512 2.68 -35.34 35.10
N GLN E 513 1.48 -34.83 35.35
CA GLN E 513 0.71 -35.21 36.53
C GLN E 513 -0.80 -35.10 36.32
N ALA E 514 -1.56 -35.82 37.13
CA ALA E 514 -3.02 -35.81 37.02
C ALA E 514 -3.58 -34.52 37.61
N ALA E 515 -4.76 -34.14 37.13
CA ALA E 515 -5.45 -32.95 37.59
C ALA E 515 -6.94 -33.23 37.44
N GLN E 516 -7.78 -32.21 37.66
CA GLN E 516 -9.22 -32.42 37.53
C GLN E 516 -10.06 -31.25 37.04
N LYS E 517 -11.25 -31.59 36.53
CA LYS E 517 -12.19 -30.62 36.00
C LYS E 517 -11.59 -29.62 35.02
N LEU E 518 -11.10 -30.15 33.90
CA LEU E 518 -10.50 -29.33 32.86
C LEU E 518 -11.53 -28.41 32.20
N LYS E 519 -11.17 -27.14 32.03
CA LYS E 519 -12.03 -26.14 31.39
C LYS E 519 -13.43 -26.05 31.99
N ASP E 520 -13.59 -26.50 33.23
CA ASP E 520 -14.88 -26.47 33.90
C ASP E 520 -15.56 -25.11 33.84
N LYS E 521 -14.89 -24.08 34.37
CA LYS E 521 -15.45 -22.74 34.35
C LYS E 521 -15.83 -22.37 32.94
N GLU E 522 -14.85 -22.44 32.04
CA GLU E 522 -15.02 -22.11 30.63
C GLU E 522 -16.25 -22.76 29.98
N VAL E 523 -16.44 -24.05 30.23
CA VAL E 523 -17.59 -24.74 29.66
C VAL E 523 -18.86 -24.06 30.13
N ALA E 524 -19.02 -23.99 31.45
CA ALA E 524 -20.19 -23.37 32.06
C ALA E 524 -20.48 -22.00 31.45
N PHE E 525 -19.49 -21.11 31.49
CA PHE E 525 -19.67 -19.78 30.95
C PHE E 525 -20.17 -19.79 29.51
N TRP E 526 -19.57 -20.62 28.68
CA TRP E 526 -19.96 -20.70 27.28
C TRP E 526 -21.28 -21.40 27.03
N THR E 527 -21.50 -22.53 27.68
CA THR E 527 -22.75 -23.25 27.48
C THR E 527 -23.87 -22.25 27.70
N ASN E 528 -23.73 -21.46 28.76
CA ASN E 528 -24.73 -20.45 29.10
C ASN E 528 -24.86 -19.36 28.02
N LEU E 529 -23.76 -18.63 27.79
CA LEU E 529 -23.77 -17.56 26.79
C LEU E 529 -24.43 -17.97 25.47
N PHE E 530 -23.96 -19.08 24.89
CA PHE E 530 -24.51 -19.57 23.62
C PHE E 530 -26.01 -19.85 23.69
N ALA E 531 -26.52 -20.00 24.91
CA ALA E 531 -27.94 -20.27 25.10
C ALA E 531 -28.76 -19.00 24.93
N LYS E 532 -28.15 -17.95 24.38
CA LYS E 532 -28.84 -16.68 24.17
C LYS E 532 -29.02 -16.37 22.69
N SER F 2 -31.37 -62.60 -54.29
CA SER F 2 -31.99 -62.53 -52.97
C SER F 2 -30.89 -62.50 -51.90
N PRO F 3 -30.56 -61.29 -51.40
CA PRO F 3 -29.54 -61.06 -50.38
C PRO F 3 -29.57 -62.07 -49.22
N PRO F 4 -28.44 -62.77 -49.00
CA PRO F 4 -28.36 -63.76 -47.92
C PRO F 4 -28.49 -63.10 -46.55
N VAL F 5 -29.39 -63.62 -45.73
CA VAL F 5 -29.61 -63.09 -44.39
C VAL F 5 -29.36 -64.17 -43.35
N VAL F 6 -28.40 -63.90 -42.46
CA VAL F 6 -28.05 -64.84 -41.41
C VAL F 6 -28.34 -64.20 -40.06
N ASP F 7 -28.77 -64.99 -39.10
CA ASP F 7 -29.06 -64.45 -37.79
C ASP F 7 -28.00 -64.88 -36.80
N THR F 8 -27.29 -63.91 -36.26
CA THR F 8 -26.24 -64.17 -35.30
C THR F 8 -26.78 -64.03 -33.89
N VAL F 9 -25.91 -64.21 -32.91
CA VAL F 9 -26.27 -64.10 -31.51
C VAL F 9 -26.87 -62.73 -31.15
N HIS F 10 -26.40 -61.68 -31.82
CA HIS F 10 -26.88 -60.32 -31.54
C HIS F 10 -27.85 -59.72 -32.56
N GLY F 11 -28.27 -60.50 -33.55
CA GLY F 11 -29.20 -59.96 -34.52
C GLY F 11 -28.94 -60.45 -35.94
N LYS F 12 -29.90 -60.28 -36.82
CA LYS F 12 -29.75 -60.70 -38.21
C LYS F 12 -28.81 -59.77 -38.96
N VAL F 13 -28.13 -60.32 -39.97
CA VAL F 13 -27.22 -59.56 -40.82
C VAL F 13 -27.50 -59.87 -42.28
N LEU F 14 -27.44 -58.83 -43.11
CA LEU F 14 -27.69 -58.92 -44.54
C LEU F 14 -26.35 -58.90 -45.29
N GLY F 15 -26.14 -59.88 -46.17
CA GLY F 15 -24.91 -59.92 -46.94
C GLY F 15 -25.20 -59.75 -48.42
N LYS F 16 -24.29 -60.23 -49.25
CA LYS F 16 -24.47 -60.15 -50.69
C LYS F 16 -23.80 -61.33 -51.34
N PHE F 17 -24.32 -61.76 -52.50
CA PHE F 17 -23.74 -62.87 -53.21
C PHE F 17 -22.79 -62.35 -54.29
N VAL F 18 -21.67 -63.04 -54.45
CA VAL F 18 -20.69 -62.68 -55.46
C VAL F 18 -20.20 -63.97 -56.06
N SER F 19 -20.05 -63.99 -57.38
CA SER F 19 -19.57 -65.20 -58.05
C SER F 19 -18.17 -65.00 -58.61
N LEU F 20 -17.34 -66.01 -58.44
CA LEU F 20 -15.98 -65.97 -58.94
C LEU F 20 -16.01 -66.65 -60.30
N GLU F 21 -15.31 -66.08 -61.27
CA GLU F 21 -15.28 -66.62 -62.62
C GLU F 21 -15.15 -68.14 -62.68
N GLY F 22 -16.24 -68.81 -63.07
CA GLY F 22 -16.20 -70.26 -63.21
C GLY F 22 -16.84 -71.08 -62.10
N PHE F 23 -17.23 -70.45 -61.02
CA PHE F 23 -17.85 -71.20 -59.94
C PHE F 23 -19.37 -71.05 -59.91
N ALA F 24 -20.05 -72.18 -59.85
CA ALA F 24 -21.51 -72.18 -59.82
C ALA F 24 -21.98 -71.72 -58.45
N GLN F 25 -21.35 -72.24 -57.40
CA GLN F 25 -21.71 -71.87 -56.04
C GLN F 25 -21.28 -70.43 -55.72
N PRO F 26 -22.24 -69.54 -55.43
CA PRO F 26 -21.90 -68.16 -55.12
C PRO F 26 -21.28 -68.08 -53.74
N VAL F 27 -20.59 -66.98 -53.46
CA VAL F 27 -19.97 -66.79 -52.18
C VAL F 27 -20.76 -65.70 -51.45
N ALA F 28 -21.23 -66.02 -50.25
CA ALA F 28 -21.97 -65.06 -49.44
C ALA F 28 -20.94 -64.19 -48.72
N ILE F 29 -21.01 -62.88 -48.94
CA ILE F 29 -20.05 -61.98 -48.33
C ILE F 29 -20.69 -61.01 -47.35
N PHE F 30 -20.13 -60.95 -46.14
CA PHE F 30 -20.62 -60.05 -45.12
C PHE F 30 -19.50 -59.09 -44.74
N LEU F 31 -19.78 -57.79 -44.85
CA LEU F 31 -18.78 -56.78 -44.55
C LEU F 31 -19.10 -55.93 -43.34
N GLY F 32 -18.13 -55.86 -42.43
CA GLY F 32 -18.30 -55.05 -41.24
C GLY F 32 -19.29 -55.54 -40.20
N ILE F 33 -19.15 -56.79 -39.77
CA ILE F 33 -19.99 -57.33 -38.73
C ILE F 33 -19.30 -56.92 -37.44
N PRO F 34 -20.02 -56.30 -36.50
CA PRO F 34 -19.41 -55.88 -35.23
C PRO F 34 -19.29 -57.04 -34.26
N PHE F 35 -18.10 -57.27 -33.71
CA PHE F 35 -17.92 -58.38 -32.79
C PHE F 35 -17.64 -57.88 -31.38
N ALA F 36 -17.73 -56.56 -31.19
CA ALA F 36 -17.50 -55.95 -29.89
C ALA F 36 -18.16 -54.58 -29.83
N LYS F 37 -18.19 -53.99 -28.65
CA LYS F 37 -18.76 -52.66 -28.49
C LYS F 37 -17.69 -51.64 -28.90
N PRO F 38 -18.08 -50.59 -29.62
CA PRO F 38 -17.10 -49.56 -30.04
C PRO F 38 -16.31 -49.07 -28.83
N PRO F 39 -14.97 -49.22 -28.85
CA PRO F 39 -14.08 -48.82 -27.77
C PRO F 39 -13.87 -47.31 -27.71
N LEU F 40 -14.99 -46.59 -27.58
CA LEU F 40 -14.99 -45.13 -27.52
C LEU F 40 -15.04 -44.55 -26.12
N GLY F 41 -14.55 -43.32 -26.01
CA GLY F 41 -14.55 -42.62 -24.75
C GLY F 41 -13.94 -43.39 -23.60
N PRO F 42 -14.72 -43.67 -22.54
CA PRO F 42 -14.19 -44.41 -21.39
C PRO F 42 -13.76 -45.85 -21.72
N LEU F 43 -14.23 -46.39 -22.84
CA LEU F 43 -13.85 -47.75 -23.22
C LEU F 43 -12.47 -47.85 -23.86
N ARG F 44 -11.80 -46.72 -24.02
CA ARG F 44 -10.47 -46.70 -24.59
C ARG F 44 -9.48 -47.22 -23.55
N PHE F 45 -8.50 -48.00 -23.99
CA PHE F 45 -7.50 -48.60 -23.11
C PHE F 45 -8.14 -49.54 -22.10
N THR F 46 -9.15 -50.28 -22.54
CA THR F 46 -9.80 -51.29 -21.70
C THR F 46 -10.18 -52.49 -22.57
N PRO F 47 -10.36 -53.66 -21.97
CA PRO F 47 -10.71 -54.88 -22.72
C PRO F 47 -11.98 -54.71 -23.56
N PRO F 48 -12.04 -55.37 -24.72
CA PRO F 48 -13.23 -55.24 -25.57
C PRO F 48 -14.40 -55.85 -24.84
N GLN F 49 -15.56 -55.23 -24.96
CA GLN F 49 -16.75 -55.73 -24.31
C GLN F 49 -17.68 -56.23 -25.41
N PRO F 50 -18.64 -57.11 -25.06
CA PRO F 50 -19.60 -57.64 -26.06
C PRO F 50 -20.43 -56.55 -26.71
N ALA F 51 -20.82 -56.79 -27.97
CA ALA F 51 -21.63 -55.83 -28.71
C ALA F 51 -23.08 -55.86 -28.24
N GLU F 52 -23.72 -54.70 -28.18
CA GLU F 52 -25.11 -54.62 -27.79
C GLU F 52 -25.93 -55.17 -28.95
N PRO F 53 -26.92 -56.02 -28.67
CA PRO F 53 -27.73 -56.59 -29.77
C PRO F 53 -28.55 -55.55 -30.54
N TRP F 54 -28.87 -55.85 -31.80
CA TRP F 54 -29.65 -54.94 -32.64
C TRP F 54 -30.99 -55.57 -33.02
N SER F 55 -31.99 -54.72 -33.23
CA SER F 55 -33.33 -55.18 -33.50
C SER F 55 -33.66 -55.80 -34.85
N PHE F 56 -33.46 -55.07 -35.94
CA PHE F 56 -33.84 -55.66 -37.21
C PHE F 56 -32.75 -56.35 -37.99
N VAL F 57 -32.65 -56.01 -39.27
CA VAL F 57 -31.64 -56.61 -40.12
C VAL F 57 -30.56 -55.56 -40.28
N LYS F 58 -29.34 -55.91 -39.92
CA LYS F 58 -28.21 -55.00 -40.06
C LYS F 58 -27.54 -55.20 -41.41
N ASN F 59 -27.48 -54.13 -42.21
CA ASN F 59 -26.85 -54.23 -43.51
C ASN F 59 -25.35 -54.32 -43.32
N ALA F 60 -24.80 -55.50 -43.58
CA ALA F 60 -23.36 -55.68 -43.46
C ALA F 60 -22.88 -55.74 -44.89
N THR F 61 -22.92 -54.61 -45.58
CA THR F 61 -22.51 -54.58 -46.98
C THR F 61 -21.54 -53.48 -47.40
N SER F 62 -20.93 -52.81 -46.43
CA SER F 62 -19.97 -51.76 -46.77
C SER F 62 -18.71 -51.94 -45.94
N TYR F 63 -17.56 -51.66 -46.53
CA TYR F 63 -16.31 -51.82 -45.82
C TYR F 63 -16.22 -51.03 -44.52
N PRO F 64 -15.86 -51.70 -43.43
CA PRO F 64 -15.75 -51.03 -42.14
C PRO F 64 -14.53 -50.12 -42.13
N PRO F 65 -14.47 -49.20 -41.17
CA PRO F 65 -13.32 -48.30 -41.10
C PRO F 65 -12.14 -49.08 -40.55
N MET F 66 -10.93 -48.67 -40.92
CA MET F 66 -9.75 -49.32 -40.39
C MET F 66 -9.43 -48.53 -39.11
N CYS F 67 -8.86 -49.19 -38.10
CA CYS F 67 -8.55 -48.51 -36.86
C CYS F 67 -7.60 -47.32 -37.10
N THR F 68 -7.73 -46.28 -36.28
CA THR F 68 -6.89 -45.11 -36.44
C THR F 68 -5.44 -45.50 -36.61
N GLN F 69 -4.77 -44.84 -37.55
CA GLN F 69 -3.36 -45.12 -37.85
C GLN F 69 -2.90 -44.03 -38.78
N ASP F 70 -1.60 -44.01 -39.05
CA ASP F 70 -1.02 -43.04 -39.98
C ASP F 70 -1.75 -43.27 -41.30
N PRO F 71 -2.55 -42.31 -41.77
CA PRO F 71 -3.24 -42.55 -43.04
C PRO F 71 -2.33 -42.76 -44.26
N LYS F 72 -1.14 -42.18 -44.23
CA LYS F 72 -0.20 -42.32 -45.34
C LYS F 72 0.34 -43.74 -45.41
N ALA F 73 0.96 -44.18 -44.31
CA ALA F 73 1.54 -45.52 -44.24
C ALA F 73 0.47 -46.61 -44.36
N GLY F 74 -0.71 -46.33 -43.82
CA GLY F 74 -1.79 -47.28 -43.88
C GLY F 74 -2.24 -47.51 -45.31
N GLN F 75 -2.46 -46.41 -46.03
CA GLN F 75 -2.88 -46.48 -47.42
C GLN F 75 -1.79 -47.17 -48.24
N LEU F 76 -0.55 -46.79 -47.98
CA LEU F 76 0.58 -47.36 -48.70
C LEU F 76 0.66 -48.86 -48.52
N LEU F 77 0.49 -49.33 -47.28
CA LEU F 77 0.57 -50.77 -47.04
C LEU F 77 -0.63 -51.49 -47.64
N SER F 78 -1.80 -50.89 -47.55
CA SER F 78 -2.98 -51.51 -48.09
C SER F 78 -2.77 -51.76 -49.59
N GLU F 79 -2.39 -50.71 -50.31
CA GLU F 79 -2.15 -50.82 -51.75
C GLU F 79 -1.07 -51.86 -52.10
N LEU F 80 -0.10 -52.04 -51.21
CA LEU F 80 0.98 -52.99 -51.47
C LEU F 80 0.61 -54.44 -51.16
N PHE F 81 -0.22 -54.67 -50.15
CA PHE F 81 -0.59 -56.02 -49.81
C PHE F 81 -1.90 -56.52 -50.37
N THR F 82 -2.77 -55.62 -50.83
CA THR F 82 -4.07 -56.06 -51.33
C THR F 82 -4.01 -57.06 -52.47
N ASN F 83 -4.98 -57.95 -52.51
CA ASN F 83 -5.02 -58.99 -53.52
C ASN F 83 -6.18 -58.79 -54.49
N ARG F 84 -6.93 -57.71 -54.30
CA ARG F 84 -8.06 -57.41 -55.17
C ARG F 84 -7.54 -56.47 -56.26
N LYS F 85 -8.25 -56.39 -57.37
CA LYS F 85 -7.82 -55.54 -58.48
C LYS F 85 -7.64 -54.06 -58.11
N GLU F 86 -8.70 -53.43 -57.59
CA GLU F 86 -8.62 -52.03 -57.23
C GLU F 86 -8.55 -51.83 -55.73
N ASN F 87 -7.62 -50.98 -55.27
CA ASN F 87 -7.49 -50.74 -53.85
C ASN F 87 -8.62 -49.86 -53.35
N ILE F 88 -9.40 -50.39 -52.42
CA ILE F 88 -10.52 -49.69 -51.83
C ILE F 88 -10.08 -48.62 -50.83
N PRO F 89 -10.62 -47.41 -50.96
CA PRO F 89 -10.25 -46.33 -50.04
C PRO F 89 -10.84 -46.66 -48.68
N LEU F 90 -10.14 -46.32 -47.62
CA LEU F 90 -10.66 -46.61 -46.29
C LEU F 90 -10.71 -45.39 -45.39
N LYS F 91 -11.64 -45.42 -44.45
CA LYS F 91 -11.82 -44.35 -43.48
C LYS F 91 -11.18 -44.81 -42.18
N LEU F 92 -10.85 -43.84 -41.34
CA LEU F 92 -10.23 -44.10 -40.04
C LEU F 92 -11.26 -43.87 -38.94
N SER F 93 -11.18 -44.64 -37.87
CA SER F 93 -12.09 -44.48 -36.75
C SER F 93 -11.67 -45.36 -35.58
N GLU F 94 -12.09 -44.95 -34.38
CA GLU F 94 -11.78 -45.73 -33.19
C GLU F 94 -12.79 -46.85 -33.19
N ASP F 95 -13.90 -46.61 -33.88
CA ASP F 95 -14.98 -47.57 -34.02
C ASP F 95 -14.56 -48.48 -35.17
N CYS F 96 -13.71 -49.46 -34.88
CA CYS F 96 -13.20 -50.34 -35.91
C CYS F 96 -13.26 -51.83 -35.61
N LEU F 97 -13.81 -52.21 -34.46
CA LEU F 97 -13.88 -53.62 -34.12
C LEU F 97 -14.93 -54.37 -34.97
N TYR F 98 -14.56 -54.68 -36.20
CA TYR F 98 -15.41 -55.39 -37.14
C TYR F 98 -14.62 -56.50 -37.81
N LEU F 99 -15.34 -57.42 -38.45
CA LEU F 99 -14.72 -58.51 -39.17
C LEU F 99 -15.51 -58.77 -40.46
N ASN F 100 -14.85 -59.28 -41.49
CA ASN F 100 -15.54 -59.56 -42.74
C ASN F 100 -15.60 -61.05 -42.96
N ILE F 101 -16.73 -61.54 -43.49
CA ILE F 101 -16.89 -62.96 -43.75
C ILE F 101 -17.09 -63.32 -45.21
N TYR F 102 -16.40 -64.36 -45.63
CA TYR F 102 -16.50 -64.87 -46.98
C TYR F 102 -16.79 -66.36 -46.79
N THR F 103 -17.99 -66.78 -47.19
CA THR F 103 -18.38 -68.17 -47.02
C THR F 103 -18.98 -68.77 -48.29
N PRO F 104 -18.45 -69.92 -48.73
CA PRO F 104 -18.89 -70.65 -49.92
C PRO F 104 -19.99 -71.64 -49.60
N ALA F 105 -20.22 -71.88 -48.32
CA ALA F 105 -21.25 -72.80 -47.88
C ALA F 105 -22.65 -72.39 -48.37
N ASP F 106 -23.50 -73.38 -48.59
CA ASP F 106 -24.88 -73.14 -49.03
C ASP F 106 -25.61 -72.86 -47.71
N LEU F 107 -25.93 -71.60 -47.47
CA LEU F 107 -26.58 -71.22 -46.22
C LEU F 107 -27.93 -71.86 -45.95
N THR F 108 -28.63 -72.30 -46.99
CA THR F 108 -29.94 -72.93 -46.79
C THR F 108 -29.80 -74.28 -46.12
N LYS F 109 -28.57 -74.79 -46.06
CA LYS F 109 -28.31 -76.07 -45.43
C LYS F 109 -27.37 -75.89 -44.25
N LYS F 110 -27.17 -76.94 -43.47
CA LYS F 110 -26.31 -76.86 -42.29
C LYS F 110 -24.88 -77.32 -42.56
N ASN F 111 -24.08 -76.45 -43.19
CA ASN F 111 -22.69 -76.77 -43.50
C ASN F 111 -21.73 -76.53 -42.33
N ARG F 112 -20.62 -77.25 -42.33
CA ARG F 112 -19.60 -77.16 -41.29
C ARG F 112 -18.19 -77.08 -41.88
N LEU F 113 -17.97 -76.17 -42.80
CA LEU F 113 -16.65 -76.02 -43.43
C LEU F 113 -15.59 -75.50 -42.47
N PRO F 114 -14.31 -75.88 -42.70
CA PRO F 114 -13.29 -75.39 -41.79
C PRO F 114 -13.23 -73.86 -41.92
N VAL F 115 -12.91 -73.18 -40.80
CA VAL F 115 -12.87 -71.73 -40.78
C VAL F 115 -11.43 -71.22 -40.71
N MET F 116 -11.12 -70.25 -41.56
CA MET F 116 -9.77 -69.68 -41.55
C MET F 116 -9.87 -68.20 -41.21
N VAL F 117 -9.36 -67.85 -40.04
CA VAL F 117 -9.41 -66.48 -39.56
C VAL F 117 -8.09 -65.76 -39.81
N TRP F 118 -8.14 -64.71 -40.61
CA TRP F 118 -6.95 -63.94 -40.97
C TRP F 118 -6.68 -62.73 -40.11
N ILE F 119 -5.44 -62.60 -39.64
CA ILE F 119 -5.01 -61.46 -38.82
C ILE F 119 -3.93 -60.69 -39.60
N HIS F 120 -4.30 -59.52 -40.12
CA HIS F 120 -3.37 -58.72 -40.90
C HIS F 120 -2.12 -58.25 -40.17
N GLY F 121 -1.11 -57.87 -40.94
CA GLY F 121 0.12 -57.36 -40.37
C GLY F 121 0.12 -55.84 -40.49
N GLY F 122 1.27 -55.23 -40.23
CA GLY F 122 1.39 -53.78 -40.27
C GLY F 122 2.03 -53.27 -39.00
N GLY F 123 2.95 -54.07 -38.44
CA GLY F 123 3.66 -53.72 -37.23
C GLY F 123 2.85 -53.34 -36.00
N LEU F 124 1.57 -53.72 -36.00
CA LEU F 124 0.65 -53.40 -34.90
C LEU F 124 0.37 -51.90 -34.85
N MET F 125 0.75 -51.17 -35.90
CA MET F 125 0.54 -49.73 -35.98
C MET F 125 -0.42 -49.34 -37.12
N VAL F 126 -0.38 -50.10 -38.22
CA VAL F 126 -1.22 -49.83 -39.37
C VAL F 126 -1.83 -51.13 -39.90
N GLY F 127 -2.70 -51.02 -40.90
CA GLY F 127 -3.30 -52.23 -41.45
C GLY F 127 -4.80 -52.26 -41.36
N ALA F 128 -5.41 -53.24 -42.02
CA ALA F 128 -6.87 -53.39 -42.02
C ALA F 128 -7.27 -54.78 -42.51
N ALA F 129 -8.52 -55.14 -42.25
CA ALA F 129 -9.02 -56.44 -42.68
C ALA F 129 -9.45 -56.39 -44.14
N SER F 130 -10.12 -55.32 -44.51
CA SER F 130 -10.64 -55.13 -45.87
C SER F 130 -9.61 -55.26 -46.97
N THR F 131 -8.35 -55.02 -46.62
CA THR F 131 -7.27 -55.13 -47.58
C THR F 131 -7.24 -56.52 -48.21
N TYR F 132 -7.58 -57.54 -47.43
CA TYR F 132 -7.56 -58.93 -47.88
C TYR F 132 -8.93 -59.46 -48.27
N ASP F 133 -9.10 -59.74 -49.55
CA ASP F 133 -10.37 -60.27 -50.03
C ASP F 133 -10.31 -61.79 -49.97
N GLY F 134 -11.29 -62.40 -49.29
CA GLY F 134 -11.30 -63.85 -49.18
C GLY F 134 -12.11 -64.62 -50.21
N LEU F 135 -12.63 -63.92 -51.21
CA LEU F 135 -13.44 -64.55 -52.25
C LEU F 135 -12.77 -65.74 -52.92
N ALA F 136 -11.60 -65.50 -53.50
CA ALA F 136 -10.87 -66.56 -54.20
C ALA F 136 -10.57 -67.79 -53.35
N LEU F 137 -9.95 -67.58 -52.18
CA LEU F 137 -9.62 -68.69 -51.30
C LEU F 137 -10.85 -69.45 -50.84
N ALA F 138 -11.91 -68.69 -50.50
CA ALA F 138 -13.15 -69.30 -50.06
C ALA F 138 -13.71 -70.20 -51.16
N ALA F 139 -13.88 -69.64 -52.34
CA ALA F 139 -14.41 -70.38 -53.47
C ALA F 139 -13.53 -71.57 -53.91
N HIS F 140 -12.22 -71.34 -53.98
CA HIS F 140 -11.30 -72.38 -54.43
C HIS F 140 -11.10 -73.57 -53.50
N GLU F 141 -10.94 -73.33 -52.21
CA GLU F 141 -10.70 -74.43 -51.28
C GLU F 141 -11.92 -74.81 -50.46
N ASN F 142 -13.02 -74.14 -50.73
CA ASN F 142 -14.27 -74.40 -50.03
C ASN F 142 -14.13 -74.27 -48.52
N VAL F 143 -13.68 -73.11 -48.07
CA VAL F 143 -13.54 -72.83 -46.65
C VAL F 143 -14.13 -71.47 -46.35
N VAL F 144 -14.39 -71.22 -45.09
CA VAL F 144 -14.94 -69.94 -44.68
C VAL F 144 -13.75 -69.04 -44.28
N VAL F 145 -13.64 -67.90 -44.93
CA VAL F 145 -12.54 -67.01 -44.60
C VAL F 145 -13.08 -65.81 -43.83
N VAL F 146 -12.43 -65.53 -42.70
CA VAL F 146 -12.83 -64.41 -41.85
C VAL F 146 -11.67 -63.45 -41.63
N THR F 147 -11.85 -62.19 -42.02
CA THR F 147 -10.80 -61.20 -41.81
C THR F 147 -11.25 -60.30 -40.65
N ILE F 148 -10.37 -60.18 -39.65
CA ILE F 148 -10.69 -59.39 -38.46
C ILE F 148 -9.82 -58.16 -38.30
N GLN F 149 -10.32 -57.20 -37.52
CA GLN F 149 -9.57 -55.99 -37.23
C GLN F 149 -9.34 -55.91 -35.71
N TYR F 150 -8.34 -55.13 -35.31
CA TYR F 150 -8.02 -54.98 -33.91
C TYR F 150 -7.34 -53.64 -33.70
N ARG F 151 -7.53 -53.05 -32.52
CA ARG F 151 -6.94 -51.76 -32.23
C ARG F 151 -5.43 -51.76 -32.49
N LEU F 152 -4.96 -50.64 -33.03
CA LEU F 152 -3.56 -50.45 -33.37
C LEU F 152 -2.89 -49.31 -32.61
N GLY F 153 -1.57 -49.26 -32.71
CA GLY F 153 -0.79 -48.21 -32.06
C GLY F 153 -1.17 -47.89 -30.65
N ILE F 154 -1.21 -46.60 -30.32
CA ILE F 154 -1.55 -46.14 -28.98
C ILE F 154 -2.86 -46.77 -28.51
N TRP F 155 -3.86 -46.74 -29.37
CA TRP F 155 -5.18 -47.30 -29.07
C TRP F 155 -5.17 -48.76 -28.66
N GLY F 156 -4.35 -49.57 -29.33
CA GLY F 156 -4.32 -50.98 -29.02
C GLY F 156 -3.17 -51.49 -28.17
N PHE F 157 -2.16 -50.66 -27.91
CA PHE F 157 -1.02 -51.16 -27.13
C PHE F 157 -0.42 -50.24 -26.08
N PHE F 158 -1.10 -49.15 -25.77
CA PHE F 158 -0.60 -48.26 -24.75
C PHE F 158 -0.62 -48.99 -23.42
N SER F 159 0.53 -49.11 -22.77
CA SER F 159 0.62 -49.79 -21.48
C SER F 159 1.42 -48.97 -20.48
N THR F 160 0.97 -48.96 -19.23
CA THR F 160 1.69 -48.23 -18.18
C THR F 160 2.45 -49.24 -17.31
N GLY F 161 2.43 -50.50 -17.72
CA GLY F 161 3.13 -51.53 -16.96
C GLY F 161 2.42 -51.94 -15.69
N ASP F 162 1.22 -51.41 -15.46
CA ASP F 162 0.47 -51.75 -14.26
C ASP F 162 -1.03 -51.86 -14.52
N GLU F 163 -1.82 -51.97 -13.44
CA GLU F 163 -3.25 -52.15 -13.58
C GLU F 163 -4.08 -51.08 -14.28
N HIS F 164 -3.58 -49.85 -14.30
CA HIS F 164 -4.32 -48.74 -14.91
C HIS F 164 -4.39 -48.78 -16.43
N SER F 165 -3.48 -49.55 -17.03
CA SER F 165 -3.43 -49.74 -18.48
C SER F 165 -2.46 -50.90 -18.77
N ARG F 166 -2.93 -52.12 -18.52
CA ARG F 166 -2.13 -53.32 -18.72
C ARG F 166 -1.53 -53.41 -20.10
N GLY F 167 -2.35 -53.17 -21.12
CA GLY F 167 -1.88 -53.24 -22.49
C GLY F 167 -2.46 -54.41 -23.26
N ASN F 168 -1.89 -54.66 -24.44
CA ASN F 168 -2.30 -55.74 -25.34
C ASN F 168 -3.78 -55.71 -25.71
N TRP F 169 -4.39 -54.52 -25.71
CA TRP F 169 -5.80 -54.39 -26.05
C TRP F 169 -5.99 -54.99 -27.45
N GLY F 170 -5.00 -54.77 -28.31
CA GLY F 170 -5.05 -55.27 -29.67
C GLY F 170 -5.15 -56.78 -29.72
N HIS F 171 -4.45 -57.43 -28.81
CA HIS F 171 -4.49 -58.89 -28.76
C HIS F 171 -5.80 -59.35 -28.15
N LEU F 172 -6.31 -58.60 -27.17
CA LEU F 172 -7.58 -58.96 -26.54
C LEU F 172 -8.70 -58.81 -27.59
N ASP F 173 -8.52 -57.88 -28.52
CA ASP F 173 -9.50 -57.68 -29.58
C ASP F 173 -9.52 -58.91 -30.48
N GLN F 174 -8.35 -59.49 -30.71
CA GLN F 174 -8.26 -60.66 -31.57
C GLN F 174 -8.97 -61.84 -30.91
N VAL F 175 -8.73 -61.98 -29.60
CA VAL F 175 -9.35 -63.05 -28.82
C VAL F 175 -10.87 -62.88 -28.83
N ALA F 176 -11.33 -61.64 -28.76
CA ALA F 176 -12.76 -61.37 -28.78
C ALA F 176 -13.33 -61.80 -30.13
N ALA F 177 -12.59 -61.57 -31.20
CA ALA F 177 -13.07 -61.95 -32.53
C ALA F 177 -13.17 -63.45 -32.64
N LEU F 178 -12.17 -64.16 -32.11
CA LEU F 178 -12.19 -65.62 -32.14
C LEU F 178 -13.37 -66.13 -31.32
N ARG F 179 -13.62 -65.48 -30.18
CA ARG F 179 -14.75 -65.89 -29.35
C ARG F 179 -16.03 -65.69 -30.15
N TRP F 180 -16.09 -64.62 -30.92
CA TRP F 180 -17.27 -64.33 -31.73
C TRP F 180 -17.47 -65.40 -32.79
N VAL F 181 -16.37 -65.84 -33.40
CA VAL F 181 -16.41 -66.87 -34.42
C VAL F 181 -16.98 -68.13 -33.78
N GLN F 182 -16.41 -68.51 -32.63
CA GLN F 182 -16.87 -69.67 -31.90
C GLN F 182 -18.38 -69.70 -31.68
N ASP F 183 -18.95 -68.55 -31.37
CA ASP F 183 -20.37 -68.46 -31.10
C ASP F 183 -21.26 -68.23 -32.30
N ASN F 184 -20.69 -67.79 -33.42
CA ASN F 184 -21.49 -67.50 -34.60
C ASN F 184 -21.17 -68.17 -35.92
N ILE F 185 -19.93 -68.60 -36.12
CA ILE F 185 -19.57 -69.16 -37.40
C ILE F 185 -20.49 -70.26 -37.96
N ALA F 186 -21.05 -71.09 -37.10
CA ALA F 186 -21.93 -72.16 -37.59
C ALA F 186 -23.07 -71.60 -38.43
N SER F 187 -23.50 -70.37 -38.12
CA SER F 187 -24.58 -69.73 -38.85
C SER F 187 -24.13 -69.34 -40.25
N PHE F 188 -22.82 -69.21 -40.43
CA PHE F 188 -22.28 -68.84 -41.73
C PHE F 188 -21.70 -70.05 -42.46
N GLY F 189 -22.18 -71.24 -42.10
CA GLY F 189 -21.71 -72.45 -42.73
C GLY F 189 -20.34 -72.89 -42.25
N GLY F 190 -19.88 -72.29 -41.15
CA GLY F 190 -18.57 -72.63 -40.62
C GLY F 190 -18.59 -73.63 -39.49
N ASN F 191 -17.46 -74.30 -39.29
CA ASN F 191 -17.33 -75.29 -38.24
C ASN F 191 -16.51 -74.75 -37.09
N PRO F 192 -17.16 -74.37 -35.97
CA PRO F 192 -16.50 -73.82 -34.79
C PRO F 192 -15.49 -74.80 -34.21
N GLY F 193 -15.67 -76.07 -34.54
CA GLY F 193 -14.77 -77.09 -34.04
C GLY F 193 -13.47 -77.16 -34.83
N SER F 194 -13.37 -76.42 -35.93
CA SER F 194 -12.16 -76.42 -36.74
C SER F 194 -11.85 -75.01 -37.25
N VAL F 195 -11.17 -74.25 -36.39
CA VAL F 195 -10.81 -72.88 -36.70
C VAL F 195 -9.30 -72.79 -36.80
N THR F 196 -8.82 -72.22 -37.90
CA THR F 196 -7.40 -72.07 -38.13
C THR F 196 -7.12 -70.57 -38.12
N ILE F 197 -6.11 -70.16 -37.37
CA ILE F 197 -5.76 -68.75 -37.35
C ILE F 197 -4.47 -68.61 -38.11
N PHE F 198 -4.42 -67.62 -39.02
CA PHE F 198 -3.21 -67.37 -39.77
C PHE F 198 -3.09 -65.88 -40.03
N GLY F 199 -1.86 -65.38 -40.05
CA GLY F 199 -1.64 -63.96 -40.27
C GLY F 199 -0.18 -63.72 -40.59
N GLU F 200 0.14 -62.58 -41.19
CA GLU F 200 1.53 -62.35 -41.54
C GLU F 200 2.15 -61.14 -40.85
N SER F 201 3.45 -61.24 -40.60
CA SER F 201 4.21 -60.19 -39.93
C SER F 201 3.64 -59.96 -38.52
N ALA F 202 3.11 -58.79 -38.24
CA ALA F 202 2.54 -58.54 -36.91
C ALA F 202 1.40 -59.54 -36.68
N GLY F 203 0.73 -59.92 -37.77
CA GLY F 203 -0.36 -60.87 -37.66
C GLY F 203 0.19 -62.24 -37.37
N GLY F 204 1.43 -62.46 -37.81
CA GLY F 204 2.10 -63.73 -37.60
C GLY F 204 2.54 -63.79 -36.15
N GLU F 205 3.07 -62.67 -35.67
CA GLU F 205 3.51 -62.59 -34.28
C GLU F 205 2.28 -62.71 -33.36
N SER F 206 1.14 -62.22 -33.84
CA SER F 206 -0.09 -62.30 -33.06
C SER F 206 -0.47 -63.77 -32.93
N VAL F 207 -0.49 -64.48 -34.06
CA VAL F 207 -0.81 -65.90 -34.04
C VAL F 207 0.09 -66.64 -33.05
N SER F 208 1.39 -66.34 -33.10
CA SER F 208 2.38 -66.95 -32.23
C SER F 208 2.07 -66.64 -30.78
N VAL F 209 1.63 -65.40 -30.53
CA VAL F 209 1.29 -64.98 -29.18
C VAL F 209 0.04 -65.71 -28.70
N LEU F 210 -0.95 -65.85 -29.59
CA LEU F 210 -2.18 -66.55 -29.25
C LEU F 210 -1.87 -68.02 -28.93
N VAL F 211 -0.96 -68.62 -29.71
CA VAL F 211 -0.54 -70.00 -29.53
C VAL F 211 0.07 -70.20 -28.13
N LEU F 212 0.72 -69.17 -27.59
CA LEU F 212 1.33 -69.25 -26.26
C LEU F 212 0.45 -68.71 -25.13
N SER F 213 -0.70 -68.12 -25.47
CA SER F 213 -1.58 -67.57 -24.46
C SER F 213 -2.64 -68.56 -24.01
N PRO F 214 -2.76 -68.76 -22.69
CA PRO F 214 -3.73 -69.69 -22.09
C PRO F 214 -5.15 -69.16 -22.18
N LEU F 215 -5.28 -67.87 -22.48
CA LEU F 215 -6.58 -67.24 -22.62
C LEU F 215 -7.27 -67.71 -23.89
N ALA F 216 -6.47 -68.04 -24.90
CA ALA F 216 -7.00 -68.44 -26.19
C ALA F 216 -7.02 -69.92 -26.50
N LYS F 217 -6.59 -70.77 -25.56
CA LYS F 217 -6.53 -72.22 -25.80
C LYS F 217 -7.85 -72.99 -25.85
N ASN F 218 -8.67 -72.70 -26.87
CA ASN F 218 -9.96 -73.36 -27.09
C ASN F 218 -10.66 -72.57 -28.19
N LEU F 219 -9.98 -71.54 -28.69
CA LEU F 219 -10.54 -70.68 -29.71
C LEU F 219 -10.09 -71.00 -31.13
N PHE F 220 -9.00 -71.78 -31.25
CA PHE F 220 -8.49 -72.19 -32.56
C PHE F 220 -7.99 -73.63 -32.49
N HIS F 221 -7.81 -74.27 -33.64
CA HIS F 221 -7.39 -75.67 -33.65
C HIS F 221 -6.14 -75.90 -34.49
N ARG F 222 -5.71 -74.87 -35.19
CA ARG F 222 -4.53 -74.95 -36.03
C ARG F 222 -4.05 -73.52 -36.21
N ALA F 223 -2.75 -73.34 -36.36
CA ALA F 223 -2.20 -72.01 -36.50
C ALA F 223 -1.11 -71.91 -37.57
N ILE F 224 -1.08 -70.76 -38.24
CA ILE F 224 -0.11 -70.47 -39.28
C ILE F 224 0.50 -69.08 -39.08
N SER F 225 1.81 -69.05 -38.84
CA SER F 225 2.54 -67.78 -38.69
C SER F 225 3.42 -67.57 -39.92
N GLU F 226 3.09 -66.56 -40.70
CA GLU F 226 3.84 -66.22 -41.92
C GLU F 226 4.74 -64.99 -41.71
N SER F 227 6.06 -65.21 -41.61
CA SER F 227 7.02 -64.12 -41.44
C SER F 227 6.77 -63.32 -40.15
N GLY F 228 6.74 -64.01 -39.02
CA GLY F 228 6.49 -63.32 -37.77
C GLY F 228 6.14 -64.31 -36.68
N VAL F 229 6.82 -64.20 -35.54
CA VAL F 229 6.59 -65.06 -34.41
C VAL F 229 6.79 -64.26 -33.13
N ALA F 230 6.37 -64.83 -32.00
CA ALA F 230 6.48 -64.17 -30.71
C ALA F 230 7.91 -63.83 -30.35
N LEU F 231 8.86 -64.35 -31.11
CA LEU F 231 10.28 -64.07 -30.86
C LEU F 231 10.85 -63.04 -31.84
N THR F 232 9.99 -62.36 -32.59
CA THR F 232 10.44 -61.29 -33.49
C THR F 232 10.51 -60.11 -32.52
N SER F 233 11.62 -60.00 -31.81
CA SER F 233 11.81 -58.99 -30.76
C SER F 233 11.34 -57.55 -30.96
N VAL F 234 11.28 -57.05 -32.19
CA VAL F 234 10.84 -55.68 -32.37
C VAL F 234 9.36 -55.50 -32.03
N LEU F 235 8.62 -56.61 -31.96
CA LEU F 235 7.19 -56.53 -31.66
C LEU F 235 6.84 -56.81 -30.20
N VAL F 236 7.79 -57.34 -29.45
CA VAL F 236 7.56 -57.65 -28.04
C VAL F 236 8.41 -56.76 -27.15
N LYS F 237 7.75 -56.02 -26.26
CA LYS F 237 8.45 -55.12 -25.35
C LYS F 237 8.81 -55.83 -24.07
N LYS F 238 10.10 -55.88 -23.77
CA LYS F 238 10.56 -56.52 -22.56
C LYS F 238 11.26 -55.52 -21.68
N GLY F 239 10.95 -55.58 -20.39
CA GLY F 239 11.56 -54.66 -19.44
C GLY F 239 10.51 -53.69 -18.95
N ASP F 240 10.94 -52.52 -18.49
CA ASP F 240 10.02 -51.51 -18.00
C ASP F 240 9.45 -50.72 -19.17
N VAL F 241 8.13 -50.75 -19.30
CA VAL F 241 7.47 -50.05 -20.38
C VAL F 241 7.00 -48.66 -19.96
N LYS F 242 7.14 -48.36 -18.67
CA LYS F 242 6.73 -47.07 -18.11
C LYS F 242 7.39 -45.90 -18.85
N PRO F 243 8.68 -46.02 -19.19
CA PRO F 243 9.36 -44.93 -19.90
C PRO F 243 8.68 -44.54 -21.21
N LEU F 244 8.23 -45.53 -21.98
CA LEU F 244 7.56 -45.26 -23.25
C LEU F 244 6.22 -44.57 -23.02
N ALA F 245 5.51 -45.03 -22.00
CA ALA F 245 4.20 -44.49 -21.65
C ALA F 245 4.27 -43.00 -21.32
N GLU F 246 5.33 -42.61 -20.63
CA GLU F 246 5.52 -41.23 -20.24
C GLU F 246 5.88 -40.40 -21.46
N GLN F 247 6.78 -40.94 -22.28
CA GLN F 247 7.19 -40.25 -23.49
C GLN F 247 5.96 -39.93 -24.34
N ILE F 248 5.04 -40.89 -24.44
CA ILE F 248 3.80 -40.69 -25.21
C ILE F 248 2.89 -39.67 -24.52
N ALA F 249 2.69 -39.85 -23.21
CA ALA F 249 1.82 -38.94 -22.45
C ALA F 249 2.28 -37.50 -22.63
N ILE F 250 3.58 -37.27 -22.43
CA ILE F 250 4.15 -35.94 -22.58
C ILE F 250 3.90 -35.42 -23.98
N THR F 251 4.20 -36.24 -24.98
CA THR F 251 3.99 -35.83 -26.37
C THR F 251 2.55 -35.45 -26.64
N ALA F 252 1.61 -36.06 -25.91
CA ALA F 252 0.19 -35.77 -26.10
C ALA F 252 -0.22 -34.58 -25.25
N GLY F 253 0.72 -34.07 -24.44
CA GLY F 253 0.43 -32.94 -23.59
C GLY F 253 -0.25 -33.31 -22.28
N CYS F 254 0.15 -34.44 -21.70
CA CYS F 254 -0.41 -34.90 -20.44
C CYS F 254 0.63 -34.92 -19.34
N LYS F 255 0.17 -34.86 -18.10
CA LYS F 255 1.06 -34.92 -16.94
C LYS F 255 1.48 -36.38 -16.78
N THR F 256 2.51 -36.61 -16.00
CA THR F 256 2.98 -37.96 -15.77
C THR F 256 3.04 -38.24 -14.27
N THR F 257 2.26 -37.48 -13.50
CA THR F 257 2.23 -37.63 -12.06
C THR F 257 2.09 -39.08 -11.61
N THR F 258 1.12 -39.81 -12.18
CA THR F 258 0.91 -41.22 -11.85
C THR F 258 0.31 -41.90 -13.07
N SER F 259 0.33 -43.23 -13.07
CA SER F 259 -0.24 -43.99 -14.18
C SER F 259 -1.71 -43.65 -14.41
N ALA F 260 -2.52 -43.69 -13.35
CA ALA F 260 -3.94 -43.41 -13.45
C ALA F 260 -4.19 -42.03 -14.07
N VAL F 261 -3.28 -41.10 -13.81
CA VAL F 261 -3.39 -39.76 -14.36
C VAL F 261 -3.13 -39.78 -15.88
N MET F 262 -2.04 -40.42 -16.30
CA MET F 262 -1.71 -40.50 -17.72
C MET F 262 -2.86 -41.12 -18.49
N VAL F 263 -3.34 -42.28 -18.04
CA VAL F 263 -4.43 -42.97 -18.72
C VAL F 263 -5.70 -42.10 -18.77
N HIS F 264 -6.04 -41.49 -17.64
CA HIS F 264 -7.23 -40.65 -17.59
C HIS F 264 -7.14 -39.49 -18.57
N CYS F 265 -5.96 -38.88 -18.60
CA CYS F 265 -5.71 -37.75 -19.47
C CYS F 265 -5.76 -38.19 -20.94
N LEU F 266 -5.06 -39.26 -21.30
CA LEU F 266 -5.10 -39.74 -22.67
C LEU F 266 -6.52 -40.13 -23.11
N ARG F 267 -7.36 -40.52 -22.14
CA ARG F 267 -8.74 -40.89 -22.44
C ARG F 267 -9.59 -39.67 -22.76
N GLN F 268 -9.16 -38.49 -22.32
CA GLN F 268 -9.91 -37.27 -22.58
C GLN F 268 -9.58 -36.72 -23.96
N LYS F 269 -8.43 -37.11 -24.50
CA LYS F 269 -7.98 -36.63 -25.79
C LYS F 269 -8.81 -37.19 -26.94
N THR F 270 -9.03 -36.36 -27.95
CA THR F 270 -9.78 -36.76 -29.13
C THR F 270 -8.96 -37.75 -29.96
N GLU F 271 -9.65 -38.48 -30.82
CA GLU F 271 -9.00 -39.43 -31.69
C GLU F 271 -7.97 -38.70 -32.56
N GLU F 272 -8.37 -37.54 -33.06
CA GLU F 272 -7.50 -36.74 -33.91
C GLU F 272 -6.25 -36.29 -33.16
N GLU F 273 -6.42 -35.94 -31.88
CA GLU F 273 -5.31 -35.52 -31.05
C GLU F 273 -4.32 -36.67 -30.87
N LEU F 274 -4.83 -37.87 -30.62
CA LEU F 274 -3.95 -39.02 -30.43
C LEU F 274 -3.28 -39.41 -31.75
N LEU F 275 -3.90 -39.06 -32.88
CA LEU F 275 -3.29 -39.38 -34.16
C LEU F 275 -2.12 -38.44 -34.40
N GLU F 276 -2.23 -37.19 -33.95
CA GLU F 276 -1.13 -36.25 -34.09
C GLU F 276 0.03 -36.69 -33.20
N THR F 277 -0.29 -37.19 -32.01
CA THR F 277 0.76 -37.65 -31.11
C THR F 277 1.48 -38.79 -31.83
N THR F 278 0.71 -39.65 -32.48
CA THR F 278 1.27 -40.77 -33.22
C THR F 278 2.23 -40.34 -34.32
N LEU F 279 1.86 -39.29 -35.05
CA LEU F 279 2.71 -38.75 -36.12
C LEU F 279 3.97 -38.13 -35.55
N LYS F 280 3.83 -37.46 -34.41
CA LYS F 280 4.96 -36.83 -33.74
C LYS F 280 5.98 -37.86 -33.28
N MET F 281 5.51 -39.05 -32.89
CA MET F 281 6.41 -40.11 -32.43
C MET F 281 7.25 -40.65 -33.58
N LYS F 282 6.73 -40.51 -34.80
CA LYS F 282 7.45 -40.97 -36.00
C LYS F 282 7.75 -42.46 -35.96
N PHE F 283 6.72 -43.27 -35.71
CA PHE F 283 6.86 -44.71 -35.65
C PHE F 283 7.11 -45.31 -37.04
N LEU F 284 7.52 -46.57 -37.06
CA LEU F 284 7.80 -47.32 -38.28
C LEU F 284 8.80 -46.63 -39.18
N SER F 285 9.83 -46.07 -38.57
CA SER F 285 10.86 -45.40 -39.34
C SER F 285 12.20 -45.43 -38.63
N LEU F 286 13.24 -45.81 -39.36
CA LEU F 286 14.57 -45.89 -38.78
C LEU F 286 15.04 -44.49 -38.38
N ASP F 287 15.43 -44.34 -37.12
CA ASP F 287 15.90 -43.06 -36.61
C ASP F 287 17.41 -42.93 -36.80
N LEU F 288 17.82 -42.11 -37.76
CA LEU F 288 19.23 -41.92 -38.06
C LEU F 288 20.03 -41.14 -37.01
N GLN F 289 19.36 -40.26 -36.27
CA GLN F 289 20.04 -39.49 -35.24
C GLN F 289 19.31 -39.64 -33.92
N GLY F 290 20.06 -40.00 -32.89
CA GLY F 290 19.48 -40.20 -31.57
C GLY F 290 19.91 -41.59 -31.16
N ASP F 291 20.31 -41.75 -29.89
CA ASP F 291 20.76 -43.04 -29.41
C ASP F 291 19.81 -44.13 -29.90
N PRO F 292 20.29 -45.02 -30.77
CA PRO F 292 19.48 -46.10 -31.31
C PRO F 292 18.90 -46.99 -30.20
N ARG F 293 19.42 -46.83 -28.99
CA ARG F 293 18.94 -47.60 -27.85
C ARG F 293 17.75 -46.94 -27.18
N GLU F 294 17.36 -45.78 -27.66
CA GLU F 294 16.23 -45.06 -27.08
C GLU F 294 15.12 -44.82 -28.10
N SER F 295 15.33 -45.29 -29.33
CA SER F 295 14.33 -45.11 -30.36
C SER F 295 13.28 -46.20 -30.21
N GLN F 296 12.02 -45.83 -30.41
CA GLN F 296 10.93 -46.79 -30.29
C GLN F 296 10.17 -46.83 -31.62
N PRO F 297 10.50 -47.80 -32.48
CA PRO F 297 9.83 -47.94 -33.79
C PRO F 297 8.34 -48.23 -33.73
N LEU F 298 7.86 -48.72 -32.59
CA LEU F 298 6.42 -49.01 -32.46
C LEU F 298 5.98 -49.39 -31.05
N LEU F 299 4.66 -49.43 -30.86
CA LEU F 299 4.07 -49.80 -29.58
C LEU F 299 3.58 -51.22 -29.77
N GLY F 300 4.05 -52.15 -28.95
CA GLY F 300 3.59 -53.52 -29.14
C GLY F 300 3.18 -54.36 -27.95
N THR F 301 3.36 -55.67 -28.12
CA THR F 301 3.03 -56.67 -27.12
C THR F 301 3.83 -56.51 -25.83
N VAL F 302 3.17 -56.73 -24.69
CA VAL F 302 3.85 -56.66 -23.40
C VAL F 302 3.40 -57.84 -22.55
N ILE F 303 3.98 -57.97 -21.37
CA ILE F 303 3.65 -59.04 -20.44
C ILE F 303 2.67 -58.38 -19.47
N ASP F 304 1.40 -58.34 -19.87
CA ASP F 304 0.32 -57.72 -19.12
C ASP F 304 -0.14 -58.46 -17.87
N GLY F 305 -0.07 -59.78 -17.88
CA GLY F 305 -0.51 -60.56 -16.75
C GLY F 305 -1.91 -61.13 -16.91
N MET F 306 -2.49 -60.95 -18.10
CA MET F 306 -3.84 -61.46 -18.40
C MET F 306 -3.73 -62.35 -19.64
N LEU F 307 -3.13 -61.81 -20.69
CA LEU F 307 -2.93 -62.52 -21.95
C LEU F 307 -1.60 -63.28 -21.90
N LEU F 308 -0.58 -62.63 -21.36
CA LEU F 308 0.75 -63.24 -21.23
C LEU F 308 1.22 -63.08 -19.78
N LEU F 309 1.62 -64.19 -19.16
CA LEU F 309 2.08 -64.20 -17.77
C LEU F 309 3.59 -64.14 -17.62
N LYS F 310 4.31 -64.35 -18.72
CA LYS F 310 5.76 -64.29 -18.71
C LYS F 310 6.22 -64.08 -20.15
N THR F 311 7.52 -63.85 -20.32
CA THR F 311 8.04 -63.60 -21.65
C THR F 311 7.80 -64.79 -22.57
N PRO F 312 7.63 -64.53 -23.87
CA PRO F 312 7.41 -65.61 -24.84
C PRO F 312 8.45 -66.72 -24.69
N GLU F 313 9.67 -66.33 -24.32
CA GLU F 313 10.74 -67.30 -24.15
C GLU F 313 10.48 -68.22 -22.98
N GLU F 314 10.11 -67.65 -21.84
CA GLU F 314 9.84 -68.45 -20.65
C GLU F 314 8.64 -69.36 -20.86
N LEU F 315 7.69 -68.92 -21.70
CA LEU F 315 6.49 -69.70 -21.97
C LEU F 315 6.75 -70.90 -22.88
N GLN F 316 7.87 -70.88 -23.61
CA GLN F 316 8.24 -71.97 -24.50
C GLN F 316 8.92 -73.10 -23.74
N ALA F 317 9.90 -72.73 -22.93
CA ALA F 317 10.66 -73.68 -22.13
C ALA F 317 9.76 -74.26 -21.06
N GLU F 318 8.46 -73.93 -21.15
CA GLU F 318 7.48 -74.39 -20.18
C GLU F 318 6.68 -75.60 -20.69
N ARG F 319 6.57 -75.72 -22.00
CA ARG F 319 5.81 -76.83 -22.59
C ARG F 319 4.38 -76.77 -22.07
N ASN F 320 4.06 -75.69 -21.38
CA ASN F 320 2.72 -75.50 -20.83
C ASN F 320 1.87 -74.64 -21.75
N PHE F 321 1.07 -75.31 -22.57
CA PHE F 321 0.16 -74.69 -23.51
C PHE F 321 -0.39 -75.87 -24.30
N HIS F 322 -1.63 -75.78 -24.75
CA HIS F 322 -2.19 -76.85 -25.58
C HIS F 322 -1.51 -76.82 -26.94
N THR F 323 -1.08 -77.99 -27.39
CA THR F 323 -0.37 -78.13 -28.65
C THR F 323 -1.28 -78.38 -29.84
N VAL F 324 -1.25 -77.47 -30.79
CA VAL F 324 -2.05 -77.60 -31.98
C VAL F 324 -1.14 -77.59 -33.20
N PRO F 325 -1.60 -78.18 -34.33
CA PRO F 325 -0.78 -78.20 -35.54
C PRO F 325 -0.35 -76.77 -35.81
N TYR F 326 0.94 -76.58 -36.05
CA TYR F 326 1.46 -75.24 -36.26
C TYR F 326 2.41 -75.14 -37.46
N MET F 327 2.06 -74.26 -38.40
CA MET F 327 2.89 -74.05 -39.59
C MET F 327 3.58 -72.70 -39.43
N VAL F 328 4.91 -72.72 -39.49
CA VAL F 328 5.69 -71.50 -39.37
C VAL F 328 6.52 -71.33 -40.64
N GLY F 329 6.42 -70.16 -41.27
CA GLY F 329 7.18 -69.95 -42.48
C GLY F 329 7.80 -68.58 -42.62
N ILE F 330 8.75 -68.46 -43.54
CA ILE F 330 9.43 -67.21 -43.78
C ILE F 330 9.66 -67.08 -45.29
N ASN F 331 10.05 -65.90 -45.73
CA ASN F 331 10.32 -65.71 -47.14
C ASN F 331 11.82 -65.64 -47.30
N LYS F 332 12.29 -65.85 -48.54
CA LYS F 332 13.71 -65.84 -48.86
C LYS F 332 14.40 -64.52 -48.54
N GLN F 333 13.73 -63.40 -48.83
CA GLN F 333 14.28 -62.07 -48.59
C GLN F 333 13.31 -61.17 -47.84
N GLU F 334 13.07 -61.51 -46.58
CA GLU F 334 12.16 -60.76 -45.71
C GLU F 334 12.47 -59.27 -45.64
N PHE F 335 13.75 -58.93 -45.66
CA PHE F 335 14.17 -57.54 -45.56
C PHE F 335 14.73 -57.08 -46.90
N GLY F 336 14.18 -57.64 -47.97
CA GLY F 336 14.63 -57.32 -49.32
C GLY F 336 14.24 -55.98 -49.89
N TRP F 337 13.04 -55.50 -49.61
CA TRP F 337 12.66 -54.20 -50.15
C TRP F 337 11.60 -53.49 -49.33
N LEU F 338 10.38 -54.03 -49.37
CA LEU F 338 9.25 -53.45 -48.69
C LEU F 338 9.53 -52.84 -47.33
N ILE F 339 10.16 -53.59 -46.43
CA ILE F 339 10.42 -53.05 -45.11
C ILE F 339 11.47 -51.94 -45.05
N PRO F 340 12.65 -52.14 -45.65
CA PRO F 340 13.64 -51.06 -45.59
C PRO F 340 13.08 -49.82 -46.28
N MET F 341 12.22 -50.05 -47.27
CA MET F 341 11.57 -48.99 -48.03
C MET F 341 10.60 -48.24 -47.12
N LEU F 342 9.78 -48.97 -46.37
CA LEU F 342 8.81 -48.36 -45.46
C LEU F 342 9.44 -47.64 -44.27
N MET F 343 10.65 -48.02 -43.91
CA MET F 343 11.30 -47.38 -42.79
C MET F 343 12.33 -46.36 -43.22
N SER F 344 12.45 -46.18 -44.54
CA SER F 344 13.36 -45.22 -45.11
C SER F 344 14.82 -45.50 -44.77
N TYR F 345 15.31 -46.68 -45.16
CA TYR F 345 16.70 -47.01 -44.89
C TYR F 345 17.58 -46.23 -45.85
N PRO F 346 18.77 -45.82 -45.38
CA PRO F 346 19.74 -45.05 -46.17
C PRO F 346 20.48 -45.98 -47.16
N LEU F 347 19.76 -46.59 -48.07
CA LEU F 347 20.40 -47.50 -49.03
C LEU F 347 20.30 -46.98 -50.47
N SER F 348 20.04 -45.69 -50.56
CA SER F 348 19.93 -44.97 -51.82
C SER F 348 21.05 -45.35 -52.80
N GLU F 349 22.25 -45.62 -52.28
CA GLU F 349 23.41 -45.98 -53.08
C GLU F 349 23.37 -47.38 -53.70
N GLY F 350 22.76 -48.33 -52.99
CA GLY F 350 22.71 -49.69 -53.49
C GLY F 350 24.02 -50.38 -53.19
N GLN F 351 24.82 -49.73 -52.36
CA GLN F 351 26.14 -50.25 -51.97
C GLN F 351 26.40 -50.08 -50.48
N LEU F 352 27.30 -50.90 -49.96
CA LEU F 352 27.65 -50.85 -48.55
C LEU F 352 29.05 -51.42 -48.33
N ASP F 353 29.80 -50.81 -47.43
CA ASP F 353 31.12 -51.31 -47.09
C ASP F 353 31.02 -51.74 -45.63
N GLN F 354 32.10 -52.31 -45.10
CA GLN F 354 32.11 -52.78 -43.73
C GLN F 354 31.77 -51.73 -42.68
N LYS F 355 32.51 -50.62 -42.67
CA LYS F 355 32.29 -49.58 -41.68
C LYS F 355 30.88 -49.00 -41.69
N THR F 356 30.33 -48.83 -42.88
CA THR F 356 28.98 -48.26 -43.01
C THR F 356 27.92 -49.28 -42.59
N ALA F 357 28.20 -50.55 -42.83
CA ALA F 357 27.28 -51.60 -42.46
C ALA F 357 27.22 -51.67 -40.93
N MET F 358 28.37 -51.55 -40.28
CA MET F 358 28.41 -51.60 -38.83
C MET F 358 27.62 -50.48 -38.16
N SER F 359 27.79 -49.26 -38.67
CA SER F 359 27.06 -48.11 -38.12
C SER F 359 25.58 -48.27 -38.38
N LEU F 360 25.26 -48.84 -39.54
CA LEU F 360 23.88 -49.05 -39.95
C LEU F 360 23.24 -50.11 -39.05
N LEU F 361 24.02 -51.13 -38.72
CA LEU F 361 23.55 -52.22 -37.89
C LEU F 361 23.28 -51.69 -36.48
N TRP F 362 24.10 -50.74 -36.05
CA TRP F 362 23.92 -50.13 -34.74
C TRP F 362 22.63 -49.29 -34.74
N LYS F 363 22.44 -48.47 -35.78
CA LYS F 363 21.24 -47.66 -35.92
C LYS F 363 20.01 -48.55 -35.88
N SER F 364 20.16 -49.76 -36.42
CA SER F 364 19.06 -50.74 -36.48
C SER F 364 18.84 -51.47 -35.17
N TYR F 365 19.47 -50.98 -34.10
CA TYR F 365 19.34 -51.61 -32.78
C TYR F 365 17.90 -51.91 -32.39
N PRO F 366 16.99 -50.96 -32.59
CA PRO F 366 15.60 -51.23 -32.22
C PRO F 366 14.93 -52.37 -32.99
N LEU F 367 15.59 -52.87 -34.03
CA LEU F 367 15.03 -53.96 -34.82
C LEU F 367 15.73 -55.27 -34.60
N VAL F 368 17.02 -55.22 -34.32
CA VAL F 368 17.81 -56.44 -34.16
C VAL F 368 18.47 -56.60 -32.79
N CYS F 369 18.38 -55.56 -31.96
CA CYS F 369 18.97 -55.57 -30.62
C CYS F 369 20.32 -56.29 -30.50
N ILE F 370 21.28 -55.85 -31.31
CA ILE F 370 22.63 -56.40 -31.28
C ILE F 370 23.50 -55.40 -30.54
N ALA F 371 24.00 -55.78 -29.37
CA ALA F 371 24.85 -54.87 -28.59
C ALA F 371 25.98 -54.35 -29.46
N LYS F 372 26.31 -53.07 -29.29
CA LYS F 372 27.35 -52.44 -30.08
C LYS F 372 28.68 -53.19 -30.07
N GLU F 373 28.96 -53.90 -28.98
CA GLU F 373 30.20 -54.64 -28.87
C GLU F 373 30.15 -55.95 -29.66
N LEU F 374 28.97 -56.27 -30.18
CA LEU F 374 28.81 -57.50 -30.95
C LEU F 374 28.75 -57.24 -32.45
N ILE F 375 28.57 -55.98 -32.83
CA ILE F 375 28.49 -55.60 -34.24
C ILE F 375 29.62 -56.16 -35.10
N PRO F 376 30.89 -55.98 -34.68
CA PRO F 376 32.00 -56.51 -35.48
C PRO F 376 31.88 -57.99 -35.81
N GLU F 377 31.52 -58.81 -34.83
CA GLU F 377 31.40 -60.24 -35.07
C GLU F 377 30.29 -60.52 -36.07
N ALA F 378 29.11 -59.97 -35.80
CA ALA F 378 27.96 -60.16 -36.66
C ALA F 378 28.24 -59.75 -38.09
N THR F 379 28.67 -58.50 -38.26
CA THR F 379 28.98 -57.95 -39.57
C THR F 379 30.09 -58.72 -40.27
N GLU F 380 31.13 -59.07 -39.52
CA GLU F 380 32.24 -59.81 -40.10
C GLU F 380 31.77 -61.17 -40.59
N LYS F 381 30.88 -61.77 -39.81
CA LYS F 381 30.31 -63.07 -40.12
C LYS F 381 29.50 -63.08 -41.42
N TYR F 382 28.79 -62.00 -41.68
CA TYR F 382 27.98 -61.94 -42.89
C TYR F 382 28.63 -61.24 -44.08
N LEU F 383 29.30 -60.13 -43.82
CA LEU F 383 29.91 -59.38 -44.93
C LEU F 383 31.37 -59.68 -45.22
N GLY F 384 32.14 -60.06 -44.20
CA GLY F 384 33.55 -60.33 -44.39
C GLY F 384 33.95 -61.30 -45.49
N GLY F 385 32.97 -62.04 -46.02
CA GLY F 385 33.28 -63.01 -47.06
C GLY F 385 33.58 -62.47 -48.45
N THR F 386 33.16 -61.24 -48.75
CA THR F 386 33.43 -60.68 -50.08
C THR F 386 33.82 -59.20 -50.03
N ASP F 387 34.34 -58.72 -51.16
CA ASP F 387 34.78 -57.33 -51.29
C ASP F 387 33.84 -56.54 -52.17
N ASP F 388 32.84 -57.23 -52.72
CA ASP F 388 31.83 -56.63 -53.58
C ASP F 388 30.89 -55.81 -52.71
N THR F 389 30.97 -54.48 -52.80
CA THR F 389 30.13 -53.62 -51.98
C THR F 389 28.64 -53.83 -52.20
N VAL F 390 28.24 -54.34 -53.36
CA VAL F 390 26.81 -54.55 -53.59
C VAL F 390 26.38 -55.84 -52.88
N LYS F 391 27.22 -56.86 -52.92
CA LYS F 391 26.90 -58.11 -52.25
C LYS F 391 26.87 -57.92 -50.74
N LYS F 392 27.66 -56.98 -50.24
CA LYS F 392 27.69 -56.71 -48.81
C LYS F 392 26.33 -56.14 -48.37
N LYS F 393 25.77 -55.30 -49.23
CA LYS F 393 24.48 -54.67 -48.94
C LYS F 393 23.40 -55.76 -48.89
N ASP F 394 23.45 -56.69 -49.84
CA ASP F 394 22.46 -57.77 -49.90
C ASP F 394 22.62 -58.73 -48.73
N LEU F 395 23.87 -59.04 -48.38
CA LEU F 395 24.15 -59.93 -47.28
C LEU F 395 23.81 -59.23 -45.97
N PHE F 396 23.83 -57.90 -46.02
CA PHE F 396 23.51 -57.09 -44.85
C PHE F 396 22.01 -57.19 -44.64
N LEU F 397 21.27 -57.18 -45.76
CA LEU F 397 19.82 -57.29 -45.69
C LEU F 397 19.43 -58.69 -45.25
N ASP F 398 20.29 -59.66 -45.53
CA ASP F 398 20.04 -61.04 -45.14
C ASP F 398 20.27 -61.13 -43.65
N LEU F 399 21.31 -60.46 -43.18
CA LEU F 399 21.64 -60.44 -41.76
C LEU F 399 20.42 -59.93 -40.98
N ILE F 400 19.84 -58.80 -41.40
CA ILE F 400 18.69 -58.25 -40.72
C ILE F 400 17.52 -59.23 -40.73
N ALA F 401 17.30 -59.88 -41.87
CA ALA F 401 16.20 -60.82 -42.00
C ALA F 401 16.36 -62.04 -41.11
N ASP F 402 17.59 -62.54 -40.97
CA ASP F 402 17.83 -63.72 -40.15
C ASP F 402 17.55 -63.44 -38.67
N VAL F 403 17.88 -62.23 -38.22
CA VAL F 403 17.66 -61.86 -36.83
C VAL F 403 16.20 -61.58 -36.50
N MET F 404 15.48 -60.94 -37.42
CA MET F 404 14.07 -60.61 -37.21
C MET F 404 13.07 -61.74 -37.48
N PHE F 405 13.29 -62.52 -38.54
CA PHE F 405 12.35 -63.58 -38.88
C PHE F 405 12.89 -65.01 -38.93
N GLY F 406 13.97 -65.20 -39.67
CA GLY F 406 14.54 -66.52 -39.83
C GLY F 406 14.85 -67.31 -38.58
N VAL F 407 15.77 -66.81 -37.77
CA VAL F 407 16.16 -67.51 -36.55
C VAL F 407 14.99 -67.62 -35.56
N PRO F 408 14.29 -66.51 -35.30
CA PRO F 408 13.17 -66.57 -34.36
C PRO F 408 12.15 -67.63 -34.79
N SER F 409 11.85 -67.68 -36.09
CA SER F 409 10.89 -68.64 -36.61
C SER F 409 11.34 -70.09 -36.41
N VAL F 410 12.61 -70.39 -36.68
CA VAL F 410 13.08 -71.76 -36.54
C VAL F 410 13.08 -72.17 -35.07
N ILE F 411 13.53 -71.25 -34.21
CA ILE F 411 13.57 -71.53 -32.78
C ILE F 411 12.16 -71.79 -32.27
N VAL F 412 11.19 -71.06 -32.82
CA VAL F 412 9.80 -71.24 -32.40
C VAL F 412 9.27 -72.59 -32.87
N ALA F 413 9.55 -72.94 -34.13
CA ALA F 413 9.11 -74.21 -34.69
C ALA F 413 9.73 -75.38 -33.93
N ARG F 414 10.98 -75.21 -33.52
CA ARG F 414 11.70 -76.26 -32.79
C ARG F 414 11.13 -76.51 -31.41
N ASN F 415 10.76 -75.43 -30.71
CA ASN F 415 10.19 -75.62 -29.37
C ASN F 415 8.79 -76.21 -29.50
N HIS F 416 8.03 -75.76 -30.50
CA HIS F 416 6.70 -76.29 -30.68
C HIS F 416 6.85 -77.79 -30.95
N ARG F 417 7.74 -78.11 -31.86
CA ARG F 417 8.00 -79.49 -32.22
C ARG F 417 8.36 -80.27 -30.94
N ASP F 418 9.43 -79.85 -30.28
CA ASP F 418 9.86 -80.54 -29.08
C ASP F 418 8.80 -80.59 -27.96
N ALA F 419 7.69 -79.88 -28.15
CA ALA F 419 6.59 -79.86 -27.17
C ALA F 419 5.63 -81.02 -27.44
N GLY F 420 5.73 -81.62 -28.62
CA GLY F 420 4.88 -82.74 -28.94
C GLY F 420 3.81 -82.48 -29.98
N ALA F 421 3.72 -81.24 -30.46
CA ALA F 421 2.70 -80.92 -31.45
C ALA F 421 3.22 -81.00 -32.88
N PRO F 422 2.32 -81.28 -33.84
CA PRO F 422 2.68 -81.38 -35.25
C PRO F 422 3.17 -80.02 -35.72
N THR F 423 4.36 -79.98 -36.31
CA THR F 423 4.93 -78.73 -36.79
C THR F 423 5.30 -78.84 -38.26
N TYR F 424 5.16 -77.74 -38.98
CA TYR F 424 5.48 -77.70 -40.40
C TYR F 424 6.13 -76.37 -40.74
N MET F 425 7.19 -76.41 -41.56
CA MET F 425 7.87 -75.18 -41.96
C MET F 425 8.00 -75.04 -43.46
N TYR F 426 8.21 -73.79 -43.89
CA TYR F 426 8.38 -73.52 -45.29
C TYR F 426 9.19 -72.24 -45.47
N GLU F 427 9.73 -72.06 -46.66
CA GLU F 427 10.50 -70.89 -47.03
C GLU F 427 10.03 -70.55 -48.44
N PHE F 428 9.35 -69.41 -48.56
CA PHE F 428 8.80 -68.97 -49.83
C PHE F 428 9.84 -68.21 -50.63
N GLN F 429 9.99 -68.57 -51.89
CA GLN F 429 10.97 -67.93 -52.78
C GLN F 429 10.38 -67.74 -54.17
N TYR F 430 9.64 -66.65 -54.35
CA TYR F 430 9.01 -66.33 -55.63
C TYR F 430 8.76 -64.84 -55.72
N ARG F 431 8.78 -64.29 -56.94
CA ARG F 431 8.53 -62.87 -57.11
C ARG F 431 7.20 -62.63 -57.81
N PRO F 432 6.14 -62.34 -57.04
CA PRO F 432 4.82 -62.09 -57.63
C PRO F 432 4.85 -60.97 -58.64
N SER F 433 4.08 -61.10 -59.70
CA SER F 433 4.03 -60.10 -60.76
C SER F 433 3.22 -58.90 -60.27
N PHE F 434 2.53 -59.07 -59.15
CA PHE F 434 1.72 -58.01 -58.60
C PHE F 434 2.59 -57.13 -57.70
N SER F 435 3.91 -57.29 -57.84
CA SER F 435 4.85 -56.50 -57.07
C SER F 435 4.81 -55.06 -57.54
N SER F 436 5.26 -54.16 -56.68
CA SER F 436 5.30 -52.74 -57.00
C SER F 436 6.38 -52.46 -58.03
N ASP F 437 6.13 -51.49 -58.89
CA ASP F 437 7.09 -51.12 -59.93
C ASP F 437 8.40 -50.64 -59.33
N MET F 438 8.30 -49.97 -58.18
CA MET F 438 9.48 -49.44 -57.52
C MET F 438 10.38 -50.50 -56.88
N LYS F 439 9.88 -51.72 -56.78
CA LYS F 439 10.63 -52.80 -56.19
C LYS F 439 11.58 -53.37 -57.22
N PRO F 440 12.89 -53.38 -56.93
CA PRO F 440 13.83 -53.93 -57.92
C PRO F 440 13.46 -55.36 -58.35
N LYS F 441 13.60 -55.61 -59.65
CA LYS F 441 13.28 -56.92 -60.22
C LYS F 441 14.10 -58.08 -59.67
N THR F 442 15.25 -57.80 -59.06
CA THR F 442 16.09 -58.85 -58.50
C THR F 442 15.58 -59.42 -57.18
N VAL F 443 14.79 -58.62 -56.45
CA VAL F 443 14.26 -59.08 -55.16
C VAL F 443 13.23 -60.19 -55.39
N ILE F 444 13.48 -61.35 -54.79
CA ILE F 444 12.59 -62.50 -54.95
C ILE F 444 12.26 -63.08 -53.58
N GLY F 445 10.98 -63.10 -53.23
CA GLY F 445 10.59 -63.62 -51.94
C GLY F 445 10.66 -62.53 -50.88
N ASP F 446 10.22 -61.34 -51.25
CA ASP F 446 10.22 -60.19 -50.36
C ASP F 446 9.12 -60.37 -49.30
N HIS F 447 9.23 -59.61 -48.21
CA HIS F 447 8.25 -59.69 -47.15
C HIS F 447 6.87 -59.44 -47.74
N GLY F 448 5.94 -60.35 -47.48
CA GLY F 448 4.58 -60.19 -47.98
C GLY F 448 4.26 -60.84 -49.30
N ASP F 449 5.28 -61.30 -50.02
CA ASP F 449 5.07 -61.91 -51.31
C ASP F 449 4.20 -63.17 -51.34
N GLU F 450 4.18 -63.92 -50.25
CA GLU F 450 3.37 -65.13 -50.23
C GLU F 450 1.89 -64.81 -50.18
N LEU F 451 1.57 -63.63 -49.66
CA LEU F 451 0.18 -63.21 -49.54
C LEU F 451 -0.57 -63.30 -50.87
N PHE F 452 0.11 -63.00 -51.97
CA PHE F 452 -0.55 -63.03 -53.27
C PHE F 452 -0.94 -64.44 -53.70
N SER F 453 -0.15 -65.43 -53.31
CA SER F 453 -0.47 -66.80 -53.65
C SER F 453 -1.55 -67.28 -52.69
N VAL F 454 -1.31 -67.05 -51.40
CA VAL F 454 -2.25 -67.46 -50.35
C VAL F 454 -3.67 -66.95 -50.56
N PHE F 455 -3.82 -65.70 -50.97
CA PHE F 455 -5.16 -65.16 -51.16
C PHE F 455 -5.65 -65.16 -52.60
N GLY F 456 -4.99 -65.95 -53.44
CA GLY F 456 -5.41 -66.05 -54.83
C GLY F 456 -5.38 -64.76 -55.62
N ALA F 457 -4.36 -63.94 -55.39
CA ALA F 457 -4.23 -62.70 -56.14
C ALA F 457 -4.39 -62.98 -57.64
N PRO F 458 -3.85 -64.11 -58.13
CA PRO F 458 -3.93 -64.48 -59.55
C PRO F 458 -5.35 -64.66 -60.10
N PHE F 459 -6.35 -64.78 -59.22
CA PHE F 459 -7.72 -64.96 -59.69
C PHE F 459 -8.60 -63.74 -59.49
N LEU F 460 -8.04 -62.72 -58.87
CA LEU F 460 -8.78 -61.49 -58.63
C LEU F 460 -8.14 -60.36 -59.42
N LYS F 461 -6.81 -60.37 -59.47
CA LYS F 461 -6.07 -59.35 -60.21
C LYS F 461 -5.81 -59.79 -61.65
N GLU F 462 -5.06 -58.98 -62.40
CA GLU F 462 -4.78 -59.26 -63.80
C GLU F 462 -3.30 -59.51 -64.12
N GLY F 463 -3.07 -60.18 -65.24
CA GLY F 463 -1.72 -60.44 -65.71
C GLY F 463 -0.90 -61.60 -65.17
N ALA F 464 -1.51 -62.50 -64.42
CA ALA F 464 -0.76 -63.63 -63.88
C ALA F 464 -0.43 -64.61 -65.00
N SER F 465 0.66 -65.35 -64.85
CA SER F 465 1.06 -66.32 -65.84
C SER F 465 0.63 -67.69 -65.35
N GLU F 466 0.54 -68.67 -66.25
CA GLU F 466 0.14 -70.02 -65.86
C GLU F 466 0.97 -70.54 -64.70
N GLU F 467 2.21 -70.06 -64.61
CA GLU F 467 3.09 -70.49 -63.55
C GLU F 467 2.67 -69.92 -62.19
N GLU F 468 2.38 -68.62 -62.19
CA GLU F 468 1.96 -67.92 -60.99
C GLU F 468 0.60 -68.45 -60.53
N ILE F 469 -0.29 -68.70 -61.50
CA ILE F 469 -1.62 -69.22 -61.22
C ILE F 469 -1.52 -70.61 -60.63
N ARG F 470 -0.54 -71.36 -61.10
CA ARG F 470 -0.31 -72.72 -60.62
C ARG F 470 0.15 -72.65 -59.16
N LEU F 471 1.16 -71.83 -58.90
CA LEU F 471 1.70 -71.66 -57.56
C LEU F 471 0.63 -71.26 -56.55
N SER F 472 -0.24 -70.34 -56.93
CA SER F 472 -1.29 -69.89 -56.04
C SER F 472 -2.20 -71.04 -55.66
N LYS F 473 -2.67 -71.79 -56.67
CA LYS F 473 -3.54 -72.93 -56.42
C LYS F 473 -2.88 -73.93 -55.48
N MET F 474 -1.61 -74.21 -55.72
CA MET F 474 -0.89 -75.17 -54.88
C MET F 474 -0.87 -74.67 -53.44
N VAL F 475 -0.48 -73.41 -53.25
CA VAL F 475 -0.41 -72.83 -51.91
C VAL F 475 -1.75 -72.85 -51.18
N MET F 476 -2.83 -72.49 -51.87
CA MET F 476 -4.14 -72.49 -51.21
C MET F 476 -4.54 -73.88 -50.73
N LYS F 477 -4.41 -74.91 -51.57
CA LYS F 477 -4.76 -76.26 -51.16
C LYS F 477 -3.90 -76.65 -49.97
N PHE F 478 -2.64 -76.22 -49.99
CA PHE F 478 -1.74 -76.52 -48.89
C PHE F 478 -2.30 -75.93 -47.61
N TRP F 479 -2.59 -74.63 -47.62
CA TRP F 479 -3.15 -73.96 -46.44
C TRP F 479 -4.50 -74.56 -46.00
N ALA F 480 -5.38 -74.79 -46.96
CA ALA F 480 -6.70 -75.35 -46.67
C ALA F 480 -6.61 -76.80 -46.20
N ASN F 481 -5.68 -77.58 -46.76
CA ASN F 481 -5.50 -78.96 -46.33
C ASN F 481 -5.11 -78.95 -44.85
N PHE F 482 -4.23 -78.02 -44.50
CA PHE F 482 -3.76 -77.86 -43.13
C PHE F 482 -4.96 -77.43 -42.28
N ALA F 483 -5.79 -76.56 -42.84
CA ALA F 483 -6.97 -76.08 -42.13
C ALA F 483 -7.85 -77.25 -41.69
N ARG F 484 -8.20 -78.14 -42.61
CA ARG F 484 -9.05 -79.24 -42.25
C ARG F 484 -8.37 -80.42 -41.56
N ASN F 485 -7.15 -80.77 -41.95
CA ASN F 485 -6.48 -81.91 -41.33
C ASN F 485 -5.29 -81.63 -40.44
N GLY F 486 -4.85 -80.38 -40.36
CA GLY F 486 -3.69 -80.08 -39.54
C GLY F 486 -2.43 -80.67 -40.18
N ASN F 487 -2.54 -80.97 -41.47
CA ASN F 487 -1.46 -81.53 -42.27
C ASN F 487 -1.68 -80.98 -43.68
N PRO F 488 -0.70 -80.26 -44.23
CA PRO F 488 -0.86 -79.69 -45.57
C PRO F 488 -0.92 -80.67 -46.74
N ASN F 489 -0.41 -81.88 -46.53
CA ASN F 489 -0.37 -82.87 -47.59
C ASN F 489 -1.71 -83.28 -48.19
N GLY F 490 -1.66 -83.70 -49.45
CA GLY F 490 -2.87 -84.10 -50.14
C GLY F 490 -2.56 -84.59 -51.55
N GLU F 491 -3.46 -85.38 -52.09
CA GLU F 491 -3.30 -85.92 -53.43
C GLU F 491 -3.00 -84.83 -54.44
N GLY F 492 -1.95 -85.02 -55.22
CA GLY F 492 -1.60 -84.06 -56.25
C GLY F 492 -0.68 -82.91 -55.92
N LEU F 493 -0.17 -82.86 -54.69
CA LEU F 493 0.73 -81.79 -54.31
C LEU F 493 2.06 -82.39 -53.90
N PRO F 494 3.16 -81.64 -54.06
CA PRO F 494 4.45 -82.19 -53.66
C PRO F 494 4.46 -82.52 -52.16
N HIS F 495 5.24 -83.54 -51.78
CA HIS F 495 5.29 -83.95 -50.39
C HIS F 495 5.91 -82.90 -49.47
N TRP F 496 5.18 -82.58 -48.40
CA TRP F 496 5.65 -81.61 -47.44
C TRP F 496 5.98 -82.41 -46.17
N PRO F 497 7.28 -82.60 -45.89
CA PRO F 497 7.65 -83.35 -44.70
C PRO F 497 7.22 -82.61 -43.42
N GLU F 498 7.17 -83.34 -42.32
CA GLU F 498 6.80 -82.74 -41.04
C GLU F 498 8.11 -82.20 -40.45
N TYR F 499 8.03 -81.16 -39.62
CA TYR F 499 9.24 -80.61 -39.04
C TYR F 499 9.57 -81.41 -37.78
N ASN F 500 10.19 -82.57 -37.99
CA ASN F 500 10.59 -83.42 -36.87
C ASN F 500 12.06 -83.19 -36.58
N GLN F 501 12.69 -84.14 -35.90
CA GLN F 501 14.09 -83.97 -35.59
C GLN F 501 15.00 -83.86 -36.82
N LYS F 502 14.48 -84.20 -38.00
CA LYS F 502 15.29 -84.10 -39.21
C LYS F 502 15.19 -82.68 -39.73
N GLU F 503 14.07 -82.02 -39.38
CA GLU F 503 13.79 -80.65 -39.74
C GLU F 503 13.53 -80.41 -41.21
N GLY F 504 12.74 -81.29 -41.80
CA GLY F 504 12.41 -81.13 -43.20
C GLY F 504 11.45 -79.95 -43.30
N TYR F 505 11.53 -79.23 -44.42
CA TYR F 505 10.67 -78.10 -44.63
C TYR F 505 10.41 -77.99 -46.12
N LEU F 506 9.39 -77.24 -46.50
CA LEU F 506 9.07 -77.11 -47.90
C LEU F 506 9.58 -75.79 -48.48
N GLN F 507 10.24 -75.89 -49.63
CA GLN F 507 10.74 -74.71 -50.31
C GLN F 507 9.67 -74.47 -51.34
N ILE F 508 9.07 -73.27 -51.34
CA ILE F 508 8.00 -73.00 -52.30
C ILE F 508 8.34 -71.93 -53.31
N GLY F 509 7.99 -72.19 -54.57
CA GLY F 509 8.25 -71.25 -55.63
C GLY F 509 8.04 -71.95 -56.96
N ALA F 510 8.71 -71.46 -58.00
CA ALA F 510 8.61 -72.05 -59.33
C ALA F 510 8.89 -73.54 -59.19
N ASN F 511 9.84 -73.87 -58.34
CA ASN F 511 10.20 -75.25 -58.03
C ASN F 511 9.91 -75.45 -56.55
N THR F 512 9.01 -76.39 -56.24
CA THR F 512 8.64 -76.65 -54.86
C THR F 512 9.02 -78.07 -54.50
N GLN F 513 9.80 -78.23 -53.43
CA GLN F 513 10.21 -79.56 -53.03
C GLN F 513 10.79 -79.51 -51.61
N ALA F 514 10.71 -80.63 -50.89
CA ALA F 514 11.21 -80.72 -49.54
C ALA F 514 12.71 -80.49 -49.45
N ALA F 515 13.18 -80.15 -48.27
CA ALA F 515 14.60 -79.90 -48.02
C ALA F 515 14.77 -79.99 -46.51
N GLN F 516 15.98 -79.78 -46.00
CA GLN F 516 16.15 -79.89 -44.55
C GLN F 516 16.98 -78.82 -43.85
N LYS F 517 17.00 -78.93 -42.52
CA LYS F 517 17.73 -78.04 -41.61
C LYS F 517 17.78 -76.54 -41.88
N LEU F 518 16.63 -75.99 -42.29
CA LEU F 518 16.46 -74.56 -42.56
C LEU F 518 17.09 -73.63 -41.52
N LYS F 519 17.92 -72.69 -41.98
CA LYS F 519 18.59 -71.72 -41.10
C LYS F 519 19.40 -72.34 -39.96
N ASP F 520 19.83 -73.58 -40.11
CA ASP F 520 20.56 -74.23 -39.03
C ASP F 520 21.83 -73.52 -38.57
N LYS F 521 22.69 -73.16 -39.51
CA LYS F 521 23.94 -72.47 -39.20
C LYS F 521 23.65 -71.14 -38.53
N GLU F 522 22.70 -70.40 -39.10
CA GLU F 522 22.30 -69.10 -38.58
C GLU F 522 21.84 -69.18 -37.12
N VAL F 523 20.92 -70.09 -36.83
CA VAL F 523 20.43 -70.22 -35.46
C VAL F 523 21.57 -70.51 -34.52
N ALA F 524 22.50 -71.35 -34.95
CA ALA F 524 23.66 -71.70 -34.13
C ALA F 524 24.56 -70.47 -33.88
N PHE F 525 24.80 -69.70 -34.93
CA PHE F 525 25.64 -68.53 -34.82
C PHE F 525 25.03 -67.44 -33.94
N TRP F 526 23.73 -67.19 -34.10
CA TRP F 526 23.06 -66.16 -33.33
C TRP F 526 22.79 -66.53 -31.88
N THR F 527 22.38 -67.76 -31.63
CA THR F 527 22.13 -68.17 -30.26
C THR F 527 23.45 -68.02 -29.52
N ASN F 528 24.53 -68.35 -30.20
CA ASN F 528 25.84 -68.25 -29.60
C ASN F 528 26.32 -66.80 -29.44
N LEU F 529 26.06 -65.98 -30.45
CA LEU F 529 26.48 -64.59 -30.37
C LEU F 529 25.67 -63.89 -29.27
N PHE F 530 24.36 -63.98 -29.35
CA PHE F 530 23.47 -63.37 -28.36
C PHE F 530 23.68 -63.90 -26.94
N ALA F 531 24.63 -64.80 -26.76
CA ALA F 531 24.90 -65.36 -25.44
C ALA F 531 26.03 -64.61 -24.74
N LYS F 532 27.01 -64.18 -25.54
CA LYS F 532 28.16 -63.44 -25.03
C LYS F 532 27.73 -62.21 -24.23
C1 GLC G . 44.91 12.75 50.22
C2 GLC G . 44.71 13.40 51.62
C3 GLC G . 43.19 13.37 51.97
C4 GLC G . 42.44 14.16 50.93
C5 GLC G . 42.66 13.53 49.52
C6 GLC G . 41.93 14.35 48.43
O2 GLC G . 45.50 12.66 52.58
O3 GLC G . 43.01 13.94 53.27
O4 GLC G . 41.02 14.13 51.26
O5 GLC G . 44.10 13.53 49.24
O6 GLC G . 42.54 14.16 47.15
C1 FRU G . 46.42 10.47 49.01
C2 FRU G . 44.98 10.27 49.47
C3 FRU G . 44.75 8.97 50.32
C4 FRU G . 43.35 8.56 49.91
C5 FRU G . 43.46 8.83 48.40
C6 FRU G . 42.19 8.87 47.57
O1 FRU G . 46.38 11.18 47.77
O2 FRU G . 44.45 11.38 50.31
O3 FRU G . 44.84 9.21 51.71
O4 FRU G . 43.16 7.17 50.23
O5 FRU G . 44.16 10.09 48.32
O6 FRU G . 42.09 7.81 46.64
C1 GLC H . 1.68 12.27 -19.62
C2 GLC H . 0.18 12.27 -19.22
C3 GLC H . -0.31 13.73 -19.01
C4 GLC H . 0.51 14.38 -17.93
C5 GLC H . 2.01 14.40 -18.34
C6 GLC H . 2.89 15.02 -17.25
O2 GLC H . -0.55 11.59 -20.24
O3 GLC H . -1.68 13.69 -18.64
O4 GLC H . 0.04 15.74 -17.72
O5 GLC H . 2.44 13.01 -18.57
O6 GLC H . 3.86 15.91 -17.81
C1 FRU H . 2.88 11.23 -22.53
C2 FRU H . 3.05 12.55 -21.74
C3 FRU H . 3.32 13.80 -22.63
C4 FRU H . 4.25 14.63 -21.77
C5 FRU H . 5.10 13.50 -21.14
C6 FRU H . 5.91 13.79 -19.89
O1 FRU H . 4.15 10.87 -23.10
O2 FRU H . 1.84 12.85 -20.94
O3 FRU H . 2.14 14.48 -22.99
O4 FRU H . 5.02 15.49 -22.60
O5 FRU H . 4.17 12.44 -20.89
O6 FRU H . 6.51 15.05 -19.88
C1 GLC I . 54.16 72.27 -4.38
C2 GLC I . 53.50 73.66 -4.51
C3 GLC I . 53.02 74.16 -3.13
C4 GLC I . 52.03 73.18 -2.58
C5 GLC I . 52.69 71.79 -2.42
C6 GLC I . 51.70 70.75 -1.87
O2 GLC I . 54.45 74.56 -5.12
O3 GLC I . 52.41 75.44 -3.29
O4 GLC I . 51.57 73.64 -1.28
O5 GLC I . 53.18 71.36 -3.73
O6 GLC I . 52.18 69.42 -2.04
C1 FRU I . 57.20 72.41 -5.28
C2 FRU I . 56.61 71.75 -4.03
C3 FRU I . 57.55 71.73 -2.78
C4 FRU I . 57.12 70.46 -2.08
C5 FRU I . 57.03 69.56 -3.32
C6 FRU I . 56.37 68.21 -3.20
O1 FRU I . 58.47 71.82 -5.57
O2 FRU I . 55.36 72.41 -3.58
O3 FRU I . 57.40 72.89 -1.99
O4 FRU I . 58.14 70.05 -1.17
O5 FRU I . 56.35 70.38 -4.29
O6 FRU I . 55.07 68.29 -2.67
C1 GLC J . -55.18 -15.73 -42.49
C2 GLC J . -56.30 -16.74 -42.80
C3 GLC J . -56.80 -17.41 -41.49
C4 GLC J . -55.64 -18.12 -40.84
C5 GLC J . -54.53 -17.09 -40.50
C6 GLC J . -53.31 -17.77 -39.85
O2 GLC J . -57.35 -16.05 -43.50
O3 GLC J . -57.83 -18.35 -41.82
O4 GLC J . -56.11 -18.75 -39.61
O5 GLC J . -54.10 -16.44 -41.75
O6 GLC J . -52.35 -16.80 -39.42
C1 FRU J . -55.82 -12.34 -42.80
C2 FRU J . -55.09 -13.26 -41.81
C3 FRU J . -55.03 -12.67 -40.38
C4 FRU J . -53.65 -13.00 -39.87
C5 FRU J . -52.83 -12.94 -41.18
C6 FRU J . -51.54 -13.73 -41.25
O1 FRU J . -56.03 -13.05 -44.02
O2 FRU J . -55.72 -14.62 -41.72
O3 FRU J . -56.06 -13.20 -39.54
O4 FRU J . -53.25 -12.00 -38.94
O5 FRU J . -53.74 -13.38 -42.21
O6 FRU J . -50.40 -12.92 -41.45
C1 GLC K . 1.53 -11.40 17.36
C2 GLC K . 1.05 -12.14 18.63
C3 GLC K . 1.32 -13.67 18.51
C4 GLC K . 0.59 -14.19 17.31
C5 GLC K . 1.08 -13.46 16.02
C6 GLC K . 0.32 -13.95 14.77
O2 GLC K . 1.73 -11.55 19.77
O3 GLC K . 0.88 -14.32 19.69
O4 GLC K . 0.83 -15.63 17.20
O5 GLC K . 0.85 -12.02 16.18
O6 GLC K . 1.19 -14.62 13.87
C1 FRU K . 3.96 -9.19 17.18
C2 FRU K . 3.70 -10.49 16.41
C3 FRU K . 4.99 -11.20 15.89
C4 FRU K . 4.55 -11.80 14.57
C5 FRU K . 3.62 -10.69 14.07
C6 FRU K . 2.60 -11.04 13.00
O1 FRU K . 4.59 -8.26 16.30
O2 FRU K . 2.98 -11.47 17.25
O3 FRU K . 5.48 -12.16 16.80
O4 FRU K . 5.69 -11.97 13.73
O5 FRU K . 2.94 -10.21 15.25
O6 FRU K . 3.12 -10.94 11.70
C1 GLC L . 18.22 -49.83 -52.30
C2 GLC L . 18.77 -51.23 -52.05
C3 GLC L . 17.62 -52.27 -52.12
C4 GLC L . 16.59 -51.92 -51.09
C5 GLC L . 16.02 -50.52 -51.37
C6 GLC L . 14.96 -50.12 -50.30
O2 GLC L . 19.82 -51.49 -53.00
O3 GLC L . 18.16 -53.56 -51.87
O4 GLC L . 15.51 -52.91 -51.15
O5 GLC L . 17.12 -49.56 -51.33
O6 GLC L . 14.60 -48.73 -50.40
C1 FRU L . 19.56 -48.54 -54.92
C2 FRU L . 18.09 -48.55 -54.48
C3 FRU L . 17.06 -48.54 -55.65
C4 FRU L . 15.88 -47.83 -55.00
C5 FRU L . 16.68 -46.70 -54.32
C6 FRU L . 16.00 -45.81 -53.32
O1 FRU L . 19.78 -47.36 -55.70
O2 FRU L . 17.78 -49.75 -53.68
O3 FRU L . 16.76 -49.84 -56.12
O4 FRU L . 14.99 -47.35 -56.01
O5 FRU L . 17.80 -47.39 -53.73
O6 FRU L . 15.08 -46.49 -52.51
C1 GD7 M . 34.08 27.73 44.93
C2 GD7 M . 35.63 26.42 46.41
C3 GD7 M . 34.80 25.40 44.27
C4 GD7 M . 32.77 26.55 47.44
C5 GD7 M . 33.20 25.69 46.21
C6 GD7 M . 34.42 26.32 45.46
C7 GD7 M . 31.12 23.19 46.26
OH GD7 M . 32.09 25.60 45.28
P1 GD7 M . 30.77 24.90 45.95
O11 GD7 M . 29.65 24.90 44.94
C1 NAG N . 4.99 14.70 25.68
C2 NAG N . 3.86 13.82 26.28
C3 NAG N . 2.73 13.56 25.26
C4 NAG N . 2.31 14.86 24.55
C5 NAG N . 3.55 15.61 24.02
C6 NAG N . 3.21 16.92 23.34
C7 NAG N . 3.59 11.70 27.42
C8 NAG N . 3.39 10.34 26.77
N2 NAG N . 4.38 12.56 26.78
O3 NAG N . 1.61 13.01 25.92
O4 NAG N . 1.44 14.56 23.47
O5 NAG N . 4.45 15.90 25.11
O6 NAG N . 3.83 17.01 22.06
O7 NAG N . 3.02 11.97 28.48
C1 SIA O . 12.32 18.04 23.95
C2 SIA O . 11.05 18.86 24.20
C3 SIA O . 9.86 17.91 24.41
C4 SIA O . 8.57 18.69 24.65
C5 SIA O . 8.87 20.16 25.01
C6 SIA O . 10.06 20.22 25.98
C7 SIA O . 10.32 21.65 26.47
C8 SIA O . 10.32 21.76 27.99
C9 SIA O . 11.43 20.90 28.62
C10 SIA O . 6.79 21.38 24.83
C11 SIA O . 5.61 20.54 24.37
N5 SIA O . 7.70 20.79 25.60
O1A SIA O . 13.05 18.33 22.99
O1B SIA O . 12.58 17.10 24.75
O2 SIA O . 10.82 19.69 23.10
O4 SIA O . 7.76 18.65 23.48
O6 SIA O . 11.28 19.70 25.36
O7 SIA O . 11.57 22.12 25.97
O8 SIA O . 10.51 23.12 28.35
O9 SIA O . 10.89 19.66 29.05
O10 SIA O . 6.87 22.56 24.47
S SO4 P . 26.05 44.98 21.62
O1 SO4 P . 27.13 45.24 22.58
O2 SO4 P . 24.79 45.56 22.15
O3 SO4 P . 26.37 45.60 20.33
O4 SO4 P . 25.87 43.52 21.44
S SO4 Q . 25.29 30.03 19.48
O1 SO4 Q . 25.58 31.39 19.98
O2 SO4 Q . 25.51 29.99 18.02
O3 SO4 Q . 26.17 29.06 20.14
O4 SO4 Q . 23.88 29.69 19.77
C1 GD7 R . 0.78 22.14 -3.61
C2 GD7 R . -0.01 20.70 -5.54
C3 GD7 R . 1.95 22.25 -5.83
C4 GD7 R . -1.78 23.08 -4.95
C5 GD7 R . -0.37 23.23 -5.63
C6 GD7 R . 0.58 22.07 -5.14
C7 GD7 R . -0.58 25.82 -7.61
OH GD7 R . 0.19 24.51 -5.26
P1 GD7 R . -0.71 25.77 -5.83
O11 GD7 R . -0.14 27.07 -5.36
C1 NAG S . 11.67 59.09 -7.94
C2 NAG S . 13.07 58.49 -8.17
C3 NAG S . 13.76 59.14 -9.39
C4 NAG S . 12.72 59.67 -10.37
C5 NAG S . 11.86 60.75 -9.71
C6 NAG S . 10.48 60.91 -10.33
C7 NAG S . 15.09 58.09 -6.92
C8 NAG S . 15.16 56.67 -6.36
N2 NAG S . 13.90 58.67 -6.99
O3 NAG S . 14.58 58.17 -10.05
O4 NAG S . 13.37 60.21 -11.51
O5 NAG S . 11.67 60.50 -8.28
O6 NAG S . 10.27 59.96 -11.36
O7 NAG S . 16.13 58.65 -7.29
C1 SIA T . 12.22 54.55 -3.84
C2 SIA T . 12.04 53.30 -4.69
C3 SIA T . 12.53 53.60 -6.10
C4 SIA T . 13.71 52.72 -6.47
C5 SIA T . 13.33 51.24 -6.28
C6 SIA T . 12.84 50.98 -4.83
C7 SIA T . 11.48 50.22 -4.78
C8 SIA T . 11.67 48.72 -4.48
C9 SIA T . 11.10 47.88 -5.61
C10 SIA T . 15.63 50.90 -6.94
C11 SIA T . 16.58 51.35 -5.86
N5 SIA T . 14.46 50.38 -6.56
O1A SIA T . 12.46 55.64 -4.40
O1B SIA T . 12.13 54.45 -2.59
O2 SIA T . 10.69 52.94 -4.72
O4 SIA T . 14.06 52.96 -7.83
O6 SIA T . 12.78 52.22 -4.07
O7 SIA T . 10.62 50.78 -3.80
O8 SIA T . 13.04 48.40 -4.28
O9 SIA T . 9.71 48.10 -5.71
O10 SIA T . 15.94 51.01 -8.13
S SO4 U . 17.66 35.84 18.18
O1 SO4 U . 16.60 36.81 17.85
O2 SO4 U . 18.24 36.16 19.50
O3 SO4 U . 17.07 34.48 18.24
O4 SO4 U . 18.72 35.89 17.15
S SO4 V . 21.43 38.02 5.14
O1 SO4 V . 20.23 38.69 4.62
O2 SO4 V . 21.75 36.87 4.26
O3 SO4 V . 22.57 38.95 5.14
O4 SO4 V . 21.17 37.54 6.51
C1 GD7 W . 37.07 68.40 2.11
C2 GD7 W . 39.13 69.42 1.07
C3 GD7 W . 39.36 67.41 2.55
C4 GD7 W . 38.04 71.00 3.42
C5 GD7 W . 38.79 69.64 3.59
C6 GD7 W . 38.58 68.72 2.33
C7 GD7 W . 40.27 69.95 6.51
OH GD7 W . 38.27 68.96 4.77
P1 GD7 W . 38.51 69.84 6.15
O11 GD7 W . 37.91 69.12 7.33
S SO4 X . 32.49 44.36 14.76
O1 SO4 X . 33.75 45.03 14.35
O2 SO4 X . 31.72 43.94 13.58
O3 SO4 X . 32.83 43.18 15.58
O4 SO4 X . 31.67 45.29 15.56
C1 NAG Y . 39.80 54.36 38.28
C2 NAG Y . 40.76 53.23 37.85
C3 NAG Y . 40.74 52.16 38.95
C4 NAG Y . 41.18 52.79 40.28
C5 NAG Y . 40.31 54.01 40.61
C6 NAG Y . 40.84 54.76 41.82
C7 NAG Y . 41.14 51.73 35.97
C8 NAG Y . 42.33 52.24 35.17
N2 NAG Y . 40.37 52.65 36.57
O3 NAG Y . 41.60 51.08 38.62
O4 NAG Y . 41.06 51.83 41.32
O5 NAG Y . 40.29 54.94 39.50
O6 NAG Y . 41.41 56.02 41.44
O7 NAG Y . 40.92 50.53 36.05
C1 SIA Z . 37.32 53.37 34.19
C2 SIA Z . 38.35 53.84 33.19
C3 SIA Z . 39.05 52.63 32.56
C4 SIA Z . 39.76 53.08 31.28
C5 SIA Z . 38.75 53.64 30.27
C6 SIA Z . 37.41 53.92 30.97
C7 SIA Z . 36.38 54.65 30.11
C8 SIA Z . 36.48 56.18 30.21
C9 SIA Z . 37.69 56.72 29.44
C10 SIA Z . 39.53 51.84 28.87
C11 SIA Z . 39.33 50.38 29.25
N5 SIA Z . 38.56 52.69 29.19
O1A SIA Z . 37.70 52.62 35.14
O1B SIA Z . 36.13 53.71 34.05
O2 SIA Z . 39.28 54.66 33.81
O4 SIA Z . 40.72 54.07 31.60
O6 SIA Z . 37.64 54.63 32.20
O7 SIA Z . 36.51 54.26 28.75
O8 SIA Z . 35.30 56.76 29.68
O9 SIA Z . 37.46 56.60 28.03
O10 SIA Z . 40.56 52.19 28.29
S SO4 AA . 19.55 44.95 10.79
O1 SO4 AA . 18.70 45.17 9.60
O2 SO4 AA . 20.97 44.89 10.38
O3 SO4 AA . 19.37 46.07 11.74
O4 SO4 AA . 19.16 43.69 11.44
C1 GD7 BA . -46.96 -31.48 -35.33
C2 GD7 BA . -48.32 -29.74 -36.52
C3 GD7 BA . -46.57 -29.04 -34.85
C4 GD7 BA . -49.81 -31.20 -34.30
C5 GD7 BA . -48.69 -30.14 -34.03
C6 GD7 BA . -47.64 -30.10 -35.17
C7 GD7 BA . -49.64 -28.84 -31.18
OH GD7 BA . -48.02 -30.48 -32.80
P1 GD7 BA . -49.02 -30.50 -31.50
O11 GD7 BA . -48.25 -30.90 -30.28
C1 NAG CA . -38.47 -24.99 0.62
C2 NAG CA . -39.64 -25.09 1.64
C3 NAG CA . -39.15 -25.13 3.10
C4 NAG CA . -37.96 -26.07 3.28
C5 NAG CA . -36.90 -25.80 2.22
C6 NAG CA . -35.69 -26.71 2.33
C7 NAG CA . -41.76 -24.01 2.11
C8 NAG CA . -42.01 -22.88 3.09
N2 NAG CA . -40.59 -24.01 1.45
O3 NAG CA . -40.22 -25.55 3.93
O4 NAG CA . -37.40 -25.91 4.57
O5 NAG CA . -37.47 -25.98 0.91
O6 NAG CA . -34.53 -25.97 2.71
O7 NAG CA . -42.60 -24.90 1.96
C1 SIA DA . -35.12 -29.29 -2.21
C2 SIA DA . -35.17 -28.17 -3.26
C3 SIA DA . -33.72 -27.77 -3.62
C4 SIA DA . -33.70 -26.66 -4.66
C5 SIA DA . -34.85 -26.85 -5.68
C6 SIA DA . -35.31 -28.31 -5.69
C7 SIA DA . -36.34 -28.49 -6.81
C8 SIA DA . -36.78 -29.95 -6.98
C9 SIA DA . -37.60 -30.07 -8.27
C10 SIA DA . -34.13 -25.18 -7.27
C11 SIA DA . -32.67 -24.79 -7.41
N5 SIA DA . -34.41 -26.45 -7.00
O1A SIA DA . -34.95 -29.00 -1.02
O1B SIA DA . -35.26 -30.47 -2.60
O2 SIA DA . -35.84 -27.08 -2.74
O4 SIA DA . -33.85 -25.40 -4.02
O6 SIA DA . -35.90 -28.66 -4.40
O7 SIA DA . -37.49 -27.69 -6.52
O8 SIA DA . -35.64 -30.79 -7.06
O9 SIA DA . -36.95 -29.35 -9.31
O10 SIA DA . -35.00 -24.32 -7.40
S SO4 EA . -20.42 -42.95 -25.85
O1 SO4 EA . -20.42 -41.49 -25.73
O2 SO4 EA . -20.75 -43.34 -27.24
O3 SO4 EA . -19.09 -43.49 -25.50
O4 SO4 EA . -21.43 -43.51 -24.94
S SO4 FA . -24.01 -29.80 -20.81
O1 SO4 FA . -24.00 -28.33 -20.84
O2 SO4 FA . -24.74 -30.25 -19.62
O3 SO4 FA . -24.68 -30.32 -22.02
O4 SO4 FA . -22.62 -30.30 -20.77
C1 GD7 GA . -9.65 -24.92 10.50
C2 GD7 GA . -8.63 -23.38 12.22
C3 GD7 GA . -7.37 -23.95 10.12
C4 GD7 GA . -8.60 -26.30 13.00
C5 GD7 GA . -7.65 -25.71 11.89
C6 GD7 GA . -8.33 -24.50 11.19
C7 GD7 GA . -4.93 -27.55 11.98
OH GD7 GA . -7.39 -26.75 10.92
P1 GD7 GA . -6.60 -28.04 11.56
O11 GD7 GA . -6.42 -29.09 10.53
C1 NAG HA . 9.94 -52.87 -8.67
C2 NAG HA . 10.19 -51.72 -9.67
C3 NAG HA . 11.51 -51.91 -10.44
C4 NAG HA . 12.67 -52.31 -9.52
C5 NAG HA . 12.24 -53.48 -8.62
C6 NAG HA . 13.33 -53.93 -7.66
C7 NAG HA . 9.05 -50.73 -11.56
C8 NAG HA . 8.23 -49.48 -11.27
N2 NAG HA . 9.09 -51.67 -10.61
O3 NAG HA . 11.84 -50.70 -11.10
O4 NAG HA . 13.79 -52.71 -10.31
O5 NAG HA . 11.09 -53.09 -7.84
O6 NAG HA . 13.01 -53.60 -6.32
O7 NAG HA . 9.64 -50.85 -12.63
C1 SIA IA . 4.13 -49.67 -9.23
C2 SIA IA . 4.63 -48.37 -8.57
C3 SIA IA . 6.06 -48.09 -9.03
C4 SIA IA . 6.28 -46.63 -9.35
C5 SIA IA . 5.55 -45.73 -8.35
C6 SIA IA . 4.03 -46.01 -8.33
C7 SIA IA . 3.45 -45.90 -6.89
C8 SIA IA . 2.46 -44.73 -6.75
C9 SIA IA . 2.24 -44.43 -5.28
C10 SIA IA . 5.61 -43.87 -9.89
C11 SIA IA . 4.20 -43.45 -10.30
N5 SIA IA . 5.78 -44.33 -8.65
O1A SIA IA . 4.98 -50.49 -9.67
O1B SIA IA . 2.89 -49.87 -9.34
O2 SIA IA . 4.59 -48.52 -7.19
O4 SIA IA . 7.68 -46.35 -9.31
O6 SIA IA . 3.72 -47.31 -8.94
O7 SIA IA . 2.77 -47.11 -6.54
O8 SIA IA . 2.95 -43.57 -7.40
O9 SIA IA . 3.46 -43.97 -4.70
O10 SIA IA . 6.54 -43.76 -10.69
S SO4 JA . -22.16 -37.15 -14.86
O1 SO4 JA . -22.81 -36.31 -13.83
O2 SO4 JA . -23.01 -37.19 -16.06
O3 SO4 JA . -20.85 -36.56 -15.21
O4 SO4 JA . -21.96 -38.51 -14.33
C1 GD7 KA . 7.99 -54.36 -37.49
C2 GD7 KA . 9.61 -54.15 -39.39
C3 GD7 KA . 7.52 -52.75 -39.38
C4 GD7 KA . 7.87 -56.67 -39.50
C5 GD7 KA . 7.33 -55.23 -39.81
C6 GD7 KA . 8.10 -54.13 -39.02
C7 GD7 KA . 4.95 -55.86 -42.03
OH GD7 KA . 5.91 -55.19 -39.44
P1 GD7 KA . 4.99 -56.29 -40.27
O11 GD7 KA . 3.58 -56.21 -39.81
S SO4 LA . -13.30 -38.31 -29.56
O1 SO4 LA . -12.77 -37.92 -28.23
O2 SO4 LA . -14.65 -37.74 -29.73
O3 SO4 LA . -12.41 -37.81 -30.62
O4 SO4 LA . -13.37 -39.79 -29.65
C1 NAG MA . -28.87 -51.20 -46.53
C2 NAG MA . -30.26 -51.77 -46.88
C3 NAG MA . -31.07 -50.68 -47.60
C4 NAG MA . -31.17 -49.45 -46.70
C5 NAG MA . -29.76 -48.98 -46.30
C6 NAG MA . -29.79 -47.82 -45.32
C7 NAG MA . -31.26 -53.53 -48.20
C8 NAG MA . -32.17 -54.28 -47.24
N2 NAG MA . -30.16 -52.96 -47.69
O3 NAG MA . -32.38 -51.16 -47.90
O4 NAG MA . -31.85 -48.40 -47.36
O5 NAG MA . -29.02 -50.06 -45.68
O6 NAG MA . -28.75 -47.93 -44.36
O7 NAG MA . -31.55 -53.48 -49.40
C1 SIA NA . -26.44 -49.94 -42.96
C2 SIA NA . -24.98 -49.53 -43.05
C3 SIA NA . -24.77 -48.26 -42.22
C4 SIA NA . -23.28 -48.05 -41.96
C5 SIA NA . -22.68 -49.27 -41.23
C6 SIA NA . -23.70 -50.42 -41.20
C7 SIA NA . -23.15 -51.76 -40.65
C8 SIA NA . -21.77 -52.14 -41.19
C9 SIA NA . -21.74 -52.06 -42.71
C10 SIA NA . -22.31 -47.65 -39.46
C11 SIA NA . -23.31 -47.31 -38.36
N5 SIA NA . -22.28 -48.91 -39.88
O1A SIA NA . -27.23 -49.46 -43.80
O1B SIA NA . -26.78 -50.75 -42.07
O2 SIA NA . -24.64 -49.31 -44.37
O4 SIA NA . -22.61 -47.85 -43.20
O6 SIA NA . -24.21 -50.63 -42.54
O7 SIA NA . -23.08 -51.72 -39.24
O8 SIA NA . -20.79 -51.28 -40.64
O9 SIA NA . -20.84 -53.04 -43.22
O10 SIA NA . -21.58 -46.77 -39.91
S SO4 OA . -11.57 -42.30 -17.07
O1 SO4 OA . -12.71 -42.36 -18.00
O2 SO4 OA . -11.89 -41.37 -15.97
O3 SO4 OA . -11.29 -43.63 -16.52
O4 SO4 OA . -10.37 -41.79 -17.78
S SO4 PA . -8.10 -34.07 -15.24
O1 SO4 PA . -9.57 -34.04 -15.38
O2 SO4 PA . -7.61 -32.70 -14.93
O3 SO4 PA . -7.72 -34.98 -14.15
O4 SO4 PA . -7.50 -34.52 -16.51
#